data_2LC0
#
_entry.id   2LC0
#
_entity_poly.entity_id   1
_entity_poly.type   'polypeptide(L)'
_entity_poly.pdbx_seq_one_letter_code
;MGSQKRLVQRVERKLEQTVGDAFARIFGGSIVPQEVEALLRREAADGIQSLQGNRLLAPNEYIITLGVHDFEKLGADPEL
KSTGFARDLADYIQEQGWQTYGDVVVRFEQSSNLHTGQFRARGTVNPDVETH
;
_entity_poly.pdbx_strand_id   A
#
# COMPACT_ATOMS: atom_id res chain seq x y z
N MET A 1 15.08 -2.55 -13.83
CA MET A 1 15.45 -2.91 -12.45
C MET A 1 14.99 -4.31 -12.10
N GLY A 2 13.74 -4.63 -12.41
CA GLY A 2 13.21 -5.92 -12.11
C GLY A 2 12.12 -6.29 -13.07
N SER A 3 12.50 -6.84 -14.20
CA SER A 3 11.58 -7.25 -15.21
C SER A 3 10.68 -8.34 -14.67
N GLN A 4 9.40 -8.15 -14.80
CA GLN A 4 8.45 -9.10 -14.34
C GLN A 4 8.12 -10.06 -15.45
N LYS A 5 7.49 -11.15 -15.11
CA LYS A 5 7.07 -12.09 -16.12
C LYS A 5 5.67 -11.70 -16.54
N ARG A 6 5.34 -11.97 -17.78
CA ARG A 6 4.06 -11.58 -18.32
C ARG A 6 2.94 -12.45 -17.75
N LEU A 7 2.26 -11.91 -16.77
CA LEU A 7 1.17 -12.57 -16.12
C LEU A 7 -0.04 -11.68 -16.21
N VAL A 8 -1.04 -12.10 -16.95
CA VAL A 8 -2.25 -11.30 -17.10
C VAL A 8 -3.25 -11.72 -16.02
N GLN A 9 -2.89 -12.78 -15.31
CA GLN A 9 -3.71 -13.35 -14.25
C GLN A 9 -3.83 -12.40 -13.08
N ARG A 10 -4.85 -11.61 -13.08
CA ARG A 10 -5.10 -10.76 -11.96
C ARG A 10 -5.89 -11.60 -10.98
N VAL A 11 -5.20 -12.08 -9.94
CA VAL A 11 -5.77 -12.98 -8.91
C VAL A 11 -7.13 -12.49 -8.44
N GLU A 12 -8.13 -13.32 -8.63
CA GLU A 12 -9.46 -12.95 -8.29
C GLU A 12 -10.21 -13.96 -7.45
N ARG A 13 -10.55 -13.53 -6.28
CA ARG A 13 -11.37 -14.27 -5.37
C ARG A 13 -12.14 -13.23 -4.64
N LYS A 14 -13.37 -13.48 -4.32
CA LYS A 14 -14.15 -12.48 -3.66
C LYS A 14 -13.98 -12.51 -2.17
N LEU A 15 -12.89 -11.92 -1.71
CA LEU A 15 -12.62 -11.83 -0.30
C LEU A 15 -13.51 -10.78 0.31
N GLU A 16 -14.62 -11.21 0.85
CA GLU A 16 -15.52 -10.33 1.55
C GLU A 16 -14.93 -10.00 2.91
N GLN A 17 -14.05 -10.85 3.35
CA GLN A 17 -13.29 -10.63 4.53
C GLN A 17 -11.97 -10.06 4.09
N THR A 18 -11.95 -8.80 3.96
CA THR A 18 -10.80 -8.08 3.56
C THR A 18 -10.15 -7.50 4.82
N VAL A 19 -8.87 -7.71 4.97
CA VAL A 19 -8.19 -7.24 6.15
C VAL A 19 -7.08 -6.24 5.81
N GLY A 20 -7.17 -5.09 6.41
CA GLY A 20 -6.19 -4.06 6.20
C GLY A 20 -5.50 -3.69 7.49
N ASP A 21 -6.26 -3.17 8.44
CA ASP A 21 -5.69 -2.70 9.71
C ASP A 21 -5.52 -3.84 10.67
N ALA A 22 -5.99 -5.01 10.27
CA ALA A 22 -5.91 -6.22 11.04
C ALA A 22 -4.49 -6.56 11.41
N PHE A 23 -3.59 -6.31 10.50
CA PHE A 23 -2.18 -6.60 10.70
C PHE A 23 -1.60 -5.81 11.88
N ALA A 24 -1.94 -4.54 11.98
CA ALA A 24 -1.47 -3.69 13.07
C ALA A 24 -1.98 -4.18 14.41
N ARG A 25 -3.27 -4.47 14.45
CA ARG A 25 -3.91 -4.92 15.68
C ARG A 25 -3.51 -6.33 16.09
N ILE A 26 -3.15 -7.18 15.12
CA ILE A 26 -2.67 -8.54 15.42
C ILE A 26 -1.31 -8.47 16.10
N PHE A 27 -0.39 -7.72 15.52
CA PHE A 27 0.95 -7.59 16.09
C PHE A 27 0.96 -6.67 17.31
N GLY A 28 -0.13 -5.95 17.50
CA GLY A 28 -0.31 -5.08 18.65
C GLY A 28 0.67 -3.95 18.67
N GLY A 29 1.09 -3.52 17.50
CA GLY A 29 2.02 -2.42 17.42
C GLY A 29 3.47 -2.83 17.63
N SER A 30 3.75 -4.15 17.65
CA SER A 30 5.15 -4.64 17.77
C SER A 30 5.93 -4.10 16.57
N ILE A 31 5.26 -4.10 15.46
CA ILE A 31 5.72 -3.53 14.25
C ILE A 31 4.57 -2.68 13.79
N VAL A 32 4.83 -1.68 13.01
CA VAL A 32 3.77 -0.82 12.58
C VAL A 32 3.52 -1.06 11.09
N PRO A 33 2.55 -1.93 10.74
CA PRO A 33 2.21 -2.20 9.35
C PRO A 33 1.57 -0.99 8.71
N GLN A 34 0.75 -0.25 9.50
CA GLN A 34 0.02 0.93 9.01
C GLN A 34 0.93 2.05 8.54
N GLU A 35 2.21 1.94 8.83
CA GLU A 35 3.17 2.88 8.38
C GLU A 35 3.36 2.69 6.86
N VAL A 36 3.04 1.48 6.39
CA VAL A 36 3.06 1.18 4.98
C VAL A 36 1.95 1.93 4.30
N GLU A 37 0.69 1.76 4.78
CA GLU A 37 -0.47 2.49 4.23
C GLU A 37 -0.22 3.97 4.19
N ALA A 38 0.34 4.47 5.28
CA ALA A 38 0.69 5.88 5.41
C ALA A 38 1.61 6.33 4.27
N LEU A 39 2.73 5.64 4.09
CA LEU A 39 3.68 6.03 3.05
C LEU A 39 3.15 5.65 1.65
N LEU A 40 2.29 4.65 1.61
CA LEU A 40 1.69 4.15 0.38
C LEU A 40 0.79 5.22 -0.23
N ARG A 41 -0.07 5.81 0.59
CA ARG A 41 -0.96 6.87 0.13
C ARG A 41 -0.16 8.15 -0.17
N ARG A 42 0.95 8.30 0.54
CA ARG A 42 1.87 9.40 0.31
C ARG A 42 2.54 9.22 -1.07
N GLU A 43 2.91 7.99 -1.37
CA GLU A 43 3.56 7.65 -2.63
C GLU A 43 2.56 7.76 -3.77
N ALA A 44 1.30 7.47 -3.47
CA ALA A 44 0.22 7.62 -4.44
C ALA A 44 0.12 9.07 -4.89
N ALA A 45 0.21 9.98 -3.93
CA ALA A 45 0.16 11.41 -4.19
C ALA A 45 1.39 11.84 -5.01
N ASP A 46 2.51 11.20 -4.72
CA ASP A 46 3.79 11.47 -5.39
C ASP A 46 3.79 10.86 -6.80
N GLY A 47 2.87 9.96 -7.06
CA GLY A 47 2.77 9.31 -8.35
C GLY A 47 1.62 9.82 -9.17
N ILE A 48 0.96 10.86 -8.69
CA ILE A 48 -0.17 11.46 -9.37
C ILE A 48 0.27 12.08 -10.68
N GLN A 49 -0.40 11.71 -11.74
CA GLN A 49 -0.08 12.16 -13.04
C GLN A 49 -1.11 13.18 -13.46
N SER A 50 -0.65 14.34 -13.81
CA SER A 50 -1.49 15.42 -14.27
C SER A 50 -2.24 15.00 -15.52
N LEU A 51 -3.51 14.82 -15.37
CA LEU A 51 -4.36 14.37 -16.44
C LEU A 51 -5.44 15.42 -16.58
N GLN A 52 -6.53 15.11 -17.28
CA GLN A 52 -7.66 16.01 -17.48
C GLN A 52 -8.07 16.66 -16.14
N GLY A 53 -8.53 17.89 -16.21
CA GLY A 53 -8.81 18.70 -15.03
C GLY A 53 -9.90 18.15 -14.15
N ASN A 54 -10.61 17.17 -14.64
CA ASN A 54 -11.64 16.55 -13.86
C ASN A 54 -11.03 15.67 -12.79
N ARG A 55 -10.08 14.85 -13.18
CA ARG A 55 -9.47 13.90 -12.27
C ARG A 55 -8.09 13.44 -12.73
N LEU A 56 -7.23 13.27 -11.77
CA LEU A 56 -5.82 12.98 -11.96
C LEU A 56 -5.60 11.49 -11.99
N LEU A 57 -4.57 11.07 -12.69
CA LEU A 57 -4.32 9.68 -12.86
C LEU A 57 -3.42 9.21 -11.73
N ALA A 58 -3.91 8.31 -10.95
CA ALA A 58 -3.21 7.79 -9.81
C ALA A 58 -2.50 6.49 -10.20
N PRO A 59 -1.41 6.14 -9.50
CA PRO A 59 -0.69 4.90 -9.75
C PRO A 59 -1.57 3.66 -9.53
N ASN A 60 -1.28 2.62 -10.26
CA ASN A 60 -2.04 1.40 -10.16
C ASN A 60 -1.19 0.26 -9.61
N GLU A 61 0.08 0.25 -9.99
CA GLU A 61 0.97 -0.78 -9.51
C GLU A 61 1.88 -0.19 -8.45
N TYR A 62 1.84 -0.79 -7.29
CA TYR A 62 2.64 -0.37 -6.17
C TYR A 62 3.56 -1.49 -5.77
N ILE A 63 4.82 -1.23 -5.85
CA ILE A 63 5.81 -2.20 -5.48
C ILE A 63 6.24 -1.89 -4.07
N ILE A 64 5.86 -2.72 -3.16
CA ILE A 64 6.19 -2.57 -1.78
C ILE A 64 7.26 -3.58 -1.44
N THR A 65 8.43 -3.10 -1.26
CA THR A 65 9.55 -3.92 -0.96
C THR A 65 10.01 -3.68 0.47
N LEU A 66 10.06 -4.73 1.24
CA LEU A 66 10.59 -4.67 2.59
C LEU A 66 11.81 -5.52 2.69
N GLY A 67 12.43 -5.48 3.84
CA GLY A 67 13.55 -6.31 4.11
C GLY A 67 13.07 -7.72 4.30
N VAL A 68 13.92 -8.67 4.03
CA VAL A 68 13.57 -10.08 4.14
C VAL A 68 13.09 -10.40 5.55
N HIS A 69 13.80 -9.85 6.53
CA HIS A 69 13.52 -10.09 7.93
C HIS A 69 12.15 -9.49 8.33
N ASP A 70 11.75 -8.42 7.67
CA ASP A 70 10.45 -7.81 7.93
C ASP A 70 9.37 -8.64 7.30
N PHE A 71 9.60 -9.03 6.04
CA PHE A 71 8.63 -9.74 5.25
C PHE A 71 8.29 -11.10 5.86
N GLU A 72 9.29 -11.81 6.33
CA GLU A 72 9.10 -13.12 6.92
C GLU A 72 8.23 -13.05 8.18
N LYS A 73 8.37 -11.97 8.92
CA LYS A 73 7.54 -11.76 10.11
C LYS A 73 6.14 -11.35 9.74
N LEU A 74 6.00 -10.72 8.57
CA LEU A 74 4.69 -10.34 8.08
C LEU A 74 3.95 -11.59 7.64
N GLY A 75 4.69 -12.45 7.02
CA GLY A 75 4.15 -13.66 6.51
C GLY A 75 4.54 -13.82 5.08
N ALA A 76 4.75 -15.05 4.66
CA ALA A 76 5.27 -15.35 3.33
C ALA A 76 4.29 -15.07 2.18
N ASP A 77 3.00 -14.96 2.47
CA ASP A 77 2.04 -14.72 1.39
C ASP A 77 1.95 -13.23 1.07
N PRO A 78 2.19 -12.84 -0.17
CA PRO A 78 1.87 -11.50 -0.63
C PRO A 78 0.35 -11.35 -0.88
N GLU A 79 -0.25 -12.43 -1.37
CA GLU A 79 -1.65 -12.46 -1.87
C GLU A 79 -2.73 -11.89 -0.93
N LEU A 80 -2.79 -12.34 0.31
CA LEU A 80 -3.86 -11.91 1.22
C LEU A 80 -3.65 -10.49 1.65
N LYS A 81 -2.40 -10.13 1.75
CA LYS A 81 -2.01 -8.80 2.14
C LYS A 81 -2.28 -7.86 0.97
N SER A 82 -2.00 -8.34 -0.23
CA SER A 82 -2.22 -7.60 -1.44
C SER A 82 -3.70 -7.31 -1.60
N THR A 83 -4.53 -8.30 -1.33
CA THR A 83 -5.97 -8.16 -1.45
C THR A 83 -6.49 -7.04 -0.53
N GLY A 84 -6.01 -7.04 0.72
CA GLY A 84 -6.44 -6.06 1.69
C GLY A 84 -5.96 -4.67 1.36
N PHE A 85 -4.69 -4.55 1.06
CA PHE A 85 -4.07 -3.27 0.78
C PHE A 85 -4.53 -2.66 -0.55
N ALA A 86 -4.68 -3.47 -1.59
CA ALA A 86 -5.12 -2.97 -2.89
C ALA A 86 -6.52 -2.41 -2.81
N ARG A 87 -7.39 -3.12 -2.12
CA ARG A 87 -8.77 -2.70 -1.94
C ARG A 87 -8.84 -1.41 -1.14
N ASP A 88 -7.98 -1.30 -0.15
CA ASP A 88 -7.95 -0.11 0.71
C ASP A 88 -7.45 1.10 -0.06
N LEU A 89 -6.37 0.90 -0.83
CA LEU A 89 -5.78 1.97 -1.63
C LEU A 89 -6.73 2.38 -2.76
N ALA A 90 -7.44 1.42 -3.33
CA ALA A 90 -8.42 1.68 -4.38
C ALA A 90 -9.57 2.52 -3.83
N ASP A 91 -9.87 2.33 -2.56
CA ASP A 91 -10.92 3.08 -1.89
C ASP A 91 -10.46 4.53 -1.78
N TYR A 92 -9.19 4.70 -1.40
CA TYR A 92 -8.57 6.03 -1.30
C TYR A 92 -8.62 6.79 -2.59
N ILE A 93 -8.25 6.15 -3.70
CA ILE A 93 -8.23 6.86 -4.98
C ILE A 93 -9.63 7.34 -5.36
N GLN A 94 -10.65 6.54 -5.02
CA GLN A 94 -12.04 6.93 -5.24
C GLN A 94 -12.36 8.14 -4.38
N GLU A 95 -11.96 8.09 -3.13
CA GLU A 95 -12.18 9.15 -2.16
C GLU A 95 -11.53 10.48 -2.56
N GLN A 96 -10.44 10.40 -3.26
CA GLN A 96 -9.72 11.59 -3.68
C GLN A 96 -10.19 12.07 -5.05
N GLY A 97 -10.95 11.23 -5.72
CA GLY A 97 -11.42 11.56 -7.02
C GLY A 97 -10.33 11.39 -8.06
N TRP A 98 -9.54 10.37 -7.89
CA TRP A 98 -8.50 10.06 -8.85
C TRP A 98 -8.92 8.86 -9.69
N GLN A 99 -8.32 8.72 -10.84
CA GLN A 99 -8.64 7.63 -11.77
C GLN A 99 -7.38 6.90 -12.14
N THR A 100 -7.50 5.75 -12.75
CA THR A 100 -6.34 5.00 -13.17
C THR A 100 -6.76 4.03 -14.28
N TYR A 101 -5.81 3.28 -14.79
CA TYR A 101 -6.08 2.31 -15.86
C TYR A 101 -5.48 0.99 -15.49
N GLY A 102 -6.28 -0.03 -15.57
CA GLY A 102 -5.84 -1.34 -15.19
C GLY A 102 -6.52 -1.70 -13.91
N ASP A 103 -5.89 -2.50 -13.10
CA ASP A 103 -6.41 -2.80 -11.80
C ASP A 103 -5.35 -2.46 -10.78
N VAL A 104 -5.76 -1.92 -9.67
CA VAL A 104 -4.84 -1.51 -8.62
C VAL A 104 -4.27 -2.73 -7.91
N VAL A 105 -3.00 -2.94 -8.08
CA VAL A 105 -2.33 -4.08 -7.52
C VAL A 105 -1.11 -3.66 -6.70
N VAL A 106 -1.09 -4.09 -5.47
CA VAL A 106 0.01 -3.82 -4.62
C VAL A 106 0.85 -5.09 -4.48
N ARG A 107 2.11 -4.96 -4.68
CA ARG A 107 3.02 -6.06 -4.64
C ARG A 107 3.82 -6.02 -3.38
N PHE A 108 3.83 -7.08 -2.67
CA PHE A 108 4.66 -7.20 -1.49
C PHE A 108 5.76 -8.16 -1.79
N GLU A 109 6.95 -7.68 -1.80
CA GLU A 109 8.09 -8.48 -2.07
C GLU A 109 9.28 -8.02 -1.25
N GLN A 110 10.28 -8.85 -1.16
CA GLN A 110 11.42 -8.56 -0.34
C GLN A 110 12.68 -8.52 -1.18
N SER A 111 13.63 -7.79 -0.71
CA SER A 111 14.90 -7.71 -1.32
C SER A 111 15.96 -7.74 -0.25
N SER A 112 17.05 -8.39 -0.53
CA SER A 112 18.16 -8.49 0.39
C SER A 112 18.90 -7.14 0.51
N ASN A 113 18.71 -6.29 -0.48
CA ASN A 113 19.29 -4.95 -0.52
C ASN A 113 18.51 -4.01 0.40
N LEU A 114 17.37 -4.47 0.85
CA LEU A 114 16.54 -3.69 1.70
C LEU A 114 16.77 -4.23 3.12
N HIS A 115 16.96 -3.34 4.08
CA HIS A 115 17.34 -3.76 5.42
C HIS A 115 16.16 -3.95 6.34
N THR A 116 16.42 -4.50 7.49
CA THR A 116 15.42 -4.81 8.48
C THR A 116 14.90 -3.53 9.15
N GLY A 117 13.60 -3.40 9.15
CA GLY A 117 12.95 -2.27 9.72
C GLY A 117 12.86 -1.16 8.73
N GLN A 118 12.79 -1.53 7.48
CA GLN A 118 12.70 -0.60 6.44
C GLN A 118 11.73 -1.15 5.40
N PHE A 119 11.08 -0.28 4.69
CA PHE A 119 10.16 -0.65 3.67
C PHE A 119 10.12 0.47 2.66
N ARG A 120 9.86 0.15 1.45
CA ARG A 120 9.68 1.15 0.42
C ARG A 120 8.59 0.74 -0.50
N ALA A 121 7.69 1.63 -0.73
CA ALA A 121 6.59 1.39 -1.60
C ALA A 121 6.67 2.40 -2.69
N ARG A 122 6.75 1.96 -3.91
CA ARG A 122 6.80 2.79 -5.02
C ARG A 122 5.65 2.47 -5.94
N GLY A 123 4.83 3.45 -6.14
CA GLY A 123 3.70 3.31 -6.98
C GLY A 123 3.86 4.13 -8.20
N THR A 124 3.50 3.58 -9.32
CA THR A 124 3.60 4.27 -10.57
C THR A 124 2.42 3.85 -11.43
N VAL A 125 2.16 4.61 -12.46
CA VAL A 125 1.14 4.26 -13.40
C VAL A 125 1.78 3.32 -14.40
N ASN A 126 1.48 2.08 -14.27
CA ASN A 126 2.05 1.09 -15.13
C ASN A 126 0.95 0.37 -15.89
N PRO A 127 0.83 0.66 -17.18
CA PRO A 127 -0.14 0.00 -18.02
C PRO A 127 0.40 -1.33 -18.54
N ASP A 128 1.70 -1.54 -18.36
CA ASP A 128 2.38 -2.73 -18.85
C ASP A 128 2.22 -3.89 -17.89
N VAL A 129 1.26 -3.77 -17.02
CA VAL A 129 0.89 -4.83 -16.13
C VAL A 129 -0.54 -5.22 -16.43
N GLU A 130 -0.67 -6.27 -17.16
CA GLU A 130 -1.94 -6.70 -17.62
C GLU A 130 -2.72 -7.35 -16.52
N THR A 131 -3.81 -6.75 -16.24
CA THR A 131 -4.64 -7.17 -15.19
C THR A 131 -6.00 -7.58 -15.72
N HIS A 132 -6.07 -8.85 -16.09
CA HIS A 132 -7.23 -9.42 -16.69
C HIS A 132 -7.91 -10.36 -15.71
N MET A 1 11.13 -6.97 -6.43
CA MET A 1 11.77 -6.75 -7.71
C MET A 1 13.03 -7.57 -7.74
N GLY A 2 13.34 -8.16 -8.87
CA GLY A 2 14.54 -8.99 -8.99
C GLY A 2 14.36 -10.28 -8.24
N SER A 3 13.17 -10.83 -8.30
CA SER A 3 12.82 -12.03 -7.61
C SER A 3 11.64 -12.68 -8.32
N GLN A 4 11.47 -13.96 -8.11
CA GLN A 4 10.41 -14.74 -8.74
C GLN A 4 9.04 -14.38 -8.18
N LYS A 5 8.07 -14.28 -9.05
CA LYS A 5 6.70 -14.11 -8.63
C LYS A 5 6.09 -15.49 -8.58
N ARG A 6 5.62 -15.87 -7.42
CA ARG A 6 5.09 -17.20 -7.23
C ARG A 6 3.72 -17.27 -7.86
N LEU A 7 3.62 -17.97 -8.95
CA LEU A 7 2.36 -18.13 -9.60
C LEU A 7 1.67 -19.36 -9.08
N VAL A 8 0.98 -19.18 -7.99
CA VAL A 8 0.26 -20.24 -7.37
C VAL A 8 -1.11 -19.74 -6.96
N GLN A 9 -2.13 -20.37 -7.48
CA GLN A 9 -3.47 -20.00 -7.12
C GLN A 9 -3.90 -20.78 -5.92
N ARG A 10 -3.81 -20.15 -4.78
CA ARG A 10 -4.21 -20.78 -3.55
C ARG A 10 -5.67 -20.46 -3.35
N VAL A 11 -6.52 -21.35 -3.75
CA VAL A 11 -7.92 -21.15 -3.59
C VAL A 11 -8.29 -21.47 -2.16
N GLU A 12 -8.26 -20.46 -1.35
CA GLU A 12 -8.55 -20.60 0.04
C GLU A 12 -10.03 -20.46 0.25
N ARG A 13 -10.61 -21.52 0.73
CA ARG A 13 -12.03 -21.60 0.96
C ARG A 13 -12.48 -20.68 2.07
N LYS A 14 -11.65 -20.46 3.06
CA LYS A 14 -11.98 -19.52 4.08
C LYS A 14 -11.35 -18.18 3.81
N LEU A 15 -12.10 -17.34 3.19
CA LEU A 15 -11.72 -15.99 2.89
C LEU A 15 -13.02 -15.24 2.89
N GLU A 16 -13.28 -14.58 3.98
CA GLU A 16 -14.54 -13.94 4.22
C GLU A 16 -14.30 -12.60 4.86
N GLN A 17 -15.32 -11.75 4.84
CA GLN A 17 -15.21 -10.43 5.38
C GLN A 17 -15.40 -10.42 6.88
N THR A 18 -14.41 -10.85 7.58
CA THR A 18 -14.40 -10.72 8.97
C THR A 18 -13.67 -9.44 9.27
N VAL A 19 -14.43 -8.45 9.55
CA VAL A 19 -13.94 -7.14 9.80
C VAL A 19 -13.36 -7.04 11.18
N GLY A 20 -12.28 -6.35 11.29
CA GLY A 20 -11.60 -6.21 12.50
C GLY A 20 -10.20 -5.83 12.22
N ASP A 21 -9.57 -5.28 13.19
CA ASP A 21 -8.17 -4.87 13.12
C ASP A 21 -7.22 -6.07 13.15
N ALA A 22 -7.20 -6.80 12.05
CA ALA A 22 -6.45 -8.03 11.91
C ALA A 22 -4.97 -7.82 12.07
N PHE A 23 -4.46 -6.81 11.41
CA PHE A 23 -3.03 -6.56 11.40
C PHE A 23 -2.53 -6.23 12.80
N ALA A 24 -3.35 -5.55 13.57
CA ALA A 24 -3.00 -5.18 14.92
C ALA A 24 -2.97 -6.40 15.84
N ARG A 25 -3.87 -7.34 15.60
CA ARG A 25 -3.94 -8.56 16.42
C ARG A 25 -2.84 -9.54 16.03
N ILE A 26 -2.31 -9.38 14.84
CA ILE A 26 -1.24 -10.23 14.38
C ILE A 26 0.12 -9.67 14.80
N PHE A 27 0.41 -8.46 14.36
CA PHE A 27 1.73 -7.87 14.57
C PHE A 27 1.87 -7.17 15.91
N GLY A 28 0.78 -6.66 16.44
CA GLY A 28 0.79 -5.99 17.70
C GLY A 28 1.44 -4.65 17.61
N GLY A 29 2.65 -4.60 18.06
CA GLY A 29 3.41 -3.38 18.09
C GLY A 29 4.61 -3.45 17.20
N SER A 30 4.48 -4.18 16.14
CA SER A 30 5.52 -4.30 15.14
C SER A 30 5.06 -3.42 13.95
N ILE A 31 5.45 -3.78 12.75
CA ILE A 31 5.06 -3.04 11.56
C ILE A 31 3.52 -2.89 11.43
N VAL A 32 3.10 -1.66 11.46
CA VAL A 32 1.71 -1.32 11.42
C VAL A 32 1.35 -0.74 10.04
N PRO A 33 0.23 -1.17 9.45
CA PRO A 33 -0.21 -0.74 8.11
C PRO A 33 -0.36 0.77 7.92
N GLN A 34 -0.57 1.51 9.02
CA GLN A 34 -0.80 2.97 8.95
C GLN A 34 0.35 3.74 8.32
N GLU A 35 1.57 3.34 8.63
CA GLU A 35 2.73 4.00 8.04
C GLU A 35 2.88 3.59 6.58
N VAL A 36 2.44 2.39 6.27
CA VAL A 36 2.50 1.89 4.91
C VAL A 36 1.46 2.64 4.07
N GLU A 37 0.26 2.82 4.64
CA GLU A 37 -0.81 3.58 4.00
C GLU A 37 -0.34 4.98 3.71
N ALA A 38 0.33 5.58 4.70
CA ALA A 38 0.86 6.93 4.60
C ALA A 38 1.80 7.07 3.40
N LEU A 39 2.73 6.16 3.27
CA LEU A 39 3.67 6.19 2.15
C LEU A 39 2.98 5.85 0.83
N LEU A 40 2.06 4.91 0.84
CA LEU A 40 1.33 4.54 -0.37
C LEU A 40 0.47 5.67 -0.91
N ARG A 41 -0.23 6.35 -0.02
CA ARG A 41 -1.06 7.48 -0.45
C ARG A 41 -0.15 8.64 -0.84
N ARG A 42 1.02 8.70 -0.23
CA ARG A 42 1.98 9.73 -0.55
C ARG A 42 2.50 9.48 -1.96
N GLU A 43 2.76 8.21 -2.28
CA GLU A 43 3.17 7.79 -3.62
C GLU A 43 2.09 8.15 -4.62
N ALA A 44 0.86 7.95 -4.22
CA ALA A 44 -0.28 8.27 -5.04
C ALA A 44 -0.34 9.77 -5.31
N ALA A 45 -0.20 10.57 -4.26
CA ALA A 45 -0.23 12.03 -4.36
C ALA A 45 0.99 12.56 -5.13
N ASP A 46 2.10 11.89 -4.94
CA ASP A 46 3.37 12.24 -5.58
C ASP A 46 3.32 11.93 -7.05
N GLY A 47 2.81 10.76 -7.39
CA GLY A 47 2.77 10.30 -8.75
C GLY A 47 1.55 10.74 -9.51
N ILE A 48 0.92 11.81 -9.03
CA ILE A 48 -0.22 12.40 -9.70
C ILE A 48 0.18 12.90 -11.07
N GLN A 49 -0.54 12.44 -12.04
CA GLN A 49 -0.27 12.75 -13.39
C GLN A 49 -1.45 13.41 -14.03
N SER A 50 -1.16 14.42 -14.78
CA SER A 50 -2.14 15.23 -15.43
C SER A 50 -2.95 14.45 -16.45
N LEU A 51 -4.20 14.39 -16.18
CA LEU A 51 -5.16 13.72 -16.98
C LEU A 51 -6.36 14.65 -16.99
N GLN A 52 -7.52 14.18 -17.42
CA GLN A 52 -8.75 14.98 -17.44
C GLN A 52 -8.97 15.70 -16.10
N GLY A 53 -9.44 16.95 -16.19
CA GLY A 53 -9.53 17.84 -15.04
C GLY A 53 -10.48 17.37 -13.97
N ASN A 54 -11.32 16.43 -14.31
CA ASN A 54 -12.25 15.86 -13.34
C ASN A 54 -11.55 14.99 -12.34
N ARG A 55 -10.54 14.27 -12.79
CA ARG A 55 -9.82 13.34 -11.93
C ARG A 55 -8.46 12.97 -12.54
N LEU A 56 -7.45 13.07 -11.71
CA LEU A 56 -6.04 12.95 -12.08
C LEU A 56 -5.58 11.54 -11.98
N LEU A 57 -4.58 11.21 -12.78
CA LEU A 57 -4.08 9.87 -12.87
C LEU A 57 -3.19 9.57 -11.69
N ALA A 58 -3.51 8.51 -11.02
CA ALA A 58 -2.78 8.04 -9.88
C ALA A 58 -2.20 6.67 -10.22
N PRO A 59 -1.15 6.23 -9.51
CA PRO A 59 -0.53 4.92 -9.73
C PRO A 59 -1.47 3.73 -9.49
N ASN A 60 -1.15 2.62 -10.11
CA ASN A 60 -1.92 1.38 -9.95
C ASN A 60 -0.99 0.25 -9.53
N GLU A 61 0.25 0.34 -9.92
CA GLU A 61 1.24 -0.62 -9.57
C GLU A 61 2.06 -0.10 -8.41
N TYR A 62 1.86 -0.71 -7.25
CA TYR A 62 2.53 -0.30 -6.04
C TYR A 62 3.42 -1.40 -5.53
N ILE A 63 4.69 -1.12 -5.54
CA ILE A 63 5.66 -2.06 -5.08
C ILE A 63 6.03 -1.71 -3.66
N ILE A 64 5.80 -2.61 -2.77
CA ILE A 64 6.16 -2.47 -1.40
C ILE A 64 7.31 -3.41 -1.12
N THR A 65 8.41 -2.87 -0.81
CA THR A 65 9.57 -3.66 -0.57
C THR A 65 9.92 -3.66 0.91
N LEU A 66 10.10 -4.85 1.43
CA LEU A 66 10.51 -5.07 2.81
C LEU A 66 11.77 -5.92 2.83
N GLY A 67 12.33 -6.06 4.01
CA GLY A 67 13.48 -6.90 4.17
C GLY A 67 13.09 -8.35 4.32
N VAL A 68 14.06 -9.21 4.47
CA VAL A 68 13.81 -10.64 4.54
C VAL A 68 13.17 -11.06 5.87
N HIS A 69 13.63 -10.49 6.96
CA HIS A 69 13.10 -10.82 8.28
C HIS A 69 11.70 -10.21 8.44
N ASP A 70 11.50 -9.14 7.76
CA ASP A 70 10.24 -8.43 7.75
C ASP A 70 9.22 -9.26 7.02
N PHE A 71 9.64 -9.82 5.90
CA PHE A 71 8.76 -10.60 5.07
C PHE A 71 8.41 -11.94 5.73
N GLU A 72 9.32 -12.50 6.54
CA GLU A 72 9.00 -13.76 7.20
C GLU A 72 7.92 -13.55 8.25
N LYS A 73 7.91 -12.36 8.81
CA LYS A 73 6.87 -11.93 9.72
C LYS A 73 5.54 -11.78 8.97
N LEU A 74 5.63 -11.41 7.70
CA LEU A 74 4.45 -11.31 6.84
C LEU A 74 4.01 -12.72 6.43
N GLY A 75 4.97 -13.60 6.35
CA GLY A 75 4.72 -14.97 6.04
C GLY A 75 5.09 -15.30 4.63
N ALA A 76 4.60 -16.41 4.15
CA ALA A 76 4.81 -16.84 2.78
C ALA A 76 3.73 -16.25 1.89
N ASP A 77 2.87 -15.46 2.49
CA ASP A 77 1.75 -14.85 1.80
C ASP A 77 1.88 -13.35 1.67
N PRO A 78 2.35 -12.85 0.54
CA PRO A 78 2.14 -11.46 0.21
C PRO A 78 0.69 -11.26 -0.30
N GLU A 79 0.32 -12.18 -1.19
CA GLU A 79 -0.86 -12.18 -2.07
C GLU A 79 -2.20 -11.79 -1.44
N LEU A 80 -2.58 -12.44 -0.36
CA LEU A 80 -3.92 -12.23 0.18
C LEU A 80 -4.04 -10.83 0.77
N LYS A 81 -3.10 -10.51 1.62
CA LYS A 81 -3.13 -9.23 2.26
C LYS A 81 -2.72 -8.06 1.37
N SER A 82 -1.90 -8.31 0.36
CA SER A 82 -1.51 -7.24 -0.54
C SER A 82 -2.68 -6.83 -1.42
N THR A 83 -3.48 -7.81 -1.82
CA THR A 83 -4.62 -7.57 -2.64
C THR A 83 -5.74 -6.91 -1.80
N GLY A 84 -5.86 -7.33 -0.55
CA GLY A 84 -6.84 -6.72 0.35
C GLY A 84 -6.47 -5.27 0.63
N PHE A 85 -5.19 -5.05 0.84
CA PHE A 85 -4.67 -3.73 1.15
C PHE A 85 -4.76 -2.84 -0.12
N ALA A 86 -4.76 -3.48 -1.30
CA ALA A 86 -4.92 -2.79 -2.56
C ALA A 86 -6.34 -2.22 -2.69
N ARG A 87 -7.31 -2.98 -2.17
CA ARG A 87 -8.70 -2.57 -2.14
C ARG A 87 -8.82 -1.29 -1.30
N ASP A 88 -8.16 -1.32 -0.14
CA ASP A 88 -8.10 -0.16 0.75
C ASP A 88 -7.50 1.04 0.04
N LEU A 89 -6.37 0.82 -0.60
CA LEU A 89 -5.66 1.87 -1.32
C LEU A 89 -6.47 2.41 -2.51
N ALA A 90 -7.21 1.54 -3.17
CA ALA A 90 -8.08 1.94 -4.27
C ALA A 90 -9.17 2.87 -3.76
N ASP A 91 -9.64 2.60 -2.56
CA ASP A 91 -10.65 3.43 -1.92
C ASP A 91 -10.05 4.79 -1.59
N TYR A 92 -8.79 4.77 -1.15
CA TYR A 92 -8.03 5.98 -0.86
C TYR A 92 -7.94 6.88 -2.07
N ILE A 93 -7.53 6.35 -3.22
CA ILE A 93 -7.39 7.16 -4.40
C ILE A 93 -8.74 7.71 -4.88
N GLN A 94 -9.79 6.90 -4.71
CA GLN A 94 -11.16 7.33 -5.05
C GLN A 94 -11.63 8.43 -4.12
N GLU A 95 -11.26 8.31 -2.86
CA GLU A 95 -11.60 9.31 -1.86
C GLU A 95 -11.02 10.67 -2.18
N GLN A 96 -9.83 10.66 -2.75
CA GLN A 96 -9.14 11.90 -3.13
C GLN A 96 -9.66 12.41 -4.48
N GLY A 97 -10.39 11.57 -5.16
CA GLY A 97 -10.94 11.94 -6.43
C GLY A 97 -9.98 11.69 -7.56
N TRP A 98 -9.14 10.69 -7.43
CA TRP A 98 -8.20 10.33 -8.47
C TRP A 98 -8.69 9.08 -9.20
N GLN A 99 -7.96 8.67 -10.21
CA GLN A 99 -8.29 7.48 -10.97
C GLN A 99 -7.03 6.83 -11.47
N THR A 100 -7.18 5.71 -12.10
CA THR A 100 -6.07 5.03 -12.68
C THR A 100 -6.64 4.16 -13.80
N TYR A 101 -5.80 3.43 -14.49
CA TYR A 101 -6.25 2.59 -15.58
C TYR A 101 -5.80 1.18 -15.37
N GLY A 102 -6.74 0.28 -15.32
CA GLY A 102 -6.43 -1.08 -15.11
C GLY A 102 -6.87 -1.51 -13.74
N ASP A 103 -6.16 -2.43 -13.18
CA ASP A 103 -6.44 -2.92 -11.86
C ASP A 103 -5.30 -2.51 -10.96
N VAL A 104 -5.58 -2.29 -9.71
CA VAL A 104 -4.56 -1.87 -8.78
C VAL A 104 -3.90 -3.09 -8.15
N VAL A 105 -2.60 -3.07 -8.08
CA VAL A 105 -1.87 -4.17 -7.53
C VAL A 105 -0.78 -3.68 -6.59
N VAL A 106 -0.87 -4.11 -5.36
CA VAL A 106 0.13 -3.83 -4.37
C VAL A 106 0.89 -5.11 -4.16
N ARG A 107 2.18 -5.03 -4.16
CA ARG A 107 3.00 -6.22 -4.01
C ARG A 107 3.87 -6.08 -2.81
N PHE A 108 3.88 -7.08 -1.98
CA PHE A 108 4.80 -7.12 -0.88
C PHE A 108 5.92 -8.03 -1.30
N GLU A 109 7.09 -7.50 -1.44
CA GLU A 109 8.21 -8.27 -1.88
C GLU A 109 9.49 -7.86 -1.20
N GLN A 110 10.49 -8.69 -1.34
CA GLN A 110 11.74 -8.51 -0.63
C GLN A 110 12.82 -7.93 -1.50
N SER A 111 13.83 -7.48 -0.82
CA SER A 111 15.08 -7.13 -1.35
C SER A 111 16.10 -7.35 -0.26
N SER A 112 17.02 -8.29 -0.50
CA SER A 112 18.04 -8.68 0.47
C SER A 112 18.94 -7.51 0.90
N ASN A 113 19.00 -6.49 0.07
CA ASN A 113 19.81 -5.31 0.32
C ASN A 113 19.10 -4.37 1.29
N LEU A 114 17.83 -4.59 1.46
CA LEU A 114 17.02 -3.80 2.35
C LEU A 114 16.92 -4.59 3.66
N HIS A 115 16.96 -3.93 4.79
CA HIS A 115 16.94 -4.66 6.03
C HIS A 115 15.75 -4.24 6.90
N THR A 116 15.46 -5.07 7.88
CA THR A 116 14.35 -4.97 8.80
C THR A 116 14.13 -3.59 9.39
N GLY A 117 12.93 -3.10 9.20
CA GLY A 117 12.57 -1.80 9.68
C GLY A 117 12.48 -0.83 8.56
N GLN A 118 13.24 -1.09 7.52
CA GLN A 118 13.26 -0.27 6.37
C GLN A 118 12.30 -0.86 5.35
N PHE A 119 11.55 -0.02 4.74
CA PHE A 119 10.57 -0.43 3.77
C PHE A 119 10.46 0.66 2.75
N ARG A 120 9.96 0.37 1.60
CA ARG A 120 9.70 1.40 0.61
C ARG A 120 8.41 1.14 -0.11
N ALA A 121 7.80 2.20 -0.53
CA ALA A 121 6.61 2.18 -1.30
C ALA A 121 6.92 2.81 -2.61
N ARG A 122 6.63 2.12 -3.67
CA ARG A 122 6.84 2.64 -4.95
C ARG A 122 5.55 2.61 -5.74
N GLY A 123 5.07 3.75 -6.08
CA GLY A 123 3.85 3.86 -6.84
C GLY A 123 4.11 4.27 -8.27
N THR A 124 3.64 3.46 -9.21
CA THR A 124 3.82 3.72 -10.62
C THR A 124 2.56 3.36 -11.41
N VAL A 125 2.42 3.90 -12.61
CA VAL A 125 1.28 3.61 -13.45
C VAL A 125 1.70 2.68 -14.59
N ASN A 126 0.97 1.61 -14.74
CA ASN A 126 1.12 0.73 -15.87
C ASN A 126 -0.26 0.38 -16.38
N PRO A 127 -0.70 1.01 -17.48
CA PRO A 127 -2.01 0.74 -18.06
C PRO A 127 -1.96 -0.46 -19.01
N ASP A 128 -0.78 -1.00 -19.21
CA ASP A 128 -0.58 -2.09 -20.13
C ASP A 128 -0.60 -3.39 -19.39
N VAL A 129 -1.75 -3.68 -18.85
CA VAL A 129 -2.00 -4.88 -18.10
C VAL A 129 -3.31 -5.48 -18.58
N GLU A 130 -3.31 -6.75 -18.85
CA GLU A 130 -4.52 -7.49 -19.15
C GLU A 130 -5.38 -7.55 -17.91
N THR A 131 -6.67 -7.54 -18.08
CA THR A 131 -7.53 -7.39 -16.94
C THR A 131 -8.85 -8.15 -17.10
N HIS A 132 -9.32 -8.68 -16.00
CA HIS A 132 -10.61 -9.31 -15.89
C HIS A 132 -11.26 -8.71 -14.68
N MET A 1 4.45 2.52 -20.23
CA MET A 1 3.58 3.70 -20.15
C MET A 1 2.92 3.96 -21.49
N GLY A 2 1.74 3.44 -21.66
CA GLY A 2 1.00 3.69 -22.86
C GLY A 2 -0.08 4.68 -22.58
N SER A 3 -0.39 5.52 -23.52
CA SER A 3 -1.41 6.49 -23.32
C SER A 3 -2.75 5.94 -23.79
N GLN A 4 -3.40 5.24 -22.90
CA GLN A 4 -4.71 4.72 -23.14
C GLN A 4 -5.69 5.61 -22.41
N LYS A 5 -6.22 6.59 -23.10
CA LYS A 5 -7.12 7.53 -22.47
C LYS A 5 -8.53 6.96 -22.40
N ARG A 6 -8.99 6.71 -21.22
CA ARG A 6 -10.30 6.16 -20.96
C ARG A 6 -10.94 6.94 -19.84
N LEU A 7 -11.99 7.66 -20.16
CA LEU A 7 -12.69 8.42 -19.17
C LEU A 7 -13.70 7.50 -18.49
N VAL A 8 -13.29 6.86 -17.42
CA VAL A 8 -14.17 5.96 -16.72
C VAL A 8 -14.95 6.71 -15.66
N GLN A 9 -16.22 6.44 -15.55
CA GLN A 9 -17.04 7.13 -14.60
C GLN A 9 -17.15 6.33 -13.33
N ARG A 10 -16.65 6.91 -12.26
CA ARG A 10 -16.68 6.26 -10.97
C ARG A 10 -17.04 7.26 -9.89
N VAL A 11 -18.27 7.66 -9.86
CA VAL A 11 -18.72 8.56 -8.86
C VAL A 11 -19.65 7.81 -7.87
N GLU A 12 -19.02 7.31 -6.84
CA GLU A 12 -19.67 6.51 -5.83
C GLU A 12 -19.20 6.98 -4.47
N ARG A 13 -19.58 6.30 -3.41
CA ARG A 13 -19.26 6.80 -2.09
C ARG A 13 -17.91 6.32 -1.54
N LYS A 14 -17.91 5.22 -0.79
CA LYS A 14 -16.78 4.81 0.01
C LYS A 14 -17.09 3.50 0.72
N LEU A 15 -16.12 2.61 0.81
CA LEU A 15 -16.26 1.39 1.58
C LEU A 15 -15.56 1.56 2.91
N GLU A 16 -15.48 0.52 3.67
CA GLU A 16 -14.72 0.55 4.87
C GLU A 16 -13.44 -0.18 4.57
N GLN A 17 -12.33 0.35 4.97
CA GLN A 17 -11.07 -0.31 4.69
C GLN A 17 -10.97 -1.57 5.55
N THR A 18 -10.26 -2.54 5.07
CA THR A 18 -10.18 -3.82 5.70
C THR A 18 -9.25 -3.73 6.90
N VAL A 19 -9.82 -3.60 8.06
CA VAL A 19 -9.05 -3.45 9.26
C VAL A 19 -8.89 -4.77 9.99
N GLY A 20 -7.73 -4.96 10.48
CA GLY A 20 -7.36 -6.07 11.21
C GLY A 20 -6.25 -5.63 12.09
N ASP A 21 -5.88 -6.44 12.97
CA ASP A 21 -4.82 -6.11 13.93
C ASP A 21 -3.64 -7.01 13.72
N ALA A 22 -3.57 -7.60 12.53
CA ALA A 22 -2.55 -8.60 12.19
C ALA A 22 -1.14 -8.12 12.46
N PHE A 23 -0.75 -7.07 11.81
CA PHE A 23 0.58 -6.54 11.94
C PHE A 23 0.76 -5.92 13.31
N ALA A 24 -0.31 -5.38 13.85
CA ALA A 24 -0.30 -4.71 15.13
C ALA A 24 0.05 -5.68 16.25
N ARG A 25 -0.64 -6.81 16.33
CA ARG A 25 -0.39 -7.78 17.36
C ARG A 25 0.93 -8.52 17.18
N ILE A 26 1.38 -8.61 15.94
CA ILE A 26 2.70 -9.22 15.65
C ILE A 26 3.81 -8.32 16.19
N PHE A 27 3.80 -7.05 15.78
CA PHE A 27 4.83 -6.09 16.19
C PHE A 27 4.60 -5.53 17.59
N GLY A 28 3.51 -5.95 18.22
CA GLY A 28 3.21 -5.54 19.58
C GLY A 28 2.86 -4.07 19.67
N GLY A 29 2.56 -3.48 18.53
CA GLY A 29 2.25 -2.08 18.47
C GLY A 29 3.48 -1.21 18.33
N SER A 30 4.67 -1.83 18.32
CA SER A 30 5.92 -1.08 18.21
C SER A 30 6.05 -0.48 16.80
N ILE A 31 5.39 -1.10 15.85
CA ILE A 31 5.31 -0.62 14.50
C ILE A 31 3.83 -0.49 14.19
N VAL A 32 3.42 0.70 13.81
CA VAL A 32 2.03 0.95 13.51
C VAL A 32 1.77 0.59 12.05
N PRO A 33 0.82 -0.34 11.78
CA PRO A 33 0.48 -0.78 10.40
C PRO A 33 0.10 0.40 9.47
N GLN A 34 -0.37 1.49 10.06
CA GLN A 34 -0.76 2.67 9.31
C GLN A 34 0.46 3.37 8.65
N GLU A 35 1.67 2.95 9.04
CA GLU A 35 2.91 3.45 8.43
C GLU A 35 2.89 3.06 6.94
N VAL A 36 2.35 1.87 6.68
CA VAL A 36 2.25 1.36 5.34
C VAL A 36 1.21 2.17 4.56
N GLU A 37 0.06 2.42 5.20
CA GLU A 37 -1.04 3.21 4.60
C GLU A 37 -0.54 4.59 4.16
N ALA A 38 0.28 5.18 5.02
CA ALA A 38 0.86 6.48 4.78
C ALA A 38 1.71 6.48 3.51
N LEU A 39 2.54 5.46 3.38
CA LEU A 39 3.39 5.35 2.18
C LEU A 39 2.60 5.07 0.92
N LEU A 40 1.56 4.26 1.03
CA LEU A 40 0.71 3.97 -0.13
C LEU A 40 0.04 5.24 -0.66
N ARG A 41 -0.52 6.04 0.23
CA ARG A 41 -1.17 7.27 -0.18
C ARG A 41 -0.14 8.33 -0.60
N ARG A 42 1.04 8.26 0.00
CA ARG A 42 2.14 9.17 -0.34
C ARG A 42 2.62 8.93 -1.76
N GLU A 43 2.81 7.66 -2.12
CA GLU A 43 3.22 7.31 -3.48
C GLU A 43 2.12 7.66 -4.48
N ALA A 44 0.88 7.49 -4.05
CA ALA A 44 -0.28 7.82 -4.86
C ALA A 44 -0.30 9.31 -5.18
N ALA A 45 -0.13 10.11 -4.15
CA ALA A 45 -0.12 11.56 -4.28
C ALA A 45 1.12 12.03 -5.04
N ASP A 46 2.19 11.30 -4.89
CA ASP A 46 3.46 11.60 -5.55
C ASP A 46 3.37 11.38 -7.04
N GLY A 47 2.76 10.26 -7.42
CA GLY A 47 2.66 9.88 -8.82
C GLY A 47 1.50 10.51 -9.55
N ILE A 48 0.93 11.54 -8.96
CA ILE A 48 -0.15 12.29 -9.56
C ILE A 48 0.27 12.94 -10.85
N GLN A 49 -0.44 12.63 -11.89
CA GLN A 49 -0.16 13.14 -13.18
C GLN A 49 -1.30 13.97 -13.66
N SER A 50 -0.95 15.00 -14.38
CA SER A 50 -1.87 15.93 -14.93
C SER A 50 -2.75 15.26 -15.97
N LEU A 51 -4.00 15.38 -15.75
CA LEU A 51 -5.03 14.81 -16.55
C LEU A 51 -6.14 15.85 -16.52
N GLN A 52 -7.37 15.50 -16.90
CA GLN A 52 -8.51 16.44 -16.84
C GLN A 52 -8.55 17.22 -15.51
N GLY A 53 -9.04 18.44 -15.55
CA GLY A 53 -9.02 19.30 -14.37
C GLY A 53 -9.89 18.79 -13.25
N ASN A 54 -10.80 17.93 -13.58
CA ASN A 54 -11.69 17.36 -12.59
C ASN A 54 -11.16 16.05 -12.04
N ARG A 55 -10.10 15.51 -12.64
CA ARG A 55 -9.59 14.20 -12.22
C ARG A 55 -8.12 14.02 -12.61
N LEU A 56 -7.32 13.71 -11.66
CA LEU A 56 -5.90 13.50 -11.85
C LEU A 56 -5.61 12.03 -12.01
N LEU A 57 -4.56 11.73 -12.73
CA LEU A 57 -4.17 10.37 -12.99
C LEU A 57 -3.28 9.93 -11.84
N ALA A 58 -3.61 8.81 -11.25
CA ALA A 58 -2.89 8.28 -10.11
C ALA A 58 -2.26 6.92 -10.45
N PRO A 59 -1.22 6.49 -9.71
CA PRO A 59 -0.60 5.18 -9.89
C PRO A 59 -1.56 4.04 -9.52
N ASN A 60 -1.25 2.85 -9.96
CA ASN A 60 -2.09 1.71 -9.70
C ASN A 60 -1.28 0.49 -9.31
N GLU A 61 -0.05 0.43 -9.76
CA GLU A 61 0.79 -0.68 -9.43
C GLU A 61 1.73 -0.25 -8.31
N TYR A 62 1.47 -0.76 -7.14
CA TYR A 62 2.23 -0.40 -5.98
C TYR A 62 3.06 -1.57 -5.52
N ILE A 63 4.33 -1.41 -5.61
CA ILE A 63 5.25 -2.42 -5.24
C ILE A 63 5.87 -2.03 -3.92
N ILE A 64 5.55 -2.74 -2.89
CA ILE A 64 6.07 -2.47 -1.60
C ILE A 64 7.11 -3.51 -1.27
N THR A 65 8.30 -3.07 -1.03
CA THR A 65 9.36 -3.97 -0.76
C THR A 65 9.83 -3.82 0.67
N LEU A 66 9.82 -4.92 1.38
CA LEU A 66 10.31 -4.99 2.75
C LEU A 66 11.61 -5.77 2.75
N GLY A 67 12.36 -5.64 3.82
CA GLY A 67 13.54 -6.44 3.99
C GLY A 67 13.16 -7.90 4.11
N VAL A 68 14.01 -8.80 3.68
CA VAL A 68 13.72 -10.23 3.71
C VAL A 68 13.43 -10.71 5.15
N HIS A 69 14.16 -10.18 6.10
CA HIS A 69 13.97 -10.56 7.49
C HIS A 69 12.68 -9.96 8.01
N ASP A 70 12.25 -8.85 7.40
CA ASP A 70 11.00 -8.22 7.78
C ASP A 70 9.83 -8.92 7.17
N PHE A 71 10.05 -9.48 6.00
CA PHE A 71 9.06 -10.24 5.29
C PHE A 71 8.66 -11.44 6.16
N GLU A 72 9.62 -11.95 6.92
CA GLU A 72 9.37 -13.02 7.87
C GLU A 72 8.31 -12.64 8.92
N LYS A 73 8.22 -11.37 9.32
CA LYS A 73 7.19 -10.95 10.26
C LYS A 73 5.85 -10.79 9.55
N LEU A 74 5.91 -10.41 8.27
CA LEU A 74 4.70 -10.22 7.45
C LEU A 74 3.93 -11.54 7.33
N GLY A 75 4.67 -12.61 7.23
CA GLY A 75 4.09 -13.91 7.18
C GLY A 75 4.75 -14.77 6.16
N ALA A 76 4.09 -15.84 5.78
CA ALA A 76 4.61 -16.75 4.80
C ALA A 76 4.09 -16.38 3.42
N ASP A 77 2.90 -15.83 3.39
CA ASP A 77 2.29 -15.43 2.15
C ASP A 77 2.15 -13.92 2.12
N PRO A 78 2.62 -13.30 1.05
CA PRO A 78 2.38 -11.87 0.81
C PRO A 78 0.96 -11.63 0.27
N GLU A 79 0.44 -12.65 -0.39
CA GLU A 79 -0.77 -12.62 -1.22
C GLU A 79 -2.00 -12.03 -0.55
N LEU A 80 -2.36 -12.54 0.62
CA LEU A 80 -3.59 -12.11 1.27
C LEU A 80 -3.50 -10.65 1.69
N LYS A 81 -2.30 -10.22 2.02
CA LYS A 81 -2.05 -8.86 2.43
C LYS A 81 -2.04 -7.95 1.21
N SER A 82 -1.54 -8.48 0.11
CA SER A 82 -1.39 -7.74 -1.13
C SER A 82 -2.78 -7.37 -1.69
N THR A 83 -3.62 -8.38 -1.85
CA THR A 83 -4.94 -8.21 -2.40
C THR A 83 -5.80 -7.27 -1.53
N GLY A 84 -5.66 -7.41 -0.21
CA GLY A 84 -6.43 -6.60 0.71
C GLY A 84 -6.05 -5.15 0.66
N PHE A 85 -4.76 -4.88 0.62
CA PHE A 85 -4.29 -3.51 0.61
C PHE A 85 -4.62 -2.86 -0.74
N ALA A 86 -4.62 -3.66 -1.80
CA ALA A 86 -4.98 -3.20 -3.13
C ALA A 86 -6.42 -2.71 -3.15
N ARG A 87 -7.28 -3.47 -2.50
CA ARG A 87 -8.69 -3.16 -2.38
C ARG A 87 -8.89 -1.79 -1.73
N ASP A 88 -8.27 -1.61 -0.59
CA ASP A 88 -8.43 -0.40 0.21
C ASP A 88 -7.80 0.81 -0.45
N LEU A 89 -6.75 0.59 -1.22
CA LEU A 89 -6.09 1.66 -1.93
C LEU A 89 -6.96 2.10 -3.12
N ALA A 90 -7.63 1.13 -3.76
CA ALA A 90 -8.54 1.41 -4.87
C ALA A 90 -9.70 2.29 -4.37
N ASP A 91 -10.12 1.99 -3.17
CA ASP A 91 -11.14 2.76 -2.48
C ASP A 91 -10.65 4.19 -2.23
N TYR A 92 -9.42 4.29 -1.72
CA TYR A 92 -8.76 5.58 -1.49
C TYR A 92 -8.70 6.46 -2.72
N ILE A 93 -8.27 5.91 -3.85
CA ILE A 93 -8.15 6.72 -5.07
C ILE A 93 -9.51 7.20 -5.57
N GLN A 94 -10.55 6.39 -5.34
CA GLN A 94 -11.90 6.78 -5.69
C GLN A 94 -12.32 7.97 -4.87
N GLU A 95 -12.03 7.91 -3.58
CA GLU A 95 -12.30 8.99 -2.65
C GLU A 95 -11.59 10.27 -3.05
N GLN A 96 -10.36 10.16 -3.49
CA GLN A 96 -9.56 11.32 -3.86
C GLN A 96 -10.00 11.90 -5.20
N GLY A 97 -10.79 11.15 -5.94
CA GLY A 97 -11.27 11.60 -7.23
C GLY A 97 -10.23 11.44 -8.31
N TRP A 98 -9.37 10.47 -8.15
CA TRP A 98 -8.32 10.22 -9.12
C TRP A 98 -8.68 9.01 -9.94
N GLN A 99 -8.12 8.89 -11.12
CA GLN A 99 -8.37 7.74 -11.93
C GLN A 99 -7.07 7.14 -12.39
N THR A 100 -7.14 5.94 -12.89
CA THR A 100 -5.98 5.25 -13.37
C THR A 100 -6.46 4.23 -14.40
N TYR A 101 -5.55 3.52 -15.02
CA TYR A 101 -5.90 2.57 -16.05
C TYR A 101 -5.50 1.18 -15.64
N GLY A 102 -6.46 0.31 -15.55
CA GLY A 102 -6.23 -1.02 -15.07
C GLY A 102 -6.87 -1.14 -13.71
N ASP A 103 -6.35 -1.98 -12.86
CA ASP A 103 -6.85 -2.04 -11.50
C ASP A 103 -5.69 -1.90 -10.55
N VAL A 104 -5.98 -1.59 -9.31
CA VAL A 104 -4.95 -1.36 -8.34
C VAL A 104 -4.38 -2.67 -7.83
N VAL A 105 -3.09 -2.83 -7.99
CA VAL A 105 -2.39 -3.98 -7.54
C VAL A 105 -1.26 -3.56 -6.61
N VAL A 106 -1.31 -4.05 -5.41
CA VAL A 106 -0.29 -3.77 -4.42
C VAL A 106 0.36 -5.09 -4.09
N ARG A 107 1.67 -5.15 -4.16
CA ARG A 107 2.36 -6.36 -3.79
C ARG A 107 3.33 -6.07 -2.69
N PHE A 108 3.60 -7.08 -1.90
CA PHE A 108 4.58 -6.99 -0.85
C PHE A 108 5.67 -8.00 -1.14
N GLU A 109 6.84 -7.52 -1.41
CA GLU A 109 7.93 -8.41 -1.72
C GLU A 109 9.13 -8.19 -0.82
N GLN A 110 10.08 -9.08 -0.92
CA GLN A 110 11.25 -9.07 -0.08
C GLN A 110 12.48 -8.67 -0.89
N SER A 111 13.47 -8.24 -0.19
CA SER A 111 14.76 -7.95 -0.74
C SER A 111 15.80 -8.12 0.33
N SER A 112 16.92 -8.71 -0.03
CA SER A 112 18.05 -8.86 0.86
C SER A 112 18.82 -7.53 0.87
N ASN A 113 18.56 -6.74 -0.17
CA ASN A 113 19.10 -5.39 -0.36
C ASN A 113 18.59 -4.46 0.74
N LEU A 114 17.44 -4.77 1.26
CA LEU A 114 16.86 -3.99 2.31
C LEU A 114 17.10 -4.67 3.62
N HIS A 115 17.62 -3.92 4.54
CA HIS A 115 17.90 -4.44 5.84
C HIS A 115 16.68 -4.28 6.73
N THR A 116 16.68 -5.00 7.83
CA THR A 116 15.59 -5.01 8.78
C THR A 116 15.23 -3.58 9.26
N GLY A 117 13.99 -3.20 9.07
CA GLY A 117 13.52 -1.90 9.46
C GLY A 117 13.28 -1.02 8.26
N GLN A 118 13.91 -1.38 7.16
CA GLN A 118 13.81 -0.61 5.94
C GLN A 118 12.82 -1.22 4.98
N PHE A 119 12.08 -0.37 4.35
CA PHE A 119 11.12 -0.76 3.38
C PHE A 119 11.04 0.35 2.35
N ARG A 120 10.54 0.05 1.21
CA ARG A 120 10.39 1.05 0.18
C ARG A 120 9.06 0.85 -0.47
N ALA A 121 8.47 1.92 -0.87
CA ALA A 121 7.22 1.90 -1.52
C ALA A 121 7.40 2.37 -2.94
N ARG A 122 6.60 1.87 -3.83
CA ARG A 122 6.66 2.28 -5.21
C ARG A 122 5.29 2.36 -5.80
N GLY A 123 4.96 3.49 -6.33
CA GLY A 123 3.69 3.65 -6.98
C GLY A 123 3.89 4.00 -8.42
N THR A 124 3.76 3.05 -9.28
CA THR A 124 3.97 3.26 -10.67
C THR A 124 2.63 3.12 -11.43
N VAL A 125 2.49 3.87 -12.48
CA VAL A 125 1.35 3.76 -13.33
C VAL A 125 1.61 2.68 -14.36
N ASN A 126 0.87 1.63 -14.28
CA ASN A 126 0.98 0.57 -15.22
C ASN A 126 -0.39 0.30 -15.79
N PRO A 127 -0.68 0.82 -16.99
CA PRO A 127 -1.98 0.65 -17.59
C PRO A 127 -2.18 -0.78 -18.10
N ASP A 128 -1.08 -1.48 -18.27
CA ASP A 128 -1.14 -2.81 -18.79
C ASP A 128 -1.15 -3.81 -17.67
N VAL A 129 -2.22 -3.78 -16.96
CA VAL A 129 -2.49 -4.71 -15.92
C VAL A 129 -3.93 -5.15 -16.03
N GLU A 130 -4.10 -6.37 -16.41
CA GLU A 130 -5.40 -6.91 -16.57
C GLU A 130 -5.79 -7.59 -15.28
N THR A 131 -6.96 -7.29 -14.83
CA THR A 131 -7.42 -7.74 -13.55
C THR A 131 -7.90 -9.20 -13.62
N HIS A 132 -8.34 -9.71 -12.51
CA HIS A 132 -8.84 -11.04 -12.44
C HIS A 132 -10.29 -11.02 -12.05
N MET A 1 1.76 25.46 11.04
CA MET A 1 0.79 26.53 11.28
C MET A 1 -0.32 26.01 12.14
N GLY A 2 -1.09 26.88 12.70
CA GLY A 2 -2.18 26.47 13.52
C GLY A 2 -3.30 27.43 13.40
N SER A 3 -4.48 26.92 13.50
CA SER A 3 -5.65 27.72 13.43
C SER A 3 -5.99 28.22 14.83
N GLN A 4 -6.70 29.32 14.91
CA GLN A 4 -7.10 29.83 16.19
C GLN A 4 -8.51 29.36 16.49
N LYS A 5 -9.30 29.22 15.44
CA LYS A 5 -10.62 28.65 15.55
C LYS A 5 -10.47 27.13 15.62
N ARG A 6 -10.71 26.58 16.78
CA ARG A 6 -10.49 25.17 17.00
C ARG A 6 -11.71 24.36 16.65
N LEU A 7 -11.62 23.65 15.55
CA LEU A 7 -12.68 22.78 15.11
C LEU A 7 -12.11 21.42 14.77
N VAL A 8 -12.56 20.43 15.46
CA VAL A 8 -12.15 19.07 15.20
C VAL A 8 -13.18 18.41 14.28
N GLN A 9 -12.71 17.78 13.25
CA GLN A 9 -13.56 17.15 12.26
C GLN A 9 -13.48 15.64 12.39
N ARG A 10 -14.46 15.06 13.03
CA ARG A 10 -14.50 13.62 13.21
C ARG A 10 -15.08 12.96 11.97
N VAL A 11 -14.36 12.05 11.41
CA VAL A 11 -14.82 11.41 10.22
C VAL A 11 -15.37 10.02 10.55
N GLU A 12 -16.49 9.70 9.97
CA GLU A 12 -17.08 8.40 10.14
C GLU A 12 -16.63 7.53 8.98
N ARG A 13 -15.89 6.50 9.26
CA ARG A 13 -15.44 5.59 8.23
C ARG A 13 -15.47 4.18 8.76
N LYS A 14 -15.87 3.25 7.94
CA LYS A 14 -15.83 1.84 8.29
C LYS A 14 -14.59 1.25 7.67
N LEU A 15 -13.78 0.61 8.46
CA LEU A 15 -12.53 0.09 7.96
C LEU A 15 -12.65 -1.35 7.51
N GLU A 16 -12.70 -2.26 8.46
CA GLU A 16 -12.73 -3.68 8.20
C GLU A 16 -13.16 -4.42 9.44
N GLN A 17 -13.23 -5.73 9.36
CA GLN A 17 -13.49 -6.51 10.52
C GLN A 17 -12.18 -7.04 11.01
N THR A 18 -11.68 -6.37 12.00
CA THR A 18 -10.36 -6.58 12.53
C THR A 18 -10.10 -8.02 13.02
N VAL A 19 -9.07 -8.60 12.48
CA VAL A 19 -8.61 -9.91 12.89
C VAL A 19 -7.39 -9.67 13.77
N GLY A 20 -7.57 -9.81 15.07
CA GLY A 20 -6.52 -9.46 16.00
C GLY A 20 -5.46 -10.51 16.19
N ASP A 21 -5.82 -11.56 16.93
CA ASP A 21 -4.89 -12.65 17.36
C ASP A 21 -3.97 -13.16 16.28
N ALA A 22 -4.52 -13.43 15.12
CA ALA A 22 -3.77 -13.95 13.99
C ALA A 22 -2.59 -13.06 13.63
N PHE A 23 -2.90 -11.83 13.31
CA PHE A 23 -1.88 -10.87 12.92
C PHE A 23 -1.00 -10.50 14.10
N ALA A 24 -1.60 -10.41 15.28
CA ALA A 24 -0.90 -10.06 16.51
C ALA A 24 0.25 -11.01 16.79
N ARG A 25 -0.01 -12.29 16.65
CA ARG A 25 1.02 -13.27 16.90
C ARG A 25 2.05 -13.34 15.78
N ILE A 26 1.62 -13.17 14.54
CA ILE A 26 2.57 -13.22 13.42
C ILE A 26 3.48 -11.98 13.41
N PHE A 27 2.88 -10.82 13.63
CA PHE A 27 3.63 -9.56 13.66
C PHE A 27 4.38 -9.34 14.95
N GLY A 28 4.03 -10.10 15.97
CA GLY A 28 4.70 -9.98 17.25
C GLY A 28 4.24 -8.76 18.00
N GLY A 29 2.98 -8.44 17.85
CA GLY A 29 2.39 -7.30 18.54
C GLY A 29 2.50 -6.02 17.76
N SER A 30 3.52 -5.92 16.95
CA SER A 30 3.75 -4.73 16.20
C SER A 30 3.08 -4.85 14.83
N ILE A 31 1.80 -4.55 14.80
CA ILE A 31 1.03 -4.56 13.59
C ILE A 31 0.88 -3.13 13.16
N VAL A 32 1.52 -2.73 12.09
CA VAL A 32 1.39 -1.35 11.67
C VAL A 32 0.80 -1.20 10.26
N PRO A 33 -0.53 -1.15 10.15
CA PRO A 33 -1.20 -0.89 8.89
C PRO A 33 -1.10 0.59 8.52
N GLN A 34 -1.28 1.46 9.55
CA GLN A 34 -1.25 2.93 9.42
C GLN A 34 -0.03 3.39 8.66
N GLU A 35 1.13 2.92 9.12
CA GLU A 35 2.42 3.33 8.60
C GLU A 35 2.49 3.06 7.09
N VAL A 36 2.08 1.86 6.72
CA VAL A 36 2.11 1.45 5.35
C VAL A 36 1.07 2.22 4.53
N GLU A 37 -0.17 2.25 5.01
CA GLU A 37 -1.25 2.87 4.25
C GLU A 37 -1.06 4.37 4.07
N ALA A 38 -0.55 5.04 5.09
CA ALA A 38 -0.32 6.47 5.04
C ALA A 38 0.75 6.80 4.02
N LEU A 39 1.80 6.01 4.00
CA LEU A 39 2.88 6.23 3.06
C LEU A 39 2.39 5.82 1.66
N LEU A 40 1.61 4.76 1.60
CA LEU A 40 1.08 4.21 0.37
C LEU A 40 0.19 5.25 -0.35
N ARG A 41 -0.67 5.93 0.39
CA ARG A 41 -1.50 7.00 -0.21
C ARG A 41 -0.68 8.25 -0.48
N ARG A 42 0.45 8.39 0.20
CA ARG A 42 1.36 9.49 -0.07
C ARG A 42 2.09 9.22 -1.39
N GLU A 43 2.29 7.96 -1.69
CA GLU A 43 2.85 7.52 -2.95
C GLU A 43 1.86 7.78 -4.07
N ALA A 44 0.59 7.57 -3.76
CA ALA A 44 -0.48 7.85 -4.68
C ALA A 44 -0.47 9.33 -5.05
N ALA A 45 -0.35 10.17 -4.04
CA ALA A 45 -0.29 11.62 -4.23
C ALA A 45 1.00 12.04 -4.95
N ASP A 46 2.01 11.20 -4.86
CA ASP A 46 3.30 11.51 -5.48
C ASP A 46 3.27 11.27 -6.98
N GLY A 47 2.66 10.18 -7.39
CA GLY A 47 2.67 9.82 -8.79
C GLY A 47 1.47 10.33 -9.57
N ILE A 48 0.88 11.41 -9.10
CA ILE A 48 -0.26 12.03 -9.76
C ILE A 48 0.14 12.64 -11.10
N GLN A 49 -0.70 12.43 -12.08
CA GLN A 49 -0.49 12.98 -13.40
C GLN A 49 -1.68 13.81 -13.80
N SER A 50 -1.41 14.86 -14.49
CA SER A 50 -2.39 15.80 -14.93
C SER A 50 -3.13 15.29 -16.17
N LEU A 51 -4.24 14.62 -15.95
CA LEU A 51 -5.08 14.15 -17.04
C LEU A 51 -6.26 15.13 -17.09
N GLN A 52 -7.36 14.79 -17.79
CA GLN A 52 -8.54 15.66 -17.86
C GLN A 52 -8.98 16.15 -16.50
N GLY A 53 -9.50 17.35 -16.48
CA GLY A 53 -9.86 18.05 -15.25
C GLY A 53 -11.13 17.55 -14.62
N ASN A 54 -11.36 16.28 -14.77
CA ASN A 54 -12.47 15.60 -14.18
C ASN A 54 -11.96 14.91 -12.96
N ARG A 55 -10.72 14.40 -13.08
CA ARG A 55 -10.03 13.68 -12.03
C ARG A 55 -8.58 13.41 -12.45
N LEU A 56 -7.70 13.35 -11.48
CA LEU A 56 -6.26 13.22 -11.73
C LEU A 56 -5.87 11.76 -11.79
N LEU A 57 -4.82 11.48 -12.53
CA LEU A 57 -4.36 10.13 -12.76
C LEU A 57 -3.42 9.76 -11.62
N ALA A 58 -3.68 8.65 -10.99
CA ALA A 58 -2.91 8.20 -9.83
C ALA A 58 -2.22 6.86 -10.13
N PRO A 59 -1.15 6.54 -9.37
CA PRO A 59 -0.45 5.26 -9.46
C PRO A 59 -1.34 4.04 -9.27
N ASN A 60 -1.02 2.99 -9.97
CA ASN A 60 -1.72 1.72 -9.84
C ASN A 60 -0.76 0.62 -9.40
N GLU A 61 0.52 0.83 -9.68
CA GLU A 61 1.53 -0.15 -9.36
C GLU A 61 2.34 0.31 -8.16
N TYR A 62 2.13 -0.33 -7.06
CA TYR A 62 2.84 -0.01 -5.84
C TYR A 62 3.72 -1.15 -5.47
N ILE A 63 4.98 -0.90 -5.44
CA ILE A 63 5.93 -1.91 -5.06
C ILE A 63 6.28 -1.71 -3.62
N ILE A 64 5.94 -2.68 -2.82
CA ILE A 64 6.21 -2.64 -1.42
C ILE A 64 7.27 -3.68 -1.12
N THR A 65 8.44 -3.21 -0.83
CA THR A 65 9.55 -4.08 -0.62
C THR A 65 9.97 -4.10 0.85
N LEU A 66 9.92 -5.25 1.43
CA LEU A 66 10.39 -5.48 2.77
C LEU A 66 11.59 -6.40 2.73
N GLY A 67 12.34 -6.46 3.79
CA GLY A 67 13.42 -7.39 3.86
C GLY A 67 12.88 -8.73 4.26
N VAL A 68 13.68 -9.76 4.18
CA VAL A 68 13.22 -11.12 4.50
C VAL A 68 12.85 -11.24 6.00
N HIS A 69 13.48 -10.39 6.78
CA HIS A 69 13.20 -10.25 8.19
C HIS A 69 11.72 -9.88 8.40
N ASP A 70 11.31 -8.82 7.76
CA ASP A 70 9.97 -8.28 7.94
C ASP A 70 8.95 -9.06 7.16
N PHE A 71 9.38 -9.63 6.05
CA PHE A 71 8.50 -10.42 5.22
C PHE A 71 8.02 -11.65 6.00
N GLU A 72 8.87 -12.17 6.88
CA GLU A 72 8.55 -13.26 7.72
C GLU A 72 7.36 -12.90 8.64
N LYS A 73 7.30 -11.64 9.06
CA LYS A 73 6.24 -11.17 9.94
C LYS A 73 5.00 -10.82 9.14
N LEU A 74 5.15 -10.70 7.83
CA LEU A 74 3.99 -10.54 6.94
C LEU A 74 3.38 -11.91 6.69
N GLY A 75 4.20 -12.92 6.83
CA GLY A 75 3.77 -14.26 6.67
C GLY A 75 4.09 -14.80 5.30
N ALA A 76 3.68 -16.02 5.06
CA ALA A 76 3.90 -16.69 3.79
C ALA A 76 2.89 -16.24 2.72
N ASP A 77 2.01 -15.32 3.09
CA ASP A 77 1.00 -14.83 2.16
C ASP A 77 1.26 -13.40 1.74
N PRO A 78 1.96 -13.19 0.63
CA PRO A 78 2.15 -11.85 0.10
C PRO A 78 0.89 -11.35 -0.60
N GLU A 79 0.19 -12.25 -1.29
CA GLU A 79 -0.99 -11.91 -2.07
C GLU A 79 -2.16 -11.54 -1.19
N LEU A 80 -2.27 -12.19 -0.05
CA LEU A 80 -3.33 -11.88 0.90
C LEU A 80 -3.20 -10.42 1.37
N LYS A 81 -1.97 -9.99 1.55
CA LYS A 81 -1.71 -8.63 2.01
C LYS A 81 -1.89 -7.67 0.84
N SER A 82 -1.50 -8.15 -0.34
CA SER A 82 -1.61 -7.44 -1.59
C SER A 82 -3.07 -7.06 -1.85
N THR A 83 -3.93 -8.06 -1.82
CA THR A 83 -5.34 -7.89 -2.08
C THR A 83 -5.98 -6.90 -1.08
N GLY A 84 -5.59 -7.02 0.19
CA GLY A 84 -6.11 -6.14 1.22
C GLY A 84 -5.71 -4.70 0.98
N PHE A 85 -4.41 -4.43 0.98
CA PHE A 85 -3.91 -3.08 0.79
C PHE A 85 -4.28 -2.49 -0.57
N ALA A 86 -4.40 -3.32 -1.59
CA ALA A 86 -4.77 -2.84 -2.92
C ALA A 86 -6.17 -2.31 -2.91
N ARG A 87 -7.07 -3.00 -2.21
CA ARG A 87 -8.45 -2.58 -2.19
C ARG A 87 -8.59 -1.33 -1.30
N ASP A 88 -7.82 -1.29 -0.22
CA ASP A 88 -7.81 -0.11 0.63
C ASP A 88 -7.24 1.09 -0.10
N LEU A 89 -6.19 0.88 -0.88
CA LEU A 89 -5.59 1.93 -1.68
C LEU A 89 -6.57 2.37 -2.77
N ALA A 90 -7.25 1.41 -3.40
CA ALA A 90 -8.26 1.69 -4.41
C ALA A 90 -9.37 2.55 -3.81
N ASP A 91 -9.71 2.25 -2.57
CA ASP A 91 -10.72 2.99 -1.82
C ASP A 91 -10.24 4.42 -1.60
N TYR A 92 -8.97 4.56 -1.23
CA TYR A 92 -8.34 5.87 -1.07
C TYR A 92 -8.38 6.70 -2.31
N ILE A 93 -7.99 6.12 -3.45
CA ILE A 93 -7.98 6.89 -4.67
C ILE A 93 -9.39 7.30 -5.09
N GLN A 94 -10.39 6.48 -4.73
CA GLN A 94 -11.78 6.83 -4.96
C GLN A 94 -12.16 8.05 -4.12
N GLU A 95 -11.73 8.05 -2.86
CA GLU A 95 -11.99 9.15 -1.94
C GLU A 95 -11.32 10.42 -2.41
N GLN A 96 -10.13 10.28 -2.95
CA GLN A 96 -9.37 11.42 -3.43
C GLN A 96 -9.86 11.87 -4.80
N GLY A 97 -10.64 11.04 -5.43
CA GLY A 97 -11.18 11.38 -6.71
C GLY A 97 -10.16 11.23 -7.81
N TRP A 98 -9.34 10.22 -7.72
CA TRP A 98 -8.34 9.95 -8.73
C TRP A 98 -8.71 8.75 -9.58
N GLN A 99 -8.15 8.69 -10.77
CA GLN A 99 -8.37 7.61 -11.71
C GLN A 99 -7.05 6.97 -12.07
N THR A 100 -7.06 5.88 -12.82
CA THR A 100 -5.81 5.25 -13.20
C THR A 100 -6.03 4.35 -14.44
N TYR A 101 -4.96 3.74 -14.92
CA TYR A 101 -4.98 2.83 -16.05
C TYR A 101 -4.38 1.51 -15.62
N GLY A 102 -5.14 0.47 -15.72
CA GLY A 102 -4.70 -0.81 -15.26
C GLY A 102 -5.45 -1.17 -14.02
N ASP A 103 -4.99 -2.13 -13.30
CA ASP A 103 -5.62 -2.49 -12.06
C ASP A 103 -4.76 -1.95 -10.94
N VAL A 104 -5.32 -1.74 -9.79
CA VAL A 104 -4.60 -1.21 -8.66
C VAL A 104 -3.99 -2.37 -7.90
N VAL A 105 -2.72 -2.57 -8.06
CA VAL A 105 -2.05 -3.67 -7.45
C VAL A 105 -0.87 -3.20 -6.62
N VAL A 106 -0.91 -3.52 -5.36
CA VAL A 106 0.17 -3.24 -4.51
C VAL A 106 0.85 -4.58 -4.25
N ARG A 107 2.07 -4.69 -4.60
CA ARG A 107 2.73 -5.96 -4.49
C ARG A 107 3.87 -5.96 -3.53
N PHE A 108 3.78 -6.88 -2.59
CA PHE A 108 4.75 -7.05 -1.55
C PHE A 108 5.77 -8.07 -2.00
N GLU A 109 7.00 -7.82 -1.70
CA GLU A 109 8.07 -8.72 -2.03
C GLU A 109 9.22 -8.48 -1.09
N GLN A 110 10.09 -9.43 -1.00
CA GLN A 110 11.26 -9.31 -0.20
C GLN A 110 12.45 -9.05 -1.07
N SER A 111 13.44 -8.49 -0.49
CA SER A 111 14.66 -8.25 -1.12
C SER A 111 15.78 -8.44 -0.10
N SER A 112 16.81 -9.16 -0.48
CA SER A 112 17.94 -9.39 0.40
C SER A 112 18.89 -8.18 0.36
N ASN A 113 18.65 -7.30 -0.59
CA ASN A 113 19.41 -6.07 -0.73
C ASN A 113 18.77 -4.98 0.11
N LEU A 114 17.65 -5.30 0.69
CA LEU A 114 16.89 -4.43 1.54
C LEU A 114 17.40 -4.68 2.95
N HIS A 115 17.91 -3.65 3.57
CA HIS A 115 18.52 -3.78 4.88
C HIS A 115 17.48 -3.60 5.98
N THR A 116 17.72 -4.20 7.11
CA THR A 116 16.82 -4.18 8.23
C THR A 116 16.64 -2.76 8.78
N GLY A 117 15.42 -2.39 9.02
CA GLY A 117 15.10 -1.08 9.49
C GLY A 117 14.48 -0.27 8.40
N GLN A 118 14.63 -0.74 7.19
CA GLN A 118 14.14 -0.09 6.04
C GLN A 118 12.92 -0.85 5.52
N PHE A 119 12.03 -0.13 4.90
CA PHE A 119 10.90 -0.68 4.20
C PHE A 119 10.60 0.27 3.08
N ARG A 120 10.05 -0.22 2.01
CA ARG A 120 9.84 0.61 0.86
C ARG A 120 8.48 0.45 0.27
N ALA A 121 7.96 1.53 -0.21
CA ALA A 121 6.74 1.56 -0.96
C ALA A 121 6.90 2.61 -2.01
N ARG A 122 6.81 2.22 -3.24
CA ARG A 122 6.93 3.07 -4.33
C ARG A 122 5.65 3.03 -5.15
N GLY A 123 5.02 4.15 -5.29
CA GLY A 123 3.83 4.25 -6.08
C GLY A 123 4.08 4.87 -7.43
N THR A 124 3.76 4.12 -8.45
CA THR A 124 3.94 4.53 -9.82
C THR A 124 2.76 4.04 -10.65
N VAL A 125 2.39 4.75 -11.66
CA VAL A 125 1.37 4.25 -12.54
C VAL A 125 2.00 3.56 -13.74
N ASN A 126 1.69 2.34 -13.88
CA ASN A 126 2.19 1.53 -14.92
C ASN A 126 1.02 0.91 -15.65
N PRO A 127 0.61 1.49 -16.79
CA PRO A 127 -0.48 0.94 -17.61
C PRO A 127 0.03 -0.25 -18.41
N ASP A 128 1.33 -0.34 -18.48
CA ASP A 128 2.03 -1.37 -19.22
C ASP A 128 2.25 -2.58 -18.35
N VAL A 129 1.44 -2.69 -17.33
CA VAL A 129 1.53 -3.76 -16.40
C VAL A 129 0.88 -4.98 -17.00
N GLU A 130 1.69 -5.93 -17.30
CA GLU A 130 1.24 -7.15 -17.88
C GLU A 130 0.83 -8.13 -16.80
N THR A 131 -0.23 -8.81 -17.04
CA THR A 131 -0.73 -9.80 -16.15
C THR A 131 -1.28 -10.94 -16.99
N HIS A 132 -1.19 -12.15 -16.51
CA HIS A 132 -1.59 -13.29 -17.28
C HIS A 132 -2.56 -14.15 -16.48
N MET A 1 29.09 14.66 6.50
CA MET A 1 28.11 14.74 5.43
C MET A 1 27.75 13.35 4.94
N GLY A 2 26.49 13.12 4.69
CA GLY A 2 26.05 11.87 4.18
C GLY A 2 24.57 11.85 4.09
N SER A 3 24.02 10.82 3.52
CA SER A 3 22.60 10.68 3.46
C SER A 3 22.14 10.10 4.78
N GLN A 4 21.84 10.99 5.70
CA GLN A 4 21.46 10.61 7.03
C GLN A 4 20.07 10.00 7.03
N LYS A 5 20.02 8.71 7.15
CA LYS A 5 18.77 8.03 7.22
C LYS A 5 18.55 7.49 8.62
N ARG A 6 17.35 7.60 9.09
CA ARG A 6 17.03 7.18 10.43
C ARG A 6 15.75 6.39 10.38
N LEU A 7 15.74 5.26 11.05
CA LEU A 7 14.57 4.43 11.08
C LEU A 7 13.66 4.89 12.18
N VAL A 8 12.64 5.60 11.82
CA VAL A 8 11.65 6.03 12.78
C VAL A 8 10.57 4.99 12.89
N GLN A 9 10.83 4.04 13.76
CA GLN A 9 9.96 2.92 13.93
C GLN A 9 8.80 3.27 14.81
N ARG A 10 7.68 2.77 14.44
CA ARG A 10 6.45 3.06 15.10
C ARG A 10 5.65 1.78 15.28
N VAL A 11 5.37 1.46 16.51
CA VAL A 11 4.59 0.31 16.84
C VAL A 11 3.12 0.69 16.79
N GLU A 12 2.46 0.25 15.76
CA GLU A 12 1.11 0.63 15.53
C GLU A 12 0.14 -0.07 16.44
N ARG A 13 -0.18 0.63 17.47
CA ARG A 13 -1.17 0.22 18.38
C ARG A 13 -2.41 0.96 18.06
N LYS A 14 -3.06 0.50 17.04
CA LYS A 14 -4.28 1.06 16.60
C LYS A 14 -5.36 0.41 17.44
N LEU A 15 -5.83 1.11 18.44
CA LEU A 15 -6.84 0.56 19.32
C LEU A 15 -8.18 0.55 18.61
N GLU A 16 -8.50 -0.54 18.04
CA GLU A 16 -9.68 -0.73 17.27
C GLU A 16 -9.89 -2.21 17.14
N GLN A 17 -11.13 -2.65 17.09
CA GLN A 17 -11.43 -4.07 16.97
C GLN A 17 -11.13 -4.52 15.56
N THR A 18 -9.89 -4.84 15.33
CA THR A 18 -9.41 -5.21 14.07
C THR A 18 -9.27 -6.72 14.01
N VAL A 19 -9.90 -7.32 13.06
CA VAL A 19 -9.81 -8.74 12.89
C VAL A 19 -8.58 -9.01 12.04
N GLY A 20 -7.48 -9.15 12.70
CA GLY A 20 -6.22 -9.36 12.06
C GLY A 20 -5.13 -9.49 13.08
N ASP A 21 -5.41 -10.26 14.11
CA ASP A 21 -4.48 -10.47 15.22
C ASP A 21 -3.34 -11.38 14.80
N ALA A 22 -3.45 -11.94 13.60
CA ALA A 22 -2.39 -12.74 13.02
C ALA A 22 -1.15 -11.87 12.80
N PHE A 23 -1.39 -10.66 12.44
CA PHE A 23 -0.32 -9.74 12.22
C PHE A 23 0.29 -9.33 13.55
N ALA A 24 -0.56 -9.24 14.57
CA ALA A 24 -0.10 -8.91 15.92
C ALA A 24 0.79 -10.01 16.47
N ARG A 25 0.42 -11.27 16.23
CA ARG A 25 1.21 -12.39 16.71
C ARG A 25 2.56 -12.47 15.99
N ILE A 26 2.64 -11.94 14.78
CA ILE A 26 3.89 -11.93 14.04
C ILE A 26 4.74 -10.69 14.40
N PHE A 27 4.15 -9.50 14.33
CA PHE A 27 4.87 -8.25 14.62
C PHE A 27 5.21 -8.08 16.09
N GLY A 28 4.41 -8.65 16.96
CA GLY A 28 4.69 -8.60 18.36
C GLY A 28 3.82 -7.61 19.08
N GLY A 29 4.09 -6.34 18.90
CA GLY A 29 3.33 -5.31 19.57
C GLY A 29 2.34 -4.64 18.64
N SER A 30 2.75 -4.49 17.40
CA SER A 30 1.90 -3.89 16.41
C SER A 30 0.88 -4.90 15.92
N ILE A 31 -0.33 -4.45 15.74
CA ILE A 31 -1.39 -5.33 15.26
C ILE A 31 -1.59 -5.14 13.76
N VAL A 32 -1.38 -3.93 13.31
CA VAL A 32 -1.54 -3.62 11.92
C VAL A 32 -0.43 -2.67 11.50
N PRO A 33 0.43 -3.06 10.55
CA PRO A 33 1.47 -2.17 10.07
C PRO A 33 0.85 -1.00 9.31
N GLN A 34 0.67 0.09 10.00
CA GLN A 34 0.01 1.23 9.44
C GLN A 34 1.02 2.17 8.80
N GLU A 35 2.30 1.83 8.94
CA GLU A 35 3.35 2.56 8.24
C GLU A 35 3.10 2.42 6.74
N VAL A 36 2.55 1.26 6.39
CA VAL A 36 2.21 0.93 5.03
C VAL A 36 1.16 1.92 4.52
N GLU A 37 0.07 2.13 5.29
CA GLU A 37 -0.97 3.08 4.87
C GLU A 37 -0.38 4.46 4.65
N ALA A 38 0.43 4.91 5.61
CA ALA A 38 1.05 6.23 5.58
C ALA A 38 1.83 6.45 4.29
N LEU A 39 2.76 5.55 3.99
CA LEU A 39 3.59 5.67 2.81
C LEU A 39 2.80 5.43 1.53
N LEU A 40 1.76 4.63 1.60
CA LEU A 40 0.91 4.38 0.44
C LEU A 40 0.08 5.60 0.06
N ARG A 41 -0.43 6.30 1.08
CA ARG A 41 -1.20 7.52 0.83
C ARG A 41 -0.24 8.57 0.24
N ARG A 42 0.99 8.49 0.70
CA ARG A 42 2.06 9.36 0.24
C ARG A 42 2.39 9.02 -1.24
N GLU A 43 2.58 7.73 -1.53
CA GLU A 43 2.90 7.26 -2.89
C GLU A 43 1.81 7.59 -3.86
N ALA A 44 0.58 7.48 -3.42
CA ALA A 44 -0.56 7.80 -4.24
C ALA A 44 -0.48 9.26 -4.70
N ALA A 45 -0.16 10.15 -3.78
CA ALA A 45 0.00 11.58 -4.09
C ALA A 45 1.30 11.84 -4.86
N ASP A 46 2.32 11.06 -4.53
CA ASP A 46 3.65 11.17 -5.15
C ASP A 46 3.62 10.78 -6.61
N GLY A 47 2.76 9.85 -6.94
CA GLY A 47 2.66 9.37 -8.29
C GLY A 47 1.59 10.08 -9.10
N ILE A 48 0.99 11.11 -8.52
CA ILE A 48 -0.04 11.88 -9.18
C ILE A 48 0.49 12.61 -10.41
N GLN A 49 -0.24 12.47 -11.48
CA GLN A 49 0.12 13.10 -12.71
C GLN A 49 -0.98 14.03 -13.14
N SER A 50 -0.57 15.10 -13.73
CA SER A 50 -1.48 16.09 -14.20
C SER A 50 -2.07 15.67 -15.53
N LEU A 51 -3.24 15.12 -15.45
CA LEU A 51 -3.96 14.65 -16.60
C LEU A 51 -5.02 15.70 -16.94
N GLN A 52 -5.97 15.35 -17.75
CA GLN A 52 -7.06 16.23 -18.14
C GLN A 52 -7.82 16.73 -16.92
N GLY A 53 -8.55 17.81 -17.12
CA GLY A 53 -9.23 18.50 -16.06
C GLY A 53 -10.42 17.75 -15.47
N ASN A 54 -10.61 16.54 -15.93
CA ASN A 54 -11.65 15.69 -15.41
C ASN A 54 -11.24 15.25 -14.01
N ARG A 55 -9.97 14.82 -13.90
CA ARG A 55 -9.39 14.33 -12.64
C ARG A 55 -7.93 13.94 -12.85
N LEU A 56 -7.21 13.74 -11.76
CA LEU A 56 -5.77 13.46 -11.81
C LEU A 56 -5.49 11.98 -11.90
N LEU A 57 -4.37 11.67 -12.49
CA LEU A 57 -3.97 10.30 -12.74
C LEU A 57 -3.14 9.84 -11.55
N ALA A 58 -3.50 8.70 -11.00
CA ALA A 58 -2.82 8.11 -9.88
C ALA A 58 -2.26 6.75 -10.29
N PRO A 59 -1.22 6.24 -9.58
CA PRO A 59 -0.64 4.92 -9.86
C PRO A 59 -1.65 3.79 -9.69
N ASN A 60 -1.38 2.67 -10.33
CA ASN A 60 -2.24 1.51 -10.24
C ASN A 60 -1.49 0.33 -9.67
N GLU A 61 -0.20 0.24 -9.95
CA GLU A 61 0.61 -0.81 -9.41
C GLU A 61 1.46 -0.27 -8.29
N TYR A 62 1.21 -0.74 -7.11
CA TYR A 62 1.92 -0.31 -5.95
C TYR A 62 2.81 -1.42 -5.45
N ILE A 63 4.07 -1.15 -5.43
CA ILE A 63 5.05 -2.11 -5.06
C ILE A 63 5.64 -1.74 -3.71
N ILE A 64 5.48 -2.60 -2.73
CA ILE A 64 6.08 -2.38 -1.44
C ILE A 64 7.16 -3.40 -1.25
N THR A 65 8.35 -2.94 -1.07
CA THR A 65 9.47 -3.79 -0.93
C THR A 65 9.97 -3.74 0.52
N LEU A 66 10.13 -4.90 1.09
CA LEU A 66 10.65 -5.08 2.45
C LEU A 66 11.96 -5.84 2.39
N GLY A 67 12.64 -5.90 3.51
CA GLY A 67 13.83 -6.70 3.61
C GLY A 67 13.45 -8.16 3.76
N VAL A 68 14.40 -9.05 3.64
CA VAL A 68 14.14 -10.51 3.72
C VAL A 68 13.49 -10.89 5.07
N HIS A 69 14.06 -10.39 6.15
CA HIS A 69 13.58 -10.67 7.52
C HIS A 69 12.20 -10.05 7.70
N ASP A 70 12.06 -8.87 7.16
CA ASP A 70 10.86 -8.06 7.25
C ASP A 70 9.72 -8.67 6.46
N PHE A 71 10.05 -9.33 5.35
CA PHE A 71 9.09 -10.02 4.53
C PHE A 71 8.49 -11.19 5.34
N GLU A 72 9.33 -11.82 6.15
CA GLU A 72 8.86 -12.84 7.06
C GLU A 72 7.98 -12.25 8.16
N LYS A 73 8.17 -10.99 8.47
CA LYS A 73 7.36 -10.31 9.46
C LYS A 73 6.00 -9.95 8.88
N LEU A 74 5.93 -9.85 7.56
CA LEU A 74 4.68 -9.60 6.87
C LEU A 74 3.81 -10.83 6.96
N GLY A 75 4.43 -11.99 6.85
CA GLY A 75 3.71 -13.22 7.00
C GLY A 75 4.30 -14.32 6.17
N ALA A 76 3.63 -15.43 6.10
CA ALA A 76 4.06 -16.55 5.30
C ALA A 76 3.51 -16.40 3.90
N ASP A 77 2.34 -15.79 3.83
CA ASP A 77 1.69 -15.51 2.57
C ASP A 77 1.21 -14.05 2.54
N PRO A 78 2.13 -13.12 2.21
CA PRO A 78 1.83 -11.68 2.18
C PRO A 78 0.87 -11.31 1.06
N GLU A 79 0.74 -12.20 0.08
CA GLU A 79 -0.13 -11.95 -1.05
C GLU A 79 -1.61 -11.99 -0.65
N LEU A 80 -1.90 -12.67 0.47
CA LEU A 80 -3.26 -12.72 1.01
C LEU A 80 -3.69 -11.32 1.39
N LYS A 81 -2.79 -10.62 2.06
CA LYS A 81 -3.02 -9.29 2.49
C LYS A 81 -2.99 -8.32 1.31
N SER A 82 -2.20 -8.66 0.29
CA SER A 82 -2.02 -7.78 -0.86
C SER A 82 -3.35 -7.54 -1.59
N THR A 83 -4.13 -8.58 -1.75
CA THR A 83 -5.40 -8.47 -2.41
C THR A 83 -6.39 -7.59 -1.59
N GLY A 84 -6.45 -7.84 -0.27
CA GLY A 84 -7.34 -7.09 0.58
C GLY A 84 -6.92 -5.63 0.68
N PHE A 85 -5.63 -5.43 0.76
CA PHE A 85 -5.06 -4.10 0.86
C PHE A 85 -5.26 -3.34 -0.46
N ALA A 86 -5.25 -4.06 -1.58
CA ALA A 86 -5.48 -3.45 -2.90
C ALA A 86 -6.85 -2.85 -2.97
N ARG A 87 -7.83 -3.57 -2.45
CA ARG A 87 -9.21 -3.14 -2.45
C ARG A 87 -9.34 -1.88 -1.57
N ASP A 88 -8.62 -1.86 -0.45
CA ASP A 88 -8.64 -0.70 0.44
C ASP A 88 -7.93 0.49 -0.16
N LEU A 89 -6.80 0.22 -0.79
CA LEU A 89 -5.99 1.26 -1.44
C LEU A 89 -6.76 1.85 -2.63
N ALA A 90 -7.47 0.99 -3.35
CA ALA A 90 -8.32 1.42 -4.47
C ALA A 90 -9.37 2.38 -3.97
N ASP A 91 -9.89 2.07 -2.81
CA ASP A 91 -10.90 2.88 -2.17
C ASP A 91 -10.31 4.23 -1.76
N TYR A 92 -9.05 4.21 -1.31
CA TYR A 92 -8.31 5.43 -0.97
C TYR A 92 -8.17 6.35 -2.16
N ILE A 93 -7.75 5.83 -3.29
CA ILE A 93 -7.57 6.67 -4.47
C ILE A 93 -8.92 7.18 -5.01
N GLN A 94 -9.96 6.36 -4.84
CA GLN A 94 -11.33 6.76 -5.22
C GLN A 94 -11.79 7.89 -4.33
N GLU A 95 -11.46 7.78 -3.05
CA GLU A 95 -11.77 8.72 -2.04
C GLU A 95 -11.18 10.10 -2.40
N GLN A 96 -10.01 10.09 -3.01
CA GLN A 96 -9.32 11.32 -3.41
C GLN A 96 -9.79 11.80 -4.78
N GLY A 97 -10.58 10.97 -5.44
CA GLY A 97 -11.11 11.31 -6.75
C GLY A 97 -10.09 11.19 -7.86
N TRP A 98 -9.14 10.31 -7.69
CA TRP A 98 -8.13 10.12 -8.71
C TRP A 98 -8.50 8.97 -9.63
N GLN A 99 -7.96 8.97 -10.83
CA GLN A 99 -8.25 7.94 -11.82
C GLN A 99 -6.98 7.21 -12.19
N THR A 100 -7.10 6.12 -12.90
CA THR A 100 -5.96 5.39 -13.34
C THR A 100 -6.37 4.50 -14.53
N TYR A 101 -5.42 3.81 -15.10
CA TYR A 101 -5.67 2.92 -16.22
C TYR A 101 -5.33 1.52 -15.78
N GLY A 102 -6.27 0.64 -15.85
CA GLY A 102 -6.03 -0.69 -15.39
C GLY A 102 -6.79 -0.96 -14.13
N ASP A 103 -6.25 -1.79 -13.29
CA ASP A 103 -6.85 -2.12 -12.02
C ASP A 103 -5.80 -1.98 -10.93
N VAL A 104 -6.22 -1.68 -9.72
CA VAL A 104 -5.31 -1.45 -8.62
C VAL A 104 -4.69 -2.76 -8.13
N VAL A 105 -3.41 -2.84 -8.22
CA VAL A 105 -2.67 -3.99 -7.80
C VAL A 105 -1.53 -3.55 -6.90
N VAL A 106 -1.41 -4.21 -5.79
CA VAL A 106 -0.39 -3.90 -4.84
C VAL A 106 0.18 -5.21 -4.34
N ARG A 107 1.46 -5.25 -4.13
CA ARG A 107 2.08 -6.46 -3.66
C ARG A 107 3.22 -6.14 -2.73
N PHE A 108 3.53 -7.08 -1.89
CA PHE A 108 4.65 -6.97 -1.02
C PHE A 108 5.75 -7.87 -1.56
N GLU A 109 6.92 -7.33 -1.71
CA GLU A 109 8.05 -8.09 -2.21
C GLU A 109 9.25 -7.87 -1.33
N GLN A 110 10.27 -8.67 -1.51
CA GLN A 110 11.45 -8.56 -0.69
C GLN A 110 12.64 -8.18 -1.55
N SER A 111 13.64 -7.65 -0.92
CA SER A 111 14.87 -7.30 -1.54
C SER A 111 15.98 -7.55 -0.55
N SER A 112 17.08 -8.07 -1.04
CA SER A 112 18.24 -8.30 -0.23
C SER A 112 19.04 -6.99 -0.06
N ASN A 113 18.65 -5.97 -0.84
CA ASN A 113 19.27 -4.67 -0.77
C ASN A 113 18.74 -3.90 0.41
N LEU A 114 17.53 -4.21 0.79
CA LEU A 114 16.91 -3.55 1.90
C LEU A 114 17.25 -4.27 3.18
N HIS A 115 17.59 -3.51 4.17
CA HIS A 115 17.94 -4.08 5.42
C HIS A 115 16.75 -3.99 6.35
N THR A 116 16.74 -4.86 7.34
CA THR A 116 15.69 -4.98 8.29
C THR A 116 15.38 -3.66 8.98
N GLY A 117 14.13 -3.29 8.94
CA GLY A 117 13.70 -2.05 9.51
C GLY A 117 13.38 -1.04 8.44
N GLN A 118 13.94 -1.22 7.27
CA GLN A 118 13.73 -0.32 6.17
C GLN A 118 12.78 -0.95 5.16
N PHE A 119 11.91 -0.15 4.64
CA PHE A 119 10.95 -0.58 3.66
C PHE A 119 10.77 0.53 2.67
N ARG A 120 10.32 0.23 1.49
CA ARG A 120 10.10 1.22 0.50
C ARG A 120 8.83 0.90 -0.23
N ALA A 121 8.03 1.88 -0.43
CA ALA A 121 6.81 1.75 -1.18
C ALA A 121 6.98 2.56 -2.43
N ARG A 122 6.53 2.06 -3.53
CA ARG A 122 6.65 2.76 -4.80
C ARG A 122 5.37 2.59 -5.60
N GLY A 123 4.75 3.70 -5.89
CA GLY A 123 3.57 3.70 -6.70
C GLY A 123 3.94 3.88 -8.15
N THR A 124 3.47 3.01 -9.00
CA THR A 124 3.80 3.09 -10.39
C THR A 124 2.55 3.07 -11.26
N VAL A 125 2.61 3.79 -12.34
CA VAL A 125 1.55 3.85 -13.31
C VAL A 125 1.89 2.90 -14.43
N ASN A 126 1.19 1.82 -14.50
CA ASN A 126 1.35 0.89 -15.58
C ASN A 126 0.08 0.85 -16.41
N PRO A 127 0.03 1.59 -17.53
CA PRO A 127 -1.15 1.62 -18.38
C PRO A 127 -1.21 0.43 -19.33
N ASP A 128 -0.13 -0.33 -19.38
CA ASP A 128 -0.06 -1.47 -20.25
C ASP A 128 -0.37 -2.69 -19.48
N VAL A 129 -1.60 -2.82 -19.26
CA VAL A 129 -2.17 -3.92 -18.61
C VAL A 129 -3.29 -4.42 -19.48
N GLU A 130 -3.41 -5.73 -19.58
CA GLU A 130 -4.49 -6.38 -20.31
C GLU A 130 -5.85 -5.80 -19.90
N THR A 131 -6.31 -4.92 -20.71
CA THR A 131 -7.50 -4.21 -20.48
C THR A 131 -8.71 -5.13 -20.62
N HIS A 132 -9.41 -5.30 -19.55
CA HIS A 132 -10.57 -6.13 -19.50
C HIS A 132 -11.69 -5.39 -18.79
N MET A 1 0.65 12.47 -23.12
CA MET A 1 -0.01 12.20 -24.39
C MET A 1 -0.40 10.74 -24.39
N GLY A 2 -1.63 10.46 -24.76
CA GLY A 2 -2.13 9.12 -24.69
C GLY A 2 -3.07 8.99 -23.54
N SER A 3 -3.62 10.12 -23.16
CA SER A 3 -4.55 10.20 -22.09
C SER A 3 -5.93 9.83 -22.61
N GLN A 4 -6.79 9.43 -21.74
CA GLN A 4 -8.13 9.05 -22.09
C GLN A 4 -9.01 9.51 -20.97
N LYS A 5 -10.21 9.97 -21.27
CA LYS A 5 -11.11 10.34 -20.22
C LYS A 5 -11.77 9.11 -19.62
N ARG A 6 -10.98 8.47 -18.82
CA ARG A 6 -11.36 7.30 -18.10
C ARG A 6 -12.05 7.78 -16.84
N LEU A 7 -13.00 7.05 -16.38
CA LEU A 7 -13.60 7.32 -15.11
C LEU A 7 -13.86 6.02 -14.40
N VAL A 8 -13.24 5.84 -13.28
CA VAL A 8 -13.40 4.61 -12.55
C VAL A 8 -13.98 4.84 -11.18
N GLN A 9 -14.77 3.93 -10.76
CA GLN A 9 -15.39 3.95 -9.47
C GLN A 9 -15.05 2.64 -8.80
N ARG A 10 -15.48 2.48 -7.58
CA ARG A 10 -15.26 1.25 -6.89
C ARG A 10 -16.56 0.88 -6.24
N VAL A 11 -17.31 0.03 -6.89
CA VAL A 11 -18.62 -0.39 -6.39
C VAL A 11 -18.46 -1.20 -5.12
N GLU A 12 -19.47 -1.09 -4.25
CA GLU A 12 -19.48 -1.70 -2.94
C GLU A 12 -18.30 -1.17 -2.12
N ARG A 13 -18.43 0.05 -1.63
CA ARG A 13 -17.35 0.71 -0.96
C ARG A 13 -17.15 0.25 0.46
N LYS A 14 -16.65 -0.93 0.57
CA LYS A 14 -16.28 -1.49 1.83
C LYS A 14 -14.79 -1.41 1.96
N LEU A 15 -14.32 -0.39 2.59
CA LEU A 15 -12.91 -0.27 2.85
C LEU A 15 -12.72 -0.39 4.32
N GLU A 16 -12.44 -1.57 4.73
CA GLU A 16 -12.30 -1.86 6.12
C GLU A 16 -10.89 -1.57 6.54
N GLN A 17 -10.77 -0.70 7.50
CA GLN A 17 -9.51 -0.17 7.99
C GLN A 17 -8.46 -1.22 8.30
N THR A 18 -7.38 -1.17 7.57
CA THR A 18 -6.27 -2.03 7.80
C THR A 18 -5.57 -1.59 9.09
N VAL A 19 -5.46 -2.50 10.00
CA VAL A 19 -4.87 -2.23 11.29
C VAL A 19 -3.57 -3.03 11.41
N GLY A 20 -2.60 -2.48 12.08
CA GLY A 20 -1.33 -3.14 12.22
C GLY A 20 -0.94 -3.33 13.66
N ASP A 21 -1.89 -3.72 14.48
CA ASP A 21 -1.64 -3.98 15.91
C ASP A 21 -0.81 -5.22 16.09
N ALA A 22 -1.10 -6.20 15.27
CA ALA A 22 -0.36 -7.44 15.26
C ALA A 22 1.05 -7.15 14.80
N PHE A 23 1.14 -6.31 13.82
CA PHE A 23 2.39 -5.88 13.26
C PHE A 23 3.19 -5.14 14.32
N ALA A 24 2.53 -4.26 15.06
CA ALA A 24 3.13 -3.50 16.14
C ALA A 24 3.80 -4.41 17.16
N ARG A 25 3.09 -5.43 17.61
CA ARG A 25 3.63 -6.32 18.60
C ARG A 25 4.64 -7.32 18.03
N ILE A 26 4.44 -7.75 16.79
CA ILE A 26 5.36 -8.70 16.16
C ILE A 26 6.71 -8.05 15.83
N PHE A 27 6.67 -6.83 15.28
CA PHE A 27 7.91 -6.14 14.92
C PHE A 27 8.58 -5.55 16.16
N GLY A 28 7.76 -5.20 17.14
CA GLY A 28 8.23 -4.73 18.43
C GLY A 28 9.05 -3.46 18.39
N GLY A 29 10.36 -3.63 18.25
CA GLY A 29 11.29 -2.53 18.29
C GLY A 29 11.20 -1.66 17.08
N SER A 30 11.21 -2.27 15.93
CA SER A 30 11.06 -1.53 14.73
C SER A 30 9.58 -1.46 14.45
N ILE A 31 8.96 -0.50 15.09
CA ILE A 31 7.54 -0.32 15.10
C ILE A 31 6.96 0.10 13.73
N VAL A 32 6.32 -0.84 13.06
CA VAL A 32 5.67 -0.59 11.79
C VAL A 32 4.20 -1.04 11.88
N PRO A 33 3.28 -0.16 12.32
CA PRO A 33 1.86 -0.50 12.43
C PRO A 33 0.96 0.09 11.30
N GLN A 34 1.27 1.29 10.81
CA GLN A 34 0.44 1.98 9.81
C GLN A 34 1.34 2.73 8.83
N GLU A 35 2.54 2.25 8.71
CA GLU A 35 3.57 2.93 7.93
C GLU A 35 3.40 2.64 6.47
N VAL A 36 3.03 1.41 6.17
CA VAL A 36 2.84 0.97 4.79
C VAL A 36 1.74 1.81 4.14
N GLU A 37 0.62 1.92 4.80
CA GLU A 37 -0.52 2.70 4.34
C GLU A 37 -0.13 4.16 4.11
N ALA A 38 0.56 4.71 5.10
CA ALA A 38 1.00 6.11 5.04
C ALA A 38 1.91 6.37 3.83
N LEU A 39 2.86 5.51 3.62
CA LEU A 39 3.80 5.66 2.53
C LEU A 39 3.20 5.28 1.18
N LEU A 40 2.27 4.34 1.18
CA LEU A 40 1.58 3.94 -0.05
C LEU A 40 0.78 5.09 -0.62
N ARG A 41 0.08 5.84 0.24
CA ARG A 41 -0.67 6.98 -0.25
C ARG A 41 0.28 8.12 -0.64
N ARG A 42 1.43 8.16 0.02
CA ARG A 42 2.47 9.12 -0.30
C ARG A 42 2.97 8.88 -1.72
N GLU A 43 3.21 7.62 -2.05
CA GLU A 43 3.68 7.25 -3.37
C GLU A 43 2.59 7.42 -4.42
N ALA A 44 1.35 7.21 -4.02
CA ALA A 44 0.22 7.46 -4.91
C ALA A 44 0.21 8.94 -5.32
N ALA A 45 0.42 9.81 -4.33
CA ALA A 45 0.47 11.25 -4.56
C ALA A 45 1.76 11.65 -5.28
N ASP A 46 2.78 10.84 -5.12
CA ASP A 46 4.11 11.04 -5.71
C ASP A 46 4.05 10.84 -7.21
N GLY A 47 3.27 9.87 -7.61
CA GLY A 47 3.16 9.56 -9.00
C GLY A 47 1.83 10.00 -9.59
N ILE A 48 1.41 11.20 -9.24
CA ILE A 48 0.18 11.79 -9.79
C ILE A 48 0.45 12.43 -11.16
N GLN A 49 -0.45 12.25 -12.08
CA GLN A 49 -0.36 12.81 -13.40
C GLN A 49 -1.53 13.68 -13.66
N SER A 50 -1.30 14.71 -14.41
CA SER A 50 -2.33 15.59 -14.81
C SER A 50 -3.20 14.92 -15.87
N LEU A 51 -4.43 14.80 -15.56
CA LEU A 51 -5.41 14.24 -16.44
C LEU A 51 -6.50 15.30 -16.49
N GLN A 52 -7.65 15.01 -17.08
CA GLN A 52 -8.75 15.96 -17.06
C GLN A 52 -9.08 16.34 -15.63
N GLY A 53 -9.55 17.57 -15.45
CA GLY A 53 -9.75 18.15 -14.13
C GLY A 53 -10.76 17.44 -13.27
N ASN A 54 -11.43 16.46 -13.81
CA ASN A 54 -12.41 15.69 -13.08
C ASN A 54 -11.72 14.91 -11.97
N ARG A 55 -10.53 14.38 -12.29
CA ARG A 55 -9.71 13.63 -11.35
C ARG A 55 -8.33 13.34 -11.93
N LEU A 56 -7.37 13.20 -11.04
CA LEU A 56 -5.98 13.02 -11.43
C LEU A 56 -5.62 11.55 -11.55
N LEU A 57 -4.65 11.28 -12.40
CA LEU A 57 -4.23 9.92 -12.66
C LEU A 57 -3.14 9.53 -11.66
N ALA A 58 -3.35 8.45 -10.99
CA ALA A 58 -2.45 7.94 -9.99
C ALA A 58 -1.87 6.62 -10.49
N PRO A 59 -0.80 6.09 -9.86
CA PRO A 59 -0.22 4.80 -10.22
C PRO A 59 -1.19 3.64 -9.96
N ASN A 60 -0.97 2.53 -10.60
CA ASN A 60 -1.81 1.37 -10.39
C ASN A 60 -1.03 0.24 -9.80
N GLU A 61 0.22 0.17 -10.13
CA GLU A 61 1.08 -0.87 -9.68
C GLU A 61 1.97 -0.30 -8.59
N TYR A 62 2.01 -0.96 -7.47
CA TYR A 62 2.82 -0.52 -6.37
C TYR A 62 3.76 -1.61 -5.96
N ILE A 63 5.02 -1.37 -6.14
CA ILE A 63 6.04 -2.33 -5.81
C ILE A 63 6.60 -1.98 -4.45
N ILE A 64 6.32 -2.82 -3.50
CA ILE A 64 6.72 -2.61 -2.13
C ILE A 64 7.84 -3.57 -1.79
N THR A 65 8.99 -3.05 -1.52
CA THR A 65 10.13 -3.85 -1.21
C THR A 65 10.49 -3.74 0.28
N LEU A 66 10.52 -4.88 0.94
CA LEU A 66 10.92 -5.01 2.35
C LEU A 66 12.16 -5.89 2.44
N GLY A 67 12.61 -6.16 3.63
CA GLY A 67 13.69 -7.07 3.86
C GLY A 67 13.13 -8.45 4.07
N VAL A 68 13.96 -9.41 4.42
CA VAL A 68 13.47 -10.78 4.58
C VAL A 68 12.57 -10.97 5.79
N HIS A 69 13.09 -10.68 6.99
CA HIS A 69 12.35 -10.85 8.25
C HIS A 69 11.03 -10.10 8.19
N ASP A 70 11.15 -8.87 7.85
CA ASP A 70 10.04 -7.98 7.79
C ASP A 70 9.02 -8.34 6.72
N PHE A 71 9.45 -8.94 5.61
CA PHE A 71 8.50 -9.37 4.60
C PHE A 71 7.64 -10.54 5.12
N GLU A 72 8.30 -11.48 5.79
CA GLU A 72 7.64 -12.68 6.32
C GLU A 72 6.61 -12.28 7.37
N LYS A 73 6.97 -11.30 8.15
CA LYS A 73 6.15 -10.87 9.25
C LYS A 73 5.02 -9.95 8.81
N LEU A 74 5.11 -9.41 7.58
CA LEU A 74 3.97 -8.70 7.00
C LEU A 74 2.91 -9.72 6.68
N GLY A 75 3.35 -10.79 6.08
CA GLY A 75 2.47 -11.83 5.73
C GLY A 75 3.21 -13.01 5.15
N ALA A 76 3.07 -14.15 5.79
CA ALA A 76 3.62 -15.40 5.28
C ALA A 76 2.81 -15.81 4.05
N ASP A 77 1.64 -15.22 3.97
CA ASP A 77 0.76 -15.32 2.83
C ASP A 77 0.76 -13.91 2.22
N PRO A 78 1.69 -13.62 1.29
CA PRO A 78 1.89 -12.27 0.75
C PRO A 78 0.76 -11.78 -0.15
N GLU A 79 0.15 -12.69 -0.87
CA GLU A 79 -0.84 -12.30 -1.85
C GLU A 79 -2.14 -11.88 -1.19
N LEU A 80 -2.42 -12.39 0.01
CA LEU A 80 -3.57 -11.96 0.78
C LEU A 80 -3.41 -10.48 1.15
N LYS A 81 -2.18 -10.09 1.41
CA LYS A 81 -1.86 -8.71 1.71
C LYS A 81 -1.92 -7.87 0.44
N SER A 82 -1.53 -8.49 -0.67
CA SER A 82 -1.64 -7.86 -1.98
C SER A 82 -3.09 -7.51 -2.25
N THR A 83 -3.98 -8.46 -2.09
CA THR A 83 -5.39 -8.25 -2.30
C THR A 83 -5.91 -7.19 -1.30
N GLY A 84 -5.51 -7.30 -0.04
CA GLY A 84 -5.96 -6.38 0.99
C GLY A 84 -5.63 -4.93 0.69
N PHE A 85 -4.35 -4.65 0.50
CA PHE A 85 -3.89 -3.29 0.24
C PHE A 85 -4.35 -2.75 -1.12
N ALA A 86 -4.55 -3.64 -2.08
CA ALA A 86 -5.02 -3.24 -3.40
C ALA A 86 -6.44 -2.69 -3.32
N ARG A 87 -7.30 -3.41 -2.61
CA ARG A 87 -8.69 -3.04 -2.43
C ARG A 87 -8.77 -1.77 -1.60
N ASP A 88 -7.97 -1.76 -0.55
CA ASP A 88 -7.89 -0.63 0.40
C ASP A 88 -7.53 0.64 -0.37
N LEU A 89 -6.40 0.62 -1.10
CA LEU A 89 -5.94 1.78 -1.87
C LEU A 89 -6.89 2.12 -3.01
N ALA A 90 -7.57 1.14 -3.57
CA ALA A 90 -8.50 1.40 -4.67
C ALA A 90 -9.65 2.30 -4.22
N ASP A 91 -10.14 2.07 -3.03
CA ASP A 91 -11.27 2.84 -2.58
C ASP A 91 -10.73 4.12 -1.99
N TYR A 92 -9.52 4.01 -1.52
CA TYR A 92 -8.78 5.08 -0.93
C TYR A 92 -8.48 6.16 -1.97
N ILE A 93 -8.10 5.76 -3.17
CA ILE A 93 -7.88 6.72 -4.24
C ILE A 93 -9.21 7.32 -4.67
N GLN A 94 -10.30 6.54 -4.57
CA GLN A 94 -11.64 7.08 -4.79
C GLN A 94 -11.95 8.16 -3.77
N GLU A 95 -11.59 7.89 -2.54
CA GLU A 95 -11.72 8.82 -1.44
C GLU A 95 -10.97 10.13 -1.72
N GLN A 96 -9.81 10.01 -2.34
CA GLN A 96 -8.97 11.16 -2.68
C GLN A 96 -9.42 11.82 -3.98
N GLY A 97 -10.26 11.14 -4.73
CA GLY A 97 -10.71 11.67 -5.99
C GLY A 97 -9.68 11.52 -7.09
N TRP A 98 -8.98 10.41 -7.08
CA TRP A 98 -8.03 10.08 -8.11
C TRP A 98 -8.48 8.80 -8.81
N GLN A 99 -7.71 8.37 -9.80
CA GLN A 99 -8.00 7.13 -10.50
C GLN A 99 -6.77 6.64 -11.20
N THR A 100 -6.87 5.52 -11.85
CA THR A 100 -5.79 4.97 -12.60
C THR A 100 -6.41 4.12 -13.72
N TYR A 101 -5.59 3.64 -14.65
CA TYR A 101 -6.14 2.78 -15.68
C TYR A 101 -6.05 1.37 -15.16
N GLY A 102 -7.16 0.71 -15.04
CA GLY A 102 -7.13 -0.64 -14.56
C GLY A 102 -7.64 -0.70 -13.16
N ASP A 103 -7.13 -1.63 -12.41
CA ASP A 103 -7.41 -1.73 -11.00
C ASP A 103 -6.08 -1.74 -10.27
N VAL A 104 -6.09 -1.29 -9.03
CA VAL A 104 -4.86 -1.16 -8.25
C VAL A 104 -4.27 -2.52 -7.93
N VAL A 105 -3.02 -2.70 -8.26
CA VAL A 105 -2.30 -3.92 -8.01
C VAL A 105 -1.05 -3.61 -7.19
N VAL A 106 -0.94 -4.19 -6.03
CA VAL A 106 0.18 -3.96 -5.20
C VAL A 106 0.94 -5.26 -5.02
N ARG A 107 2.22 -5.19 -4.98
CA ARG A 107 3.02 -6.38 -4.81
C ARG A 107 4.21 -6.14 -3.92
N PHE A 108 4.36 -7.02 -2.98
CA PHE A 108 5.43 -6.98 -2.03
C PHE A 108 6.54 -7.91 -2.51
N GLU A 109 7.75 -7.60 -2.13
CA GLU A 109 8.91 -8.42 -2.44
C GLU A 109 10.04 -8.09 -1.50
N GLN A 110 11.09 -8.90 -1.53
CA GLN A 110 12.21 -8.73 -0.63
C GLN A 110 13.39 -8.01 -1.27
N SER A 111 14.26 -7.58 -0.41
CA SER A 111 15.50 -7.00 -0.74
C SER A 111 16.50 -7.47 0.30
N SER A 112 17.65 -7.87 -0.15
CA SER A 112 18.69 -8.31 0.73
C SER A 112 19.43 -7.10 1.31
N ASN A 113 19.19 -5.94 0.74
CA ASN A 113 19.81 -4.70 1.17
C ASN A 113 19.06 -4.09 2.32
N LEU A 114 17.77 -4.31 2.34
CA LEU A 114 16.90 -3.70 3.32
C LEU A 114 16.81 -4.53 4.58
N HIS A 115 16.62 -3.87 5.70
CA HIS A 115 16.49 -4.56 6.96
C HIS A 115 15.20 -4.11 7.61
N THR A 116 14.78 -4.78 8.67
CA THR A 116 13.54 -4.43 9.35
C THR A 116 13.58 -2.99 9.84
N GLY A 117 12.77 -2.19 9.20
CA GLY A 117 12.73 -0.80 9.46
C GLY A 117 12.78 -0.07 8.15
N GLN A 118 13.35 -0.72 7.16
CA GLN A 118 13.39 -0.19 5.84
C GLN A 118 12.21 -0.69 5.12
N PHE A 119 11.84 0.04 4.14
CA PHE A 119 10.82 -0.34 3.20
C PHE A 119 10.74 0.73 2.16
N ARG A 120 10.42 0.35 0.97
CA ARG A 120 10.29 1.28 -0.13
C ARG A 120 9.17 0.86 -1.02
N ALA A 121 8.33 1.80 -1.33
CA ALA A 121 7.21 1.56 -2.19
C ALA A 121 7.37 2.41 -3.41
N ARG A 122 7.13 1.85 -4.55
CA ARG A 122 7.23 2.57 -5.78
C ARG A 122 5.94 2.44 -6.54
N GLY A 123 5.37 3.56 -6.91
CA GLY A 123 4.17 3.53 -7.67
C GLY A 123 4.47 3.68 -9.13
N THR A 124 4.01 2.76 -9.91
CA THR A 124 4.20 2.76 -11.32
C THR A 124 2.85 2.76 -12.04
N VAL A 125 2.76 3.51 -13.12
CA VAL A 125 1.59 3.46 -13.94
C VAL A 125 1.85 2.43 -15.02
N ASN A 126 1.27 1.29 -14.86
CA ASN A 126 1.44 0.22 -15.81
C ASN A 126 0.15 0.08 -16.59
N PRO A 127 0.13 0.54 -17.84
CA PRO A 127 -1.08 0.49 -18.66
C PRO A 127 -1.47 -0.93 -19.07
N ASP A 128 -0.50 -1.73 -19.39
CA ASP A 128 -0.77 -3.07 -19.85
C ASP A 128 -0.49 -4.02 -18.71
N VAL A 129 -1.35 -3.92 -17.76
CA VAL A 129 -1.30 -4.71 -16.59
C VAL A 129 -2.33 -5.82 -16.69
N GLU A 130 -1.83 -7.00 -16.87
CA GLU A 130 -2.67 -8.14 -17.03
C GLU A 130 -3.03 -8.69 -15.68
N THR A 131 -4.30 -8.75 -15.45
CA THR A 131 -4.86 -9.11 -14.19
C THR A 131 -4.64 -10.59 -13.88
N HIS A 132 -3.96 -10.85 -12.81
CA HIS A 132 -3.78 -12.18 -12.36
C HIS A 132 -3.82 -12.16 -10.86
N MET A 1 -1.18 28.55 3.43
CA MET A 1 -0.89 27.40 2.59
C MET A 1 -0.15 27.81 1.35
N GLY A 2 0.90 27.09 1.05
CA GLY A 2 1.63 27.27 -0.16
C GLY A 2 1.38 26.11 -1.10
N SER A 3 0.84 25.04 -0.56
CA SER A 3 0.50 23.88 -1.34
C SER A 3 -0.89 24.07 -1.94
N GLN A 4 -1.19 23.35 -3.00
CA GLN A 4 -2.47 23.46 -3.65
C GLN A 4 -3.04 22.12 -3.97
N LYS A 5 -4.05 21.74 -3.26
CA LYS A 5 -4.79 20.55 -3.55
C LYS A 5 -6.26 20.82 -3.34
N ARG A 6 -7.07 20.21 -4.15
CA ARG A 6 -8.51 20.41 -4.15
C ARG A 6 -9.20 19.51 -3.13
N LEU A 7 -8.40 18.86 -2.34
CA LEU A 7 -8.86 17.99 -1.32
C LEU A 7 -8.12 18.27 -0.01
N VAL A 8 -8.74 19.07 0.82
CA VAL A 8 -8.17 19.42 2.09
C VAL A 8 -8.61 18.42 3.13
N GLN A 9 -7.69 17.59 3.53
CA GLN A 9 -7.96 16.57 4.50
C GLN A 9 -7.25 16.90 5.80
N ARG A 10 -7.59 16.18 6.82
CA ARG A 10 -6.94 16.32 8.10
C ARG A 10 -6.41 14.98 8.52
N VAL A 11 -5.22 14.69 8.06
CA VAL A 11 -4.59 13.44 8.35
C VAL A 11 -4.11 13.42 9.81
N GLU A 12 -4.54 12.44 10.52
CA GLU A 12 -4.28 12.35 11.92
C GLU A 12 -3.54 11.05 12.21
N ARG A 13 -2.71 11.06 13.20
CA ARG A 13 -2.00 9.86 13.60
C ARG A 13 -2.80 9.11 14.62
N LYS A 14 -3.25 7.95 14.26
CA LYS A 14 -3.90 7.10 15.21
C LYS A 14 -2.83 6.24 15.87
N LEU A 15 -2.24 6.78 16.90
CA LEU A 15 -1.20 6.10 17.62
C LEU A 15 -1.86 5.12 18.54
N GLU A 16 -1.66 3.87 18.29
CA GLU A 16 -2.24 2.88 19.09
C GLU A 16 -1.17 1.96 19.58
N GLN A 17 -1.33 1.46 20.77
CA GLN A 17 -0.34 0.63 21.37
C GLN A 17 -0.98 -0.59 21.99
N THR A 18 -0.25 -1.66 21.97
CA THR A 18 -0.64 -2.88 22.55
C THR A 18 0.65 -3.56 23.01
N VAL A 19 0.59 -4.26 24.11
CA VAL A 19 1.76 -4.90 24.64
C VAL A 19 1.73 -6.37 24.32
N GLY A 20 2.49 -6.73 23.32
CA GLY A 20 2.59 -8.10 22.93
C GLY A 20 1.98 -8.35 21.58
N ASP A 21 2.60 -7.83 20.57
CA ASP A 21 2.21 -8.02 19.21
C ASP A 21 3.43 -7.92 18.35
N ALA A 22 3.59 -8.87 17.49
CA ALA A 22 4.74 -8.99 16.61
C ALA A 22 4.96 -7.78 15.73
N PHE A 23 3.90 -7.28 15.17
CA PHE A 23 3.99 -6.16 14.27
C PHE A 23 4.18 -4.87 15.03
N ALA A 24 3.58 -4.78 16.19
CA ALA A 24 3.78 -3.65 17.07
C ALA A 24 5.26 -3.52 17.43
N ARG A 25 5.92 -4.67 17.57
CA ARG A 25 7.35 -4.70 17.85
C ARG A 25 8.13 -4.12 16.66
N ILE A 26 7.70 -4.50 15.46
CA ILE A 26 8.32 -4.03 14.20
C ILE A 26 8.23 -2.50 14.08
N PHE A 27 7.10 -1.94 14.48
CA PHE A 27 6.90 -0.48 14.43
C PHE A 27 7.62 0.22 15.58
N GLY A 28 7.98 -0.52 16.61
CA GLY A 28 8.72 0.05 17.72
C GLY A 28 7.87 0.25 18.96
N GLY A 29 7.01 -0.69 19.24
CA GLY A 29 6.18 -0.60 20.43
C GLY A 29 4.91 0.17 20.17
N SER A 30 4.54 0.22 18.93
CA SER A 30 3.40 0.95 18.49
C SER A 30 2.74 0.14 17.40
N ILE A 31 1.45 0.21 17.29
CA ILE A 31 0.75 -0.49 16.25
C ILE A 31 -0.10 0.49 15.45
N VAL A 32 0.51 1.06 14.45
CA VAL A 32 -0.14 2.02 13.61
C VAL A 32 -0.09 1.55 12.16
N PRO A 33 -1.20 0.95 11.67
CA PRO A 33 -1.29 0.49 10.27
C PRO A 33 -1.22 1.69 9.32
N GLN A 34 -1.59 2.85 9.86
CA GLN A 34 -1.61 4.09 9.13
C GLN A 34 -0.21 4.55 8.75
N GLU A 35 0.81 3.95 9.37
CA GLU A 35 2.18 4.31 9.05
C GLU A 35 2.47 3.93 7.60
N VAL A 36 2.04 2.73 7.25
CA VAL A 36 2.23 2.24 5.91
C VAL A 36 1.28 2.97 4.97
N GLU A 37 0.06 3.25 5.45
CA GLU A 37 -0.92 4.01 4.68
C GLU A 37 -0.38 5.39 4.33
N ALA A 38 0.26 6.02 5.30
CA ALA A 38 0.84 7.34 5.15
C ALA A 38 1.86 7.34 4.02
N LEU A 39 2.72 6.33 4.03
CA LEU A 39 3.75 6.21 3.02
C LEU A 39 3.10 5.96 1.64
N LEU A 40 2.13 5.05 1.59
CA LEU A 40 1.45 4.73 0.33
C LEU A 40 0.63 5.90 -0.22
N ARG A 41 -0.05 6.63 0.66
CA ARG A 41 -0.86 7.77 0.18
C ARG A 41 0.05 8.91 -0.25
N ARG A 42 1.23 8.98 0.38
CA ARG A 42 2.23 9.98 0.04
C ARG A 42 2.67 9.75 -1.39
N GLU A 43 2.89 8.48 -1.70
CA GLU A 43 3.27 8.05 -3.02
C GLU A 43 2.12 8.28 -4.00
N ALA A 44 0.92 7.83 -3.63
CA ALA A 44 -0.27 7.99 -4.45
C ALA A 44 -0.48 9.45 -4.86
N ALA A 45 -0.37 10.36 -3.90
CA ALA A 45 -0.59 11.78 -4.15
C ALA A 45 0.59 12.42 -4.89
N ASP A 46 1.75 11.82 -4.78
CA ASP A 46 2.93 12.35 -5.44
C ASP A 46 3.00 11.89 -6.88
N GLY A 47 2.54 10.68 -7.11
CA GLY A 47 2.56 10.09 -8.42
C GLY A 47 1.37 10.46 -9.27
N ILE A 48 0.72 11.55 -8.92
CA ILE A 48 -0.40 12.04 -9.65
C ILE A 48 0.05 12.65 -10.97
N GLN A 49 -0.61 12.28 -12.02
CA GLN A 49 -0.32 12.81 -13.32
C GLN A 49 -1.43 13.70 -13.73
N SER A 50 -1.05 14.84 -14.20
CA SER A 50 -2.00 15.83 -14.60
C SER A 50 -2.63 15.43 -15.92
N LEU A 51 -3.90 15.24 -15.84
CA LEU A 51 -4.72 14.77 -16.91
C LEU A 51 -6.01 15.57 -16.77
N GLN A 52 -7.09 15.16 -17.43
CA GLN A 52 -8.41 15.82 -17.31
C GLN A 52 -8.74 16.22 -15.86
N GLY A 53 -9.16 17.46 -15.67
CA GLY A 53 -9.32 18.07 -14.36
C GLY A 53 -10.34 17.39 -13.46
N ASN A 54 -11.20 16.60 -14.02
CA ASN A 54 -12.16 15.89 -13.21
C ASN A 54 -11.52 14.70 -12.52
N ARG A 55 -10.55 14.10 -13.17
CA ARG A 55 -9.96 12.89 -12.67
C ARG A 55 -8.50 12.77 -13.14
N LEU A 56 -7.64 12.82 -12.18
CA LEU A 56 -6.19 12.82 -12.37
C LEU A 56 -5.72 11.40 -12.32
N LEU A 57 -4.65 11.13 -13.01
CA LEU A 57 -4.16 9.79 -13.12
C LEU A 57 -3.29 9.46 -11.92
N ALA A 58 -3.68 8.47 -11.20
CA ALA A 58 -3.00 8.03 -10.00
C ALA A 58 -2.34 6.68 -10.25
N PRO A 59 -1.30 6.33 -9.46
CA PRO A 59 -0.63 5.04 -9.57
C PRO A 59 -1.58 3.87 -9.28
N ASN A 60 -1.34 2.77 -9.94
CA ASN A 60 -2.16 1.58 -9.73
C ASN A 60 -1.30 0.44 -9.27
N GLU A 61 -0.02 0.48 -9.58
CA GLU A 61 0.87 -0.55 -9.19
C GLU A 61 1.73 -0.07 -8.04
N TYR A 62 1.55 -0.68 -6.90
CA TYR A 62 2.29 -0.34 -5.72
C TYR A 62 3.09 -1.53 -5.26
N ILE A 63 4.37 -1.41 -5.31
CA ILE A 63 5.23 -2.47 -4.89
C ILE A 63 5.89 -2.08 -3.59
N ILE A 64 5.68 -2.85 -2.57
CA ILE A 64 6.25 -2.61 -1.29
C ILE A 64 7.36 -3.60 -1.06
N THR A 65 8.49 -3.10 -0.74
CA THR A 65 9.65 -3.87 -0.53
C THR A 65 9.97 -3.90 0.97
N LEU A 66 10.20 -5.08 1.48
CA LEU A 66 10.63 -5.30 2.85
C LEU A 66 11.96 -6.03 2.84
N GLY A 67 12.66 -5.97 3.95
CA GLY A 67 13.88 -6.72 4.11
C GLY A 67 13.55 -8.21 4.16
N VAL A 68 14.52 -9.05 3.84
CA VAL A 68 14.28 -10.51 3.77
C VAL A 68 13.74 -11.06 5.10
N HIS A 69 14.27 -10.56 6.21
CA HIS A 69 13.84 -10.96 7.55
C HIS A 69 12.35 -10.73 7.72
N ASP A 70 11.90 -9.59 7.28
CA ASP A 70 10.55 -9.23 7.52
C ASP A 70 9.61 -9.79 6.50
N PHE A 71 10.15 -10.13 5.34
CA PHE A 71 9.38 -10.77 4.32
C PHE A 71 9.02 -12.20 4.78
N GLU A 72 9.85 -12.76 5.67
CA GLU A 72 9.59 -14.08 6.24
C GLU A 72 8.25 -14.09 6.97
N LYS A 73 7.93 -13.00 7.67
CA LYS A 73 6.64 -12.89 8.37
C LYS A 73 5.54 -12.61 7.38
N LEU A 74 5.87 -11.87 6.33
CA LEU A 74 4.90 -11.56 5.29
C LEU A 74 4.49 -12.83 4.57
N GLY A 75 5.40 -13.80 4.54
CA GLY A 75 5.14 -15.09 3.92
C GLY A 75 4.06 -15.92 4.61
N ALA A 76 3.59 -15.46 5.76
CA ALA A 76 2.50 -16.13 6.45
C ALA A 76 1.19 -15.88 5.71
N ASP A 77 1.11 -14.73 5.08
CA ASP A 77 -0.07 -14.33 4.31
C ASP A 77 0.31 -13.21 3.31
N PRO A 78 1.13 -13.57 2.29
CA PRO A 78 1.70 -12.58 1.38
C PRO A 78 0.68 -11.89 0.48
N GLU A 79 -0.13 -12.68 -0.19
CA GLU A 79 -1.12 -12.15 -1.11
C GLU A 79 -2.26 -11.48 -0.38
N LEU A 80 -2.48 -11.87 0.87
CA LEU A 80 -3.52 -11.27 1.67
C LEU A 80 -3.17 -9.82 1.96
N LYS A 81 -1.90 -9.58 2.30
CA LYS A 81 -1.42 -8.22 2.54
C LYS A 81 -1.53 -7.38 1.26
N SER A 82 -1.31 -8.03 0.13
CA SER A 82 -1.37 -7.37 -1.16
C SER A 82 -2.80 -6.92 -1.47
N THR A 83 -3.75 -7.83 -1.31
CA THR A 83 -5.15 -7.53 -1.56
C THR A 83 -5.66 -6.44 -0.59
N GLY A 84 -5.18 -6.45 0.65
CA GLY A 84 -5.57 -5.47 1.64
C GLY A 84 -5.27 -4.05 1.19
N PHE A 85 -4.02 -3.81 0.83
CA PHE A 85 -3.62 -2.50 0.38
C PHE A 85 -4.19 -2.16 -0.99
N ALA A 86 -4.43 -3.16 -1.82
CA ALA A 86 -5.02 -2.94 -3.14
C ALA A 86 -6.43 -2.41 -2.99
N ARG A 87 -7.18 -3.03 -2.08
CA ARG A 87 -8.53 -2.62 -1.75
C ARG A 87 -8.52 -1.18 -1.26
N ASP A 88 -7.62 -0.88 -0.35
CA ASP A 88 -7.56 0.44 0.24
C ASP A 88 -7.09 1.49 -0.72
N LEU A 89 -6.05 1.24 -1.49
CA LEU A 89 -5.60 2.22 -2.48
C LEU A 89 -6.67 2.49 -3.54
N ALA A 90 -7.43 1.46 -3.88
CA ALA A 90 -8.54 1.61 -4.81
C ALA A 90 -9.62 2.52 -4.19
N ASP A 91 -9.83 2.35 -2.91
CA ASP A 91 -10.80 3.15 -2.17
C ASP A 91 -10.32 4.59 -2.08
N TYR A 92 -9.05 4.74 -1.76
CA TYR A 92 -8.39 6.04 -1.67
C TYR A 92 -8.46 6.82 -2.95
N ILE A 93 -8.10 6.20 -4.07
CA ILE A 93 -8.11 6.93 -5.35
C ILE A 93 -9.52 7.38 -5.71
N GLN A 94 -10.51 6.53 -5.44
CA GLN A 94 -11.91 6.86 -5.71
C GLN A 94 -12.35 8.01 -4.84
N GLU A 95 -11.93 7.97 -3.57
CA GLU A 95 -12.21 8.96 -2.60
C GLU A 95 -11.73 10.33 -3.06
N GLN A 96 -10.58 10.34 -3.69
CA GLN A 96 -9.96 11.59 -4.11
C GLN A 96 -10.45 12.02 -5.48
N GLY A 97 -11.10 11.12 -6.16
CA GLY A 97 -11.58 11.40 -7.49
C GLY A 97 -10.46 11.26 -8.49
N TRP A 98 -9.59 10.32 -8.25
CA TRP A 98 -8.51 10.03 -9.15
C TRP A 98 -8.81 8.75 -9.89
N GLN A 99 -8.17 8.58 -11.01
CA GLN A 99 -8.42 7.46 -11.86
C GLN A 99 -7.14 6.73 -12.15
N THR A 100 -7.25 5.60 -12.77
CA THR A 100 -6.11 4.87 -13.20
C THR A 100 -6.58 3.85 -14.24
N TYR A 101 -5.68 3.39 -15.07
CA TYR A 101 -6.06 2.43 -16.09
C TYR A 101 -5.63 1.06 -15.63
N GLY A 102 -6.58 0.19 -15.50
CA GLY A 102 -6.29 -1.10 -14.99
C GLY A 102 -6.86 -1.23 -13.62
N ASP A 103 -6.28 -2.05 -12.82
CA ASP A 103 -6.69 -2.21 -11.44
C ASP A 103 -5.55 -1.90 -10.54
N VAL A 104 -5.84 -1.67 -9.28
CA VAL A 104 -4.82 -1.40 -8.32
C VAL A 104 -4.22 -2.71 -7.86
N VAL A 105 -2.96 -2.85 -8.07
CA VAL A 105 -2.26 -4.04 -7.72
C VAL A 105 -1.15 -3.74 -6.77
N VAL A 106 -1.06 -4.51 -5.75
CA VAL A 106 -0.06 -4.32 -4.76
C VAL A 106 0.80 -5.55 -4.73
N ARG A 107 2.07 -5.36 -4.69
CA ARG A 107 2.97 -6.47 -4.65
C ARG A 107 3.96 -6.26 -3.55
N PHE A 108 4.32 -7.30 -2.88
CA PHE A 108 5.33 -7.23 -1.86
C PHE A 108 6.52 -8.02 -2.31
N GLU A 109 7.69 -7.48 -2.11
CA GLU A 109 8.90 -8.18 -2.45
C GLU A 109 9.94 -8.01 -1.38
N GLN A 110 10.89 -8.89 -1.39
CA GLN A 110 11.97 -8.86 -0.45
C GLN A 110 13.21 -8.32 -1.12
N SER A 111 14.06 -7.75 -0.35
CA SER A 111 15.29 -7.23 -0.84
C SER A 111 16.37 -7.45 0.19
N SER A 112 17.49 -7.95 -0.26
CA SER A 112 18.65 -8.13 0.58
C SER A 112 19.37 -6.79 0.70
N ASN A 113 19.00 -5.89 -0.22
CA ASN A 113 19.54 -4.55 -0.28
C ASN A 113 18.89 -3.68 0.79
N LEU A 114 17.63 -3.98 1.07
CA LEU A 114 16.89 -3.23 2.07
C LEU A 114 17.18 -3.83 3.44
N HIS A 115 16.99 -3.06 4.48
CA HIS A 115 17.38 -3.48 5.81
C HIS A 115 16.22 -4.05 6.62
N THR A 116 16.57 -4.74 7.69
CA THR A 116 15.62 -5.32 8.63
C THR A 116 14.82 -4.23 9.37
N GLY A 117 13.50 -4.41 9.46
CA GLY A 117 12.63 -3.43 10.10
C GLY A 117 12.57 -2.13 9.33
N GLN A 118 12.65 -2.25 8.03
CA GLN A 118 12.63 -1.15 7.15
C GLN A 118 11.77 -1.51 5.98
N PHE A 119 10.83 -0.66 5.66
CA PHE A 119 9.94 -0.91 4.55
C PHE A 119 10.04 0.24 3.58
N ARG A 120 9.76 -0.02 2.34
CA ARG A 120 9.85 0.96 1.31
C ARG A 120 8.79 0.62 0.28
N ALA A 121 8.33 1.59 -0.43
CA ALA A 121 7.27 1.35 -1.40
C ALA A 121 7.43 2.22 -2.61
N ARG A 122 6.99 1.72 -3.72
CA ARG A 122 7.02 2.43 -4.97
C ARG A 122 5.70 2.29 -5.68
N GLY A 123 5.09 3.40 -5.96
CA GLY A 123 3.84 3.43 -6.66
C GLY A 123 4.03 4.01 -8.02
N THR A 124 3.62 3.29 -9.00
CA THR A 124 3.81 3.69 -10.35
C THR A 124 2.50 3.45 -11.13
N VAL A 125 2.27 4.25 -12.15
CA VAL A 125 1.12 4.05 -13.00
C VAL A 125 1.56 3.08 -14.09
N ASN A 126 1.02 1.91 -14.05
CA ASN A 126 1.29 0.92 -15.05
C ASN A 126 -0.03 0.56 -15.70
N PRO A 127 -0.43 1.31 -16.74
CA PRO A 127 -1.72 1.14 -17.37
C PRO A 127 -1.73 0.04 -18.43
N ASP A 128 -0.55 -0.38 -18.81
CA ASP A 128 -0.34 -1.35 -19.87
C ASP A 128 -0.41 -2.78 -19.37
N VAL A 129 -1.18 -3.01 -18.32
CA VAL A 129 -1.37 -4.34 -17.78
C VAL A 129 -2.08 -5.20 -18.82
N GLU A 130 -1.31 -5.97 -19.51
CA GLU A 130 -1.76 -6.85 -20.49
C GLU A 130 -1.93 -8.18 -19.83
N THR A 131 -3.09 -8.69 -19.86
CA THR A 131 -3.37 -9.93 -19.20
C THR A 131 -3.93 -10.91 -20.21
N HIS A 132 -3.67 -12.16 -19.99
CA HIS A 132 -4.19 -13.19 -20.82
C HIS A 132 -5.26 -13.89 -20.03
N MET A 1 6.05 6.32 30.65
CA MET A 1 5.84 5.66 29.38
C MET A 1 4.70 4.66 29.52
N GLY A 2 3.65 4.88 28.79
CA GLY A 2 2.52 4.00 28.83
C GLY A 2 1.29 4.74 28.39
N SER A 3 0.16 4.09 28.46
CA SER A 3 -1.08 4.69 28.08
C SER A 3 -1.56 5.60 29.21
N GLN A 4 -1.20 6.85 29.13
CA GLN A 4 -1.56 7.80 30.12
C GLN A 4 -2.33 8.94 29.52
N LYS A 5 -3.38 9.32 30.20
CA LYS A 5 -4.13 10.49 29.85
C LYS A 5 -3.33 11.73 30.29
N ARG A 6 -2.43 12.13 29.43
CA ARG A 6 -1.54 13.23 29.68
C ARG A 6 -2.22 14.53 29.30
N LEU A 7 -2.02 15.54 30.10
CA LEU A 7 -2.56 16.84 29.82
C LEU A 7 -1.65 17.55 28.85
N VAL A 8 -1.86 17.25 27.61
CA VAL A 8 -1.05 17.73 26.55
C VAL A 8 -1.85 18.70 25.69
N GLN A 9 -1.20 19.72 25.23
CA GLN A 9 -1.79 20.64 24.30
C GLN A 9 -1.50 20.16 22.90
N ARG A 10 -2.14 20.74 21.93
CA ARG A 10 -1.87 20.36 20.56
C ARG A 10 -0.58 20.96 20.07
N VAL A 11 0.46 20.21 20.31
CA VAL A 11 1.80 20.56 19.95
C VAL A 11 1.94 20.49 18.42
N GLU A 12 2.78 21.38 17.87
CA GLU A 12 3.08 21.43 16.43
C GLU A 12 3.50 20.04 15.94
N ARG A 13 4.38 19.42 16.72
CA ARG A 13 4.94 18.12 16.40
C ARG A 13 3.85 17.07 16.27
N LYS A 14 4.07 16.13 15.39
CA LYS A 14 3.15 15.03 15.17
C LYS A 14 3.10 14.18 16.45
N LEU A 15 1.93 14.09 17.05
CA LEU A 15 1.76 13.32 18.27
C LEU A 15 1.33 11.90 17.90
N GLU A 16 1.68 10.93 18.73
CA GLU A 16 1.41 9.54 18.42
C GLU A 16 -0.02 9.13 18.64
N GLN A 17 -0.68 8.87 17.55
CA GLN A 17 -1.98 8.28 17.51
C GLN A 17 -1.91 7.07 16.65
N THR A 18 -1.91 5.95 17.28
CA THR A 18 -1.81 4.70 16.61
C THR A 18 -3.11 4.40 15.85
N VAL A 19 -3.01 4.41 14.56
CA VAL A 19 -4.13 4.19 13.68
C VAL A 19 -3.84 2.97 12.81
N GLY A 20 -4.17 1.84 13.31
CA GLY A 20 -3.92 0.61 12.64
C GLY A 20 -4.19 -0.51 13.57
N ASP A 21 -5.37 -0.46 14.18
CA ASP A 21 -5.83 -1.42 15.18
C ASP A 21 -5.76 -2.84 14.66
N ALA A 22 -6.11 -3.00 13.42
CA ALA A 22 -6.08 -4.29 12.76
C ALA A 22 -4.70 -4.86 12.81
N PHE A 23 -3.77 -4.13 12.26
CA PHE A 23 -2.38 -4.52 12.21
C PHE A 23 -1.85 -4.76 13.61
N ALA A 24 -2.17 -3.85 14.51
CA ALA A 24 -1.74 -3.89 15.89
C ALA A 24 -2.17 -5.19 16.56
N ARG A 25 -3.42 -5.59 16.39
CA ARG A 25 -3.90 -6.78 17.03
C ARG A 25 -3.44 -8.04 16.29
N ILE A 26 -3.24 -7.93 14.99
CA ILE A 26 -2.77 -9.07 14.18
C ILE A 26 -1.35 -9.44 14.57
N PHE A 27 -0.47 -8.46 14.66
CA PHE A 27 0.90 -8.77 15.00
C PHE A 27 1.07 -8.89 16.51
N GLY A 28 0.26 -8.15 17.25
CA GLY A 28 0.32 -8.17 18.69
C GLY A 28 1.54 -7.44 19.22
N GLY A 29 2.63 -8.16 19.31
CA GLY A 29 3.86 -7.61 19.82
C GLY A 29 4.82 -7.27 18.71
N SER A 30 4.42 -6.35 17.87
CA SER A 30 5.23 -5.88 16.78
C SER A 30 4.90 -4.41 16.57
N ILE A 31 5.64 -3.73 15.74
CA ILE A 31 5.38 -2.32 15.49
C ILE A 31 4.13 -2.18 14.63
N VAL A 32 3.41 -1.11 14.84
CA VAL A 32 2.23 -0.84 14.07
C VAL A 32 2.69 -0.08 12.84
N PRO A 33 2.56 -0.68 11.66
CA PRO A 33 3.07 -0.11 10.44
C PRO A 33 2.11 0.85 9.73
N GLN A 34 1.54 1.84 10.45
CA GLN A 34 0.67 2.80 9.75
C GLN A 34 1.48 3.73 8.84
N GLU A 35 2.80 3.72 9.02
CA GLU A 35 3.69 4.49 8.16
C GLU A 35 3.63 3.92 6.73
N VAL A 36 3.27 2.63 6.60
CA VAL A 36 3.17 1.98 5.30
C VAL A 36 2.00 2.56 4.52
N GLU A 37 0.85 2.62 5.16
CA GLU A 37 -0.33 3.17 4.51
C GLU A 37 -0.12 4.65 4.26
N ALA A 38 0.57 5.31 5.18
CA ALA A 38 0.93 6.71 5.06
C ALA A 38 1.80 6.94 3.84
N LEU A 39 2.76 6.05 3.65
CA LEU A 39 3.68 6.13 2.53
C LEU A 39 2.91 6.00 1.23
N LEU A 40 1.97 5.05 1.18
CA LEU A 40 1.16 4.87 -0.02
C LEU A 40 0.21 6.04 -0.26
N ARG A 41 -0.24 6.72 0.80
CA ARG A 41 -1.08 7.92 0.62
C ARG A 41 -0.21 8.99 -0.07
N ARG A 42 1.06 9.03 0.32
CA ARG A 42 2.03 9.94 -0.26
C ARG A 42 2.27 9.57 -1.71
N GLU A 43 2.50 8.29 -1.96
CA GLU A 43 2.78 7.79 -3.30
C GLU A 43 1.65 8.05 -4.25
N ALA A 44 0.44 7.86 -3.77
CA ALA A 44 -0.74 8.11 -4.56
C ALA A 44 -0.80 9.59 -4.98
N ALA A 45 -0.44 10.46 -4.05
CA ALA A 45 -0.45 11.88 -4.32
C ALA A 45 0.80 12.31 -5.12
N ASP A 46 1.86 11.56 -5.00
CA ASP A 46 3.14 11.86 -5.64
C ASP A 46 3.10 11.44 -7.09
N GLY A 47 2.50 10.29 -7.34
CA GLY A 47 2.43 9.73 -8.66
C GLY A 47 1.26 10.23 -9.46
N ILE A 48 0.68 11.34 -9.02
CA ILE A 48 -0.42 11.96 -9.70
C ILE A 48 -0.04 12.36 -11.10
N GLN A 49 -0.83 11.94 -12.03
CA GLN A 49 -0.60 12.19 -13.39
C GLN A 49 -1.67 13.16 -13.83
N SER A 50 -1.25 14.23 -14.44
CA SER A 50 -2.14 15.22 -14.91
C SER A 50 -3.00 14.68 -16.06
N LEU A 51 -4.27 14.63 -15.81
CA LEU A 51 -5.23 14.13 -16.77
C LEU A 51 -6.18 15.30 -17.04
N GLN A 52 -7.32 15.07 -17.65
CA GLN A 52 -8.29 16.12 -17.87
C GLN A 52 -8.80 16.66 -16.53
N GLY A 53 -9.46 17.79 -16.61
CA GLY A 53 -9.94 18.49 -15.43
C GLY A 53 -11.07 17.80 -14.71
N ASN A 54 -11.45 16.64 -15.22
CA ASN A 54 -12.47 15.82 -14.59
C ASN A 54 -11.90 15.26 -13.32
N ARG A 55 -10.69 14.69 -13.42
CA ARG A 55 -10.04 14.04 -12.30
C ARG A 55 -8.63 13.64 -12.66
N LEU A 56 -7.81 13.42 -11.65
CA LEU A 56 -6.42 13.10 -11.80
C LEU A 56 -6.23 11.61 -11.84
N LEU A 57 -5.20 11.18 -12.51
CA LEU A 57 -4.92 9.79 -12.66
C LEU A 57 -3.85 9.46 -11.61
N ALA A 58 -4.12 8.48 -10.81
CA ALA A 58 -3.26 8.11 -9.72
C ALA A 58 -2.47 6.85 -10.07
N PRO A 59 -1.33 6.61 -9.41
CA PRO A 59 -0.54 5.41 -9.64
C PRO A 59 -1.28 4.16 -9.25
N ASN A 60 -1.01 3.10 -9.94
CA ASN A 60 -1.71 1.85 -9.73
C ASN A 60 -0.77 0.72 -9.41
N GLU A 61 0.49 0.89 -9.66
CA GLU A 61 1.43 -0.16 -9.42
C GLU A 61 2.40 0.23 -8.33
N TYR A 62 2.26 -0.39 -7.20
CA TYR A 62 3.07 -0.08 -6.04
C TYR A 62 3.96 -1.24 -5.69
N ILE A 63 5.21 -0.98 -5.57
CA ILE A 63 6.17 -1.97 -5.17
C ILE A 63 6.64 -1.63 -3.77
N ILE A 64 6.33 -2.50 -2.84
CA ILE A 64 6.73 -2.28 -1.48
C ILE A 64 7.71 -3.36 -1.09
N THR A 65 8.94 -2.97 -0.91
CA THR A 65 9.96 -3.90 -0.58
C THR A 65 10.31 -3.83 0.91
N LEU A 66 10.16 -4.96 1.56
CA LEU A 66 10.53 -5.12 2.97
C LEU A 66 11.74 -6.02 3.09
N GLY A 67 12.32 -6.05 4.28
CA GLY A 67 13.40 -6.95 4.55
C GLY A 67 12.85 -8.34 4.78
N VAL A 68 13.69 -9.35 4.69
CA VAL A 68 13.25 -10.73 4.83
C VAL A 68 12.58 -11.00 6.19
N HIS A 69 13.17 -10.47 7.25
CA HIS A 69 12.63 -10.70 8.57
C HIS A 69 11.35 -9.88 8.77
N ASP A 70 11.19 -8.84 7.99
CA ASP A 70 9.96 -8.06 8.04
C ASP A 70 8.87 -8.76 7.29
N PHE A 71 9.25 -9.39 6.18
CA PHE A 71 8.32 -10.14 5.36
C PHE A 71 7.75 -11.30 6.18
N GLU A 72 8.55 -11.81 7.10
CA GLU A 72 8.14 -12.85 8.02
C GLU A 72 6.93 -12.42 8.88
N LYS A 73 6.82 -11.14 9.18
CA LYS A 73 5.67 -10.67 9.92
C LYS A 73 4.51 -10.37 8.98
N LEU A 74 4.84 -10.04 7.73
CA LEU A 74 3.81 -9.73 6.72
C LEU A 74 2.98 -10.97 6.45
N GLY A 75 3.64 -12.09 6.40
CA GLY A 75 2.95 -13.33 6.18
C GLY A 75 3.70 -14.20 5.23
N ALA A 76 3.28 -15.44 5.12
CA ALA A 76 3.91 -16.38 4.23
C ALA A 76 3.37 -16.24 2.82
N ASP A 77 2.11 -15.86 2.74
CA ASP A 77 1.42 -15.72 1.47
C ASP A 77 1.26 -14.26 1.14
N PRO A 78 2.05 -13.75 0.19
CA PRO A 78 2.02 -12.34 -0.16
C PRO A 78 0.81 -11.93 -0.99
N GLU A 79 0.14 -12.89 -1.59
CA GLU A 79 -0.95 -12.59 -2.50
C GLU A 79 -2.16 -11.90 -1.84
N LEU A 80 -2.68 -12.46 -0.75
CA LEU A 80 -3.77 -11.82 -0.03
C LEU A 80 -3.34 -10.53 0.62
N LYS A 81 -2.11 -10.51 1.10
CA LYS A 81 -1.60 -9.34 1.80
C LYS A 81 -1.51 -8.16 0.85
N SER A 82 -0.99 -8.41 -0.32
CA SER A 82 -0.82 -7.40 -1.32
C SER A 82 -2.17 -6.99 -1.93
N THR A 83 -2.96 -7.96 -2.33
CA THR A 83 -4.24 -7.69 -2.94
C THR A 83 -5.23 -7.02 -1.95
N GLY A 84 -5.15 -7.42 -0.69
CA GLY A 84 -5.99 -6.82 0.33
C GLY A 84 -5.63 -5.36 0.55
N PHE A 85 -4.33 -5.10 0.67
CA PHE A 85 -3.83 -3.74 0.90
C PHE A 85 -4.09 -2.88 -0.35
N ALA A 86 -4.13 -3.53 -1.51
CA ALA A 86 -4.45 -2.87 -2.77
C ALA A 86 -5.89 -2.37 -2.74
N ARG A 87 -6.77 -3.13 -2.09
CA ARG A 87 -8.17 -2.75 -1.96
C ARG A 87 -8.28 -1.50 -1.09
N ASP A 88 -7.51 -1.45 -0.01
CA ASP A 88 -7.47 -0.26 0.86
C ASP A 88 -6.96 0.95 0.09
N LEU A 89 -6.00 0.70 -0.80
CA LEU A 89 -5.42 1.76 -1.60
C LEU A 89 -6.41 2.22 -2.68
N ALA A 90 -7.13 1.26 -3.28
CA ALA A 90 -8.18 1.58 -4.29
C ALA A 90 -9.21 2.46 -3.65
N ASP A 91 -9.54 2.12 -2.42
CA ASP A 91 -10.47 2.86 -1.60
C ASP A 91 -9.97 4.30 -1.44
N TYR A 92 -8.70 4.43 -1.03
CA TYR A 92 -8.05 5.74 -0.88
C TYR A 92 -8.11 6.59 -2.13
N ILE A 93 -7.64 6.05 -3.26
CA ILE A 93 -7.60 6.84 -4.51
C ILE A 93 -9.00 7.27 -4.94
N GLN A 94 -9.97 6.41 -4.72
CA GLN A 94 -11.36 6.71 -5.03
C GLN A 94 -11.89 7.80 -4.14
N GLU A 95 -11.47 7.79 -2.87
CA GLU A 95 -11.86 8.81 -1.91
C GLU A 95 -11.33 10.19 -2.34
N GLN A 96 -10.13 10.19 -2.88
CA GLN A 96 -9.47 11.42 -3.28
C GLN A 96 -9.98 11.91 -4.62
N GLY A 97 -10.76 11.08 -5.27
CA GLY A 97 -11.35 11.43 -6.54
C GLY A 97 -10.43 11.15 -7.70
N TRP A 98 -9.47 10.28 -7.50
CA TRP A 98 -8.53 9.96 -8.54
C TRP A 98 -8.93 8.63 -9.14
N GLN A 99 -8.48 8.36 -10.33
CA GLN A 99 -8.77 7.09 -10.98
C GLN A 99 -7.47 6.56 -11.54
N THR A 100 -7.46 5.36 -12.02
CA THR A 100 -6.28 4.82 -12.62
C THR A 100 -6.64 3.86 -13.75
N TYR A 101 -5.68 3.48 -14.58
CA TYR A 101 -5.97 2.60 -15.68
C TYR A 101 -5.40 1.24 -15.39
N GLY A 102 -6.26 0.26 -15.38
CA GLY A 102 -5.82 -1.08 -15.10
C GLY A 102 -6.29 -1.51 -13.75
N ASP A 103 -5.53 -2.35 -13.12
CA ASP A 103 -5.87 -2.85 -11.81
C ASP A 103 -4.91 -2.22 -10.84
N VAL A 104 -5.37 -1.88 -9.66
CA VAL A 104 -4.45 -1.36 -8.68
C VAL A 104 -3.74 -2.54 -8.00
N VAL A 105 -2.47 -2.61 -8.25
CA VAL A 105 -1.68 -3.68 -7.75
C VAL A 105 -0.56 -3.17 -6.88
N VAL A 106 -0.55 -3.58 -5.67
CA VAL A 106 0.49 -3.27 -4.79
C VAL A 106 1.04 -4.61 -4.41
N ARG A 107 2.33 -4.73 -4.32
CA ARG A 107 2.87 -6.00 -3.90
C ARG A 107 3.98 -5.83 -2.94
N PHE A 108 3.91 -6.59 -1.90
CA PHE A 108 4.92 -6.62 -0.88
C PHE A 108 5.92 -7.69 -1.23
N GLU A 109 7.13 -7.27 -1.40
CA GLU A 109 8.18 -8.17 -1.73
C GLU A 109 9.28 -8.06 -0.70
N GLN A 110 10.22 -8.94 -0.79
CA GLN A 110 11.33 -8.95 0.09
C GLN A 110 12.58 -8.82 -0.74
N SER A 111 13.61 -8.37 -0.14
CA SER A 111 14.84 -8.23 -0.82
C SER A 111 15.96 -8.51 0.13
N SER A 112 17.01 -9.07 -0.39
CA SER A 112 18.22 -9.25 0.34
C SER A 112 19.00 -7.93 0.35
N ASN A 113 18.70 -7.09 -0.66
CA ASN A 113 19.36 -5.81 -0.83
C ASN A 113 18.74 -4.78 0.11
N LEU A 114 17.47 -4.97 0.40
CA LEU A 114 16.76 -4.14 1.35
C LEU A 114 16.89 -4.83 2.70
N HIS A 115 17.27 -4.10 3.72
CA HIS A 115 17.54 -4.71 5.02
C HIS A 115 16.32 -4.56 5.92
N THR A 116 16.18 -5.48 6.85
CA THR A 116 15.08 -5.51 7.80
C THR A 116 15.08 -4.21 8.66
N GLY A 117 13.90 -3.69 8.91
CA GLY A 117 13.74 -2.47 9.65
C GLY A 117 13.56 -1.32 8.70
N GLN A 118 13.51 -1.64 7.44
CA GLN A 118 13.41 -0.69 6.37
C GLN A 118 12.33 -1.14 5.43
N PHE A 119 11.75 -0.20 4.74
CA PHE A 119 10.78 -0.50 3.73
C PHE A 119 10.80 0.61 2.73
N ARG A 120 10.52 0.29 1.51
CA ARG A 120 10.46 1.27 0.45
C ARG A 120 9.27 0.98 -0.41
N ALA A 121 8.54 2.00 -0.75
CA ALA A 121 7.33 1.85 -1.51
C ALA A 121 7.26 2.92 -2.58
N ARG A 122 7.20 2.49 -3.80
CA ARG A 122 7.08 3.36 -4.90
C ARG A 122 5.78 3.02 -5.62
N GLY A 123 5.05 4.02 -6.02
CA GLY A 123 3.86 3.81 -6.78
C GLY A 123 3.94 4.48 -8.12
N THR A 124 4.15 3.72 -9.15
CA THR A 124 4.27 4.24 -10.46
C THR A 124 2.99 3.94 -11.26
N VAL A 125 2.67 4.79 -12.23
CA VAL A 125 1.55 4.55 -13.10
C VAL A 125 1.99 3.55 -14.17
N ASN A 126 1.42 2.40 -14.13
CA ASN A 126 1.70 1.36 -15.10
C ASN A 126 0.45 1.07 -15.88
N PRO A 127 0.40 1.48 -17.15
CA PRO A 127 -0.77 1.25 -17.98
C PRO A 127 -0.91 -0.22 -18.40
N ASP A 128 0.18 -0.95 -18.40
CA ASP A 128 0.15 -2.30 -18.86
C ASP A 128 0.12 -3.24 -17.71
N VAL A 129 -1.02 -3.33 -17.16
CA VAL A 129 -1.32 -4.23 -16.11
C VAL A 129 -2.71 -4.80 -16.37
N GLU A 130 -2.82 -6.08 -16.27
CA GLU A 130 -4.07 -6.74 -16.53
C GLU A 130 -5.01 -6.58 -15.37
N THR A 131 -6.25 -6.43 -15.67
CA THR A 131 -7.27 -6.35 -14.69
C THR A 131 -8.36 -7.31 -15.12
N HIS A 132 -8.93 -7.99 -14.17
CA HIS A 132 -9.92 -9.00 -14.43
C HIS A 132 -11.30 -8.45 -14.18
N MET A 1 -15.63 -28.94 29.31
CA MET A 1 -15.73 -28.27 28.02
C MET A 1 -14.94 -26.98 28.02
N GLY A 2 -13.94 -26.92 27.18
CA GLY A 2 -13.17 -25.72 27.01
C GLY A 2 -13.91 -24.77 26.13
N SER A 3 -14.38 -23.70 26.69
CA SER A 3 -15.16 -22.73 25.98
C SER A 3 -14.27 -21.91 25.03
N GLN A 4 -14.87 -21.44 23.94
CA GLN A 4 -14.15 -20.67 22.91
C GLN A 4 -13.90 -19.20 23.32
N LYS A 5 -13.88 -18.94 24.62
CA LYS A 5 -13.61 -17.61 25.14
C LYS A 5 -13.39 -17.68 26.63
N ARG A 6 -12.54 -16.83 27.13
CA ARG A 6 -12.25 -16.75 28.54
C ARG A 6 -12.88 -15.46 29.05
N LEU A 7 -13.22 -15.42 30.33
CA LEU A 7 -13.76 -14.22 30.92
C LEU A 7 -12.63 -13.25 31.22
N VAL A 8 -12.46 -12.29 30.37
CA VAL A 8 -11.40 -11.33 30.53
C VAL A 8 -11.91 -10.12 31.28
N GLN A 9 -12.60 -9.27 30.56
CA GLN A 9 -13.20 -8.04 31.03
C GLN A 9 -14.32 -7.76 30.08
N ARG A 10 -15.04 -6.67 30.27
CA ARG A 10 -16.11 -6.35 29.37
C ARG A 10 -15.59 -6.09 27.96
N VAL A 11 -16.01 -6.94 27.05
CA VAL A 11 -15.58 -6.86 25.68
C VAL A 11 -16.41 -5.76 25.02
N GLU A 12 -15.98 -4.55 25.23
CA GLU A 12 -16.70 -3.39 24.86
C GLU A 12 -16.24 -2.78 23.54
N ARG A 13 -17.14 -2.84 22.55
CA ARG A 13 -17.01 -2.13 21.26
C ARG A 13 -15.71 -2.51 20.50
N LYS A 14 -15.31 -3.74 20.66
CA LYS A 14 -14.13 -4.27 20.02
C LYS A 14 -14.16 -5.75 20.30
N LEU A 15 -13.80 -6.58 19.33
CA LEU A 15 -13.88 -8.06 19.50
C LEU A 15 -12.81 -8.62 20.45
N GLU A 16 -11.88 -7.79 20.83
CA GLU A 16 -10.81 -8.13 21.74
C GLU A 16 -10.51 -6.89 22.55
N GLN A 17 -9.74 -6.99 23.59
CA GLN A 17 -9.43 -5.82 24.39
C GLN A 17 -8.02 -5.33 24.18
N THR A 18 -7.34 -6.04 23.34
CA THR A 18 -6.06 -5.66 22.85
C THR A 18 -6.28 -4.96 21.50
N VAL A 19 -5.23 -4.48 20.89
CA VAL A 19 -5.37 -3.88 19.59
C VAL A 19 -4.69 -4.78 18.56
N GLY A 20 -5.41 -5.82 18.15
CA GLY A 20 -4.90 -6.76 17.16
C GLY A 20 -3.74 -7.53 17.72
N ASP A 21 -4.02 -8.21 18.83
CA ASP A 21 -3.03 -8.94 19.63
C ASP A 21 -2.03 -9.72 18.83
N ALA A 22 -2.53 -10.59 17.98
CA ALA A 22 -1.71 -11.49 17.21
C ALA A 22 -0.73 -10.75 16.34
N PHE A 23 -1.23 -9.93 15.46
CA PHE A 23 -0.39 -9.18 14.55
C PHE A 23 0.54 -8.22 15.27
N ALA A 24 0.04 -7.60 16.33
CA ALA A 24 0.82 -6.66 17.12
C ALA A 24 2.03 -7.34 17.73
N ARG A 25 1.84 -8.54 18.27
CA ARG A 25 2.93 -9.26 18.88
C ARG A 25 3.85 -9.91 17.83
N ILE A 26 3.32 -10.08 16.61
CA ILE A 26 4.11 -10.59 15.49
C ILE A 26 5.04 -9.50 14.99
N PHE A 27 4.49 -8.35 14.62
CA PHE A 27 5.29 -7.24 14.10
C PHE A 27 6.15 -6.63 15.19
N GLY A 28 5.69 -6.72 16.41
CA GLY A 28 6.44 -6.20 17.52
C GLY A 28 5.86 -4.89 17.99
N GLY A 29 5.64 -4.00 17.06
CA GLY A 29 5.09 -2.73 17.40
C GLY A 29 4.22 -2.19 16.33
N SER A 30 3.34 -3.03 15.81
CA SER A 30 2.46 -2.64 14.75
C SER A 30 1.38 -3.69 14.59
N ILE A 31 0.15 -3.27 14.43
CA ILE A 31 -0.96 -4.17 14.14
C ILE A 31 -1.13 -4.24 12.62
N VAL A 32 -1.06 -3.09 12.00
CA VAL A 32 -1.13 -2.90 10.58
C VAL A 32 -0.12 -1.84 10.26
N PRO A 33 0.84 -2.11 9.36
CA PRO A 33 1.83 -1.13 8.96
C PRO A 33 1.18 0.06 8.23
N GLN A 34 0.75 1.03 9.00
CA GLN A 34 0.08 2.17 8.45
C GLN A 34 1.03 3.22 7.90
N GLU A 35 2.32 3.03 8.11
CA GLU A 35 3.28 3.91 7.48
C GLU A 35 3.48 3.50 6.03
N VAL A 36 3.15 2.25 5.76
CA VAL A 36 3.20 1.73 4.40
C VAL A 36 2.08 2.36 3.59
N GLU A 37 0.87 2.35 4.14
CA GLU A 37 -0.27 2.96 3.46
C GLU A 37 -0.08 4.47 3.32
N ALA A 38 0.58 5.06 4.32
CA ALA A 38 0.90 6.48 4.31
C ALA A 38 1.80 6.79 3.15
N LEU A 39 2.86 5.99 2.99
CA LEU A 39 3.82 6.14 1.92
C LEU A 39 3.09 5.99 0.59
N LEU A 40 2.25 4.98 0.47
CA LEU A 40 1.52 4.74 -0.77
C LEU A 40 0.55 5.84 -1.14
N ARG A 41 -0.21 6.37 -0.19
CA ARG A 41 -1.10 7.47 -0.52
C ARG A 41 -0.33 8.77 -0.77
N ARG A 42 0.84 8.88 -0.16
CA ARG A 42 1.75 9.97 -0.45
C ARG A 42 2.30 9.82 -1.87
N GLU A 43 2.71 8.62 -2.19
CA GLU A 43 3.26 8.26 -3.49
C GLU A 43 2.23 8.49 -4.58
N ALA A 44 0.99 8.15 -4.27
CA ALA A 44 -0.12 8.37 -5.17
C ALA A 44 -0.30 9.86 -5.44
N ALA A 45 -0.23 10.66 -4.39
CA ALA A 45 -0.40 12.09 -4.48
C ALA A 45 0.78 12.76 -5.20
N ASP A 46 1.97 12.25 -4.94
CA ASP A 46 3.17 12.81 -5.55
C ASP A 46 3.32 12.35 -7.00
N GLY A 47 2.80 11.18 -7.30
CA GLY A 47 2.88 10.62 -8.64
C GLY A 47 1.63 10.86 -9.46
N ILE A 48 0.86 11.87 -9.07
CA ILE A 48 -0.34 12.29 -9.78
C ILE A 48 -0.02 12.77 -11.21
N GLN A 49 -0.91 12.49 -12.13
CA GLN A 49 -0.74 12.92 -13.48
C GLN A 49 -1.92 13.80 -13.84
N SER A 50 -1.63 14.91 -14.47
CA SER A 50 -2.63 15.83 -14.89
C SER A 50 -3.51 15.17 -15.94
N LEU A 51 -4.77 15.24 -15.71
CA LEU A 51 -5.76 14.65 -16.56
C LEU A 51 -6.85 15.71 -16.73
N GLN A 52 -7.99 15.33 -17.24
CA GLN A 52 -9.12 16.24 -17.38
C GLN A 52 -9.52 16.78 -16.01
N GLY A 53 -10.15 17.94 -16.01
CA GLY A 53 -10.51 18.65 -14.78
C GLY A 53 -11.50 17.90 -13.92
N ASN A 54 -12.06 16.83 -14.46
CA ASN A 54 -12.95 15.97 -13.72
C ASN A 54 -12.22 15.33 -12.56
N ARG A 55 -11.03 14.79 -12.82
CA ARG A 55 -10.27 14.06 -11.82
C ARG A 55 -8.85 13.74 -12.34
N LEU A 56 -7.93 13.60 -11.43
CA LEU A 56 -6.50 13.38 -11.72
C LEU A 56 -6.17 11.90 -11.79
N LEU A 57 -5.16 11.57 -12.56
CA LEU A 57 -4.79 10.19 -12.77
C LEU A 57 -3.73 9.85 -11.72
N ALA A 58 -3.88 8.73 -11.07
CA ALA A 58 -2.99 8.27 -10.02
C ALA A 58 -2.34 6.95 -10.43
N PRO A 59 -1.19 6.58 -9.80
CA PRO A 59 -0.50 5.30 -10.07
C PRO A 59 -1.36 4.08 -9.74
N ASN A 60 -0.96 2.93 -10.28
CA ASN A 60 -1.68 1.69 -10.03
C ASN A 60 -0.75 0.55 -9.71
N GLU A 61 0.49 0.63 -10.13
CA GLU A 61 1.40 -0.44 -9.83
C GLU A 61 2.33 -0.02 -8.70
N TYR A 62 2.07 -0.55 -7.54
CA TYR A 62 2.81 -0.24 -6.34
C TYR A 62 3.62 -1.43 -5.93
N ILE A 63 4.90 -1.30 -5.98
CA ILE A 63 5.76 -2.37 -5.62
C ILE A 63 6.45 -1.98 -4.31
N ILE A 64 6.21 -2.75 -3.30
CA ILE A 64 6.73 -2.50 -1.99
C ILE A 64 7.71 -3.59 -1.66
N THR A 65 8.88 -3.25 -1.31
CA THR A 65 9.85 -4.22 -0.97
C THR A 65 10.24 -4.05 0.49
N LEU A 66 10.08 -5.10 1.24
CA LEU A 66 10.38 -5.14 2.65
C LEU A 66 11.69 -5.86 2.86
N GLY A 67 12.31 -5.62 4.00
CA GLY A 67 13.42 -6.42 4.38
C GLY A 67 12.94 -7.82 4.58
N VAL A 68 13.74 -8.81 4.24
CA VAL A 68 13.31 -10.20 4.28
C VAL A 68 12.79 -10.65 5.65
N HIS A 69 13.38 -10.14 6.71
CA HIS A 69 12.97 -10.49 8.04
C HIS A 69 11.58 -9.92 8.38
N ASP A 70 11.28 -8.74 7.86
CA ASP A 70 9.97 -8.12 8.09
C ASP A 70 8.93 -8.78 7.24
N PHE A 71 9.37 -9.34 6.14
CA PHE A 71 8.51 -10.07 5.24
C PHE A 71 8.03 -11.35 5.98
N GLU A 72 8.89 -11.87 6.86
CA GLU A 72 8.54 -13.01 7.70
C GLU A 72 7.41 -12.63 8.67
N LYS A 73 7.38 -11.37 9.08
CA LYS A 73 6.32 -10.86 9.96
C LYS A 73 5.01 -10.71 9.19
N LEU A 74 5.11 -10.49 7.88
CA LEU A 74 3.93 -10.44 7.02
C LEU A 74 3.31 -11.82 6.94
N GLY A 75 4.15 -12.82 7.12
CA GLY A 75 3.67 -14.15 7.28
C GLY A 75 3.97 -15.03 6.12
N ALA A 76 3.29 -16.14 6.07
CA ALA A 76 3.43 -17.10 4.99
C ALA A 76 2.62 -16.64 3.80
N ASP A 77 1.66 -15.77 4.05
CA ASP A 77 0.82 -15.23 3.01
C ASP A 77 0.86 -13.69 2.94
N PRO A 78 2.02 -13.09 2.55
CA PRO A 78 2.12 -11.64 2.40
C PRO A 78 1.36 -11.18 1.18
N GLU A 79 1.61 -11.85 0.05
CA GLU A 79 1.01 -11.51 -1.23
C GLU A 79 -0.49 -11.78 -1.29
N LEU A 80 -1.00 -12.49 -0.32
CA LEU A 80 -2.42 -12.75 -0.23
C LEU A 80 -3.08 -11.50 0.34
N LYS A 81 -2.39 -10.87 1.28
CA LYS A 81 -2.89 -9.69 1.96
C LYS A 81 -2.77 -8.46 1.04
N SER A 82 -1.83 -8.53 0.11
CA SER A 82 -1.55 -7.47 -0.84
C SER A 82 -2.81 -7.08 -1.61
N THR A 83 -3.57 -8.06 -2.01
CA THR A 83 -4.79 -7.88 -2.76
C THR A 83 -5.82 -7.04 -1.96
N GLY A 84 -5.97 -7.36 -0.68
CA GLY A 84 -6.91 -6.62 0.17
C GLY A 84 -6.42 -5.21 0.44
N PHE A 85 -5.11 -5.10 0.63
CA PHE A 85 -4.45 -3.83 0.87
C PHE A 85 -4.53 -2.95 -0.38
N ALA A 86 -4.43 -3.57 -1.54
CA ALA A 86 -4.57 -2.89 -2.82
C ALA A 86 -5.97 -2.34 -2.96
N ARG A 87 -6.96 -3.13 -2.57
CA ARG A 87 -8.34 -2.70 -2.63
C ARG A 87 -8.59 -1.55 -1.64
N ASP A 88 -7.95 -1.63 -0.49
CA ASP A 88 -8.02 -0.58 0.55
C ASP A 88 -7.45 0.72 -0.03
N LEU A 89 -6.32 0.59 -0.71
CA LEU A 89 -5.66 1.72 -1.36
C LEU A 89 -6.51 2.25 -2.52
N ALA A 90 -7.17 1.34 -3.24
CA ALA A 90 -8.07 1.72 -4.32
C ALA A 90 -9.20 2.56 -3.77
N ASP A 91 -9.66 2.19 -2.60
CA ASP A 91 -10.70 2.93 -1.91
C ASP A 91 -10.17 4.31 -1.54
N TYR A 92 -8.93 4.35 -1.05
CA TYR A 92 -8.24 5.60 -0.74
C TYR A 92 -8.20 6.54 -1.94
N ILE A 93 -7.82 6.03 -3.11
CA ILE A 93 -7.75 6.88 -4.30
C ILE A 93 -9.15 7.32 -4.74
N GLN A 94 -10.14 6.45 -4.56
CA GLN A 94 -11.54 6.78 -4.83
C GLN A 94 -11.99 7.94 -3.95
N GLU A 95 -11.59 7.89 -2.68
CA GLU A 95 -11.87 8.94 -1.72
C GLU A 95 -11.34 10.28 -2.20
N GLN A 96 -10.12 10.27 -2.71
CA GLN A 96 -9.44 11.48 -3.15
C GLN A 96 -9.95 11.89 -4.54
N GLY A 97 -10.65 10.98 -5.19
CA GLY A 97 -11.24 11.25 -6.49
C GLY A 97 -10.33 10.92 -7.65
N TRP A 98 -9.24 10.26 -7.39
CA TRP A 98 -8.28 9.98 -8.45
C TRP A 98 -8.64 8.69 -9.17
N GLN A 99 -8.26 8.60 -10.42
CA GLN A 99 -8.53 7.42 -11.21
C GLN A 99 -7.24 6.85 -11.74
N THR A 100 -7.29 5.67 -12.27
CA THR A 100 -6.14 5.06 -12.88
C THR A 100 -6.59 4.20 -14.05
N TYR A 101 -5.72 3.99 -15.00
CA TYR A 101 -6.01 3.10 -16.10
C TYR A 101 -5.40 1.77 -15.78
N GLY A 102 -6.20 0.76 -15.72
CA GLY A 102 -5.70 -0.54 -15.39
C GLY A 102 -6.16 -0.95 -14.02
N ASP A 103 -5.51 -1.94 -13.47
CA ASP A 103 -5.85 -2.44 -12.14
C ASP A 103 -4.75 -2.12 -11.17
N VAL A 104 -5.15 -1.82 -9.95
CA VAL A 104 -4.21 -1.47 -8.92
C VAL A 104 -3.62 -2.74 -8.33
N VAL A 105 -2.32 -2.83 -8.37
CA VAL A 105 -1.63 -3.97 -7.84
C VAL A 105 -0.60 -3.52 -6.85
N VAL A 106 -0.63 -4.12 -5.71
CA VAL A 106 0.33 -3.87 -4.69
C VAL A 106 1.10 -5.14 -4.49
N ARG A 107 2.36 -5.09 -4.71
CA ARG A 107 3.21 -6.25 -4.60
C ARG A 107 4.12 -6.12 -3.42
N PHE A 108 4.11 -7.11 -2.57
CA PHE A 108 5.02 -7.14 -1.46
C PHE A 108 6.17 -8.04 -1.79
N GLU A 109 7.33 -7.46 -1.78
CA GLU A 109 8.55 -8.12 -2.14
C GLU A 109 9.48 -8.17 -0.95
N GLN A 110 10.48 -8.96 -1.06
CA GLN A 110 11.49 -9.09 -0.06
C GLN A 110 12.82 -8.81 -0.69
N SER A 111 13.75 -8.41 0.09
CA SER A 111 15.05 -8.12 -0.40
C SER A 111 16.06 -8.53 0.63
N SER A 112 17.14 -9.09 0.17
CA SER A 112 18.26 -9.41 1.02
C SER A 112 19.09 -8.14 1.24
N ASN A 113 18.91 -7.18 0.33
CA ASN A 113 19.61 -5.88 0.36
C ASN A 113 19.03 -5.05 1.50
N LEU A 114 17.73 -5.13 1.65
CA LEU A 114 17.04 -4.43 2.69
C LEU A 114 17.06 -5.24 3.96
N HIS A 115 17.44 -4.60 5.01
CA HIS A 115 17.52 -5.24 6.28
C HIS A 115 16.25 -4.99 7.06
N THR A 116 16.11 -5.63 8.19
CA THR A 116 14.92 -5.51 8.99
C THR A 116 14.65 -4.03 9.35
N GLY A 117 13.40 -3.66 9.27
CA GLY A 117 12.97 -2.32 9.52
C GLY A 117 12.81 -1.54 8.24
N GLN A 118 13.59 -1.89 7.25
CA GLN A 118 13.61 -1.17 5.99
C GLN A 118 12.52 -1.66 5.07
N PHE A 119 11.97 -0.73 4.33
CA PHE A 119 10.98 -1.01 3.35
C PHE A 119 11.01 0.12 2.36
N ARG A 120 10.66 -0.14 1.15
CA ARG A 120 10.60 0.89 0.15
C ARG A 120 9.44 0.59 -0.73
N ALA A 121 8.86 1.60 -1.31
CA ALA A 121 7.71 1.43 -2.15
C ALA A 121 7.70 2.48 -3.22
N ARG A 122 7.33 2.08 -4.41
CA ARG A 122 7.21 2.99 -5.51
C ARG A 122 5.88 2.73 -6.21
N GLY A 123 5.20 3.78 -6.57
CA GLY A 123 3.95 3.66 -7.24
C GLY A 123 4.05 4.24 -8.61
N THR A 124 3.87 3.42 -9.58
CA THR A 124 4.02 3.84 -10.93
C THR A 124 2.70 3.75 -11.68
N VAL A 125 2.56 4.54 -12.70
CA VAL A 125 1.41 4.50 -13.52
C VAL A 125 1.67 3.51 -14.62
N ASN A 126 1.08 2.36 -14.50
CA ASN A 126 1.13 1.36 -15.54
C ASN A 126 -0.19 1.43 -16.25
N PRO A 127 -0.29 2.16 -17.35
CA PRO A 127 -1.55 2.34 -18.04
C PRO A 127 -1.85 1.20 -19.00
N ASP A 128 -0.84 0.40 -19.30
CA ASP A 128 -1.01 -0.67 -20.25
C ASP A 128 -1.33 -1.95 -19.52
N VAL A 129 -2.47 -1.94 -18.92
CA VAL A 129 -2.97 -3.09 -18.21
C VAL A 129 -4.13 -3.62 -18.98
N GLU A 130 -3.97 -4.80 -19.48
CA GLU A 130 -5.00 -5.45 -20.20
C GLU A 130 -6.01 -6.05 -19.24
N THR A 131 -7.24 -6.06 -19.66
CA THR A 131 -8.30 -6.52 -18.84
C THR A 131 -9.23 -7.39 -19.69
N HIS A 132 -10.08 -8.11 -19.04
CA HIS A 132 -11.00 -8.97 -19.69
C HIS A 132 -12.36 -8.66 -19.13
N MET A 1 12.21 26.97 -12.11
CA MET A 1 12.10 27.31 -10.70
C MET A 1 11.29 26.23 -10.00
N GLY A 2 11.94 25.51 -9.12
CA GLY A 2 11.29 24.47 -8.38
C GLY A 2 12.12 24.08 -7.19
N SER A 3 12.69 25.08 -6.54
CA SER A 3 13.50 24.87 -5.38
C SER A 3 12.59 24.64 -4.18
N GLN A 4 12.35 23.40 -3.88
CA GLN A 4 11.45 23.04 -2.83
C GLN A 4 11.90 21.73 -2.25
N LYS A 5 11.45 21.44 -1.07
CA LYS A 5 11.75 20.18 -0.45
C LYS A 5 10.55 19.71 0.33
N ARG A 6 10.09 18.55 -0.01
CA ARG A 6 8.95 17.97 0.65
C ARG A 6 9.43 17.09 1.77
N LEU A 7 9.06 17.45 2.97
CA LEU A 7 9.56 16.78 4.12
C LEU A 7 8.45 16.20 4.95
N VAL A 8 8.25 14.92 4.86
CA VAL A 8 7.33 14.27 5.74
C VAL A 8 8.04 14.10 7.08
N GLN A 9 7.59 14.84 8.06
CA GLN A 9 8.20 14.82 9.34
C GLN A 9 7.81 13.59 10.12
N ARG A 10 8.61 12.57 9.98
CA ARG A 10 8.44 11.37 10.74
C ARG A 10 9.05 11.59 12.10
N VAL A 11 8.55 10.93 13.09
CA VAL A 11 9.10 11.06 14.40
C VAL A 11 9.58 9.72 14.89
N GLU A 12 10.80 9.67 15.38
CA GLU A 12 11.35 8.45 15.92
C GLU A 12 10.67 8.12 17.22
N ARG A 13 10.23 9.15 17.91
CA ARG A 13 9.50 8.98 19.12
C ARG A 13 7.99 8.99 18.80
N LYS A 14 7.57 8.00 18.05
CA LYS A 14 6.17 7.85 17.73
C LYS A 14 5.52 6.94 18.75
N LEU A 15 5.11 7.52 19.85
CA LEU A 15 4.55 6.77 20.93
C LEU A 15 3.05 6.73 20.85
N GLU A 16 2.56 5.80 20.07
CA GLU A 16 1.16 5.51 19.88
C GLU A 16 1.07 4.35 18.93
N GLN A 17 0.99 3.19 19.48
CA GLN A 17 0.95 1.98 18.72
C GLN A 17 -0.39 1.33 18.86
N THR A 18 -0.95 0.95 17.75
CA THR A 18 -2.19 0.25 17.73
C THR A 18 -1.96 -1.18 18.20
N VAL A 19 -2.17 -1.38 19.46
CA VAL A 19 -1.90 -2.65 20.08
C VAL A 19 -3.02 -3.65 19.84
N GLY A 20 -2.86 -4.44 18.82
CA GLY A 20 -3.83 -5.44 18.51
C GLY A 20 -3.86 -5.78 17.05
N ASP A 21 -2.85 -6.48 16.59
CA ASP A 21 -2.79 -6.93 15.22
C ASP A 21 -2.00 -8.22 15.19
N ALA A 22 -2.56 -9.20 14.56
CA ALA A 22 -1.98 -10.53 14.47
C ALA A 22 -0.63 -10.54 13.76
N PHE A 23 -0.54 -9.80 12.71
CA PHE A 23 0.65 -9.78 11.90
C PHE A 23 1.70 -8.92 12.51
N ALA A 24 1.26 -7.89 13.21
CA ALA A 24 2.16 -7.06 13.99
C ALA A 24 2.85 -7.91 15.04
N ARG A 25 2.09 -8.82 15.62
CA ARG A 25 2.61 -9.75 16.61
C ARG A 25 3.55 -10.75 15.98
N ILE A 26 3.39 -10.99 14.69
CA ILE A 26 4.31 -11.83 13.94
C ILE A 26 5.68 -11.10 13.80
N PHE A 27 5.64 -9.77 13.67
CA PHE A 27 6.88 -8.99 13.60
C PHE A 27 7.47 -8.78 14.99
N GLY A 28 6.62 -8.73 15.98
CA GLY A 28 7.06 -8.57 17.33
C GLY A 28 6.79 -7.18 17.88
N GLY A 29 7.74 -6.28 17.71
CA GLY A 29 7.59 -4.94 18.23
C GLY A 29 7.14 -3.96 17.19
N SER A 30 7.20 -4.36 15.93
CA SER A 30 6.72 -3.54 14.86
C SER A 30 5.21 -3.71 14.81
N ILE A 31 4.51 -2.77 15.41
CA ILE A 31 3.10 -2.94 15.61
C ILE A 31 2.28 -1.74 15.10
N VAL A 32 2.89 -0.97 14.21
CA VAL A 32 2.14 0.09 13.54
C VAL A 32 2.03 -0.26 12.05
N PRO A 33 0.99 -1.02 11.64
CA PRO A 33 0.82 -1.41 10.24
C PRO A 33 0.38 -0.25 9.36
N GLN A 34 -0.17 0.79 9.98
CA GLN A 34 -0.66 1.95 9.24
C GLN A 34 0.45 2.81 8.69
N GLU A 35 1.70 2.52 9.07
CA GLU A 35 2.85 3.22 8.49
C GLU A 35 2.97 2.83 7.02
N VAL A 36 2.61 1.60 6.73
CA VAL A 36 2.67 1.06 5.39
C VAL A 36 1.64 1.76 4.50
N GLU A 37 0.38 1.76 4.93
CA GLU A 37 -0.70 2.37 4.13
C GLU A 37 -0.50 3.86 3.97
N ALA A 38 0.14 4.48 4.98
CA ALA A 38 0.49 5.88 4.94
C ALA A 38 1.40 6.13 3.78
N LEU A 39 2.42 5.29 3.67
CA LEU A 39 3.40 5.43 2.63
C LEU A 39 2.76 5.16 1.26
N LEU A 40 1.86 4.18 1.19
CA LEU A 40 1.13 3.89 -0.05
C LEU A 40 0.40 5.12 -0.58
N ARG A 41 -0.37 5.77 0.28
CA ARG A 41 -1.10 6.96 -0.14
C ARG A 41 -0.17 8.16 -0.40
N ARG A 42 1.01 8.17 0.19
CA ARG A 42 2.00 9.21 -0.08
C ARG A 42 2.56 9.04 -1.48
N GLU A 43 2.89 7.81 -1.82
CA GLU A 43 3.45 7.50 -3.13
C GLU A 43 2.39 7.67 -4.20
N ALA A 44 1.14 7.40 -3.84
CA ALA A 44 0.01 7.61 -4.73
C ALA A 44 -0.07 9.09 -5.10
N ALA A 45 0.08 9.95 -4.09
CA ALA A 45 0.03 11.40 -4.28
C ALA A 45 1.24 11.89 -5.08
N ASP A 46 2.33 11.16 -5.01
CA ASP A 46 3.56 11.50 -5.74
C ASP A 46 3.47 11.12 -7.21
N GLY A 47 2.77 10.03 -7.47
CA GLY A 47 2.62 9.56 -8.82
C GLY A 47 1.44 10.18 -9.53
N ILE A 48 0.85 11.19 -8.91
CA ILE A 48 -0.25 11.91 -9.47
C ILE A 48 0.18 12.65 -10.72
N GLN A 49 -0.58 12.46 -11.75
CA GLN A 49 -0.34 13.07 -13.00
C GLN A 49 -1.53 13.88 -13.42
N SER A 50 -1.25 14.99 -14.01
CA SER A 50 -2.23 15.89 -14.48
C SER A 50 -2.88 15.37 -15.76
N LEU A 51 -4.13 15.05 -15.65
CA LEU A 51 -4.92 14.55 -16.74
C LEU A 51 -6.00 15.59 -16.98
N GLN A 52 -7.05 15.24 -17.71
CA GLN A 52 -8.19 16.14 -17.95
C GLN A 52 -8.68 16.78 -16.65
N GLY A 53 -9.31 17.93 -16.77
CA GLY A 53 -9.73 18.73 -15.62
C GLY A 53 -10.89 18.13 -14.87
N ASN A 54 -11.25 16.92 -15.21
CA ASN A 54 -12.26 16.18 -14.50
C ASN A 54 -11.63 15.65 -13.25
N ARG A 55 -10.44 15.05 -13.38
CA ARG A 55 -9.71 14.47 -12.25
C ARG A 55 -8.32 13.98 -12.63
N LEU A 56 -7.53 13.71 -11.62
CA LEU A 56 -6.11 13.38 -11.75
C LEU A 56 -5.88 11.89 -11.88
N LEU A 57 -4.82 11.55 -12.56
CA LEU A 57 -4.45 10.19 -12.82
C LEU A 57 -3.47 9.75 -11.72
N ALA A 58 -3.74 8.63 -11.11
CA ALA A 58 -2.92 8.08 -10.05
C ALA A 58 -2.28 6.76 -10.52
N PRO A 59 -1.17 6.32 -9.88
CA PRO A 59 -0.52 5.05 -10.22
C PRO A 59 -1.41 3.84 -9.95
N ASN A 60 -1.09 2.74 -10.59
CA ASN A 60 -1.86 1.50 -10.47
C ASN A 60 -0.96 0.34 -10.05
N GLU A 61 0.31 0.49 -10.27
CA GLU A 61 1.28 -0.54 -10.04
C GLU A 61 2.06 -0.17 -8.80
N TYR A 62 1.88 -0.90 -7.74
CA TYR A 62 2.54 -0.61 -6.48
C TYR A 62 3.31 -1.79 -5.97
N ILE A 63 4.53 -1.55 -5.60
CA ILE A 63 5.38 -2.56 -5.04
C ILE A 63 5.95 -2.04 -3.73
N ILE A 64 5.73 -2.78 -2.70
CA ILE A 64 6.26 -2.49 -1.40
C ILE A 64 7.39 -3.47 -1.17
N THR A 65 8.54 -2.95 -0.95
CA THR A 65 9.69 -3.74 -0.78
C THR A 65 10.14 -3.68 0.68
N LEU A 66 10.28 -4.83 1.27
CA LEU A 66 10.75 -5.01 2.63
C LEU A 66 12.09 -5.74 2.61
N GLY A 67 12.60 -6.03 3.77
CA GLY A 67 13.81 -6.80 3.86
C GLY A 67 13.48 -8.28 3.85
N VAL A 68 14.50 -9.11 3.78
CA VAL A 68 14.34 -10.56 3.72
C VAL A 68 13.60 -11.08 4.96
N HIS A 69 14.09 -10.69 6.14
CA HIS A 69 13.53 -11.15 7.41
C HIS A 69 12.07 -10.72 7.53
N ASP A 70 11.83 -9.52 7.11
CA ASP A 70 10.53 -8.88 7.18
C ASP A 70 9.55 -9.56 6.25
N PHE A 71 10.02 -9.92 5.07
CA PHE A 71 9.21 -10.62 4.12
C PHE A 71 8.87 -12.02 4.64
N GLU A 72 9.78 -12.59 5.40
CA GLU A 72 9.56 -13.88 6.02
C GLU A 72 8.45 -13.81 7.07
N LYS A 73 8.24 -12.62 7.63
CA LYS A 73 7.12 -12.41 8.53
C LYS A 73 5.85 -12.24 7.72
N LEU A 74 6.00 -11.60 6.56
CA LEU A 74 4.88 -11.38 5.62
C LEU A 74 4.41 -12.71 5.04
N GLY A 75 5.27 -13.71 5.14
CA GLY A 75 4.96 -15.05 4.66
C GLY A 75 3.80 -15.71 5.41
N ALA A 76 3.30 -15.05 6.44
CA ALA A 76 2.13 -15.51 7.15
C ALA A 76 0.88 -15.32 6.29
N ASP A 77 0.85 -14.23 5.54
CA ASP A 77 -0.26 -13.92 4.64
C ASP A 77 0.24 -13.00 3.54
N PRO A 78 0.83 -13.58 2.50
CA PRO A 78 1.41 -12.82 1.41
C PRO A 78 0.39 -12.21 0.42
N GLU A 79 -0.49 -13.04 -0.08
CA GLU A 79 -1.37 -12.65 -1.15
C GLU A 79 -2.63 -11.91 -0.73
N LEU A 80 -3.24 -12.32 0.37
CA LEU A 80 -4.47 -11.70 0.81
C LEU A 80 -4.20 -10.24 1.22
N LYS A 81 -3.22 -10.02 2.09
CA LYS A 81 -2.85 -8.65 2.49
C LYS A 81 -2.43 -7.77 1.31
N SER A 82 -1.84 -8.37 0.28
CA SER A 82 -1.48 -7.61 -0.91
C SER A 82 -2.74 -7.04 -1.58
N THR A 83 -3.76 -7.86 -1.70
CA THR A 83 -5.01 -7.44 -2.25
C THR A 83 -5.77 -6.53 -1.26
N GLY A 84 -5.60 -6.81 0.04
CA GLY A 84 -6.17 -5.98 1.08
C GLY A 84 -5.69 -4.55 0.98
N PHE A 85 -4.39 -4.39 0.82
CA PHE A 85 -3.81 -3.06 0.63
C PHE A 85 -4.19 -2.47 -0.72
N ALA A 86 -4.26 -3.31 -1.75
CA ALA A 86 -4.68 -2.86 -3.07
C ALA A 86 -6.08 -2.28 -3.06
N ARG A 87 -6.98 -3.00 -2.41
CA ARG A 87 -8.37 -2.58 -2.29
C ARG A 87 -8.45 -1.33 -1.43
N ASP A 88 -7.66 -1.30 -0.37
CA ASP A 88 -7.67 -0.18 0.57
C ASP A 88 -7.13 1.08 -0.09
N LEU A 89 -6.04 0.93 -0.83
CA LEU A 89 -5.44 2.04 -1.54
C LEU A 89 -6.33 2.50 -2.70
N ALA A 90 -6.99 1.55 -3.36
CA ALA A 90 -7.92 1.86 -4.43
C ALA A 90 -9.06 2.68 -3.86
N ASP A 91 -9.47 2.32 -2.67
CA ASP A 91 -10.53 2.99 -1.96
C ASP A 91 -10.09 4.42 -1.61
N TYR A 92 -8.84 4.55 -1.15
CA TYR A 92 -8.23 5.86 -0.87
C TYR A 92 -8.21 6.76 -2.09
N ILE A 93 -7.73 6.26 -3.22
CA ILE A 93 -7.65 7.08 -4.42
C ILE A 93 -9.04 7.47 -4.91
N GLN A 94 -10.02 6.58 -4.69
CA GLN A 94 -11.40 6.86 -5.02
C GLN A 94 -11.96 7.95 -4.12
N GLU A 95 -11.54 7.99 -2.86
CA GLU A 95 -11.94 9.04 -1.95
C GLU A 95 -11.46 10.38 -2.46
N GLN A 96 -10.22 10.37 -2.92
CA GLN A 96 -9.55 11.56 -3.39
C GLN A 96 -10.10 11.98 -4.75
N GLY A 97 -10.85 11.09 -5.37
CA GLY A 97 -11.46 11.38 -6.64
C GLY A 97 -10.48 11.24 -7.78
N TRP A 98 -9.53 10.36 -7.63
CA TRP A 98 -8.57 10.14 -8.68
C TRP A 98 -8.97 8.94 -9.52
N GLN A 99 -8.27 8.72 -10.60
CA GLN A 99 -8.56 7.62 -11.50
C GLN A 99 -7.26 6.99 -11.97
N THR A 100 -7.34 5.84 -12.61
CA THR A 100 -6.17 5.15 -13.08
C THR A 100 -6.57 4.18 -14.20
N TYR A 101 -5.62 3.47 -14.76
CA TYR A 101 -5.91 2.52 -15.83
C TYR A 101 -5.55 1.13 -15.37
N GLY A 102 -6.51 0.25 -15.35
CA GLY A 102 -6.25 -1.10 -14.96
C GLY A 102 -6.81 -1.38 -13.60
N ASP A 103 -6.16 -2.26 -12.90
CA ASP A 103 -6.53 -2.59 -11.54
C ASP A 103 -5.36 -2.26 -10.67
N VAL A 104 -5.62 -1.83 -9.47
CA VAL A 104 -4.57 -1.48 -8.54
C VAL A 104 -3.91 -2.74 -8.03
N VAL A 105 -2.69 -2.95 -8.44
CA VAL A 105 -1.94 -4.12 -8.08
C VAL A 105 -0.87 -3.76 -7.06
N VAL A 106 -0.93 -4.40 -5.94
CA VAL A 106 0.00 -4.16 -4.87
C VAL A 106 0.75 -5.44 -4.56
N ARG A 107 2.06 -5.36 -4.63
CA ARG A 107 2.92 -6.48 -4.35
C ARG A 107 3.78 -6.16 -3.16
N PHE A 108 4.10 -7.15 -2.39
CA PHE A 108 5.03 -7.06 -1.30
C PHE A 108 6.16 -8.00 -1.61
N GLU A 109 7.37 -7.49 -1.64
CA GLU A 109 8.52 -8.31 -1.94
C GLU A 109 9.67 -7.97 -1.03
N GLN A 110 10.74 -8.70 -1.17
CA GLN A 110 11.90 -8.54 -0.33
C GLN A 110 13.08 -8.03 -1.13
N SER A 111 14.05 -7.56 -0.43
CA SER A 111 15.28 -7.11 -0.97
C SER A 111 16.35 -7.34 0.08
N SER A 112 17.55 -7.60 -0.35
CA SER A 112 18.65 -7.80 0.55
C SER A 112 19.20 -6.44 1.03
N ASN A 113 18.98 -5.41 0.21
CA ASN A 113 19.44 -4.08 0.52
C ASN A 113 18.61 -3.40 1.58
N LEU A 114 17.41 -3.86 1.76
CA LEU A 114 16.59 -3.33 2.81
C LEU A 114 16.71 -4.20 4.02
N HIS A 115 16.93 -3.56 5.13
CA HIS A 115 17.09 -4.24 6.37
C HIS A 115 15.94 -3.89 7.27
N THR A 116 15.66 -4.74 8.23
CA THR A 116 14.54 -4.57 9.15
C THR A 116 14.57 -3.19 9.81
N GLY A 117 13.61 -2.40 9.43
CA GLY A 117 13.52 -1.04 9.88
C GLY A 117 13.23 -0.14 8.71
N GLN A 118 13.77 -0.53 7.58
CA GLN A 118 13.58 0.18 6.35
C GLN A 118 12.62 -0.57 5.47
N PHE A 119 11.82 0.16 4.74
CA PHE A 119 10.88 -0.40 3.82
C PHE A 119 10.57 0.66 2.81
N ARG A 120 10.05 0.30 1.67
CA ARG A 120 9.70 1.27 0.69
C ARG A 120 8.48 0.83 -0.04
N ALA A 121 7.70 1.77 -0.44
CA ALA A 121 6.57 1.55 -1.27
C ALA A 121 6.81 2.41 -2.47
N ARG A 122 6.64 1.88 -3.62
CA ARG A 122 6.85 2.61 -4.80
C ARG A 122 5.70 2.31 -5.73
N GLY A 123 5.17 3.31 -6.35
CA GLY A 123 4.11 3.11 -7.29
C GLY A 123 4.48 3.69 -8.63
N THR A 124 3.89 3.19 -9.67
CA THR A 124 4.10 3.77 -10.96
C THR A 124 2.85 3.57 -11.79
N VAL A 125 2.72 4.34 -12.83
CA VAL A 125 1.66 4.16 -13.77
C VAL A 125 2.12 3.15 -14.79
N ASN A 126 1.54 2.00 -14.76
CA ASN A 126 1.91 0.95 -15.68
C ASN A 126 0.71 0.44 -16.43
N PRO A 127 0.45 0.99 -17.62
CA PRO A 127 -0.62 0.52 -18.49
C PRO A 127 -0.10 -0.58 -19.42
N ASP A 128 1.21 -0.78 -19.37
CA ASP A 128 1.93 -1.72 -20.24
C ASP A 128 2.00 -3.07 -19.58
N VAL A 129 1.02 -3.34 -18.76
CA VAL A 129 0.93 -4.55 -18.06
C VAL A 129 -0.05 -5.43 -18.79
N GLU A 130 0.39 -6.60 -19.09
CA GLU A 130 -0.41 -7.59 -19.79
C GLU A 130 -1.54 -8.10 -18.91
N THR A 131 -2.51 -8.68 -19.56
CA THR A 131 -3.65 -9.21 -18.92
C THR A 131 -4.14 -10.38 -19.77
N HIS A 132 -4.98 -11.22 -19.22
CA HIS A 132 -5.52 -12.30 -19.99
C HIS A 132 -6.99 -12.03 -20.25
N MET A 1 -8.26 -41.01 -15.64
CA MET A 1 -9.40 -40.18 -15.25
C MET A 1 -9.92 -40.64 -13.92
N GLY A 2 -11.05 -40.08 -13.48
CA GLY A 2 -11.57 -40.39 -12.18
C GLY A 2 -10.79 -39.60 -11.16
N SER A 3 -10.57 -38.35 -11.51
CA SER A 3 -9.72 -37.46 -10.76
C SER A 3 -10.47 -36.65 -9.69
N GLN A 4 -11.68 -37.07 -9.35
CA GLN A 4 -12.41 -36.37 -8.33
C GLN A 4 -11.98 -36.87 -6.93
N LYS A 5 -10.79 -36.48 -6.57
CA LYS A 5 -10.23 -36.74 -5.27
C LYS A 5 -9.99 -35.44 -4.61
N ARG A 6 -10.92 -35.06 -3.78
CA ARG A 6 -10.88 -33.79 -3.13
C ARG A 6 -10.03 -33.86 -1.88
N LEU A 7 -8.75 -33.77 -2.13
CA LEU A 7 -7.75 -33.84 -1.11
C LEU A 7 -6.55 -33.03 -1.54
N VAL A 8 -6.53 -31.80 -1.16
CA VAL A 8 -5.44 -30.91 -1.43
C VAL A 8 -5.33 -29.94 -0.27
N GLN A 9 -4.13 -29.57 0.09
CA GLN A 9 -3.92 -28.72 1.23
C GLN A 9 -4.21 -27.26 0.92
N ARG A 10 -5.47 -26.96 0.74
CA ARG A 10 -5.92 -25.61 0.55
C ARG A 10 -6.45 -25.06 1.85
N VAL A 11 -5.56 -24.58 2.64
CA VAL A 11 -5.88 -24.03 3.92
C VAL A 11 -5.08 -22.74 4.06
N GLU A 12 -5.59 -21.78 4.76
CA GLU A 12 -4.89 -20.56 4.90
C GLU A 12 -4.52 -20.28 6.34
N ARG A 13 -3.42 -19.65 6.49
CA ARG A 13 -2.90 -19.26 7.76
C ARG A 13 -2.21 -17.96 7.53
N LYS A 14 -2.54 -16.95 8.27
CA LYS A 14 -1.79 -15.74 8.17
C LYS A 14 -0.59 -15.90 9.07
N LEU A 15 0.58 -15.76 8.51
CA LEU A 15 1.75 -15.90 9.31
C LEU A 15 2.04 -14.61 10.06
N GLU A 16 1.15 -14.29 10.97
CA GLU A 16 1.25 -13.13 11.78
C GLU A 16 2.10 -13.50 12.97
N GLN A 17 3.38 -13.45 12.76
CA GLN A 17 4.30 -13.80 13.78
C GLN A 17 4.71 -12.57 14.49
N THR A 18 4.20 -12.41 15.66
CA THR A 18 4.41 -11.23 16.39
C THR A 18 4.41 -11.50 17.88
N VAL A 19 5.25 -10.77 18.56
CA VAL A 19 5.30 -10.77 19.99
C VAL A 19 4.56 -9.53 20.50
N GLY A 20 3.90 -8.85 19.58
CA GLY A 20 3.17 -7.65 19.90
C GLY A 20 3.85 -6.44 19.31
N ASP A 21 4.98 -6.10 19.86
CA ASP A 21 5.74 -4.94 19.41
C ASP A 21 6.61 -5.26 18.19
N ALA A 22 6.41 -6.45 17.63
CA ALA A 22 7.19 -6.92 16.49
C ALA A 22 7.05 -6.01 15.28
N PHE A 23 5.83 -5.61 15.03
CA PHE A 23 5.52 -4.74 13.92
C PHE A 23 6.09 -3.35 14.15
N ALA A 24 6.15 -2.94 15.40
CA ALA A 24 6.71 -1.65 15.74
C ALA A 24 8.21 -1.64 15.50
N ARG A 25 8.83 -2.81 15.69
CA ARG A 25 10.26 -2.95 15.46
C ARG A 25 10.56 -2.91 13.97
N ILE A 26 9.66 -3.44 13.16
CA ILE A 26 9.88 -3.52 11.74
C ILE A 26 9.43 -2.27 10.97
N PHE A 27 8.21 -1.77 11.22
CA PHE A 27 7.71 -0.62 10.48
C PHE A 27 8.22 0.67 11.06
N GLY A 28 8.47 0.69 12.35
CA GLY A 28 8.92 1.90 12.98
C GLY A 28 8.12 2.21 14.21
N GLY A 29 6.81 2.19 14.08
CA GLY A 29 5.98 2.45 15.23
C GLY A 29 4.62 1.79 15.18
N SER A 30 4.06 1.67 14.00
CA SER A 30 2.74 1.11 13.85
C SER A 30 2.74 -0.42 13.92
N ILE A 31 1.68 -0.99 14.50
CA ILE A 31 1.52 -2.42 14.61
C ILE A 31 0.67 -2.95 13.45
N VAL A 32 0.04 -2.03 12.75
CA VAL A 32 -0.71 -2.33 11.56
C VAL A 32 -0.02 -1.60 10.40
N PRO A 33 -0.39 -1.85 9.12
CA PRO A 33 0.28 -1.22 7.96
C PRO A 33 0.01 0.30 7.79
N GLN A 34 -0.22 1.00 8.90
CA GLN A 34 -0.55 2.44 8.89
C GLN A 34 0.55 3.25 8.21
N GLU A 35 1.79 3.01 8.61
CA GLU A 35 2.93 3.74 8.05
C GLU A 35 3.12 3.40 6.57
N VAL A 36 2.66 2.22 6.18
CA VAL A 36 2.73 1.79 4.81
C VAL A 36 1.66 2.57 4.02
N GLU A 37 0.45 2.66 4.60
CA GLU A 37 -0.66 3.39 3.99
C GLU A 37 -0.30 4.86 3.85
N ALA A 38 0.46 5.35 4.82
CA ALA A 38 0.96 6.70 4.82
C ALA A 38 1.85 6.92 3.61
N LEU A 39 2.90 6.10 3.49
CA LEU A 39 3.85 6.18 2.39
C LEU A 39 3.09 6.03 1.04
N LEU A 40 2.16 5.06 1.00
CA LEU A 40 1.35 4.80 -0.18
C LEU A 40 0.53 6.01 -0.59
N ARG A 41 -0.22 6.59 0.33
CA ARG A 41 -1.10 7.72 0.00
C ARG A 41 -0.28 8.94 -0.42
N ARG A 42 0.92 9.06 0.13
CA ARG A 42 1.79 10.15 -0.18
C ARG A 42 2.43 9.96 -1.54
N GLU A 43 2.78 8.73 -1.88
CA GLU A 43 3.38 8.48 -3.16
C GLU A 43 2.31 8.46 -4.24
N ALA A 44 1.09 8.10 -3.86
CA ALA A 44 -0.06 8.22 -4.75
C ALA A 44 -0.22 9.68 -5.17
N ALA A 45 -0.06 10.58 -4.19
CA ALA A 45 -0.13 12.02 -4.43
C ALA A 45 1.09 12.52 -5.22
N ASP A 46 2.22 11.88 -4.97
CA ASP A 46 3.47 12.21 -5.68
C ASP A 46 3.40 11.82 -7.15
N GLY A 47 2.84 10.66 -7.41
CA GLY A 47 2.73 10.16 -8.76
C GLY A 47 1.54 10.72 -9.52
N ILE A 48 0.88 11.71 -8.93
CA ILE A 48 -0.25 12.36 -9.54
C ILE A 48 0.13 13.05 -10.83
N GLN A 49 -0.63 12.79 -11.85
CA GLN A 49 -0.43 13.42 -13.09
C GLN A 49 -1.54 14.37 -13.37
N SER A 50 -1.17 15.51 -13.82
CA SER A 50 -2.09 16.54 -14.15
C SER A 50 -2.69 16.22 -15.51
N LEU A 51 -3.78 15.53 -15.47
CA LEU A 51 -4.47 15.04 -16.63
C LEU A 51 -5.70 15.93 -16.83
N GLN A 52 -6.65 15.51 -17.67
CA GLN A 52 -7.92 16.20 -17.88
C GLN A 52 -8.53 16.62 -16.54
N GLY A 53 -9.19 17.76 -16.54
CA GLY A 53 -9.75 18.35 -15.31
C GLY A 53 -10.95 17.61 -14.80
N ASN A 54 -11.13 16.41 -15.29
CA ASN A 54 -12.15 15.51 -14.87
C ASN A 54 -11.79 15.06 -13.48
N ARG A 55 -10.50 14.73 -13.35
CA ARG A 55 -9.88 14.26 -12.11
C ARG A 55 -8.41 13.93 -12.38
N LEU A 56 -7.65 13.76 -11.34
CA LEU A 56 -6.20 13.56 -11.47
C LEU A 56 -5.86 12.10 -11.57
N LEU A 57 -4.77 11.81 -12.25
CA LEU A 57 -4.33 10.46 -12.51
C LEU A 57 -3.34 10.06 -11.42
N ALA A 58 -3.55 8.91 -10.84
CA ALA A 58 -2.70 8.39 -9.78
C ALA A 58 -2.10 7.06 -10.23
N PRO A 59 -1.02 6.58 -9.56
CA PRO A 59 -0.42 5.27 -9.86
C PRO A 59 -1.36 4.09 -9.52
N ASN A 60 -1.10 2.94 -10.12
CA ASN A 60 -1.94 1.77 -9.90
C ASN A 60 -1.10 0.54 -9.56
N GLU A 61 0.16 0.59 -9.88
CA GLU A 61 1.06 -0.48 -9.60
C GLU A 61 1.88 -0.13 -8.39
N TYR A 62 1.67 -0.83 -7.32
CA TYR A 62 2.42 -0.58 -6.11
C TYR A 62 3.22 -1.78 -5.72
N ILE A 63 4.51 -1.61 -5.78
CA ILE A 63 5.45 -2.63 -5.45
C ILE A 63 6.05 -2.33 -4.10
N ILE A 64 5.64 -3.04 -3.10
CA ILE A 64 6.12 -2.82 -1.76
C ILE A 64 7.22 -3.82 -1.48
N THR A 65 8.32 -3.33 -1.03
CA THR A 65 9.44 -4.13 -0.78
C THR A 65 9.89 -4.06 0.66
N LEU A 66 10.06 -5.23 1.26
CA LEU A 66 10.56 -5.40 2.60
C LEU A 66 11.83 -6.25 2.56
N GLY A 67 12.45 -6.40 3.69
CA GLY A 67 13.64 -7.16 3.82
C GLY A 67 13.31 -8.58 4.20
N VAL A 68 14.30 -9.35 4.48
CA VAL A 68 14.09 -10.76 4.75
C VAL A 68 13.50 -11.05 6.13
N HIS A 69 14.10 -10.51 7.17
CA HIS A 69 13.68 -10.78 8.54
C HIS A 69 12.30 -10.20 8.79
N ASP A 70 12.10 -9.02 8.30
CA ASP A 70 10.88 -8.29 8.45
C ASP A 70 9.75 -8.85 7.59
N PHE A 71 10.06 -9.42 6.42
CA PHE A 71 9.03 -10.04 5.60
C PHE A 71 8.49 -11.27 6.34
N GLU A 72 9.36 -11.92 7.11
CA GLU A 72 8.96 -13.08 7.91
C GLU A 72 7.94 -12.70 9.00
N LYS A 73 7.91 -11.44 9.39
CA LYS A 73 6.91 -10.96 10.35
C LYS A 73 5.62 -10.64 9.63
N LEU A 74 5.73 -10.26 8.36
CA LEU A 74 4.54 -10.02 7.55
C LEU A 74 3.86 -11.33 7.26
N GLY A 75 4.68 -12.32 7.04
CA GLY A 75 4.19 -13.63 6.80
C GLY A 75 4.60 -14.11 5.45
N ALA A 76 4.76 -15.41 5.33
CA ALA A 76 5.15 -16.04 4.08
C ALA A 76 3.95 -16.15 3.14
N ASP A 77 2.82 -15.65 3.59
CA ASP A 77 1.60 -15.61 2.82
C ASP A 77 1.36 -14.15 2.31
N PRO A 78 1.84 -13.82 1.10
CA PRO A 78 1.61 -12.51 0.54
C PRO A 78 0.18 -12.39 0.04
N GLU A 79 -0.34 -13.54 -0.38
CA GLU A 79 -1.63 -13.74 -1.04
C GLU A 79 -2.77 -12.98 -0.36
N LEU A 80 -2.90 -13.20 0.94
CA LEU A 80 -3.98 -12.63 1.70
C LEU A 80 -3.86 -11.12 1.76
N LYS A 81 -2.67 -10.64 2.08
CA LYS A 81 -2.47 -9.22 2.26
C LYS A 81 -2.44 -8.44 0.96
N SER A 82 -1.82 -8.99 -0.09
CA SER A 82 -1.65 -8.26 -1.33
C SER A 82 -2.96 -7.87 -1.99
N THR A 83 -3.82 -8.85 -2.17
CA THR A 83 -5.07 -8.67 -2.86
C THR A 83 -6.01 -7.71 -2.08
N GLY A 84 -6.07 -7.90 -0.76
CA GLY A 84 -6.94 -7.09 0.06
C GLY A 84 -6.46 -5.67 0.16
N PHE A 85 -5.18 -5.51 0.41
CA PHE A 85 -4.59 -4.19 0.60
C PHE A 85 -4.55 -3.43 -0.73
N ALA A 86 -4.55 -4.18 -1.84
CA ALA A 86 -4.62 -3.59 -3.17
C ALA A 86 -5.95 -2.90 -3.36
N ARG A 87 -7.01 -3.58 -2.96
CA ARG A 87 -8.34 -3.02 -3.10
C ARG A 87 -8.51 -1.88 -2.12
N ASP A 88 -7.94 -2.04 -0.95
CA ASP A 88 -7.98 -1.04 0.10
C ASP A 88 -7.29 0.26 -0.35
N LEU A 89 -6.17 0.13 -1.05
CA LEU A 89 -5.47 1.29 -1.58
C LEU A 89 -6.23 1.91 -2.76
N ALA A 90 -6.93 1.06 -3.52
CA ALA A 90 -7.78 1.53 -4.62
C ALA A 90 -8.89 2.40 -4.06
N ASP A 91 -9.37 2.00 -2.90
CA ASP A 91 -10.42 2.70 -2.18
C ASP A 91 -9.90 4.06 -1.72
N TYR A 92 -8.63 4.09 -1.28
CA TYR A 92 -7.96 5.34 -0.91
C TYR A 92 -7.93 6.33 -2.05
N ILE A 93 -7.45 5.90 -3.21
CA ILE A 93 -7.35 6.83 -4.35
C ILE A 93 -8.72 7.26 -4.84
N GLN A 94 -9.69 6.37 -4.75
CA GLN A 94 -11.07 6.68 -5.10
C GLN A 94 -11.67 7.66 -4.10
N GLU A 95 -11.23 7.57 -2.87
CA GLU A 95 -11.64 8.51 -1.86
C GLU A 95 -11.08 9.90 -2.14
N GLN A 96 -9.93 9.95 -2.76
CA GLN A 96 -9.31 11.21 -3.12
C GLN A 96 -9.84 11.68 -4.48
N GLY A 97 -10.54 10.79 -5.15
CA GLY A 97 -11.14 11.11 -6.42
C GLY A 97 -10.19 10.96 -7.58
N TRP A 98 -9.15 10.19 -7.40
CA TRP A 98 -8.16 10.04 -8.44
C TRP A 98 -8.45 8.83 -9.31
N GLN A 99 -8.03 8.90 -10.56
CA GLN A 99 -8.26 7.86 -11.54
C GLN A 99 -6.95 7.20 -11.92
N THR A 100 -7.03 6.10 -12.62
CA THR A 100 -5.88 5.40 -13.10
C THR A 100 -6.31 4.44 -14.19
N TYR A 101 -5.38 4.01 -15.00
CA TYR A 101 -5.72 3.08 -16.04
C TYR A 101 -5.46 1.70 -15.52
N GLY A 102 -6.49 0.91 -15.45
CA GLY A 102 -6.33 -0.42 -14.96
C GLY A 102 -6.92 -0.53 -13.59
N ASP A 103 -6.37 -1.40 -12.80
CA ASP A 103 -6.76 -1.57 -11.43
C ASP A 103 -5.54 -1.54 -10.56
N VAL A 104 -5.72 -1.16 -9.32
CA VAL A 104 -4.62 -1.02 -8.40
C VAL A 104 -4.15 -2.36 -7.91
N VAL A 105 -2.90 -2.63 -8.10
CA VAL A 105 -2.28 -3.84 -7.68
C VAL A 105 -1.21 -3.51 -6.66
N VAL A 106 -1.25 -4.21 -5.57
CA VAL A 106 -0.31 -4.01 -4.49
C VAL A 106 0.36 -5.33 -4.20
N ARG A 107 1.65 -5.40 -4.39
CA ARG A 107 2.35 -6.62 -4.11
C ARG A 107 3.40 -6.40 -3.07
N PHE A 108 3.65 -7.40 -2.29
CA PHE A 108 4.70 -7.37 -1.30
C PHE A 108 5.77 -8.34 -1.74
N GLU A 109 6.99 -7.89 -1.77
CA GLU A 109 8.08 -8.74 -2.14
C GLU A 109 9.26 -8.49 -1.24
N GLN A 110 10.14 -9.45 -1.19
CA GLN A 110 11.30 -9.38 -0.36
C GLN A 110 12.49 -9.05 -1.23
N SER A 111 13.37 -8.28 -0.69
CA SER A 111 14.59 -7.97 -1.34
C SER A 111 15.71 -7.92 -0.32
N SER A 112 16.80 -8.57 -0.63
CA SER A 112 17.98 -8.57 0.21
C SER A 112 18.64 -7.17 0.23
N ASN A 113 18.33 -6.37 -0.78
CA ASN A 113 18.80 -4.99 -0.93
C ASN A 113 18.03 -4.04 -0.01
N LEU A 114 17.16 -4.60 0.77
CA LEU A 114 16.35 -3.89 1.71
C LEU A 114 16.46 -4.69 3.03
N HIS A 115 16.36 -4.02 4.15
CA HIS A 115 16.48 -4.69 5.42
C HIS A 115 15.61 -3.99 6.46
N THR A 116 15.29 -4.72 7.52
CA THR A 116 14.47 -4.32 8.64
C THR A 116 14.81 -2.90 9.12
N GLY A 117 13.80 -2.06 9.16
CA GLY A 117 13.99 -0.70 9.54
C GLY A 117 13.62 0.17 8.37
N GLN A 118 13.91 -0.33 7.21
CA GLN A 118 13.59 0.31 5.98
C GLN A 118 12.44 -0.43 5.34
N PHE A 119 11.72 0.23 4.50
CA PHE A 119 10.66 -0.35 3.71
C PHE A 119 10.29 0.69 2.71
N ARG A 120 9.80 0.31 1.57
CA ARG A 120 9.40 1.28 0.62
C ARG A 120 8.40 0.69 -0.34
N ALA A 121 7.55 1.53 -0.83
CA ALA A 121 6.58 1.17 -1.80
C ALA A 121 6.85 2.00 -3.02
N ARG A 122 6.74 1.38 -4.15
CA ARG A 122 6.92 2.03 -5.37
C ARG A 122 5.58 2.10 -6.08
N GLY A 123 5.12 3.28 -6.31
CA GLY A 123 3.88 3.49 -6.99
C GLY A 123 4.09 3.99 -8.39
N THR A 124 3.82 3.14 -9.34
CA THR A 124 3.98 3.45 -10.72
C THR A 124 2.66 3.25 -11.50
N VAL A 125 2.56 3.82 -12.66
CA VAL A 125 1.43 3.59 -13.55
C VAL A 125 1.94 2.61 -14.58
N ASN A 126 1.22 1.56 -14.85
CA ASN A 126 1.71 0.63 -15.83
C ASN A 126 0.85 0.62 -17.06
N PRO A 127 1.46 0.73 -18.25
CA PRO A 127 0.74 0.64 -19.51
C PRO A 127 0.55 -0.83 -19.90
N ASP A 128 1.12 -1.71 -19.12
CA ASP A 128 1.05 -3.13 -19.42
C ASP A 128 -0.03 -3.80 -18.64
N VAL A 129 -1.24 -3.41 -18.92
CA VAL A 129 -2.40 -4.02 -18.31
C VAL A 129 -3.01 -4.98 -19.30
N GLU A 130 -2.81 -6.24 -19.08
CA GLU A 130 -3.30 -7.25 -19.97
C GLU A 130 -4.78 -7.53 -19.75
N THR A 131 -5.41 -8.03 -20.78
CA THR A 131 -6.79 -8.37 -20.74
C THR A 131 -6.98 -9.80 -21.25
N HIS A 132 -7.30 -10.67 -20.34
CA HIS A 132 -7.52 -12.08 -20.61
C HIS A 132 -8.63 -12.56 -19.72
N MET A 1 3.87 43.23 -10.07
CA MET A 1 5.19 43.57 -9.50
C MET A 1 5.20 43.29 -8.00
N GLY A 2 4.06 43.48 -7.36
CA GLY A 2 3.94 43.20 -5.96
C GLY A 2 4.03 41.73 -5.69
N SER A 3 4.49 41.39 -4.55
CA SER A 3 4.61 40.01 -4.21
C SER A 3 3.29 39.54 -3.58
N GLN A 4 2.67 38.56 -4.20
CA GLN A 4 1.47 38.00 -3.62
C GLN A 4 1.86 37.29 -2.36
N LYS A 5 1.48 37.86 -1.25
CA LYS A 5 1.78 37.31 0.03
C LYS A 5 0.85 36.17 0.29
N ARG A 6 1.15 35.04 -0.31
CA ARG A 6 0.32 33.90 -0.16
C ARG A 6 0.46 33.30 1.21
N LEU A 7 -0.44 33.69 2.04
CA LEU A 7 -0.50 33.22 3.37
C LEU A 7 -1.80 32.49 3.50
N VAL A 8 -1.77 31.28 3.04
CA VAL A 8 -2.90 30.42 3.12
C VAL A 8 -2.57 29.32 4.09
N GLN A 9 -2.99 29.53 5.31
CA GLN A 9 -2.74 28.60 6.35
C GLN A 9 -3.81 27.56 6.40
N ARG A 10 -3.45 26.38 6.04
CA ARG A 10 -4.30 25.25 6.15
C ARG A 10 -3.66 24.26 7.07
N VAL A 11 -3.78 24.53 8.34
CA VAL A 11 -3.30 23.64 9.34
C VAL A 11 -4.44 22.74 9.73
N GLU A 12 -4.55 21.68 9.01
CA GLU A 12 -5.61 20.75 9.22
C GLU A 12 -5.25 19.88 10.41
N ARG A 13 -6.21 19.55 11.21
CA ARG A 13 -5.97 18.72 12.36
C ARG A 13 -6.03 17.28 11.92
N LYS A 14 -4.88 16.73 11.58
CA LYS A 14 -4.85 15.37 11.14
C LYS A 14 -5.01 14.44 12.34
N LEU A 15 -6.14 13.83 12.42
CA LEU A 15 -6.43 12.94 13.50
C LEU A 15 -6.64 11.55 12.93
N GLU A 16 -5.56 10.91 12.61
CA GLU A 16 -5.61 9.62 11.99
C GLU A 16 -5.70 8.55 13.04
N GLN A 17 -6.89 8.07 13.25
CA GLN A 17 -7.15 7.03 14.22
C GLN A 17 -7.25 5.69 13.53
N THR A 18 -6.96 5.70 12.25
CA THR A 18 -6.86 4.51 11.45
C THR A 18 -5.65 3.72 11.98
N VAL A 19 -5.87 2.47 12.33
CA VAL A 19 -4.82 1.67 12.91
C VAL A 19 -5.05 0.18 12.65
N GLY A 20 -4.01 -0.51 12.22
CA GLY A 20 -4.11 -1.90 11.93
C GLY A 20 -3.81 -2.76 13.13
N ASP A 21 -4.72 -2.74 14.11
CA ASP A 21 -4.58 -3.56 15.32
C ASP A 21 -4.58 -5.02 15.00
N ALA A 22 -5.19 -5.36 13.87
CA ALA A 22 -5.24 -6.74 13.41
C ALA A 22 -3.84 -7.29 13.27
N PHE A 23 -2.99 -6.56 12.59
CA PHE A 23 -1.60 -6.95 12.38
C PHE A 23 -0.88 -7.08 13.73
N ALA A 24 -1.18 -6.16 14.63
CA ALA A 24 -0.58 -6.15 15.95
C ALA A 24 -1.03 -7.35 16.78
N ARG A 25 -2.29 -7.73 16.66
CA ARG A 25 -2.80 -8.86 17.41
C ARG A 25 -2.46 -10.20 16.74
N ILE A 26 -2.15 -10.17 15.46
CA ILE A 26 -1.78 -11.39 14.74
C ILE A 26 -0.28 -11.67 14.82
N PHE A 27 0.52 -10.67 14.54
CA PHE A 27 1.96 -10.85 14.50
C PHE A 27 2.64 -10.35 15.75
N GLY A 28 2.03 -9.42 16.42
CA GLY A 28 2.62 -8.84 17.59
C GLY A 28 3.55 -7.70 17.26
N GLY A 29 4.74 -8.04 16.82
CA GLY A 29 5.71 -7.05 16.50
C GLY A 29 5.90 -6.92 15.01
N SER A 30 4.88 -6.49 14.33
CA SER A 30 4.94 -6.30 12.91
C SER A 30 5.07 -4.83 12.60
N ILE A 31 5.51 -4.53 11.39
CA ILE A 31 5.66 -3.16 10.95
C ILE A 31 4.26 -2.52 10.86
N VAL A 32 4.17 -1.28 11.29
CA VAL A 32 2.92 -0.55 11.31
C VAL A 32 2.45 -0.28 9.88
N PRO A 33 1.31 -0.89 9.46
CA PRO A 33 0.80 -0.77 8.10
C PRO A 33 0.44 0.67 7.76
N GLN A 34 0.11 1.45 8.78
CA GLN A 34 -0.22 2.85 8.61
C GLN A 34 0.94 3.69 8.12
N GLU A 35 2.16 3.28 8.43
CA GLU A 35 3.31 4.01 7.94
C GLU A 35 3.55 3.58 6.48
N VAL A 36 3.21 2.34 6.19
CA VAL A 36 3.34 1.79 4.87
C VAL A 36 2.36 2.48 3.92
N GLU A 37 1.07 2.50 4.30
CA GLU A 37 0.04 3.13 3.49
C GLU A 37 0.27 4.63 3.35
N ALA A 38 0.90 5.22 4.39
CA ALA A 38 1.27 6.63 4.37
C ALA A 38 2.25 6.90 3.24
N LEU A 39 3.19 5.99 3.04
CA LEU A 39 4.16 6.16 2.00
C LEU A 39 3.54 5.84 0.63
N LEU A 40 2.66 4.84 0.58
CA LEU A 40 1.98 4.51 -0.67
C LEU A 40 1.05 5.62 -1.13
N ARG A 41 0.32 6.22 -0.20
CA ARG A 41 -0.56 7.32 -0.55
C ARG A 41 0.28 8.54 -0.96
N ARG A 42 1.50 8.63 -0.40
CA ARG A 42 2.41 9.69 -0.76
C ARG A 42 2.89 9.46 -2.19
N GLU A 43 3.18 8.20 -2.53
CA GLU A 43 3.57 7.82 -3.89
C GLU A 43 2.47 8.14 -4.86
N ALA A 44 1.25 7.83 -4.46
CA ALA A 44 0.08 8.10 -5.27
C ALA A 44 -0.05 9.61 -5.52
N ALA A 45 0.10 10.40 -4.46
CA ALA A 45 0.00 11.84 -4.54
C ALA A 45 1.15 12.46 -5.33
N ASP A 46 2.30 11.84 -5.26
CA ASP A 46 3.51 12.34 -5.94
C ASP A 46 3.46 12.01 -7.41
N GLY A 47 2.85 10.89 -7.73
CA GLY A 47 2.78 10.42 -9.08
C GLY A 47 1.52 10.86 -9.81
N ILE A 48 0.86 11.85 -9.26
CA ILE A 48 -0.33 12.42 -9.84
C ILE A 48 -0.05 13.05 -11.19
N GLN A 49 -0.88 12.73 -12.14
CA GLN A 49 -0.78 13.26 -13.46
C GLN A 49 -2.01 14.04 -13.77
N SER A 50 -1.82 15.10 -14.49
CA SER A 50 -2.89 15.97 -14.87
C SER A 50 -3.78 15.29 -15.89
N LEU A 51 -4.98 15.05 -15.49
CA LEU A 51 -5.94 14.38 -16.30
C LEU A 51 -7.14 15.31 -16.43
N GLN A 52 -8.17 14.86 -17.11
CA GLN A 52 -9.40 15.60 -17.34
C GLN A 52 -10.05 16.14 -16.06
N GLY A 53 -10.97 17.07 -16.24
CA GLY A 53 -11.60 17.81 -15.17
C GLY A 53 -12.39 16.97 -14.21
N ASN A 54 -12.59 15.73 -14.53
CA ASN A 54 -13.31 14.85 -13.64
C ASN A 54 -12.45 14.45 -12.47
N ARG A 55 -11.19 14.10 -12.73
CA ARG A 55 -10.26 13.67 -11.69
C ARG A 55 -8.85 13.43 -12.22
N LEU A 56 -7.91 13.29 -11.31
CA LEU A 56 -6.48 13.15 -11.60
C LEU A 56 -6.08 11.69 -11.72
N LEU A 57 -5.06 11.44 -12.51
CA LEU A 57 -4.57 10.10 -12.77
C LEU A 57 -3.50 9.78 -11.72
N ALA A 58 -3.63 8.62 -11.11
CA ALA A 58 -2.72 8.16 -10.08
C ALA A 58 -2.08 6.82 -10.49
N PRO A 59 -0.96 6.41 -9.83
CA PRO A 59 -0.30 5.11 -10.09
C PRO A 59 -1.21 3.89 -9.90
N ASN A 60 -0.79 2.78 -10.46
CA ASN A 60 -1.54 1.53 -10.38
C ASN A 60 -0.65 0.36 -9.96
N GLU A 61 0.59 0.42 -10.38
CA GLU A 61 1.57 -0.58 -10.07
C GLU A 61 2.35 -0.11 -8.86
N TYR A 62 2.10 -0.72 -7.75
CA TYR A 62 2.77 -0.33 -6.53
C TYR A 62 3.71 -1.41 -6.08
N ILE A 63 4.96 -1.09 -6.08
CA ILE A 63 6.00 -2.00 -5.71
C ILE A 63 6.53 -1.65 -4.32
N ILE A 64 6.32 -2.53 -3.39
CA ILE A 64 6.77 -2.31 -2.04
C ILE A 64 7.86 -3.33 -1.71
N THR A 65 8.99 -2.85 -1.27
CA THR A 65 10.07 -3.69 -0.89
C THR A 65 10.25 -3.61 0.63
N LEU A 66 10.25 -4.75 1.27
CA LEU A 66 10.48 -4.86 2.69
C LEU A 66 11.73 -5.64 2.93
N GLY A 67 12.28 -5.52 4.11
CA GLY A 67 13.39 -6.34 4.49
C GLY A 67 12.92 -7.76 4.55
N VAL A 68 13.77 -8.69 4.18
CA VAL A 68 13.41 -10.12 4.13
C VAL A 68 12.78 -10.63 5.44
N HIS A 69 13.29 -10.16 6.56
CA HIS A 69 12.78 -10.57 7.87
C HIS A 69 11.38 -9.95 8.13
N ASP A 70 11.06 -8.87 7.46
CA ASP A 70 9.73 -8.28 7.57
C ASP A 70 8.79 -8.91 6.62
N PHE A 71 9.32 -9.28 5.47
CA PHE A 71 8.58 -9.98 4.47
C PHE A 71 8.14 -11.33 5.02
N GLU A 72 8.88 -11.85 6.00
CA GLU A 72 8.50 -13.08 6.68
C GLU A 72 7.12 -12.98 7.32
N LYS A 73 6.76 -11.80 7.80
CA LYS A 73 5.44 -11.61 8.38
C LYS A 73 4.41 -11.40 7.28
N LEU A 74 4.84 -10.72 6.22
CA LEU A 74 3.95 -10.47 5.08
C LEU A 74 3.63 -11.76 4.34
N GLY A 75 4.61 -12.63 4.30
CA GLY A 75 4.52 -13.89 3.61
C GLY A 75 3.72 -14.94 4.34
N ALA A 76 3.09 -14.56 5.45
CA ALA A 76 2.19 -15.46 6.16
C ALA A 76 1.06 -15.80 5.22
N ASP A 77 0.60 -14.79 4.50
CA ASP A 77 -0.39 -14.91 3.44
C ASP A 77 -0.05 -13.84 2.44
N PRO A 78 0.91 -14.10 1.53
CA PRO A 78 1.38 -13.10 0.57
C PRO A 78 0.23 -12.55 -0.27
N GLU A 79 -0.57 -13.45 -0.78
CA GLU A 79 -1.67 -13.11 -1.64
C GLU A 79 -2.75 -12.34 -0.89
N LEU A 80 -3.13 -12.82 0.30
CA LEU A 80 -4.17 -12.19 1.12
C LEU A 80 -3.75 -10.77 1.46
N LYS A 81 -2.57 -10.64 2.03
CA LYS A 81 -2.04 -9.35 2.44
C LYS A 81 -1.91 -8.38 1.25
N SER A 82 -1.45 -8.87 0.10
CA SER A 82 -1.33 -8.03 -1.08
C SER A 82 -2.72 -7.60 -1.60
N THR A 83 -3.65 -8.55 -1.67
CA THR A 83 -4.99 -8.27 -2.17
C THR A 83 -5.71 -7.25 -1.28
N GLY A 84 -5.60 -7.43 0.03
CA GLY A 84 -6.24 -6.53 0.96
C GLY A 84 -5.68 -5.13 0.88
N PHE A 85 -4.37 -5.04 0.85
CA PHE A 85 -3.68 -3.76 0.80
C PHE A 85 -3.98 -3.06 -0.53
N ALA A 86 -4.09 -3.83 -1.61
CA ALA A 86 -4.41 -3.27 -2.93
C ALA A 86 -5.78 -2.64 -2.92
N ARG A 87 -6.75 -3.35 -2.36
CA ARG A 87 -8.11 -2.89 -2.29
C ARG A 87 -8.21 -1.66 -1.42
N ASP A 88 -7.55 -1.69 -0.27
CA ASP A 88 -7.59 -0.56 0.65
C ASP A 88 -6.86 0.66 0.11
N LEU A 89 -5.79 0.44 -0.64
CA LEU A 89 -5.06 1.54 -1.25
C LEU A 89 -5.86 2.14 -2.41
N ALA A 90 -6.57 1.28 -3.13
CA ALA A 90 -7.42 1.72 -4.22
C ALA A 90 -8.58 2.54 -3.66
N ASP A 91 -9.03 2.15 -2.50
CA ASP A 91 -10.11 2.83 -1.80
C ASP A 91 -9.63 4.21 -1.38
N TYR A 92 -8.37 4.27 -0.95
CA TYR A 92 -7.71 5.53 -0.59
C TYR A 92 -7.69 6.50 -1.75
N ILE A 93 -7.24 6.03 -2.93
CA ILE A 93 -7.16 6.92 -4.08
C ILE A 93 -8.55 7.37 -4.54
N GLN A 94 -9.55 6.52 -4.32
CA GLN A 94 -10.93 6.87 -4.62
C GLN A 94 -11.38 8.02 -3.74
N GLU A 95 -11.03 7.95 -2.45
CA GLU A 95 -11.35 9.01 -1.50
C GLU A 95 -10.71 10.33 -1.88
N GLN A 96 -9.56 10.27 -2.48
CA GLN A 96 -8.82 11.46 -2.87
C GLN A 96 -9.35 12.04 -4.18
N GLY A 97 -10.14 11.26 -4.87
CA GLY A 97 -10.69 11.69 -6.12
C GLY A 97 -9.74 11.43 -7.26
N TRP A 98 -9.00 10.36 -7.17
CA TRP A 98 -8.10 10.00 -8.25
C TRP A 98 -8.60 8.73 -8.94
N GLN A 99 -7.95 8.35 -10.02
CA GLN A 99 -8.26 7.12 -10.74
C GLN A 99 -7.02 6.69 -11.49
N THR A 100 -7.06 5.54 -12.10
CA THR A 100 -5.94 5.08 -12.85
C THR A 100 -6.46 4.25 -14.03
N TYR A 101 -5.58 3.80 -14.88
CA TYR A 101 -5.97 2.93 -15.97
C TYR A 101 -5.66 1.52 -15.55
N GLY A 102 -6.65 0.71 -15.50
CA GLY A 102 -6.44 -0.63 -15.07
C GLY A 102 -7.04 -0.81 -13.71
N ASP A 103 -6.49 -1.67 -12.92
CA ASP A 103 -6.93 -1.89 -11.57
C ASP A 103 -5.70 -1.88 -10.68
N VAL A 104 -5.82 -1.36 -9.49
CA VAL A 104 -4.70 -1.20 -8.57
C VAL A 104 -4.15 -2.55 -8.11
N VAL A 105 -2.87 -2.75 -8.34
CA VAL A 105 -2.18 -3.95 -7.97
C VAL A 105 -0.90 -3.60 -7.18
N VAL A 106 -0.82 -4.08 -5.98
CA VAL A 106 0.34 -3.85 -5.17
C VAL A 106 1.11 -5.15 -5.10
N ARG A 107 2.39 -5.06 -5.02
CA ARG A 107 3.21 -6.24 -4.91
C ARG A 107 4.29 -5.98 -3.88
N PHE A 108 4.59 -6.98 -3.12
CA PHE A 108 5.57 -6.89 -2.09
C PHE A 108 6.75 -7.78 -2.43
N GLU A 109 7.93 -7.28 -2.27
CA GLU A 109 9.12 -8.04 -2.49
C GLU A 109 10.05 -7.89 -1.33
N GLN A 110 10.95 -8.82 -1.20
CA GLN A 110 11.88 -8.85 -0.12
C GLN A 110 13.25 -8.47 -0.61
N SER A 111 14.05 -7.98 0.26
CA SER A 111 15.41 -7.68 -0.03
C SER A 111 16.24 -8.11 1.16
N SER A 112 17.39 -8.68 0.89
CA SER A 112 18.31 -9.09 1.93
C SER A 112 19.12 -7.91 2.41
N ASN A 113 19.31 -6.94 1.52
CA ASN A 113 20.09 -5.76 1.84
C ASN A 113 19.23 -4.78 2.62
N LEU A 114 17.96 -4.74 2.30
CA LEU A 114 17.02 -3.92 3.03
C LEU A 114 16.73 -4.65 4.33
N HIS A 115 16.76 -3.99 5.46
CA HIS A 115 16.64 -4.73 6.69
C HIS A 115 15.37 -4.36 7.48
N THR A 116 15.12 -5.11 8.54
CA THR A 116 13.96 -5.02 9.39
C THR A 116 13.68 -3.58 9.87
N GLY A 117 12.43 -3.19 9.74
CA GLY A 117 11.98 -1.89 10.19
C GLY A 117 12.12 -0.84 9.13
N GLN A 118 12.73 -1.20 8.03
CA GLN A 118 12.98 -0.31 6.97
C GLN A 118 12.28 -0.85 5.72
N PHE A 119 11.63 0.01 4.99
CA PHE A 119 10.88 -0.39 3.84
C PHE A 119 10.93 0.68 2.77
N ARG A 120 10.65 0.30 1.55
CA ARG A 120 10.60 1.20 0.43
C ARG A 120 9.34 0.93 -0.34
N ALA A 121 8.68 1.96 -0.77
CA ALA A 121 7.47 1.83 -1.54
C ALA A 121 7.53 2.75 -2.71
N ARG A 122 7.14 2.26 -3.86
CA ARG A 122 7.23 3.01 -5.09
C ARG A 122 5.98 2.77 -5.91
N GLY A 123 5.40 3.83 -6.40
CA GLY A 123 4.23 3.72 -7.21
C GLY A 123 4.51 4.14 -8.62
N THR A 124 4.16 3.34 -9.57
CA THR A 124 4.38 3.61 -10.94
C THR A 124 3.04 3.55 -11.70
N VAL A 125 2.87 4.41 -12.70
CA VAL A 125 1.69 4.37 -13.53
C VAL A 125 2.01 3.53 -14.75
N ASN A 126 1.50 2.34 -14.78
CA ASN A 126 1.66 1.49 -15.93
C ASN A 126 0.44 1.67 -16.82
N PRO A 127 0.59 2.30 -17.98
CA PRO A 127 -0.53 2.51 -18.88
C PRO A 127 -0.84 1.26 -19.70
N ASP A 128 0.14 0.39 -19.81
CA ASP A 128 -0.01 -0.80 -20.61
C ASP A 128 -0.44 -1.94 -19.74
N VAL A 129 -1.65 -1.85 -19.33
CA VAL A 129 -2.29 -2.86 -18.55
C VAL A 129 -3.32 -3.50 -19.43
N GLU A 130 -3.13 -4.75 -19.73
CA GLU A 130 -4.08 -5.50 -20.48
C GLU A 130 -5.31 -5.64 -19.59
N THR A 131 -6.37 -5.07 -20.02
CA THR A 131 -7.56 -5.02 -19.23
C THR A 131 -8.76 -4.87 -20.13
N HIS A 132 -9.92 -5.11 -19.61
CA HIS A 132 -11.13 -5.00 -20.37
C HIS A 132 -11.99 -3.98 -19.67
N MET A 1 -12.44 -16.08 30.88
CA MET A 1 -12.24 -17.30 31.66
C MET A 1 -13.30 -18.31 31.30
N GLY A 2 -12.91 -19.56 31.15
CA GLY A 2 -13.85 -20.60 30.78
C GLY A 2 -14.31 -20.44 29.35
N SER A 3 -15.62 -20.44 29.18
CA SER A 3 -16.25 -20.40 27.87
C SER A 3 -16.31 -18.96 27.31
N GLN A 4 -15.79 -18.00 28.06
CA GLN A 4 -15.77 -16.60 27.65
C GLN A 4 -14.73 -16.36 26.57
N LYS A 5 -15.03 -16.78 25.38
CA LYS A 5 -14.18 -16.62 24.24
C LYS A 5 -15.01 -16.12 23.10
N ARG A 6 -14.38 -15.54 22.13
CA ARG A 6 -15.07 -15.12 20.95
C ARG A 6 -14.46 -15.79 19.76
N LEU A 7 -15.27 -16.55 19.06
CA LEU A 7 -14.84 -17.25 17.88
C LEU A 7 -14.57 -16.26 16.75
N VAL A 8 -13.49 -16.48 16.03
CA VAL A 8 -13.08 -15.56 15.00
C VAL A 8 -13.81 -15.86 13.68
N GLN A 9 -15.07 -15.53 13.68
CA GLN A 9 -15.95 -15.67 12.54
C GLN A 9 -17.29 -15.08 12.90
N ARG A 10 -17.56 -13.93 12.40
CA ARG A 10 -18.78 -13.25 12.67
C ARG A 10 -19.25 -12.61 11.40
N VAL A 11 -20.11 -11.64 11.50
CA VAL A 11 -20.47 -10.90 10.33
C VAL A 11 -19.45 -9.80 10.04
N GLU A 12 -18.44 -10.12 9.24
CA GLU A 12 -17.42 -9.14 8.87
C GLU A 12 -17.92 -8.17 7.81
N ARG A 13 -19.20 -8.25 7.50
CA ARG A 13 -19.83 -7.42 6.49
C ARG A 13 -19.89 -5.93 6.90
N LYS A 14 -19.64 -5.63 8.16
CA LYS A 14 -19.57 -4.24 8.59
C LYS A 14 -18.15 -3.89 9.00
N LEU A 15 -17.22 -4.73 8.60
CA LEU A 15 -15.81 -4.55 8.90
C LEU A 15 -15.03 -4.40 7.61
N GLU A 16 -14.55 -3.21 7.34
CA GLU A 16 -13.70 -3.00 6.17
C GLU A 16 -12.26 -3.18 6.57
N GLN A 17 -12.06 -3.36 7.85
CA GLN A 17 -10.77 -3.59 8.45
C GLN A 17 -10.48 -5.08 8.44
N THR A 18 -9.22 -5.43 8.39
CA THR A 18 -8.80 -6.79 8.42
C THR A 18 -8.57 -7.21 9.87
N VAL A 19 -9.06 -8.38 10.27
CA VAL A 19 -8.73 -8.88 11.59
C VAL A 19 -7.32 -9.48 11.57
N GLY A 20 -6.37 -8.65 11.93
CA GLY A 20 -4.99 -9.00 11.86
C GLY A 20 -4.50 -9.69 13.11
N ASP A 21 -5.18 -10.75 13.49
CA ASP A 21 -4.81 -11.57 14.65
C ASP A 21 -3.43 -12.13 14.51
N ALA A 22 -3.16 -12.61 13.33
CA ALA A 22 -1.87 -13.20 13.01
C ALA A 22 -0.81 -12.13 13.03
N PHE A 23 -1.07 -11.07 12.31
CA PHE A 23 -0.17 -9.94 12.18
C PHE A 23 0.20 -9.36 13.56
N ALA A 24 -0.80 -9.18 14.42
CA ALA A 24 -0.59 -8.63 15.74
C ALA A 24 0.34 -9.53 16.56
N ARG A 25 0.16 -10.83 16.43
CA ARG A 25 0.99 -11.79 17.15
C ARG A 25 2.37 -11.95 16.52
N ILE A 26 2.45 -11.76 15.22
CA ILE A 26 3.73 -11.80 14.53
C ILE A 26 4.60 -10.63 14.99
N PHE A 27 4.08 -9.42 14.82
CA PHE A 27 4.81 -8.21 15.19
C PHE A 27 4.97 -8.09 16.70
N GLY A 28 4.02 -8.64 17.42
CA GLY A 28 4.07 -8.62 18.85
C GLY A 28 3.50 -7.35 19.41
N GLY A 29 4.33 -6.38 19.63
CA GLY A 29 3.87 -5.14 20.20
C GLY A 29 3.92 -4.00 19.24
N SER A 30 5.01 -3.89 18.51
CA SER A 30 5.18 -2.80 17.62
C SER A 30 4.58 -3.11 16.26
N ILE A 31 3.37 -2.62 16.05
CA ILE A 31 2.66 -2.86 14.82
C ILE A 31 1.63 -1.77 14.54
N VAL A 32 1.97 -0.87 13.68
CA VAL A 32 1.03 0.10 13.20
C VAL A 32 0.96 -0.01 11.66
N PRO A 33 -0.03 -0.79 11.16
CA PRO A 33 -0.14 -1.10 9.72
C PRO A 33 -0.54 0.12 8.89
N GLN A 34 -1.08 1.13 9.58
CA GLN A 34 -1.50 2.36 8.95
C GLN A 34 -0.30 3.08 8.31
N GLU A 35 0.90 2.83 8.84
CA GLU A 35 2.12 3.44 8.30
C GLU A 35 2.39 3.04 6.86
N VAL A 36 2.03 1.82 6.51
CA VAL A 36 2.26 1.31 5.17
C VAL A 36 1.32 2.02 4.20
N GLU A 37 0.04 2.02 4.51
CA GLU A 37 -0.95 2.68 3.66
C GLU A 37 -0.74 4.18 3.63
N ALA A 38 -0.24 4.73 4.74
CA ALA A 38 0.10 6.14 4.82
C ALA A 38 1.20 6.47 3.82
N LEU A 39 2.14 5.57 3.68
CA LEU A 39 3.22 5.77 2.75
C LEU A 39 2.67 5.63 1.33
N LEU A 40 1.86 4.60 1.08
CA LEU A 40 1.31 4.40 -0.25
C LEU A 40 0.31 5.46 -0.70
N ARG A 41 -0.48 6.02 0.21
CA ARG A 41 -1.36 7.12 -0.17
C ARG A 41 -0.52 8.35 -0.52
N ARG A 42 0.62 8.48 0.16
CA ARG A 42 1.54 9.57 -0.09
C ARG A 42 2.24 9.33 -1.44
N GLU A 43 2.52 8.08 -1.74
CA GLU A 43 3.11 7.70 -3.02
C GLU A 43 2.12 8.01 -4.15
N ALA A 44 0.86 7.67 -3.92
CA ALA A 44 -0.20 7.94 -4.86
C ALA A 44 -0.33 9.45 -5.08
N ALA A 45 -0.37 10.20 -3.99
CA ALA A 45 -0.52 11.64 -4.03
C ALA A 45 0.70 12.32 -4.68
N ASP A 46 1.87 11.78 -4.42
CA ASP A 46 3.11 12.33 -4.97
C ASP A 46 3.19 12.02 -6.47
N GLY A 47 2.78 10.82 -6.81
CA GLY A 47 2.81 10.37 -8.17
C GLY A 47 1.51 10.61 -8.92
N ILE A 48 0.83 11.68 -8.57
CA ILE A 48 -0.36 12.09 -9.28
C ILE A 48 0.03 12.65 -10.64
N GLN A 49 -0.61 12.18 -11.68
CA GLN A 49 -0.26 12.56 -13.00
C GLN A 49 -1.33 13.48 -13.54
N SER A 50 -0.90 14.52 -14.19
CA SER A 50 -1.79 15.48 -14.76
C SER A 50 -2.57 14.88 -15.92
N LEU A 51 -3.81 14.67 -15.67
CA LEU A 51 -4.72 14.17 -16.65
C LEU A 51 -5.76 15.26 -16.82
N GLN A 52 -6.86 14.96 -17.46
CA GLN A 52 -7.96 15.91 -17.64
C GLN A 52 -8.41 16.52 -16.32
N GLY A 53 -8.95 17.73 -16.39
CA GLY A 53 -9.37 18.48 -15.20
C GLY A 53 -10.53 17.84 -14.45
N ASN A 54 -11.04 16.75 -15.01
CA ASN A 54 -12.11 15.99 -14.41
C ASN A 54 -11.59 15.40 -13.12
N ARG A 55 -10.39 14.81 -13.22
CA ARG A 55 -9.71 14.17 -12.12
C ARG A 55 -8.32 13.72 -12.54
N LEU A 56 -7.47 13.63 -11.56
CA LEU A 56 -6.06 13.37 -11.73
C LEU A 56 -5.80 11.88 -11.69
N LEU A 57 -4.76 11.47 -12.37
CA LEU A 57 -4.47 10.08 -12.54
C LEU A 57 -3.52 9.63 -11.44
N ALA A 58 -3.88 8.58 -10.78
CA ALA A 58 -3.10 8.03 -9.69
C ALA A 58 -2.49 6.71 -10.14
N PRO A 59 -1.35 6.31 -9.53
CA PRO A 59 -0.69 5.04 -9.85
C PRO A 59 -1.58 3.82 -9.52
N ASN A 60 -1.33 2.73 -10.18
CA ASN A 60 -2.06 1.49 -9.96
C ASN A 60 -1.12 0.34 -9.69
N GLU A 61 0.10 0.46 -10.15
CA GLU A 61 1.09 -0.55 -9.94
C GLU A 61 1.96 -0.13 -8.78
N TYR A 62 1.87 -0.86 -7.70
CA TYR A 62 2.62 -0.56 -6.50
C TYR A 62 3.49 -1.71 -6.11
N ILE A 63 4.75 -1.48 -6.02
CA ILE A 63 5.68 -2.50 -5.64
C ILE A 63 6.39 -2.07 -4.38
N ILE A 64 6.18 -2.81 -3.33
CA ILE A 64 6.79 -2.53 -2.07
C ILE A 64 7.80 -3.64 -1.76
N THR A 65 9.00 -3.24 -1.50
CA THR A 65 10.06 -4.16 -1.23
C THR A 65 10.48 -4.03 0.24
N LEU A 66 10.31 -5.08 0.98
CA LEU A 66 10.67 -5.12 2.40
C LEU A 66 11.99 -5.81 2.57
N GLY A 67 12.60 -5.59 3.71
CA GLY A 67 13.76 -6.36 4.05
C GLY A 67 13.34 -7.78 4.27
N VAL A 68 14.20 -8.72 4.01
CA VAL A 68 13.89 -10.14 4.13
C VAL A 68 13.33 -10.51 5.54
N HIS A 69 13.84 -9.83 6.56
CA HIS A 69 13.42 -10.07 7.93
C HIS A 69 12.01 -9.50 8.16
N ASP A 70 11.65 -8.47 7.45
CA ASP A 70 10.32 -7.90 7.60
C ASP A 70 9.33 -8.63 6.73
N PHE A 71 9.83 -9.24 5.67
CA PHE A 71 9.02 -10.02 4.77
C PHE A 71 8.43 -11.24 5.50
N GLU A 72 9.25 -11.87 6.32
CA GLU A 72 8.80 -13.01 7.09
C GLU A 72 7.78 -12.58 8.14
N LYS A 73 7.86 -11.33 8.54
CA LYS A 73 6.90 -10.72 9.45
C LYS A 73 5.58 -10.41 8.74
N LEU A 74 5.63 -10.29 7.43
CA LEU A 74 4.41 -10.10 6.64
C LEU A 74 3.67 -11.43 6.65
N GLY A 75 4.43 -12.49 6.72
CA GLY A 75 3.88 -13.80 6.89
C GLY A 75 4.28 -14.71 5.78
N ALA A 76 3.56 -15.79 5.65
CA ALA A 76 3.80 -16.74 4.60
C ALA A 76 3.19 -16.22 3.31
N ASP A 77 2.04 -15.58 3.44
CA ASP A 77 1.34 -15.03 2.31
C ASP A 77 1.26 -13.53 2.41
N PRO A 78 2.16 -12.80 1.77
CA PRO A 78 2.09 -11.34 1.72
C PRO A 78 0.89 -10.92 0.90
N GLU A 79 0.59 -11.74 -0.13
CA GLU A 79 -0.52 -11.54 -1.07
C GLU A 79 -1.86 -11.49 -0.35
N LEU A 80 -1.89 -12.09 0.85
CA LEU A 80 -3.06 -12.08 1.71
C LEU A 80 -3.52 -10.65 1.92
N LYS A 81 -2.56 -9.79 2.21
CA LYS A 81 -2.85 -8.43 2.44
C LYS A 81 -2.78 -7.63 1.13
N SER A 82 -1.99 -8.09 0.16
CA SER A 82 -1.82 -7.36 -1.11
C SER A 82 -3.15 -7.09 -1.81
N THR A 83 -3.97 -8.12 -1.97
CA THR A 83 -5.27 -7.99 -2.58
C THR A 83 -6.14 -6.93 -1.84
N GLY A 84 -6.13 -7.00 -0.52
CA GLY A 84 -6.90 -6.08 0.28
C GLY A 84 -6.32 -4.68 0.20
N PHE A 85 -5.00 -4.59 0.29
CA PHE A 85 -4.26 -3.33 0.29
C PHE A 85 -4.51 -2.57 -1.00
N ALA A 86 -4.56 -3.31 -2.10
CA ALA A 86 -4.85 -2.75 -3.40
C ALA A 86 -6.21 -2.11 -3.40
N ARG A 87 -7.17 -2.81 -2.84
CA ARG A 87 -8.54 -2.33 -2.77
C ARG A 87 -8.71 -1.27 -1.70
N ASP A 88 -7.84 -1.27 -0.71
CA ASP A 88 -7.82 -0.21 0.30
C ASP A 88 -7.40 1.07 -0.38
N LEU A 89 -6.29 0.99 -1.11
CA LEU A 89 -5.74 2.11 -1.85
C LEU A 89 -6.74 2.59 -2.90
N ALA A 90 -7.36 1.64 -3.59
CA ALA A 90 -8.36 1.95 -4.60
C ALA A 90 -9.55 2.68 -3.99
N ASP A 91 -9.95 2.30 -2.80
CA ASP A 91 -11.05 2.95 -2.14
C ASP A 91 -10.62 4.35 -1.66
N TYR A 92 -9.36 4.44 -1.21
CA TYR A 92 -8.77 5.72 -0.82
C TYR A 92 -8.76 6.72 -1.97
N ILE A 93 -8.37 6.27 -3.17
CA ILE A 93 -8.34 7.16 -4.31
C ILE A 93 -9.74 7.54 -4.76
N GLN A 94 -10.71 6.68 -4.47
CA GLN A 94 -12.13 7.00 -4.71
C GLN A 94 -12.53 8.13 -3.79
N GLU A 95 -12.09 8.04 -2.54
CA GLU A 95 -12.35 9.03 -1.51
C GLU A 95 -11.70 10.39 -1.88
N GLN A 96 -10.63 10.34 -2.66
CA GLN A 96 -9.94 11.56 -3.11
C GLN A 96 -10.48 12.02 -4.45
N GLY A 97 -11.22 11.15 -5.11
CA GLY A 97 -11.81 11.47 -6.39
C GLY A 97 -10.82 11.39 -7.53
N TRP A 98 -9.81 10.56 -7.40
CA TRP A 98 -8.83 10.39 -8.46
C TRP A 98 -9.19 9.18 -9.30
N GLN A 99 -8.48 8.97 -10.37
CA GLN A 99 -8.74 7.84 -11.24
C GLN A 99 -7.46 7.12 -11.58
N THR A 100 -7.58 5.94 -12.11
CA THR A 100 -6.47 5.15 -12.51
C THR A 100 -6.95 4.22 -13.61
N TYR A 101 -6.06 3.72 -14.44
CA TYR A 101 -6.46 2.88 -15.54
C TYR A 101 -5.85 1.53 -15.43
N GLY A 102 -6.70 0.55 -15.37
CA GLY A 102 -6.27 -0.81 -15.23
C GLY A 102 -6.60 -1.30 -13.85
N ASP A 103 -6.09 -2.44 -13.50
CA ASP A 103 -6.34 -2.99 -12.18
C ASP A 103 -5.23 -2.53 -11.25
N VAL A 104 -5.57 -2.27 -10.01
CA VAL A 104 -4.59 -1.89 -9.03
C VAL A 104 -3.87 -3.13 -8.50
N VAL A 105 -2.60 -3.20 -8.78
CA VAL A 105 -1.82 -4.32 -8.41
C VAL A 105 -0.69 -3.88 -7.48
N VAL A 106 -0.58 -4.54 -6.38
CA VAL A 106 0.41 -4.24 -5.41
C VAL A 106 1.07 -5.55 -4.97
N ARG A 107 2.35 -5.52 -4.76
CA ARG A 107 3.02 -6.70 -4.28
C ARG A 107 4.01 -6.31 -3.22
N PHE A 108 4.23 -7.21 -2.32
CA PHE A 108 5.20 -7.07 -1.29
C PHE A 108 6.25 -8.13 -1.51
N GLU A 109 7.44 -7.71 -1.84
CA GLU A 109 8.52 -8.64 -2.10
C GLU A 109 9.64 -8.41 -1.11
N GLN A 110 10.58 -9.32 -1.04
CA GLN A 110 11.67 -9.18 -0.10
C GLN A 110 12.94 -8.77 -0.83
N SER A 111 13.84 -8.24 -0.08
CA SER A 111 15.13 -7.91 -0.55
C SER A 111 16.15 -8.26 0.51
N SER A 112 17.17 -8.94 0.10
CA SER A 112 18.24 -9.33 0.98
C SER A 112 19.22 -8.18 1.19
N ASN A 113 19.03 -7.09 0.47
CA ASN A 113 19.87 -5.92 0.58
C ASN A 113 19.35 -4.99 1.65
N LEU A 114 18.08 -5.13 1.99
CA LEU A 114 17.48 -4.31 3.01
C LEU A 114 17.52 -5.02 4.33
N HIS A 115 17.74 -4.26 5.36
CA HIS A 115 17.85 -4.78 6.69
C HIS A 115 16.53 -4.62 7.40
N THR A 116 16.46 -5.19 8.58
CA THR A 116 15.29 -5.14 9.44
C THR A 116 14.83 -3.67 9.67
N GLY A 117 13.64 -3.36 9.24
CA GLY A 117 13.09 -2.05 9.46
C GLY A 117 13.16 -1.16 8.24
N GLN A 118 13.60 -1.71 7.12
CA GLN A 118 13.71 -0.93 5.89
C GLN A 118 12.76 -1.44 4.84
N PHE A 119 12.17 -0.53 4.08
CA PHE A 119 11.28 -0.89 3.01
C PHE A 119 11.30 0.17 1.94
N ARG A 120 11.05 -0.22 0.74
CA ARG A 120 10.97 0.70 -0.37
C ARG A 120 9.60 0.56 -0.98
N ALA A 121 9.02 1.63 -1.46
CA ALA A 121 7.70 1.56 -2.05
C ALA A 121 7.62 2.51 -3.22
N ARG A 122 7.35 1.98 -4.38
CA ARG A 122 7.22 2.73 -5.54
C ARG A 122 5.88 2.43 -6.20
N GLY A 123 5.20 3.47 -6.61
CA GLY A 123 3.99 3.34 -7.35
C GLY A 123 4.17 3.94 -8.72
N THR A 124 3.58 3.36 -9.71
CA THR A 124 3.67 3.84 -11.05
C THR A 124 2.33 3.58 -11.77
N VAL A 125 2.00 4.42 -12.73
CA VAL A 125 0.80 4.24 -13.51
C VAL A 125 1.13 3.32 -14.68
N ASN A 126 0.67 2.12 -14.61
CA ASN A 126 0.89 1.16 -15.65
C ASN A 126 -0.46 0.68 -16.15
N PRO A 127 -0.93 1.21 -17.27
CA PRO A 127 -2.24 0.85 -17.82
C PRO A 127 -2.26 -0.59 -18.36
N ASP A 128 -1.11 -1.10 -18.73
CA ASP A 128 -1.04 -2.43 -19.27
C ASP A 128 -0.71 -3.39 -18.19
N VAL A 129 -1.72 -3.64 -17.46
CA VAL A 129 -1.75 -4.58 -16.43
C VAL A 129 -2.96 -5.44 -16.74
N GLU A 130 -2.79 -6.73 -16.62
CA GLU A 130 -3.82 -7.67 -16.96
C GLU A 130 -5.14 -7.40 -16.26
N THR A 131 -6.17 -7.35 -17.04
CA THR A 131 -7.48 -7.18 -16.52
C THR A 131 -7.97 -8.55 -16.07
N HIS A 132 -8.61 -8.59 -14.95
CA HIS A 132 -9.12 -9.80 -14.41
C HIS A 132 -10.62 -9.71 -14.48
N MET A 1 -54.82 -0.99 31.73
CA MET A 1 -55.18 -2.06 30.81
C MET A 1 -55.56 -1.44 29.48
N GLY A 2 -55.74 -2.27 28.48
CA GLY A 2 -56.14 -1.77 27.20
C GLY A 2 -54.98 -1.56 26.30
N SER A 3 -54.93 -0.43 25.65
CA SER A 3 -53.88 -0.13 24.73
C SER A 3 -53.15 1.13 25.19
N GLN A 4 -51.82 1.09 25.18
CA GLN A 4 -51.01 2.24 25.54
C GLN A 4 -49.86 2.35 24.57
N LYS A 5 -49.66 3.53 24.02
CA LYS A 5 -48.57 3.76 23.10
C LYS A 5 -47.30 3.94 23.87
N ARG A 6 -46.58 2.88 24.02
CA ARG A 6 -45.31 2.91 24.66
C ARG A 6 -44.28 3.21 23.62
N LEU A 7 -44.11 4.49 23.38
CA LEU A 7 -43.26 4.96 22.33
C LEU A 7 -41.82 4.94 22.77
N VAL A 8 -41.22 3.82 22.56
CA VAL A 8 -39.84 3.64 22.85
C VAL A 8 -39.01 4.07 21.67
N GLN A 9 -38.32 5.16 21.85
CA GLN A 9 -37.51 5.70 20.80
C GLN A 9 -36.14 5.12 20.90
N ARG A 10 -35.87 4.19 20.03
CA ARG A 10 -34.66 3.45 20.06
C ARG A 10 -34.14 3.29 18.65
N VAL A 11 -33.09 4.01 18.35
CA VAL A 11 -32.46 3.93 17.08
C VAL A 11 -31.05 3.37 17.25
N GLU A 12 -30.66 2.47 16.39
CA GLU A 12 -29.35 1.85 16.51
C GLU A 12 -28.33 2.69 15.80
N ARG A 13 -27.76 3.64 16.51
CA ARG A 13 -26.69 4.43 15.97
C ARG A 13 -25.42 3.67 16.20
N LYS A 14 -24.92 3.04 15.19
CA LYS A 14 -23.77 2.20 15.31
C LYS A 14 -22.92 2.18 14.06
N LEU A 15 -21.73 1.66 14.20
CA LEU A 15 -20.78 1.52 13.14
C LEU A 15 -19.77 0.51 13.60
N GLU A 16 -18.90 0.07 12.76
CA GLU A 16 -17.89 -0.84 13.21
C GLU A 16 -16.57 -0.12 13.29
N GLN A 17 -15.77 -0.54 14.20
CA GLN A 17 -14.44 -0.11 14.25
C GLN A 17 -13.65 -1.25 13.71
N THR A 18 -13.08 -1.08 12.57
CA THR A 18 -12.35 -2.12 11.96
C THR A 18 -11.03 -2.31 12.67
N VAL A 19 -11.04 -3.22 13.56
CA VAL A 19 -9.89 -3.58 14.32
C VAL A 19 -9.20 -4.76 13.68
N GLY A 20 -7.96 -4.56 13.36
CA GLY A 20 -7.19 -5.57 12.70
C GLY A 20 -5.73 -5.37 12.96
N ASP A 21 -5.40 -5.07 14.20
CA ASP A 21 -4.02 -4.82 14.62
C ASP A 21 -3.25 -6.12 14.78
N ALA A 22 -3.86 -7.22 14.34
CA ALA A 22 -3.24 -8.54 14.34
C ALA A 22 -1.92 -8.50 13.60
N PHE A 23 -1.88 -7.72 12.54
CA PHE A 23 -0.68 -7.54 11.75
C PHE A 23 0.43 -6.90 12.59
N ALA A 24 0.05 -5.92 13.41
CA ALA A 24 1.00 -5.22 14.27
C ALA A 24 1.54 -6.17 15.33
N ARG A 25 0.71 -7.13 15.72
CA ARG A 25 1.10 -8.14 16.69
C ARG A 25 2.16 -9.06 16.05
N ILE A 26 2.03 -9.27 14.74
CA ILE A 26 2.96 -10.08 13.98
C ILE A 26 4.29 -9.35 13.80
N PHE A 27 4.23 -8.06 13.48
CA PHE A 27 5.44 -7.25 13.31
C PHE A 27 6.21 -7.09 14.61
N GLY A 28 5.48 -7.13 15.72
CA GLY A 28 6.08 -7.08 17.04
C GLY A 28 6.71 -5.75 17.33
N GLY A 29 7.98 -5.65 17.02
CA GLY A 29 8.73 -4.45 17.25
C GLY A 29 8.97 -3.69 15.98
N SER A 30 8.60 -4.28 14.87
CA SER A 30 8.80 -3.66 13.60
C SER A 30 7.65 -2.68 13.30
N ILE A 31 7.79 -1.95 12.21
CA ILE A 31 6.84 -0.94 11.78
C ILE A 31 5.41 -1.51 11.59
N VAL A 32 4.45 -0.76 12.07
CA VAL A 32 3.05 -1.15 12.02
C VAL A 32 2.38 -0.79 10.67
N PRO A 33 1.34 -1.56 10.26
CA PRO A 33 0.65 -1.39 8.96
C PRO A 33 -0.02 -0.02 8.79
N GLN A 34 -0.22 0.69 9.90
CA GLN A 34 -0.81 2.03 9.86
C GLN A 34 0.08 2.96 9.04
N GLU A 35 1.38 2.88 9.27
CA GLU A 35 2.32 3.73 8.56
C GLU A 35 2.43 3.27 7.12
N VAL A 36 2.27 1.97 6.89
CA VAL A 36 2.31 1.42 5.55
C VAL A 36 1.20 2.04 4.69
N GLU A 37 -0.05 2.02 5.19
CA GLU A 37 -1.14 2.60 4.42
C GLU A 37 -0.99 4.11 4.31
N ALA A 38 -0.45 4.74 5.34
CA ALA A 38 -0.24 6.17 5.35
C ALA A 38 0.74 6.58 4.28
N LEU A 39 1.84 5.86 4.22
CA LEU A 39 2.87 6.10 3.26
C LEU A 39 2.36 5.80 1.86
N LEU A 40 1.63 4.69 1.70
CA LEU A 40 1.05 4.31 0.40
C LEU A 40 0.06 5.36 -0.11
N ARG A 41 -0.71 5.91 0.79
CA ARG A 41 -1.67 6.90 0.50
C ARG A 41 -0.97 8.22 0.08
N ARG A 42 0.19 8.47 0.66
CA ARG A 42 0.98 9.60 0.34
C ARG A 42 1.67 9.33 -1.02
N GLU A 43 2.06 8.07 -1.26
CA GLU A 43 2.66 7.62 -2.53
C GLU A 43 1.64 7.76 -3.66
N ALA A 44 0.38 7.54 -3.34
CA ALA A 44 -0.71 7.72 -4.27
C ALA A 44 -0.75 9.16 -4.74
N ALA A 45 -0.62 10.08 -3.79
CA ALA A 45 -0.58 11.51 -4.12
C ALA A 45 0.75 11.88 -4.78
N ASP A 46 1.77 11.10 -4.50
CA ASP A 46 3.11 11.31 -5.03
C ASP A 46 3.18 10.98 -6.52
N GLY A 47 2.62 9.85 -6.88
CA GLY A 47 2.71 9.39 -8.25
C GLY A 47 1.57 9.87 -9.14
N ILE A 48 0.99 11.00 -8.80
CA ILE A 48 -0.09 11.59 -9.58
C ILE A 48 0.43 12.10 -10.92
N GLN A 49 -0.35 11.93 -11.97
CA GLN A 49 0.01 12.41 -13.27
C GLN A 49 -1.02 13.39 -13.76
N SER A 50 -0.56 14.30 -14.54
CA SER A 50 -1.38 15.28 -15.14
C SER A 50 -2.13 14.67 -16.30
N LEU A 51 -3.40 14.85 -16.29
CA LEU A 51 -4.29 14.33 -17.29
C LEU A 51 -5.38 15.37 -17.44
N GLN A 52 -6.49 15.04 -18.08
CA GLN A 52 -7.65 15.93 -18.21
C GLN A 52 -7.95 16.60 -16.88
N GLY A 53 -8.23 17.90 -16.91
CA GLY A 53 -8.42 18.69 -15.69
C GLY A 53 -9.61 18.25 -14.87
N ASN A 54 -10.40 17.36 -15.44
CA ASN A 54 -11.56 16.79 -14.77
C ASN A 54 -11.11 16.01 -13.55
N ARG A 55 -9.97 15.30 -13.70
CA ARG A 55 -9.45 14.45 -12.64
C ARG A 55 -8.03 13.94 -13.00
N LEU A 56 -7.24 13.75 -11.99
CA LEU A 56 -5.82 13.39 -12.13
C LEU A 56 -5.63 11.88 -12.13
N LEU A 57 -4.59 11.44 -12.80
CA LEU A 57 -4.27 10.03 -12.92
C LEU A 57 -3.49 9.60 -11.70
N ALA A 58 -3.93 8.54 -11.07
CA ALA A 58 -3.33 8.04 -9.87
C ALA A 58 -2.67 6.69 -10.10
N PRO A 59 -1.66 6.36 -9.28
CA PRO A 59 -0.98 5.06 -9.32
C PRO A 59 -1.93 3.88 -9.10
N ASN A 60 -1.66 2.79 -9.76
CA ASN A 60 -2.43 1.58 -9.55
C ASN A 60 -1.54 0.44 -9.10
N GLU A 61 -0.27 0.52 -9.47
CA GLU A 61 0.70 -0.51 -9.13
C GLU A 61 1.52 -0.03 -7.94
N TYR A 62 1.37 -0.68 -6.84
CA TYR A 62 2.11 -0.35 -5.64
C TYR A 62 3.06 -1.48 -5.32
N ILE A 63 4.33 -1.20 -5.39
CA ILE A 63 5.33 -2.19 -5.10
C ILE A 63 5.94 -1.86 -3.75
N ILE A 64 5.84 -2.80 -2.85
CA ILE A 64 6.38 -2.64 -1.54
C ILE A 64 7.48 -3.66 -1.35
N THR A 65 8.63 -3.21 -0.99
CA THR A 65 9.76 -4.06 -0.84
C THR A 65 10.29 -3.97 0.59
N LEU A 66 10.31 -5.09 1.25
CA LEU A 66 10.78 -5.19 2.62
C LEU A 66 12.14 -5.86 2.68
N GLY A 67 12.75 -5.83 3.85
CA GLY A 67 13.96 -6.56 4.07
C GLY A 67 13.66 -8.03 4.11
N VAL A 68 14.68 -8.86 4.04
CA VAL A 68 14.48 -10.30 4.00
C VAL A 68 13.82 -10.84 5.28
N HIS A 69 14.24 -10.31 6.41
CA HIS A 69 13.71 -10.72 7.68
C HIS A 69 12.32 -10.11 7.87
N ASP A 70 12.09 -8.96 7.26
CA ASP A 70 10.79 -8.32 7.34
C ASP A 70 9.80 -9.00 6.46
N PHE A 71 10.28 -9.57 5.38
CA PHE A 71 9.44 -10.35 4.52
C PHE A 71 9.04 -11.63 5.25
N GLU A 72 9.92 -12.08 6.15
CA GLU A 72 9.63 -13.21 7.01
C GLU A 72 8.51 -12.89 8.02
N LYS A 73 8.36 -11.58 8.34
CA LYS A 73 7.24 -11.11 9.18
C LYS A 73 5.95 -11.21 8.38
N LEU A 74 6.06 -10.92 7.09
CA LEU A 74 4.92 -11.01 6.17
C LEU A 74 4.54 -12.47 6.03
N GLY A 75 5.55 -13.31 6.17
CA GLY A 75 5.37 -14.71 6.26
C GLY A 75 5.29 -15.39 4.95
N ALA A 76 4.38 -16.31 4.84
CA ALA A 76 4.20 -17.09 3.65
C ALA A 76 3.19 -16.44 2.75
N ASP A 77 2.64 -15.35 3.21
CA ASP A 77 1.60 -14.66 2.50
C ASP A 77 1.99 -13.25 2.09
N PRO A 78 2.38 -13.04 0.86
CA PRO A 78 2.48 -11.72 0.31
C PRO A 78 1.09 -11.15 -0.10
N GLU A 79 0.30 -12.02 -0.72
CA GLU A 79 -0.88 -11.62 -1.50
C GLU A 79 -2.22 -11.39 -0.75
N LEU A 80 -2.49 -12.06 0.35
CA LEU A 80 -3.76 -11.82 1.05
C LEU A 80 -3.74 -10.42 1.60
N LYS A 81 -2.62 -10.05 2.19
CA LYS A 81 -2.42 -8.71 2.68
C LYS A 81 -2.41 -7.70 1.53
N SER A 82 -1.91 -8.12 0.37
CA SER A 82 -1.92 -7.27 -0.81
C SER A 82 -3.37 -6.96 -1.22
N THR A 83 -4.22 -7.98 -1.19
CA THR A 83 -5.61 -7.83 -1.54
C THR A 83 -6.31 -6.80 -0.63
N GLY A 84 -5.99 -6.83 0.67
CA GLY A 84 -6.55 -5.89 1.60
C GLY A 84 -6.12 -4.45 1.28
N PHE A 85 -4.82 -4.24 1.14
CA PHE A 85 -4.28 -2.92 0.82
C PHE A 85 -4.76 -2.39 -0.52
N ALA A 86 -4.82 -3.28 -1.51
CA ALA A 86 -5.26 -2.90 -2.86
C ALA A 86 -6.67 -2.37 -2.84
N ARG A 87 -7.55 -3.07 -2.13
CA ARG A 87 -8.93 -2.71 -2.06
C ARG A 87 -9.12 -1.38 -1.34
N ASP A 88 -8.39 -1.22 -0.27
CA ASP A 88 -8.49 -0.02 0.56
C ASP A 88 -7.97 1.20 -0.21
N LEU A 89 -6.86 1.03 -0.91
CA LEU A 89 -6.28 2.09 -1.73
C LEU A 89 -7.17 2.46 -2.90
N ALA A 90 -7.84 1.46 -3.46
CA ALA A 90 -8.78 1.69 -4.55
C ALA A 90 -9.90 2.61 -4.12
N ASP A 91 -10.34 2.43 -2.90
CA ASP A 91 -11.41 3.26 -2.36
C ASP A 91 -10.88 4.66 -2.14
N TYR A 92 -9.67 4.75 -1.57
CA TYR A 92 -8.99 6.03 -1.35
C TYR A 92 -8.83 6.85 -2.59
N ILE A 93 -8.20 6.28 -3.61
CA ILE A 93 -7.97 7.01 -4.85
C ILE A 93 -9.28 7.52 -5.47
N GLN A 94 -10.34 6.72 -5.35
CA GLN A 94 -11.65 7.10 -5.84
C GLN A 94 -12.23 8.24 -5.03
N GLU A 95 -12.02 8.24 -3.72
CA GLU A 95 -12.51 9.29 -2.85
C GLU A 95 -11.87 10.61 -3.21
N GLN A 96 -10.62 10.55 -3.61
CA GLN A 96 -9.87 11.73 -3.97
C GLN A 96 -10.26 12.24 -5.35
N GLY A 97 -10.98 11.42 -6.08
CA GLY A 97 -11.46 11.80 -7.37
C GLY A 97 -10.48 11.45 -8.46
N TRP A 98 -9.45 10.72 -8.12
CA TRP A 98 -8.44 10.37 -9.09
C TRP A 98 -8.92 9.16 -9.90
N GLN A 99 -8.28 8.90 -11.00
CA GLN A 99 -8.62 7.76 -11.85
C GLN A 99 -7.37 7.02 -12.24
N THR A 100 -7.50 5.83 -12.74
CA THR A 100 -6.37 5.07 -13.16
C THR A 100 -6.83 4.08 -14.22
N TYR A 101 -5.90 3.39 -14.86
CA TYR A 101 -6.27 2.42 -15.86
C TYR A 101 -6.03 1.05 -15.28
N GLY A 102 -7.06 0.29 -15.17
CA GLY A 102 -6.95 -1.01 -14.58
C GLY A 102 -7.58 -0.98 -13.24
N ASP A 103 -7.06 -1.78 -12.36
CA ASP A 103 -7.46 -1.81 -10.97
C ASP A 103 -6.21 -1.66 -10.15
N VAL A 104 -6.34 -1.58 -8.86
CA VAL A 104 -5.19 -1.42 -7.98
C VAL A 104 -4.54 -2.77 -7.71
N VAL A 105 -3.26 -2.84 -7.94
CA VAL A 105 -2.47 -4.01 -7.70
C VAL A 105 -1.27 -3.62 -6.83
N VAL A 106 -1.10 -4.33 -5.76
CA VAL A 106 -0.02 -4.07 -4.85
C VAL A 106 0.64 -5.39 -4.57
N ARG A 107 1.93 -5.39 -4.38
CA ARG A 107 2.61 -6.61 -4.12
C ARG A 107 3.84 -6.36 -3.28
N PHE A 108 4.05 -7.25 -2.34
CA PHE A 108 5.16 -7.19 -1.43
C PHE A 108 6.27 -8.11 -1.94
N GLU A 109 7.46 -7.59 -1.97
CA GLU A 109 8.65 -8.34 -2.34
C GLU A 109 9.77 -8.00 -1.38
N GLN A 110 10.90 -8.63 -1.52
CA GLN A 110 12.00 -8.38 -0.63
C GLN A 110 13.26 -8.03 -1.40
N SER A 111 14.20 -7.50 -0.70
CA SER A 111 15.50 -7.25 -1.19
C SER A 111 16.48 -7.54 -0.08
N SER A 112 17.46 -8.36 -0.37
CA SER A 112 18.47 -8.78 0.60
C SER A 112 19.39 -7.60 0.95
N ASN A 113 19.40 -6.59 0.09
CA ASN A 113 20.13 -5.36 0.32
C ASN A 113 19.53 -4.61 1.51
N LEU A 114 18.25 -4.78 1.71
CA LEU A 114 17.56 -4.12 2.78
C LEU A 114 17.69 -4.90 4.06
N HIS A 115 18.05 -4.21 5.09
CA HIS A 115 18.17 -4.79 6.40
C HIS A 115 16.83 -4.61 7.10
N THR A 116 16.61 -5.36 8.14
CA THR A 116 15.39 -5.33 8.93
C THR A 116 15.11 -3.90 9.45
N GLY A 117 13.93 -3.42 9.17
CA GLY A 117 13.54 -2.11 9.57
C GLY A 117 13.53 -1.15 8.41
N GLN A 118 14.14 -1.57 7.31
CA GLN A 118 14.20 -0.76 6.13
C GLN A 118 13.27 -1.32 5.08
N PHE A 119 12.48 -0.46 4.50
CA PHE A 119 11.50 -0.89 3.53
C PHE A 119 11.36 0.18 2.47
N ARG A 120 10.86 -0.21 1.35
CA ARG A 120 10.63 0.69 0.27
C ARG A 120 9.25 0.50 -0.26
N ALA A 121 8.67 1.54 -0.79
CA ALA A 121 7.34 1.46 -1.34
C ALA A 121 7.20 2.47 -2.44
N ARG A 122 6.63 2.04 -3.53
CA ARG A 122 6.40 2.90 -4.66
C ARG A 122 5.01 2.77 -5.16
N GLY A 123 4.52 3.86 -5.62
CA GLY A 123 3.21 3.92 -6.19
C GLY A 123 3.31 4.53 -7.55
N THR A 124 3.03 3.76 -8.55
CA THR A 124 3.10 4.22 -9.88
C THR A 124 1.95 3.58 -10.69
N VAL A 125 1.41 4.30 -11.63
CA VAL A 125 0.43 3.73 -12.51
C VAL A 125 1.15 3.07 -13.67
N ASN A 126 0.98 1.81 -13.77
CA ASN A 126 1.67 1.05 -14.78
C ASN A 126 0.68 0.25 -15.60
N PRO A 127 0.15 0.84 -16.68
CA PRO A 127 -0.78 0.17 -17.56
C PRO A 127 -0.05 -0.69 -18.60
N ASP A 128 1.22 -0.41 -18.79
CA ASP A 128 2.01 -1.10 -19.78
C ASP A 128 2.80 -2.16 -19.08
N VAL A 129 2.09 -3.15 -18.65
CA VAL A 129 2.67 -4.23 -17.92
C VAL A 129 2.35 -5.57 -18.55
N GLU A 130 3.39 -6.26 -18.90
CA GLU A 130 3.27 -7.60 -19.40
C GLU A 130 3.48 -8.54 -18.25
N THR A 131 2.45 -9.19 -17.87
CA THR A 131 2.47 -10.09 -16.77
C THR A 131 1.41 -11.14 -17.05
N HIS A 132 1.51 -12.27 -16.45
CA HIS A 132 0.55 -13.31 -16.64
C HIS A 132 -0.19 -13.50 -15.33
N MET A 1 27.05 21.64 -16.87
CA MET A 1 26.46 22.43 -15.77
C MET A 1 25.46 21.55 -15.06
N GLY A 2 24.64 22.13 -14.20
CA GLY A 2 23.64 21.37 -13.50
C GLY A 2 24.25 20.39 -12.53
N SER A 3 23.85 19.13 -12.63
CA SER A 3 24.34 18.04 -11.78
C SER A 3 24.03 18.30 -10.29
N GLN A 4 23.00 19.08 -10.05
CA GLN A 4 22.63 19.42 -8.70
C GLN A 4 21.98 18.25 -7.98
N LYS A 5 22.37 18.05 -6.77
CA LYS A 5 21.84 16.98 -5.98
C LYS A 5 20.72 17.48 -5.12
N ARG A 6 19.54 17.40 -5.63
CA ARG A 6 18.39 17.79 -4.89
C ARG A 6 17.90 16.60 -4.09
N LEU A 7 18.43 16.48 -2.90
CA LEU A 7 18.10 15.39 -2.03
C LEU A 7 16.97 15.87 -1.14
N VAL A 8 15.81 15.35 -1.39
CA VAL A 8 14.67 15.69 -0.58
C VAL A 8 14.31 14.49 0.25
N GLN A 9 14.61 14.55 1.54
CA GLN A 9 14.26 13.47 2.43
C GLN A 9 12.75 13.48 2.67
N ARG A 10 12.06 12.63 1.99
CA ARG A 10 10.64 12.58 2.07
C ARG A 10 10.18 11.70 3.21
N VAL A 11 10.38 12.23 4.39
CA VAL A 11 10.00 11.60 5.62
C VAL A 11 9.24 12.59 6.48
N GLU A 12 7.93 12.56 6.34
CA GLU A 12 7.06 13.44 7.12
C GLU A 12 7.03 12.97 8.54
N ARG A 13 7.31 11.71 8.69
CA ARG A 13 7.57 11.04 9.91
C ARG A 13 8.67 10.09 9.54
N LYS A 14 9.76 10.09 10.27
CA LYS A 14 10.85 9.18 9.92
C LYS A 14 10.50 7.76 10.28
N LEU A 15 9.64 7.62 11.27
CA LEU A 15 9.11 6.36 11.72
C LEU A 15 7.96 6.63 12.66
N GLU A 16 6.93 5.84 12.58
CA GLU A 16 5.84 5.94 13.50
C GLU A 16 5.34 4.55 13.81
N GLN A 17 5.30 4.22 15.07
CA GLN A 17 4.88 2.91 15.45
C GLN A 17 3.52 2.94 16.11
N THR A 18 2.55 2.70 15.32
CA THR A 18 1.20 2.66 15.75
C THR A 18 0.91 1.27 16.28
N VAL A 19 0.98 1.09 17.55
CA VAL A 19 0.80 -0.23 18.17
C VAL A 19 -0.68 -0.51 18.47
N GLY A 20 -1.54 0.18 17.78
CA GLY A 20 -2.95 0.00 17.96
C GLY A 20 -3.56 -0.67 16.76
N ASP A 21 -2.86 -1.66 16.26
CA ASP A 21 -3.24 -2.44 15.12
C ASP A 21 -2.65 -3.81 15.33
N ALA A 22 -3.42 -4.82 15.06
CA ALA A 22 -3.03 -6.23 15.24
C ALA A 22 -1.69 -6.57 14.59
N PHE A 23 -1.58 -6.30 13.31
CA PHE A 23 -0.38 -6.65 12.57
C PHE A 23 0.79 -5.79 12.97
N ALA A 24 0.49 -4.59 13.39
CA ALA A 24 1.50 -3.67 13.87
C ALA A 24 2.15 -4.22 15.14
N ARG A 25 1.34 -4.87 15.97
CA ARG A 25 1.82 -5.45 17.21
C ARG A 25 2.55 -6.75 16.94
N ILE A 26 2.30 -7.35 15.77
CA ILE A 26 3.04 -8.53 15.34
C ILE A 26 4.48 -8.12 15.02
N PHE A 27 4.63 -6.94 14.42
CA PHE A 27 5.95 -6.37 14.16
C PHE A 27 6.56 -5.83 15.42
N GLY A 28 5.74 -5.40 16.32
CA GLY A 28 6.20 -4.83 17.55
C GLY A 28 6.59 -3.38 17.36
N GLY A 29 7.74 -3.17 16.77
CA GLY A 29 8.21 -1.83 16.52
C GLY A 29 9.07 -1.75 15.26
N SER A 30 8.95 -2.73 14.39
CA SER A 30 9.70 -2.73 13.14
C SER A 30 9.16 -1.62 12.23
N ILE A 31 7.99 -1.88 11.66
CA ILE A 31 7.27 -0.96 10.80
C ILE A 31 5.82 -1.30 11.02
N VAL A 32 4.91 -0.43 10.72
CA VAL A 32 3.53 -0.75 10.96
C VAL A 32 2.70 -0.56 9.69
N PRO A 33 1.61 -1.36 9.49
CA PRO A 33 0.72 -1.24 8.32
C PRO A 33 0.18 0.18 8.13
N GLN A 34 -0.06 0.85 9.26
CA GLN A 34 -0.54 2.23 9.28
C GLN A 34 0.48 3.17 8.65
N GLU A 35 1.73 2.84 8.83
CA GLU A 35 2.85 3.60 8.32
C GLU A 35 3.04 3.27 6.85
N VAL A 36 2.85 1.99 6.52
CA VAL A 36 2.92 1.53 5.14
C VAL A 36 1.90 2.27 4.30
N GLU A 37 0.63 2.25 4.72
CA GLU A 37 -0.41 2.92 3.96
C GLU A 37 -0.21 4.43 3.93
N ALA A 38 0.35 4.99 5.01
CA ALA A 38 0.61 6.42 5.08
C ALA A 38 1.52 6.86 3.95
N LEU A 39 2.66 6.19 3.85
CA LEU A 39 3.60 6.49 2.78
C LEU A 39 3.09 6.02 1.45
N LEU A 40 2.37 4.92 1.42
CA LEU A 40 1.85 4.36 0.18
C LEU A 40 0.80 5.28 -0.45
N ARG A 41 -0.07 5.85 0.37
CA ARG A 41 -1.07 6.77 -0.15
C ARG A 41 -0.41 8.08 -0.52
N ARG A 42 0.69 8.39 0.14
CA ARG A 42 1.46 9.54 -0.22
C ARG A 42 2.15 9.29 -1.56
N GLU A 43 2.59 8.05 -1.79
CA GLU A 43 3.17 7.65 -3.08
C GLU A 43 2.17 7.83 -4.18
N ALA A 44 0.92 7.54 -3.87
CA ALA A 44 -0.17 7.74 -4.79
C ALA A 44 -0.30 9.23 -5.13
N ALA A 45 -0.29 10.06 -4.10
CA ALA A 45 -0.41 11.52 -4.25
C ALA A 45 0.84 12.13 -4.90
N ASP A 46 1.98 11.56 -4.62
CA ASP A 46 3.27 12.04 -5.12
C ASP A 46 3.47 11.60 -6.55
N GLY A 47 3.02 10.40 -6.86
CA GLY A 47 3.15 9.83 -8.17
C GLY A 47 1.98 10.11 -9.07
N ILE A 48 1.14 11.06 -8.66
CA ILE A 48 -0.01 11.52 -9.43
C ILE A 48 0.42 11.95 -10.83
N GLN A 49 -0.41 11.66 -11.79
CA GLN A 49 -0.15 12.03 -13.12
C GLN A 49 -1.18 13.06 -13.50
N SER A 50 -0.72 14.18 -13.99
CA SER A 50 -1.58 15.25 -14.41
C SER A 50 -2.41 14.82 -15.64
N LEU A 51 -3.65 14.48 -15.40
CA LEU A 51 -4.58 14.08 -16.45
C LEU A 51 -5.48 15.28 -16.65
N GLN A 52 -6.61 15.10 -17.35
CA GLN A 52 -7.64 16.15 -17.47
C GLN A 52 -7.92 16.74 -16.09
N GLY A 53 -8.19 18.03 -16.02
CA GLY A 53 -8.34 18.73 -14.75
C GLY A 53 -9.60 18.36 -13.97
N ASN A 54 -10.31 17.37 -14.45
CA ASN A 54 -11.50 16.89 -13.81
C ASN A 54 -11.10 16.05 -12.61
N ARG A 55 -9.98 15.32 -12.75
CA ARG A 55 -9.45 14.48 -11.69
C ARG A 55 -8.04 13.99 -12.02
N LEU A 56 -7.31 13.64 -11.02
CA LEU A 56 -5.92 13.23 -11.14
C LEU A 56 -5.81 11.74 -11.32
N LEU A 57 -4.79 11.32 -12.00
CA LEU A 57 -4.59 9.92 -12.25
C LEU A 57 -3.54 9.41 -11.27
N ALA A 58 -3.86 8.36 -10.56
CA ALA A 58 -3.01 7.80 -9.55
C ALA A 58 -2.31 6.56 -10.09
N PRO A 59 -1.17 6.17 -9.50
CA PRO A 59 -0.45 4.94 -9.86
C PRO A 59 -1.33 3.68 -9.82
N ASN A 60 -0.87 2.64 -10.47
CA ASN A 60 -1.59 1.38 -10.51
C ASN A 60 -0.68 0.24 -10.05
N GLU A 61 0.61 0.42 -10.23
CA GLU A 61 1.61 -0.54 -9.80
C GLU A 61 2.21 -0.05 -8.48
N TYR A 62 1.76 -0.60 -7.40
CA TYR A 62 2.26 -0.24 -6.08
C TYR A 62 3.16 -1.32 -5.56
N ILE A 63 4.38 -0.95 -5.32
CA ILE A 63 5.37 -1.90 -4.92
C ILE A 63 5.86 -1.58 -3.52
N ILE A 64 5.58 -2.45 -2.59
CA ILE A 64 6.05 -2.31 -1.24
C ILE A 64 7.18 -3.29 -1.07
N THR A 65 8.25 -2.85 -0.50
CA THR A 65 9.41 -3.67 -0.40
C THR A 65 9.96 -3.67 1.03
N LEU A 66 10.12 -4.87 1.56
CA LEU A 66 10.69 -5.09 2.88
C LEU A 66 11.73 -6.20 2.80
N GLY A 67 12.45 -6.42 3.88
CA GLY A 67 13.41 -7.48 3.93
C GLY A 67 12.74 -8.81 4.24
N VAL A 68 13.47 -9.88 4.14
CA VAL A 68 12.95 -11.24 4.36
C VAL A 68 12.42 -11.40 5.78
N HIS A 69 13.22 -10.92 6.72
CA HIS A 69 12.95 -11.00 8.16
C HIS A 69 11.70 -10.18 8.52
N ASP A 70 11.47 -9.13 7.79
CA ASP A 70 10.35 -8.23 8.05
C ASP A 70 9.11 -8.77 7.36
N PHE A 71 9.32 -9.32 6.19
CA PHE A 71 8.25 -9.85 5.36
C PHE A 71 7.52 -10.98 6.06
N GLU A 72 8.24 -11.73 6.90
CA GLU A 72 7.66 -12.83 7.68
C GLU A 72 6.50 -12.31 8.50
N LYS A 73 6.67 -11.12 9.02
CA LYS A 73 5.72 -10.56 9.93
C LYS A 73 4.58 -9.92 9.16
N LEU A 74 4.88 -9.44 7.93
CA LEU A 74 3.86 -8.87 7.03
C LEU A 74 2.76 -9.87 6.82
N GLY A 75 3.16 -11.09 6.56
CA GLY A 75 2.22 -12.13 6.34
C GLY A 75 2.92 -13.41 6.03
N ALA A 76 2.25 -14.51 6.24
CA ALA A 76 2.81 -15.82 5.94
C ALA A 76 2.81 -16.06 4.43
N ASP A 77 2.03 -15.28 3.74
CA ASP A 77 1.91 -15.35 2.30
C ASP A 77 1.79 -13.94 1.76
N PRO A 78 2.48 -13.64 0.65
CA PRO A 78 2.43 -12.31 0.04
C PRO A 78 1.01 -11.88 -0.35
N GLU A 79 0.31 -12.75 -1.09
CA GLU A 79 -0.99 -12.42 -1.67
C GLU A 79 -2.03 -12.19 -0.60
N LEU A 80 -1.84 -12.87 0.52
CA LEU A 80 -2.69 -12.75 1.70
C LEU A 80 -2.85 -11.27 2.07
N LYS A 81 -1.77 -10.52 1.98
CA LYS A 81 -1.84 -9.12 2.32
C LYS A 81 -2.08 -8.27 1.07
N SER A 82 -1.42 -8.65 -0.03
CA SER A 82 -1.47 -7.87 -1.27
C SER A 82 -2.89 -7.70 -1.80
N THR A 83 -3.67 -8.76 -1.80
CA THR A 83 -5.02 -8.72 -2.30
C THR A 83 -5.91 -7.75 -1.47
N GLY A 84 -5.96 -7.97 -0.16
CA GLY A 84 -6.80 -7.17 0.71
C GLY A 84 -6.35 -5.72 0.80
N PHE A 85 -5.06 -5.51 0.81
CA PHE A 85 -4.52 -4.17 0.95
C PHE A 85 -4.67 -3.38 -0.36
N ALA A 86 -4.65 -4.09 -1.50
CA ALA A 86 -4.86 -3.43 -2.80
C ALA A 86 -6.26 -2.89 -2.88
N ARG A 87 -7.20 -3.65 -2.33
CA ARG A 87 -8.57 -3.27 -2.26
C ARG A 87 -8.74 -1.98 -1.45
N ASP A 88 -8.12 -1.92 -0.29
CA ASP A 88 -8.24 -0.75 0.60
C ASP A 88 -7.54 0.48 -0.01
N LEU A 89 -6.48 0.22 -0.78
CA LEU A 89 -5.75 1.27 -1.46
C LEU A 89 -6.61 1.80 -2.63
N ALA A 90 -7.34 0.91 -3.29
CA ALA A 90 -8.25 1.29 -4.37
C ALA A 90 -9.35 2.18 -3.80
N ASP A 91 -9.76 1.84 -2.59
CA ASP A 91 -10.71 2.62 -1.83
C ASP A 91 -10.17 4.03 -1.63
N TYR A 92 -8.93 4.11 -1.11
CA TYR A 92 -8.24 5.39 -0.91
C TYR A 92 -8.20 6.25 -2.16
N ILE A 93 -7.76 5.68 -3.27
CA ILE A 93 -7.59 6.47 -4.49
C ILE A 93 -8.93 7.00 -5.01
N GLN A 94 -10.00 6.21 -4.90
CA GLN A 94 -11.32 6.66 -5.32
C GLN A 94 -11.86 7.72 -4.41
N GLU A 95 -11.55 7.61 -3.12
CA GLU A 95 -11.97 8.58 -2.14
C GLU A 95 -11.34 9.94 -2.44
N GLN A 96 -10.12 9.90 -2.93
CA GLN A 96 -9.41 11.12 -3.30
C GLN A 96 -9.82 11.60 -4.68
N GLY A 97 -10.52 10.76 -5.40
CA GLY A 97 -11.01 11.12 -6.70
C GLY A 97 -10.05 10.82 -7.80
N TRP A 98 -9.17 9.88 -7.58
CA TRP A 98 -8.18 9.55 -8.56
C TRP A 98 -8.59 8.33 -9.37
N GLN A 99 -8.16 8.30 -10.60
CA GLN A 99 -8.40 7.19 -11.50
C GLN A 99 -7.08 6.69 -12.03
N THR A 100 -7.09 5.66 -12.83
CA THR A 100 -5.86 5.10 -13.33
C THR A 100 -6.19 4.23 -14.55
N TYR A 101 -5.18 3.60 -15.13
CA TYR A 101 -5.38 2.72 -16.27
C TYR A 101 -5.06 1.31 -15.85
N GLY A 102 -6.02 0.44 -15.96
CA GLY A 102 -5.76 -0.94 -15.67
C GLY A 102 -6.38 -1.34 -14.38
N ASP A 103 -5.77 -2.27 -13.73
CA ASP A 103 -6.20 -2.68 -12.41
C ASP A 103 -5.16 -2.22 -11.44
N VAL A 104 -5.58 -1.82 -10.27
CA VAL A 104 -4.63 -1.42 -9.27
C VAL A 104 -4.05 -2.68 -8.61
N VAL A 105 -2.79 -2.66 -8.30
CA VAL A 105 -2.18 -3.77 -7.67
C VAL A 105 -1.20 -3.28 -6.61
N VAL A 106 -1.40 -3.75 -5.43
CA VAL A 106 -0.53 -3.47 -4.33
C VAL A 106 0.20 -4.74 -4.05
N ARG A 107 1.47 -4.73 -4.31
CA ARG A 107 2.27 -5.91 -4.24
C ARG A 107 3.43 -5.74 -3.30
N PHE A 108 3.70 -6.78 -2.56
CA PHE A 108 4.78 -6.80 -1.60
C PHE A 108 5.89 -7.71 -2.09
N GLU A 109 7.10 -7.22 -2.06
CA GLU A 109 8.25 -8.01 -2.43
C GLU A 109 9.35 -7.90 -1.39
N GLN A 110 10.31 -8.78 -1.50
CA GLN A 110 11.46 -8.82 -0.60
C GLN A 110 12.67 -8.33 -1.32
N SER A 111 13.48 -7.62 -0.61
CA SER A 111 14.68 -7.07 -1.19
C SER A 111 15.94 -7.57 -0.51
N SER A 112 16.93 -7.90 -1.30
CA SER A 112 18.24 -8.23 -0.83
C SER A 112 19.04 -6.93 -0.58
N ASN A 113 18.88 -5.97 -1.50
CA ASN A 113 19.63 -4.72 -1.51
C ASN A 113 19.06 -3.72 -0.53
N LEU A 114 17.83 -3.88 -0.17
CA LEU A 114 17.18 -3.06 0.81
C LEU A 114 16.89 -4.00 1.95
N HIS A 115 17.10 -3.61 3.16
CA HIS A 115 17.03 -4.58 4.23
C HIS A 115 16.33 -4.02 5.47
N THR A 116 16.08 -4.91 6.44
CA THR A 116 15.41 -4.67 7.72
C THR A 116 15.71 -3.29 8.31
N GLY A 117 14.65 -2.57 8.58
CA GLY A 117 14.76 -1.22 9.09
C GLY A 117 14.38 -0.23 8.02
N GLN A 118 14.49 -0.67 6.79
CA GLN A 118 14.19 0.15 5.66
C GLN A 118 12.98 -0.39 4.97
N PHE A 119 12.03 0.46 4.75
CA PHE A 119 10.87 0.06 4.01
C PHE A 119 10.70 1.00 2.85
N ARG A 120 10.15 0.50 1.80
CA ARG A 120 9.87 1.31 0.66
C ARG A 120 8.52 0.97 0.16
N ALA A 121 7.87 1.94 -0.28
CA ALA A 121 6.57 1.85 -0.88
C ALA A 121 6.65 2.77 -2.04
N ARG A 122 6.05 2.42 -3.13
CA ARG A 122 6.09 3.27 -4.28
C ARG A 122 4.94 2.97 -5.19
N GLY A 123 4.65 3.89 -6.07
CA GLY A 123 3.57 3.74 -6.98
C GLY A 123 3.96 4.23 -8.35
N THR A 124 3.93 3.36 -9.29
CA THR A 124 4.24 3.67 -10.64
C THR A 124 2.96 3.62 -11.49
N VAL A 125 2.86 4.49 -12.45
CA VAL A 125 1.73 4.51 -13.35
C VAL A 125 2.15 3.82 -14.62
N ASN A 126 1.58 2.69 -14.90
CA ASN A 126 1.84 2.02 -16.16
C ASN A 126 0.84 2.56 -17.17
N PRO A 127 1.28 3.40 -18.13
CA PRO A 127 0.37 4.04 -19.06
C PRO A 127 -0.19 3.10 -20.11
N ASP A 128 0.62 2.18 -20.55
CA ASP A 128 0.20 1.28 -21.58
C ASP A 128 -0.25 -0.02 -21.01
N VAL A 129 -1.39 0.04 -20.41
CA VAL A 129 -2.05 -1.11 -19.91
C VAL A 129 -3.55 -0.95 -20.07
N GLU A 130 -4.06 -1.56 -21.09
CA GLU A 130 -5.46 -1.52 -21.35
C GLU A 130 -6.15 -2.53 -20.49
N THR A 131 -7.34 -2.24 -20.08
CA THR A 131 -8.09 -3.19 -19.34
C THR A 131 -8.81 -4.11 -20.32
N HIS A 132 -8.29 -5.28 -20.44
CA HIS A 132 -8.80 -6.31 -21.30
C HIS A 132 -8.53 -7.64 -20.62
N MET A 1 24.14 24.24 2.34
CA MET A 1 24.62 24.10 3.72
C MET A 1 23.49 24.43 4.67
N GLY A 2 23.25 23.56 5.62
CA GLY A 2 22.21 23.80 6.57
C GLY A 2 21.44 22.55 6.85
N SER A 3 21.51 22.09 8.08
CA SER A 3 20.80 20.92 8.50
C SER A 3 19.28 21.17 8.51
N GLN A 4 18.51 20.16 8.19
CA GLN A 4 17.08 20.29 8.08
C GLN A 4 16.43 20.18 9.45
N LYS A 5 15.67 21.19 9.77
CA LYS A 5 14.90 21.22 10.98
C LYS A 5 13.59 21.90 10.64
N ARG A 6 12.51 21.50 11.25
CA ARG A 6 11.24 22.11 10.94
C ARG A 6 10.89 23.12 12.01
N LEU A 7 10.35 24.24 11.63
CA LEU A 7 9.97 25.22 12.62
C LEU A 7 8.48 25.15 12.81
N VAL A 8 8.11 24.26 13.68
CA VAL A 8 6.76 24.01 14.06
C VAL A 8 6.84 23.05 15.23
N GLN A 9 5.85 23.05 16.09
CA GLN A 9 5.83 22.11 17.18
C GLN A 9 5.22 20.81 16.71
N ARG A 10 4.89 19.92 17.63
CA ARG A 10 4.22 18.68 17.26
C ARG A 10 2.76 18.98 16.93
N VAL A 11 2.57 19.48 15.73
CA VAL A 11 1.29 19.82 15.21
C VAL A 11 1.12 19.08 13.91
N GLU A 12 0.29 18.10 13.92
CA GLU A 12 0.07 17.28 12.76
C GLU A 12 -1.14 17.81 12.01
N ARG A 13 -2.20 18.11 12.78
CA ARG A 13 -3.52 18.47 12.26
C ARG A 13 -4.01 17.35 11.39
N LYS A 14 -4.25 16.23 12.00
CA LYS A 14 -4.64 15.08 11.26
C LYS A 14 -6.16 15.00 11.22
N LEU A 15 -6.74 15.76 10.34
CA LEU A 15 -8.16 15.76 10.16
C LEU A 15 -8.54 14.76 9.09
N GLU A 16 -7.59 14.45 8.25
CA GLU A 16 -7.75 13.46 7.25
C GLU A 16 -7.39 12.13 7.87
N GLN A 17 -8.39 11.42 8.30
CA GLN A 17 -8.19 10.16 8.93
C GLN A 17 -9.15 9.15 8.37
N THR A 18 -8.65 7.98 8.13
CA THR A 18 -9.39 6.89 7.63
C THR A 18 -8.80 5.64 8.27
N VAL A 19 -9.57 4.61 8.45
CA VAL A 19 -9.02 3.43 9.08
C VAL A 19 -8.63 2.34 8.09
N GLY A 20 -7.39 1.93 8.20
CA GLY A 20 -6.86 0.81 7.45
C GLY A 20 -6.24 -0.16 8.42
N ASP A 21 -6.67 -0.01 9.67
CA ASP A 21 -6.14 -0.73 10.82
C ASP A 21 -6.56 -2.17 10.85
N ALA A 22 -7.37 -2.57 9.88
CA ALA A 22 -7.81 -3.95 9.72
C ALA A 22 -6.62 -4.88 9.64
N PHE A 23 -5.60 -4.43 8.97
CA PHE A 23 -4.40 -5.21 8.84
C PHE A 23 -3.60 -5.28 10.14
N ALA A 24 -3.76 -4.29 11.00
CA ALA A 24 -3.11 -4.30 12.30
C ALA A 24 -3.82 -5.30 13.20
N ARG A 25 -5.09 -5.53 12.90
CA ARG A 25 -5.89 -6.50 13.63
C ARG A 25 -5.43 -7.91 13.26
N ILE A 26 -5.21 -8.12 11.97
CA ILE A 26 -4.74 -9.42 11.46
C ILE A 26 -3.25 -9.67 11.80
N PHE A 27 -2.39 -8.70 11.54
CA PHE A 27 -0.95 -8.88 11.77
C PHE A 27 -0.57 -8.73 13.23
N GLY A 28 -1.39 -8.03 13.98
CA GLY A 28 -1.05 -7.72 15.34
C GLY A 28 -0.16 -6.50 15.39
N GLY A 29 1.04 -6.65 14.85
CA GLY A 29 1.97 -5.56 14.79
C GLY A 29 3.15 -5.83 13.87
N SER A 30 2.96 -6.69 12.86
CA SER A 30 4.04 -6.97 11.90
C SER A 30 4.39 -5.69 11.15
N ILE A 31 3.37 -4.95 10.75
CA ILE A 31 3.55 -3.67 10.11
C ILE A 31 2.48 -2.76 10.63
N VAL A 32 2.75 -1.49 10.64
CA VAL A 32 1.80 -0.50 11.05
C VAL A 32 1.12 0.09 9.80
N PRO A 33 -0.16 -0.29 9.56
CA PRO A 33 -0.93 0.07 8.36
C PRO A 33 -0.86 1.54 7.99
N GLN A 34 -1.13 2.41 8.96
CA GLN A 34 -1.20 3.83 8.68
C GLN A 34 0.11 4.47 8.24
N GLU A 35 1.24 3.90 8.62
CA GLU A 35 2.50 4.46 8.14
C GLU A 35 2.79 3.96 6.73
N VAL A 36 2.27 2.78 6.43
CA VAL A 36 2.34 2.26 5.07
C VAL A 36 1.42 3.13 4.21
N GLU A 37 0.24 3.43 4.77
CA GLU A 37 -0.72 4.33 4.15
C GLU A 37 -0.07 5.66 3.89
N ALA A 38 0.60 6.21 4.90
CA ALA A 38 1.30 7.49 4.83
C ALA A 38 2.20 7.59 3.59
N LEU A 39 3.06 6.61 3.42
CA LEU A 39 3.94 6.60 2.26
C LEU A 39 3.18 6.40 0.96
N LEU A 40 2.21 5.51 0.95
CA LEU A 40 1.46 5.22 -0.27
C LEU A 40 0.57 6.39 -0.72
N ARG A 41 -0.06 7.06 0.23
CA ARG A 41 -0.94 8.19 -0.09
C ARG A 41 -0.09 9.39 -0.53
N ARG A 42 1.14 9.42 -0.05
CA ARG A 42 2.09 10.43 -0.45
C ARG A 42 2.53 10.13 -1.87
N GLU A 43 2.83 8.85 -2.14
CA GLU A 43 3.25 8.41 -3.47
C GLU A 43 2.14 8.59 -4.49
N ALA A 44 0.93 8.30 -4.07
CA ALA A 44 -0.24 8.45 -4.91
C ALA A 44 -0.40 9.88 -5.37
N ALA A 45 -0.23 10.83 -4.45
CA ALA A 45 -0.36 12.24 -4.79
C ALA A 45 0.88 12.77 -5.50
N ASP A 46 1.98 12.10 -5.29
CA ASP A 46 3.24 12.46 -5.91
C ASP A 46 3.26 12.03 -7.36
N GLY A 47 2.72 10.87 -7.62
CA GLY A 47 2.69 10.34 -8.97
C GLY A 47 1.39 10.65 -9.68
N ILE A 48 0.91 11.86 -9.49
CA ILE A 48 -0.29 12.33 -10.16
C ILE A 48 0.01 12.77 -11.61
N GLN A 49 -0.89 12.43 -12.51
CA GLN A 49 -0.83 12.81 -13.90
C GLN A 49 -2.06 13.64 -14.21
N SER A 50 -1.88 14.60 -15.05
CA SER A 50 -2.92 15.50 -15.42
C SER A 50 -3.83 14.86 -16.48
N LEU A 51 -4.95 14.38 -16.04
CA LEU A 51 -5.92 13.72 -16.88
C LEU A 51 -7.19 14.57 -16.76
N GLN A 52 -8.36 14.03 -17.17
CA GLN A 52 -9.65 14.74 -17.05
C GLN A 52 -9.73 15.46 -15.68
N GLY A 53 -10.00 16.74 -15.73
CA GLY A 53 -9.92 17.62 -14.57
C GLY A 53 -10.78 17.22 -13.41
N ASN A 54 -11.81 16.45 -13.69
CA ASN A 54 -12.68 16.00 -12.63
C ASN A 54 -12.01 14.97 -11.73
N ARG A 55 -10.99 14.28 -12.27
CA ARG A 55 -10.25 13.28 -11.50
C ARG A 55 -8.88 12.95 -12.15
N LEU A 56 -7.85 13.03 -11.35
CA LEU A 56 -6.45 12.95 -11.81
C LEU A 56 -5.95 11.52 -11.82
N LEU A 57 -5.02 11.25 -12.70
CA LEU A 57 -4.53 9.90 -12.89
C LEU A 57 -3.41 9.62 -11.87
N ALA A 58 -3.64 8.65 -11.03
CA ALA A 58 -2.74 8.28 -9.96
C ALA A 58 -2.06 6.92 -10.27
N PRO A 59 -0.98 6.55 -9.54
CA PRO A 59 -0.30 5.25 -9.71
C PRO A 59 -1.22 4.04 -9.49
N ASN A 60 -0.78 2.91 -9.99
CA ASN A 60 -1.57 1.68 -9.92
C ASN A 60 -0.76 0.56 -9.32
N GLU A 61 0.53 0.56 -9.56
CA GLU A 61 1.39 -0.45 -9.01
C GLU A 61 2.24 0.17 -7.93
N TYR A 62 1.98 -0.22 -6.72
CA TYR A 62 2.71 0.28 -5.59
C TYR A 62 3.63 -0.79 -5.09
N ILE A 63 4.88 -0.51 -5.10
CA ILE A 63 5.86 -1.47 -4.71
C ILE A 63 6.34 -1.20 -3.30
N ILE A 64 6.06 -2.11 -2.41
CA ILE A 64 6.50 -2.04 -1.06
C ILE A 64 7.51 -3.15 -0.85
N THR A 65 8.74 -2.79 -0.70
CA THR A 65 9.79 -3.74 -0.54
C THR A 65 10.24 -3.74 0.92
N LEU A 66 10.18 -4.89 1.53
CA LEU A 66 10.62 -5.09 2.90
C LEU A 66 11.86 -5.95 2.92
N GLY A 67 12.56 -5.94 4.04
CA GLY A 67 13.67 -6.83 4.20
C GLY A 67 13.17 -8.25 4.31
N VAL A 68 13.99 -9.23 4.00
CA VAL A 68 13.56 -10.63 4.02
C VAL A 68 13.09 -11.05 5.42
N HIS A 69 13.77 -10.55 6.44
CA HIS A 69 13.43 -10.82 7.83
C HIS A 69 12.00 -10.35 8.11
N ASP A 70 11.68 -9.21 7.59
CA ASP A 70 10.38 -8.61 7.81
C ASP A 70 9.32 -9.29 7.00
N PHE A 71 9.65 -9.66 5.77
CA PHE A 71 8.72 -10.36 4.89
C PHE A 71 8.25 -11.69 5.52
N GLU A 72 9.09 -12.27 6.37
CA GLU A 72 8.73 -13.47 7.11
C GLU A 72 7.55 -13.18 8.05
N LYS A 73 7.53 -11.98 8.58
CA LYS A 73 6.55 -11.61 9.60
C LYS A 73 5.27 -11.16 8.93
N LEU A 74 5.39 -10.85 7.64
CA LEU A 74 4.25 -10.56 6.80
C LEU A 74 3.46 -11.83 6.56
N GLY A 75 4.17 -12.91 6.33
CA GLY A 75 3.53 -14.19 6.16
C GLY A 75 3.89 -14.83 4.85
N ALA A 76 3.54 -16.10 4.70
CA ALA A 76 3.88 -16.85 3.49
C ALA A 76 2.84 -16.63 2.40
N ASP A 77 1.72 -16.05 2.75
CA ASP A 77 0.72 -15.70 1.76
C ASP A 77 0.64 -14.21 1.63
N PRO A 78 1.34 -13.63 0.66
CA PRO A 78 1.25 -12.21 0.40
C PRO A 78 -0.04 -11.87 -0.33
N GLU A 79 -0.51 -12.81 -1.14
CA GLU A 79 -1.65 -12.63 -2.06
C GLU A 79 -2.94 -12.08 -1.41
N LEU A 80 -3.42 -12.69 -0.34
CA LEU A 80 -4.68 -12.22 0.27
C LEU A 80 -4.48 -10.92 1.03
N LYS A 81 -3.24 -10.61 1.29
CA LYS A 81 -2.90 -9.41 2.02
C LYS A 81 -2.67 -8.26 1.03
N SER A 82 -1.95 -8.55 -0.05
CA SER A 82 -1.63 -7.58 -1.06
C SER A 82 -2.89 -7.17 -1.81
N THR A 83 -3.64 -8.15 -2.29
CA THR A 83 -4.87 -7.91 -3.02
C THR A 83 -5.84 -7.12 -2.13
N GLY A 84 -5.90 -7.49 -0.86
CA GLY A 84 -6.77 -6.85 0.07
C GLY A 84 -6.40 -5.39 0.29
N PHE A 85 -5.15 -5.14 0.60
CA PHE A 85 -4.70 -3.79 0.88
C PHE A 85 -4.71 -2.95 -0.41
N ALA A 86 -4.54 -3.62 -1.55
CA ALA A 86 -4.60 -2.97 -2.85
C ALA A 86 -5.97 -2.43 -3.11
N ARG A 87 -6.99 -3.20 -2.76
CA ARG A 87 -8.37 -2.81 -2.93
C ARG A 87 -8.72 -1.60 -2.09
N ASP A 88 -8.19 -1.58 -0.89
CA ASP A 88 -8.36 -0.42 0.00
C ASP A 88 -7.67 0.81 -0.56
N LEU A 89 -6.44 0.62 -1.04
CA LEU A 89 -5.67 1.72 -1.61
C LEU A 89 -6.36 2.20 -2.93
N ALA A 90 -6.95 1.26 -3.66
CA ALA A 90 -7.68 1.57 -4.89
C ALA A 90 -8.88 2.44 -4.57
N ASP A 91 -9.56 2.09 -3.51
CA ASP A 91 -10.72 2.82 -3.05
C ASP A 91 -10.29 4.18 -2.54
N TYR A 92 -9.17 4.18 -1.83
CA TYR A 92 -8.55 5.37 -1.28
C TYR A 92 -8.27 6.40 -2.36
N ILE A 93 -7.61 5.98 -3.45
CA ILE A 93 -7.29 6.92 -4.53
C ILE A 93 -8.55 7.46 -5.19
N GLN A 94 -9.56 6.61 -5.30
CA GLN A 94 -10.86 7.03 -5.83
C GLN A 94 -11.49 8.06 -4.90
N GLU A 95 -11.34 7.81 -3.61
CA GLU A 95 -11.84 8.69 -2.57
C GLU A 95 -11.17 10.06 -2.61
N GLN A 96 -9.95 10.08 -3.08
CA GLN A 96 -9.20 11.31 -3.23
C GLN A 96 -9.49 11.96 -4.57
N GLY A 97 -10.37 11.36 -5.33
CA GLY A 97 -10.75 11.91 -6.60
C GLY A 97 -9.75 11.60 -7.67
N TRP A 98 -9.04 10.52 -7.52
CA TRP A 98 -8.10 10.12 -8.52
C TRP A 98 -8.60 8.86 -9.24
N GLN A 99 -7.97 8.54 -10.33
CA GLN A 99 -8.29 7.38 -11.14
C GLN A 99 -7.00 6.80 -11.67
N THR A 100 -7.04 5.62 -12.20
CA THR A 100 -5.85 5.01 -12.73
C THR A 100 -6.21 4.07 -13.90
N TYR A 101 -5.23 3.40 -14.47
CA TYR A 101 -5.49 2.44 -15.53
C TYR A 101 -5.12 1.05 -15.08
N GLY A 102 -6.06 0.16 -15.08
CA GLY A 102 -5.75 -1.20 -14.75
C GLY A 102 -6.26 -1.59 -13.40
N ASP A 103 -5.63 -2.57 -12.82
CA ASP A 103 -5.99 -3.02 -11.50
C ASP A 103 -4.94 -2.50 -10.55
N VAL A 104 -5.36 -2.02 -9.43
CA VAL A 104 -4.45 -1.45 -8.46
C VAL A 104 -3.87 -2.57 -7.64
N VAL A 105 -2.57 -2.65 -7.62
CA VAL A 105 -1.92 -3.70 -6.91
C VAL A 105 -0.78 -3.14 -6.06
N VAL A 106 -0.78 -3.53 -4.81
CA VAL A 106 0.28 -3.20 -3.93
C VAL A 106 1.10 -4.46 -3.78
N ARG A 107 2.35 -4.34 -4.00
CA ARG A 107 3.23 -5.46 -3.99
C ARG A 107 4.06 -5.46 -2.76
N PHE A 108 4.04 -6.53 -2.06
CA PHE A 108 4.88 -6.71 -0.91
C PHE A 108 5.87 -7.77 -1.23
N GLU A 109 7.10 -7.42 -1.31
CA GLU A 109 8.13 -8.37 -1.62
C GLU A 109 9.36 -8.13 -0.79
N GLN A 110 10.25 -9.08 -0.80
CA GLN A 110 11.42 -9.03 0.04
C GLN A 110 12.63 -8.56 -0.72
N SER A 111 13.57 -8.13 0.04
CA SER A 111 14.83 -7.77 -0.42
C SER A 111 15.83 -8.05 0.69
N SER A 112 16.71 -8.97 0.44
CA SER A 112 17.81 -9.26 1.33
C SER A 112 18.93 -8.23 1.10
N ASN A 113 18.69 -7.36 0.13
CA ASN A 113 19.59 -6.26 -0.19
C ASN A 113 19.27 -5.10 0.73
N LEU A 114 17.98 -4.92 0.98
CA LEU A 114 17.49 -3.89 1.87
C LEU A 114 17.79 -4.32 3.32
N HIS A 115 17.77 -3.39 4.23
CA HIS A 115 18.15 -3.66 5.59
C HIS A 115 16.95 -4.17 6.38
N THR A 116 17.23 -4.93 7.40
CA THR A 116 16.26 -5.47 8.31
C THR A 116 15.54 -4.30 9.03
N GLY A 117 14.22 -4.36 9.09
CA GLY A 117 13.44 -3.34 9.76
C GLY A 117 13.35 -2.07 8.95
N GLN A 118 13.42 -2.18 7.65
CA GLN A 118 13.36 -1.05 6.79
C GLN A 118 12.45 -1.41 5.63
N PHE A 119 11.76 -0.42 5.07
CA PHE A 119 10.90 -0.68 3.93
C PHE A 119 11.01 0.43 2.91
N ARG A 120 10.67 0.10 1.70
CA ARG A 120 10.61 1.04 0.59
C ARG A 120 9.23 0.98 0.00
N ALA A 121 8.61 2.12 -0.19
CA ALA A 121 7.29 2.19 -0.76
C ALA A 121 7.29 3.20 -1.90
N ARG A 122 6.95 2.75 -3.07
CA ARG A 122 6.95 3.61 -4.24
C ARG A 122 5.68 3.38 -5.06
N GLY A 123 5.11 4.45 -5.55
CA GLY A 123 3.93 4.35 -6.36
C GLY A 123 4.25 4.60 -7.81
N THR A 124 4.20 3.59 -8.60
CA THR A 124 4.51 3.69 -9.98
C THR A 124 3.25 3.55 -10.84
N VAL A 125 3.20 4.31 -11.90
CA VAL A 125 2.18 4.15 -12.89
C VAL A 125 2.70 3.17 -13.90
N ASN A 126 2.14 2.01 -13.92
CA ASN A 126 2.52 1.01 -14.85
C ASN A 126 1.50 0.97 -15.94
N PRO A 127 1.82 1.51 -17.13
CA PRO A 127 0.90 1.51 -18.26
C PRO A 127 0.84 0.14 -18.92
N ASP A 128 1.86 -0.63 -18.67
CA ASP A 128 2.02 -1.94 -19.26
C ASP A 128 1.55 -2.99 -18.29
N VAL A 129 0.43 -2.69 -17.67
CA VAL A 129 -0.20 -3.59 -16.76
C VAL A 129 -1.28 -4.34 -17.50
N GLU A 130 -1.06 -5.59 -17.71
CA GLU A 130 -2.03 -6.36 -18.40
C GLU A 130 -3.12 -6.84 -17.49
N THR A 131 -4.31 -6.50 -17.88
CA THR A 131 -5.48 -6.82 -17.18
C THR A 131 -5.89 -8.26 -17.51
N HIS A 132 -6.27 -9.00 -16.51
CA HIS A 132 -6.77 -10.32 -16.72
C HIS A 132 -8.24 -10.35 -16.39
N MET A 1 1.80 30.53 -11.68
CA MET A 1 2.43 29.31 -11.19
C MET A 1 1.87 28.99 -9.82
N GLY A 2 1.16 27.89 -9.73
CA GLY A 2 0.59 27.49 -8.48
C GLY A 2 1.16 26.21 -7.99
N SER A 3 0.86 25.12 -8.72
CA SER A 3 1.26 23.78 -8.35
C SER A 3 0.60 23.43 -7.02
N GLN A 4 -0.69 23.17 -7.07
CA GLN A 4 -1.45 22.94 -5.87
C GLN A 4 -1.42 21.50 -5.44
N LYS A 5 -0.41 21.17 -4.72
CA LYS A 5 -0.27 19.90 -4.06
C LYS A 5 -0.05 20.22 -2.61
N ARG A 6 -0.36 19.34 -1.71
CA ARG A 6 -0.26 19.67 -0.31
C ARG A 6 -0.11 18.45 0.55
N LEU A 7 0.47 18.65 1.69
CA LEU A 7 0.53 17.63 2.70
C LEU A 7 -0.54 18.00 3.70
N VAL A 8 -1.75 17.55 3.44
CA VAL A 8 -2.90 17.87 4.27
C VAL A 8 -2.73 17.25 5.66
N GLN A 9 -3.25 17.90 6.68
CA GLN A 9 -3.14 17.39 8.01
C GLN A 9 -4.13 16.25 8.16
N ARG A 10 -3.60 15.08 8.26
CA ARG A 10 -4.36 13.87 8.39
C ARG A 10 -4.52 13.52 9.85
N VAL A 11 -5.73 13.54 10.35
CA VAL A 11 -5.95 13.15 11.71
C VAL A 11 -6.12 11.62 11.82
N GLU A 12 -5.02 10.97 11.67
CA GLU A 12 -4.93 9.56 11.77
C GLU A 12 -4.02 9.23 12.92
N ARG A 13 -3.56 8.02 13.02
CA ARG A 13 -2.78 7.67 14.18
C ARG A 13 -1.38 7.28 13.77
N LYS A 14 -0.44 7.54 14.64
CA LYS A 14 0.94 7.14 14.43
C LYS A 14 0.96 5.64 14.70
N LEU A 15 0.24 5.24 15.71
CA LEU A 15 0.02 3.84 15.99
C LEU A 15 -1.35 3.67 16.56
N GLU A 16 -1.94 2.57 16.30
CA GLU A 16 -3.23 2.25 16.84
C GLU A 16 -3.01 1.25 17.94
N GLN A 17 -3.87 1.25 18.93
CA GLN A 17 -3.72 0.33 20.03
C GLN A 17 -4.32 -0.99 19.65
N THR A 18 -3.69 -1.66 18.75
CA THR A 18 -4.12 -2.92 18.29
C THR A 18 -3.61 -3.98 19.24
N VAL A 19 -4.45 -4.34 20.14
CA VAL A 19 -4.13 -5.32 21.13
C VAL A 19 -4.60 -6.66 20.64
N GLY A 20 -3.71 -7.42 20.09
CA GLY A 20 -4.06 -8.71 19.56
C GLY A 20 -4.55 -8.60 18.13
N ASP A 21 -3.83 -9.19 17.23
CA ASP A 21 -4.12 -9.18 15.82
C ASP A 21 -3.15 -10.16 15.21
N ALA A 22 -3.48 -10.66 14.07
CA ALA A 22 -2.62 -11.58 13.33
C ALA A 22 -1.27 -10.97 13.03
N PHE A 23 -1.27 -9.71 12.64
CA PHE A 23 -0.06 -9.02 12.34
C PHE A 23 0.74 -8.76 13.61
N ALA A 24 0.04 -8.56 14.71
CA ALA A 24 0.68 -8.38 15.99
C ALA A 24 1.39 -9.67 16.38
N ARG A 25 0.79 -10.79 16.01
CA ARG A 25 1.36 -12.10 16.27
C ARG A 25 2.62 -12.30 15.44
N ILE A 26 2.51 -12.07 14.13
CA ILE A 26 3.63 -12.30 13.24
C ILE A 26 4.82 -11.35 13.41
N PHE A 27 4.57 -10.12 13.81
CA PHE A 27 5.69 -9.22 14.06
C PHE A 27 6.29 -9.45 15.44
N GLY A 28 5.47 -9.92 16.36
CA GLY A 28 5.96 -10.22 17.68
C GLY A 28 5.59 -9.16 18.69
N GLY A 29 4.30 -8.95 18.87
CA GLY A 29 3.82 -8.02 19.85
C GLY A 29 3.76 -6.61 19.34
N SER A 30 3.74 -6.45 18.05
CA SER A 30 3.71 -5.15 17.44
C SER A 30 3.03 -5.23 16.10
N ILE A 31 2.46 -4.14 15.67
CA ILE A 31 1.80 -4.04 14.39
C ILE A 31 1.80 -2.57 13.97
N VAL A 32 2.20 -2.31 12.75
CA VAL A 32 2.20 -0.96 12.23
C VAL A 32 1.40 -0.89 10.91
N PRO A 33 0.10 -0.65 11.00
CA PRO A 33 -0.76 -0.57 9.82
C PRO A 33 -0.65 0.79 9.13
N GLN A 34 -0.88 1.85 9.92
CA GLN A 34 -0.93 3.22 9.44
C GLN A 34 0.40 3.66 8.86
N GLU A 35 1.48 3.02 9.29
CA GLU A 35 2.82 3.29 8.79
C GLU A 35 2.85 3.05 7.28
N VAL A 36 2.44 1.87 6.89
CA VAL A 36 2.44 1.47 5.50
C VAL A 36 1.33 2.21 4.76
N GLU A 37 0.17 2.30 5.41
CA GLU A 37 -0.99 2.97 4.82
C GLU A 37 -0.69 4.42 4.45
N ALA A 38 -0.20 5.19 5.41
CA ALA A 38 0.11 6.60 5.18
C ALA A 38 1.16 6.78 4.12
N LEU A 39 2.14 5.88 4.10
CA LEU A 39 3.21 5.92 3.13
C LEU A 39 2.62 5.77 1.71
N LEU A 40 1.71 4.82 1.54
CA LEU A 40 1.07 4.61 0.25
C LEU A 40 0.05 5.68 -0.09
N ARG A 41 -0.59 6.28 0.93
CA ARG A 41 -1.51 7.41 0.68
C ARG A 41 -0.70 8.57 0.13
N ARG A 42 0.47 8.76 0.70
CA ARG A 42 1.41 9.75 0.22
C ARG A 42 1.88 9.42 -1.20
N GLU A 43 2.25 8.16 -1.42
CA GLU A 43 2.77 7.71 -2.71
C GLU A 43 1.73 7.92 -3.81
N ALA A 44 0.49 7.62 -3.50
CA ALA A 44 -0.62 7.81 -4.40
C ALA A 44 -0.77 9.27 -4.79
N ALA A 45 -0.75 10.15 -3.78
CA ALA A 45 -0.93 11.58 -3.98
C ALA A 45 0.30 12.22 -4.64
N ASP A 46 1.45 11.65 -4.40
CA ASP A 46 2.68 12.20 -4.94
C ASP A 46 2.85 11.79 -6.39
N GLY A 47 2.46 10.56 -6.70
CA GLY A 47 2.62 10.03 -8.04
C GLY A 47 1.49 10.38 -8.98
N ILE A 48 0.73 11.40 -8.63
CA ILE A 48 -0.36 11.91 -9.44
C ILE A 48 0.16 12.56 -10.72
N GLN A 49 -0.44 12.22 -11.82
CA GLN A 49 -0.07 12.82 -13.08
C GLN A 49 -1.12 13.76 -13.48
N SER A 50 -0.71 14.78 -14.15
CA SER A 50 -1.63 15.77 -14.59
C SER A 50 -2.20 15.32 -15.93
N LEU A 51 -3.30 14.62 -15.83
CA LEU A 51 -3.99 14.08 -16.97
C LEU A 51 -5.15 15.03 -17.29
N GLN A 52 -6.10 14.59 -18.09
CA GLN A 52 -7.30 15.34 -18.46
C GLN A 52 -7.94 16.01 -17.24
N GLY A 53 -8.56 17.15 -17.46
CA GLY A 53 -9.14 17.94 -16.41
C GLY A 53 -10.26 17.23 -15.68
N ASN A 54 -10.77 16.17 -16.28
CA ASN A 54 -11.83 15.37 -15.68
C ASN A 54 -11.35 14.77 -14.38
N ARG A 55 -10.16 14.16 -14.42
CA ARG A 55 -9.60 13.49 -13.28
C ARG A 55 -8.13 13.13 -13.52
N LEU A 56 -7.37 13.11 -12.45
CA LEU A 56 -5.92 12.94 -12.48
C LEU A 56 -5.55 11.48 -12.36
N LEU A 57 -4.42 11.11 -12.93
CA LEU A 57 -4.00 9.73 -12.98
C LEU A 57 -3.18 9.41 -11.74
N ALA A 58 -3.55 8.36 -11.07
CA ALA A 58 -2.89 7.92 -9.87
C ALA A 58 -2.25 6.56 -10.13
N PRO A 59 -1.22 6.17 -9.34
CA PRO A 59 -0.58 4.86 -9.46
C PRO A 59 -1.57 3.73 -9.16
N ASN A 60 -1.37 2.61 -9.82
CA ASN A 60 -2.24 1.46 -9.61
C ASN A 60 -1.46 0.26 -9.12
N GLU A 61 -0.20 0.20 -9.48
CA GLU A 61 0.60 -0.89 -9.03
C GLU A 61 1.57 -0.37 -7.98
N TYR A 62 1.57 -0.98 -6.83
CA TYR A 62 2.42 -0.55 -5.75
C TYR A 62 3.30 -1.67 -5.33
N ILE A 63 4.56 -1.42 -5.29
CA ILE A 63 5.52 -2.41 -4.93
C ILE A 63 6.23 -1.99 -3.65
N ILE A 64 6.12 -2.80 -2.63
CA ILE A 64 6.73 -2.51 -1.35
C ILE A 64 7.85 -3.53 -1.11
N THR A 65 9.02 -3.05 -0.87
CA THR A 65 10.15 -3.90 -0.65
C THR A 65 10.52 -3.91 0.85
N LEU A 66 10.56 -5.10 1.42
CA LEU A 66 11.00 -5.31 2.80
C LEU A 66 12.29 -6.12 2.82
N GLY A 67 12.96 -6.14 3.95
CA GLY A 67 14.12 -6.95 4.12
C GLY A 67 13.69 -8.38 4.31
N VAL A 68 14.47 -9.31 3.80
CA VAL A 68 14.13 -10.75 3.83
C VAL A 68 13.73 -11.27 5.23
N HIS A 69 14.46 -10.86 6.25
CA HIS A 69 14.20 -11.28 7.62
C HIS A 69 12.83 -10.77 8.11
N ASP A 70 12.45 -9.58 7.72
CA ASP A 70 11.20 -9.03 8.18
C ASP A 70 10.07 -9.50 7.27
N PHE A 71 10.41 -9.85 6.02
CA PHE A 71 9.45 -10.37 5.09
C PHE A 71 8.93 -11.71 5.61
N GLU A 72 9.78 -12.44 6.33
CA GLU A 72 9.40 -13.69 6.98
C GLU A 72 8.24 -13.47 7.91
N LYS A 73 8.21 -12.30 8.52
CA LYS A 73 7.20 -11.95 9.47
C LYS A 73 5.91 -11.66 8.72
N LEU A 74 6.04 -11.00 7.58
CA LEU A 74 4.89 -10.71 6.71
C LEU A 74 4.29 -12.03 6.23
N GLY A 75 5.17 -12.97 5.97
CA GLY A 75 4.78 -14.25 5.56
C GLY A 75 5.25 -14.52 4.17
N ALA A 76 4.81 -15.60 3.61
CA ALA A 76 5.20 -15.98 2.27
C ALA A 76 4.21 -15.47 1.26
N ASP A 77 3.13 -14.89 1.76
CA ASP A 77 2.08 -14.33 0.92
C ASP A 77 2.33 -12.87 0.58
N PRO A 78 2.64 -12.58 -0.69
CA PRO A 78 2.74 -11.23 -1.15
C PRO A 78 1.36 -10.57 -1.41
N GLU A 79 0.49 -11.25 -2.17
CA GLU A 79 -0.76 -10.66 -2.68
C GLU A 79 -2.00 -10.69 -1.79
N LEU A 80 -2.26 -11.77 -1.08
CA LEU A 80 -3.56 -11.97 -0.39
C LEU A 80 -3.87 -10.88 0.62
N LYS A 81 -2.95 -10.63 1.52
CA LYS A 81 -3.13 -9.57 2.52
C LYS A 81 -3.19 -8.19 1.83
N SER A 82 -2.48 -8.10 0.76
CA SER A 82 -2.36 -6.92 -0.02
C SER A 82 -3.62 -6.65 -0.86
N THR A 83 -4.44 -7.67 -1.04
CA THR A 83 -5.64 -7.52 -1.81
C THR A 83 -6.65 -6.64 -1.03
N GLY A 84 -6.72 -6.87 0.27
CA GLY A 84 -7.58 -6.06 1.12
C GLY A 84 -7.00 -4.68 1.31
N PHE A 85 -5.67 -4.62 1.39
CA PHE A 85 -4.97 -3.36 1.53
C PHE A 85 -5.17 -2.49 0.27
N ALA A 86 -5.00 -3.11 -0.89
CA ALA A 86 -5.16 -2.44 -2.18
C ALA A 86 -6.59 -1.97 -2.39
N ARG A 87 -7.53 -2.75 -1.88
CA ARG A 87 -8.95 -2.40 -1.94
C ARG A 87 -9.20 -1.08 -1.25
N ASP A 88 -8.60 -0.94 -0.09
CA ASP A 88 -8.73 0.25 0.73
C ASP A 88 -8.10 1.45 0.02
N LEU A 89 -6.92 1.23 -0.55
CA LEU A 89 -6.19 2.26 -1.27
C LEU A 89 -6.97 2.69 -2.55
N ALA A 90 -7.58 1.71 -3.22
CA ALA A 90 -8.40 1.96 -4.41
C ALA A 90 -9.59 2.84 -4.05
N ASP A 91 -10.17 2.58 -2.91
CA ASP A 91 -11.31 3.33 -2.44
C ASP A 91 -10.90 4.77 -2.12
N TYR A 92 -9.72 4.91 -1.51
CA TYR A 92 -9.13 6.22 -1.21
C TYR A 92 -8.98 7.07 -2.46
N ILE A 93 -8.33 6.53 -3.48
CA ILE A 93 -8.07 7.30 -4.70
C ILE A 93 -9.37 7.70 -5.41
N GLN A 94 -10.37 6.82 -5.36
CA GLN A 94 -11.66 7.14 -5.94
C GLN A 94 -12.35 8.23 -5.16
N GLU A 95 -12.18 8.22 -3.83
CA GLU A 95 -12.76 9.22 -2.99
C GLU A 95 -12.16 10.60 -3.31
N GLN A 96 -10.93 10.62 -3.79
CA GLN A 96 -10.24 11.85 -4.12
C GLN A 96 -10.52 12.27 -5.56
N GLY A 97 -11.25 11.43 -6.27
CA GLY A 97 -11.59 11.72 -7.64
C GLY A 97 -10.45 11.46 -8.59
N TRP A 98 -9.57 10.57 -8.24
CA TRP A 98 -8.47 10.23 -9.11
C TRP A 98 -8.81 8.96 -9.86
N GLN A 99 -8.12 8.71 -10.95
CA GLN A 99 -8.37 7.51 -11.72
C GLN A 99 -7.09 6.80 -11.98
N THR A 100 -7.19 5.66 -12.57
CA THR A 100 -6.08 4.90 -12.99
C THR A 100 -6.65 3.87 -13.94
N TYR A 101 -5.82 3.15 -14.62
CA TYR A 101 -6.34 2.15 -15.51
C TYR A 101 -6.27 0.85 -14.78
N GLY A 102 -7.41 0.25 -14.57
CA GLY A 102 -7.42 -0.97 -13.85
C GLY A 102 -7.94 -0.74 -12.49
N ASP A 103 -7.46 -1.53 -11.58
CA ASP A 103 -7.72 -1.40 -10.17
C ASP A 103 -6.39 -1.51 -9.45
N VAL A 104 -6.36 -1.08 -8.21
CA VAL A 104 -5.13 -1.01 -7.44
C VAL A 104 -4.68 -2.38 -6.96
N VAL A 105 -3.42 -2.66 -7.18
CA VAL A 105 -2.78 -3.86 -6.71
C VAL A 105 -1.46 -3.50 -6.04
N VAL A 106 -1.34 -3.85 -4.78
CA VAL A 106 -0.14 -3.61 -4.06
C VAL A 106 0.50 -4.95 -3.77
N ARG A 107 1.80 -5.03 -3.81
CA ARG A 107 2.51 -6.28 -3.57
C ARG A 107 3.78 -6.03 -2.80
N PHE A 108 4.18 -7.01 -2.04
CA PHE A 108 5.41 -6.94 -1.29
C PHE A 108 6.46 -7.79 -1.97
N GLU A 109 7.69 -7.41 -1.81
CA GLU A 109 8.83 -8.17 -2.27
C GLU A 109 9.91 -8.06 -1.20
N GLN A 110 10.91 -8.88 -1.31
CA GLN A 110 11.99 -8.86 -0.38
C GLN A 110 13.29 -8.61 -1.09
N SER A 111 14.20 -8.02 -0.40
CA SER A 111 15.50 -7.82 -0.92
C SER A 111 16.53 -8.22 0.12
N SER A 112 17.57 -8.86 -0.33
CA SER A 112 18.64 -9.30 0.52
C SER A 112 19.57 -8.11 0.80
N ASN A 113 19.55 -7.14 -0.11
CA ASN A 113 20.34 -5.94 0.03
C ASN A 113 19.66 -4.93 0.93
N LEU A 114 18.47 -5.23 1.34
CA LEU A 114 17.73 -4.38 2.24
C LEU A 114 17.71 -5.05 3.61
N HIS A 115 17.70 -4.28 4.67
CA HIS A 115 17.78 -4.89 5.99
C HIS A 115 16.55 -4.57 6.82
N THR A 116 16.30 -5.42 7.80
CA THR A 116 15.19 -5.37 8.72
C THR A 116 15.02 -3.97 9.33
N GLY A 117 13.87 -3.38 9.13
CA GLY A 117 13.60 -2.07 9.66
C GLY A 117 13.44 -1.07 8.55
N GLN A 118 14.14 -1.31 7.47
CA GLN A 118 14.08 -0.45 6.32
C GLN A 118 13.05 -0.98 5.35
N PHE A 119 12.19 -0.13 4.88
CA PHE A 119 11.21 -0.53 3.92
C PHE A 119 11.03 0.58 2.93
N ARG A 120 10.68 0.23 1.73
CA ARG A 120 10.49 1.20 0.69
C ARG A 120 9.31 0.80 -0.14
N ALA A 121 8.58 1.75 -0.65
CA ALA A 121 7.42 1.46 -1.45
C ALA A 121 7.32 2.46 -2.56
N ARG A 122 6.96 1.99 -3.72
CA ARG A 122 6.78 2.84 -4.87
C ARG A 122 5.48 2.52 -5.54
N GLY A 123 4.92 3.52 -6.13
CA GLY A 123 3.69 3.38 -6.85
C GLY A 123 3.91 3.75 -8.27
N THR A 124 3.62 2.86 -9.15
CA THR A 124 3.81 3.05 -10.53
C THR A 124 2.45 2.91 -11.24
N VAL A 125 2.29 3.59 -12.34
CA VAL A 125 1.09 3.50 -13.10
C VAL A 125 1.31 2.53 -14.24
N ASN A 126 0.57 1.48 -14.24
CA ASN A 126 0.56 0.57 -15.34
C ASN A 126 -0.58 0.98 -16.25
N PRO A 127 -0.29 1.66 -17.37
CA PRO A 127 -1.34 2.19 -18.25
C PRO A 127 -1.86 1.12 -19.19
N ASP A 128 -1.19 -0.02 -19.21
CA ASP A 128 -1.51 -1.10 -20.13
C ASP A 128 -2.58 -2.01 -19.59
N VAL A 129 -3.42 -1.48 -18.73
CA VAL A 129 -4.54 -2.23 -18.25
C VAL A 129 -5.73 -1.84 -19.08
N GLU A 130 -6.07 -2.65 -20.02
CA GLU A 130 -7.16 -2.36 -20.87
C GLU A 130 -8.43 -2.89 -20.27
N THR A 131 -9.53 -2.32 -20.66
CA THR A 131 -10.78 -2.72 -20.15
C THR A 131 -11.24 -3.98 -20.88
N HIS A 132 -11.50 -5.00 -20.13
CA HIS A 132 -11.93 -6.26 -20.65
C HIS A 132 -13.11 -6.71 -19.85
N MET A 1 -13.91 -13.76 -6.78
CA MET A 1 -15.13 -13.26 -7.42
C MET A 1 -16.32 -13.94 -6.81
N GLY A 2 -17.49 -13.45 -7.08
CA GLY A 2 -18.67 -14.08 -6.57
C GLY A 2 -19.83 -13.15 -6.55
N SER A 3 -20.16 -12.68 -5.40
CA SER A 3 -21.28 -11.85 -5.25
C SER A 3 -20.84 -10.48 -4.73
N GLN A 4 -20.86 -9.49 -5.59
CA GLN A 4 -20.55 -8.14 -5.21
C GLN A 4 -21.51 -7.23 -5.91
N LYS A 5 -22.43 -6.70 -5.16
CA LYS A 5 -23.42 -5.82 -5.68
C LYS A 5 -23.18 -4.45 -5.09
N ARG A 6 -24.17 -3.60 -5.15
CA ARG A 6 -24.07 -2.33 -4.51
C ARG A 6 -24.29 -2.51 -3.03
N LEU A 7 -23.20 -2.71 -2.34
CA LEU A 7 -23.20 -2.84 -0.91
C LEU A 7 -23.54 -1.49 -0.34
N VAL A 8 -24.74 -1.40 0.16
CA VAL A 8 -25.22 -0.20 0.77
C VAL A 8 -24.54 -0.04 2.13
N GLN A 9 -24.26 1.22 2.46
CA GLN A 9 -23.51 1.61 3.66
C GLN A 9 -23.93 0.83 4.91
N ARG A 10 -23.03 0.00 5.37
CA ARG A 10 -23.28 -0.83 6.53
C ARG A 10 -22.77 -0.20 7.80
N VAL A 11 -23.01 -0.88 8.90
CA VAL A 11 -22.53 -0.45 10.19
C VAL A 11 -21.02 -0.56 10.28
N GLU A 12 -20.41 0.37 10.99
CA GLU A 12 -18.98 0.37 11.19
C GLU A 12 -18.61 -0.79 12.09
N ARG A 13 -17.88 -1.71 11.56
CA ARG A 13 -17.44 -2.87 12.30
C ARG A 13 -16.01 -3.15 11.95
N LYS A 14 -15.31 -3.80 12.83
CA LYS A 14 -13.97 -4.21 12.55
C LYS A 14 -14.01 -5.64 12.09
N LEU A 15 -13.29 -5.92 11.04
CA LEU A 15 -13.30 -7.23 10.45
C LEU A 15 -12.51 -8.20 11.30
N GLU A 16 -12.82 -9.48 11.17
CA GLU A 16 -12.17 -10.51 11.95
C GLU A 16 -10.71 -10.64 11.55
N GLN A 17 -9.87 -10.53 12.53
CA GLN A 17 -8.45 -10.55 12.31
C GLN A 17 -7.91 -11.92 12.67
N THR A 18 -6.95 -12.39 11.91
CA THR A 18 -6.27 -13.63 12.21
C THR A 18 -5.49 -13.43 13.53
N VAL A 19 -5.35 -14.46 14.35
CA VAL A 19 -4.61 -14.32 15.58
C VAL A 19 -3.11 -14.29 15.32
N GLY A 20 -2.63 -13.12 15.01
CA GLY A 20 -1.27 -12.94 14.69
C GLY A 20 -0.45 -12.58 15.88
N ASP A 21 -0.31 -13.53 16.80
CA ASP A 21 0.48 -13.33 18.02
C ASP A 21 1.91 -12.99 17.67
N ALA A 22 2.41 -13.68 16.66
CA ALA A 22 3.75 -13.45 16.14
C ALA A 22 3.88 -12.03 15.62
N PHE A 23 2.96 -11.68 14.78
CA PHE A 23 2.91 -10.36 14.16
C PHE A 23 2.89 -9.27 15.22
N ALA A 24 2.00 -9.44 16.19
CA ALA A 24 1.82 -8.49 17.28
C ALA A 24 3.13 -8.25 18.03
N ARG A 25 3.80 -9.33 18.40
CA ARG A 25 5.04 -9.23 19.17
C ARG A 25 6.20 -8.72 18.31
N ILE A 26 6.16 -8.97 17.02
CA ILE A 26 7.22 -8.55 16.13
C ILE A 26 7.12 -7.05 15.81
N PHE A 27 5.97 -6.64 15.29
CA PHE A 27 5.81 -5.28 14.81
C PHE A 27 5.45 -4.30 15.91
N GLY A 28 5.06 -4.82 17.06
CA GLY A 28 4.70 -3.98 18.18
C GLY A 28 3.25 -3.54 18.07
N GLY A 29 2.40 -4.51 17.89
CA GLY A 29 0.99 -4.23 17.75
C GLY A 29 0.42 -4.99 16.59
N SER A 30 0.75 -4.53 15.38
CA SER A 30 0.30 -5.15 14.12
C SER A 30 -1.24 -5.20 14.06
N ILE A 31 -1.87 -4.22 14.67
CA ILE A 31 -3.32 -4.11 14.68
C ILE A 31 -3.74 -3.52 13.35
N VAL A 32 -3.03 -2.51 12.95
CA VAL A 32 -3.25 -1.85 11.71
C VAL A 32 -1.88 -1.50 11.08
N PRO A 33 -1.59 -2.02 9.88
CA PRO A 33 -0.36 -1.68 9.19
C PRO A 33 -0.45 -0.27 8.57
N GLN A 34 -0.37 0.71 9.43
CA GLN A 34 -0.55 2.09 9.07
C GLN A 34 0.63 2.59 8.26
N GLU A 35 1.84 2.22 8.66
CA GLU A 35 3.07 2.67 8.00
C GLU A 35 3.08 2.28 6.53
N VAL A 36 2.50 1.12 6.24
CA VAL A 36 2.41 0.63 4.88
C VAL A 36 1.52 1.56 4.05
N GLU A 37 0.29 1.78 4.48
CA GLU A 37 -0.63 2.62 3.71
C GLU A 37 -0.21 4.08 3.73
N ALA A 38 0.50 4.47 4.77
CA ALA A 38 1.04 5.81 4.89
C ALA A 38 2.02 6.07 3.76
N LEU A 39 2.88 5.11 3.51
CA LEU A 39 3.85 5.26 2.46
C LEU A 39 3.15 5.13 1.10
N LEU A 40 2.19 4.22 1.01
CA LEU A 40 1.41 4.06 -0.23
C LEU A 40 0.64 5.34 -0.60
N ARG A 41 -0.02 5.97 0.37
CA ARG A 41 -0.77 7.21 0.10
C ARG A 41 0.20 8.32 -0.34
N ARG A 42 1.43 8.27 0.16
CA ARG A 42 2.44 9.21 -0.25
C ARG A 42 2.84 8.97 -1.69
N GLU A 43 3.18 7.73 -2.00
CA GLU A 43 3.66 7.37 -3.33
C GLU A 43 2.56 7.58 -4.37
N ALA A 44 1.32 7.41 -3.95
CA ALA A 44 0.16 7.67 -4.80
C ALA A 44 0.12 9.15 -5.16
N ALA A 45 0.31 10.00 -4.16
CA ALA A 45 0.28 11.45 -4.35
C ALA A 45 1.55 11.91 -5.09
N ASP A 46 2.59 11.14 -4.95
CA ASP A 46 3.88 11.43 -5.56
C ASP A 46 3.87 11.05 -7.04
N GLY A 47 3.00 10.13 -7.40
CA GLY A 47 2.88 9.69 -8.77
C GLY A 47 1.69 10.28 -9.49
N ILE A 48 1.14 11.36 -8.92
CA ILE A 48 0.02 12.05 -9.51
C ILE A 48 0.41 12.73 -10.80
N GLN A 49 -0.38 12.52 -11.81
CA GLN A 49 -0.15 13.09 -13.08
C GLN A 49 -1.36 13.80 -13.56
N SER A 50 -1.13 14.87 -14.23
CA SER A 50 -2.16 15.71 -14.72
C SER A 50 -2.97 15.01 -15.79
N LEU A 51 -4.23 15.07 -15.62
CA LEU A 51 -5.18 14.50 -16.50
C LEU A 51 -6.39 15.41 -16.38
N GLN A 52 -7.55 15.01 -16.86
CA GLN A 52 -8.74 15.86 -16.80
C GLN A 52 -9.14 16.23 -15.38
N GLY A 53 -9.85 17.35 -15.27
CA GLY A 53 -10.17 17.97 -14.00
C GLY A 53 -11.14 17.19 -13.15
N ASN A 54 -11.66 16.11 -13.68
CA ASN A 54 -12.55 15.26 -12.90
C ASN A 54 -11.74 14.44 -11.92
N ARG A 55 -10.61 13.92 -12.40
CA ARG A 55 -9.75 13.10 -11.59
C ARG A 55 -8.36 12.92 -12.23
N LEU A 56 -7.36 12.95 -11.39
CA LEU A 56 -5.94 12.95 -11.76
C LEU A 56 -5.42 11.53 -11.84
N LEU A 57 -4.40 11.33 -12.66
CA LEU A 57 -3.86 10.02 -12.88
C LEU A 57 -2.94 9.66 -11.72
N ALA A 58 -3.17 8.51 -11.14
CA ALA A 58 -2.43 8.01 -10.02
C ALA A 58 -1.81 6.66 -10.37
N PRO A 59 -0.83 6.18 -9.58
CA PRO A 59 -0.20 4.86 -9.76
C PRO A 59 -1.19 3.69 -9.62
N ASN A 60 -0.84 2.57 -10.23
CA ASN A 60 -1.65 1.36 -10.21
C ASN A 60 -0.83 0.15 -9.76
N GLU A 61 0.45 0.21 -10.07
CA GLU A 61 1.39 -0.81 -9.69
C GLU A 61 2.11 -0.35 -8.43
N TYR A 62 1.95 -1.08 -7.36
CA TYR A 62 2.58 -0.74 -6.12
C TYR A 62 3.51 -1.85 -5.68
N ILE A 63 4.77 -1.53 -5.67
CA ILE A 63 5.81 -2.46 -5.33
C ILE A 63 6.36 -2.09 -3.96
N ILE A 64 6.11 -2.93 -2.99
CA ILE A 64 6.59 -2.71 -1.65
C ILE A 64 7.79 -3.60 -1.41
N THR A 65 8.90 -3.01 -1.12
CA THR A 65 10.11 -3.73 -0.90
C THR A 65 10.48 -3.66 0.58
N LEU A 66 10.71 -4.81 1.18
CA LEU A 66 11.12 -4.91 2.57
C LEU A 66 12.41 -5.67 2.69
N GLY A 67 13.03 -5.58 3.87
CA GLY A 67 14.17 -6.40 4.15
C GLY A 67 13.73 -7.85 4.18
N VAL A 68 14.62 -8.74 3.76
CA VAL A 68 14.29 -10.18 3.59
C VAL A 68 13.53 -10.79 4.79
N HIS A 69 14.08 -10.66 5.98
CA HIS A 69 13.47 -11.29 7.16
C HIS A 69 12.14 -10.63 7.56
N ASP A 70 12.01 -9.36 7.27
CA ASP A 70 10.79 -8.62 7.61
C ASP A 70 9.71 -9.05 6.63
N PHE A 71 10.13 -9.18 5.37
CA PHE A 71 9.28 -9.59 4.29
C PHE A 71 8.73 -10.98 4.49
N GLU A 72 9.52 -11.85 5.10
CA GLU A 72 9.09 -13.22 5.40
C GLU A 72 7.79 -13.23 6.17
N LYS A 73 7.65 -12.28 7.06
CA LYS A 73 6.51 -12.24 7.92
C LYS A 73 5.35 -11.51 7.23
N LEU A 74 5.68 -10.57 6.36
CA LEU A 74 4.64 -9.88 5.60
C LEU A 74 4.05 -10.81 4.55
N GLY A 75 4.91 -11.64 3.99
CA GLY A 75 4.52 -12.57 2.95
C GLY A 75 3.85 -13.80 3.50
N ALA A 76 3.48 -13.75 4.77
CA ALA A 76 2.75 -14.81 5.39
C ALA A 76 1.26 -14.62 5.14
N ASP A 77 0.90 -13.45 4.61
CA ASP A 77 -0.48 -13.17 4.25
C ASP A 77 -0.58 -12.42 2.93
N PRO A 78 -0.33 -13.07 1.79
CA PRO A 78 -0.55 -12.41 0.48
C PRO A 78 -2.06 -12.22 0.29
N GLU A 79 -2.78 -13.14 0.92
CA GLU A 79 -4.21 -13.21 0.90
C GLU A 79 -4.85 -11.96 1.46
N LEU A 80 -4.45 -11.60 2.66
CA LEU A 80 -4.99 -10.43 3.31
C LEU A 80 -4.26 -9.15 2.95
N LYS A 81 -2.94 -9.20 2.91
CA LYS A 81 -2.15 -7.99 2.71
C LYS A 81 -2.16 -7.50 1.26
N SER A 82 -1.70 -8.32 0.33
CA SER A 82 -1.63 -7.91 -1.08
C SER A 82 -3.02 -7.61 -1.64
N THR A 83 -3.95 -8.52 -1.41
CA THR A 83 -5.31 -8.36 -1.87
C THR A 83 -6.00 -7.16 -1.18
N GLY A 84 -5.81 -7.07 0.13
CA GLY A 84 -6.45 -6.05 0.92
C GLY A 84 -6.03 -4.67 0.53
N PHE A 85 -4.73 -4.41 0.57
CA PHE A 85 -4.20 -3.10 0.24
C PHE A 85 -4.52 -2.69 -1.18
N ALA A 86 -4.58 -3.66 -2.09
CA ALA A 86 -4.89 -3.39 -3.48
C ALA A 86 -6.29 -2.76 -3.62
N ARG A 87 -7.26 -3.37 -2.95
CA ARG A 87 -8.62 -2.89 -3.03
C ARG A 87 -8.88 -1.72 -2.09
N ASP A 88 -8.10 -1.66 -1.02
CA ASP A 88 -8.20 -0.57 -0.06
C ASP A 88 -7.66 0.71 -0.70
N LEU A 89 -6.53 0.58 -1.38
CA LEU A 89 -5.89 1.70 -2.07
C LEU A 89 -6.79 2.14 -3.25
N ALA A 90 -7.50 1.19 -3.84
CA ALA A 90 -8.44 1.49 -4.92
C ALA A 90 -9.59 2.36 -4.41
N ASP A 91 -10.06 2.06 -3.22
CA ASP A 91 -11.15 2.85 -2.63
C ASP A 91 -10.59 4.17 -2.16
N TYR A 92 -9.33 4.15 -1.73
CA TYR A 92 -8.60 5.36 -1.37
C TYR A 92 -8.57 6.32 -2.54
N ILE A 93 -8.05 5.88 -3.70
CA ILE A 93 -7.95 6.75 -4.87
C ILE A 93 -9.32 7.31 -5.25
N GLN A 94 -10.37 6.55 -4.97
CA GLN A 94 -11.71 7.04 -5.19
C GLN A 94 -12.02 8.21 -4.26
N GLU A 95 -11.65 8.06 -3.00
CA GLU A 95 -11.84 9.06 -1.98
C GLU A 95 -11.13 10.36 -2.31
N GLN A 96 -9.90 10.26 -2.81
CA GLN A 96 -9.18 11.43 -3.20
C GLN A 96 -9.57 11.96 -4.58
N GLY A 97 -10.28 11.17 -5.35
CA GLY A 97 -10.71 11.63 -6.65
C GLY A 97 -9.65 11.44 -7.70
N TRP A 98 -8.96 10.34 -7.65
CA TRP A 98 -7.95 10.02 -8.64
C TRP A 98 -8.42 8.81 -9.49
N GLN A 99 -7.64 8.48 -10.51
CA GLN A 99 -7.92 7.35 -11.38
C GLN A 99 -6.63 6.78 -11.90
N THR A 100 -6.69 5.65 -12.55
CA THR A 100 -5.53 5.04 -13.11
C THR A 100 -5.97 4.06 -14.20
N TYR A 101 -5.02 3.41 -14.85
CA TYR A 101 -5.40 2.50 -15.91
C TYR A 101 -5.31 1.09 -15.36
N GLY A 102 -6.41 0.38 -15.36
CA GLY A 102 -6.37 -0.98 -14.90
C GLY A 102 -7.00 -1.10 -13.54
N ASP A 103 -6.52 -2.04 -12.78
CA ASP A 103 -6.95 -2.24 -11.42
C ASP A 103 -5.73 -2.04 -10.54
N VAL A 104 -5.94 -1.60 -9.33
CA VAL A 104 -4.83 -1.33 -8.42
C VAL A 104 -4.34 -2.63 -7.82
N VAL A 105 -3.05 -2.87 -7.90
CA VAL A 105 -2.44 -4.07 -7.38
C VAL A 105 -1.36 -3.72 -6.37
N VAL A 106 -1.15 -4.59 -5.41
CA VAL A 106 -0.14 -4.37 -4.37
C VAL A 106 0.72 -5.61 -4.20
N ARG A 107 1.98 -5.48 -4.54
CA ARG A 107 2.92 -6.58 -4.50
C ARG A 107 4.05 -6.27 -3.54
N PHE A 108 4.45 -7.27 -2.80
CA PHE A 108 5.54 -7.13 -1.83
C PHE A 108 6.74 -7.96 -2.30
N GLU A 109 7.93 -7.46 -2.06
CA GLU A 109 9.14 -8.18 -2.40
C GLU A 109 10.25 -7.93 -1.39
N GLN A 110 11.32 -8.66 -1.52
CA GLN A 110 12.43 -8.59 -0.61
C GLN A 110 13.59 -7.83 -1.22
N SER A 111 14.45 -7.35 -0.37
CA SER A 111 15.64 -6.68 -0.77
C SER A 111 16.76 -7.03 0.18
N SER A 112 17.93 -7.19 -0.33
CA SER A 112 19.08 -7.49 0.48
C SER A 112 19.66 -6.20 1.09
N ASN A 113 19.42 -5.08 0.42
CA ASN A 113 19.94 -3.79 0.86
C ASN A 113 19.13 -3.21 2.01
N LEU A 114 17.86 -3.52 2.04
CA LEU A 114 17.02 -2.99 3.09
C LEU A 114 17.13 -3.82 4.35
N HIS A 115 16.93 -3.16 5.45
CA HIS A 115 17.03 -3.77 6.76
C HIS A 115 15.65 -4.17 7.27
N THR A 116 15.61 -4.85 8.38
CA THR A 116 14.38 -5.23 9.01
C THR A 116 13.74 -3.94 9.57
N GLY A 117 12.47 -3.70 9.28
CA GLY A 117 11.83 -2.45 9.67
C GLY A 117 12.12 -1.33 8.67
N GLN A 118 12.93 -1.62 7.69
CA GLN A 118 13.30 -0.69 6.67
C GLN A 118 12.49 -1.02 5.45
N PHE A 119 11.70 -0.10 4.99
CA PHE A 119 10.82 -0.40 3.90
C PHE A 119 10.73 0.74 2.93
N ARG A 120 10.35 0.39 1.74
CA ARG A 120 10.11 1.30 0.66
C ARG A 120 8.99 0.76 -0.15
N ALA A 121 8.17 1.61 -0.63
CA ALA A 121 7.07 1.24 -1.45
C ALA A 121 7.09 2.19 -2.57
N ARG A 122 6.84 1.73 -3.74
CA ARG A 122 6.87 2.58 -4.85
C ARG A 122 5.61 2.43 -5.65
N GLY A 123 4.97 3.53 -5.91
CA GLY A 123 3.80 3.52 -6.73
C GLY A 123 4.15 3.99 -8.11
N THR A 124 3.98 3.14 -9.05
CA THR A 124 4.32 3.41 -10.41
C THR A 124 3.07 3.29 -11.29
N VAL A 125 3.01 4.12 -12.32
CA VAL A 125 1.92 4.08 -13.26
C VAL A 125 2.32 3.19 -14.42
N ASN A 126 1.71 2.05 -14.53
CA ASN A 126 1.96 1.14 -15.61
C ASN A 126 0.79 1.12 -16.56
N PRO A 127 0.90 1.77 -17.72
CA PRO A 127 -0.14 1.76 -18.72
C PRO A 127 0.05 0.58 -19.69
N ASP A 128 1.04 -0.23 -19.41
CA ASP A 128 1.35 -1.36 -20.23
C ASP A 128 0.72 -2.60 -19.66
N VAL A 129 -0.56 -2.63 -19.79
CA VAL A 129 -1.36 -3.75 -19.41
C VAL A 129 -2.22 -4.10 -20.61
N GLU A 130 -2.11 -5.31 -21.09
CA GLU A 130 -2.91 -5.73 -22.24
C GLU A 130 -4.33 -5.93 -21.79
N THR A 131 -5.25 -5.59 -22.64
CA THR A 131 -6.60 -5.79 -22.33
C THR A 131 -6.99 -7.20 -22.77
N HIS A 132 -7.34 -8.00 -21.83
CA HIS A 132 -7.66 -9.36 -22.06
C HIS A 132 -8.56 -9.81 -20.94
N MET A 1 18.17 17.78 -8.44
CA MET A 1 17.48 16.48 -8.43
C MET A 1 17.20 16.04 -7.00
N GLY A 2 18.11 16.32 -6.10
CA GLY A 2 17.87 16.00 -4.71
C GLY A 2 17.09 17.11 -4.05
N SER A 3 16.56 16.87 -2.88
CA SER A 3 15.84 17.90 -2.20
C SER A 3 16.84 18.84 -1.51
N GLN A 4 17.53 18.31 -0.47
CA GLN A 4 18.62 19.01 0.28
C GLN A 4 18.16 20.30 1.00
N LYS A 5 16.91 20.63 0.85
CA LYS A 5 16.35 21.81 1.43
C LYS A 5 16.22 21.68 2.93
N ARG A 6 16.71 22.66 3.63
CA ARG A 6 16.72 22.64 5.07
C ARG A 6 15.39 23.14 5.60
N LEU A 7 14.49 22.24 5.77
CA LEU A 7 13.22 22.58 6.34
C LEU A 7 13.32 22.42 7.83
N VAL A 8 13.64 23.51 8.48
CA VAL A 8 13.77 23.54 9.90
C VAL A 8 12.39 23.65 10.56
N GLN A 9 11.74 22.53 10.66
CA GLN A 9 10.41 22.47 11.18
C GLN A 9 10.41 21.79 12.53
N ARG A 10 9.62 22.30 13.41
CA ARG A 10 9.46 21.70 14.70
C ARG A 10 8.41 20.61 14.61
N VAL A 11 8.88 19.43 14.31
CA VAL A 11 8.04 18.28 14.18
C VAL A 11 8.64 17.14 14.99
N GLU A 12 7.90 16.71 15.98
CA GLU A 12 8.36 15.65 16.83
C GLU A 12 7.99 14.28 16.32
N ARG A 13 8.85 13.33 16.56
CA ARG A 13 8.61 11.96 16.20
C ARG A 13 9.50 11.08 17.03
N LYS A 14 9.31 9.79 16.92
CA LYS A 14 10.08 8.82 17.66
C LYS A 14 10.43 7.68 16.74
N LEU A 15 11.21 6.77 17.21
CA LEU A 15 11.44 5.54 16.51
C LEU A 15 10.32 4.61 16.92
N GLU A 16 10.05 4.62 18.19
CA GLU A 16 9.00 3.86 18.79
C GLU A 16 7.80 4.77 19.05
N GLN A 17 7.02 5.00 18.01
CA GLN A 17 5.91 5.91 18.13
C GLN A 17 4.67 5.17 18.58
N THR A 18 4.59 3.95 18.17
CA THR A 18 3.49 3.11 18.49
C THR A 18 3.75 2.43 19.84
N VAL A 19 2.83 2.61 20.75
CA VAL A 19 2.99 2.09 22.08
C VAL A 19 2.02 0.91 22.29
N GLY A 20 2.55 -0.28 22.20
CA GLY A 20 1.76 -1.48 22.38
C GLY A 20 0.90 -1.79 21.18
N ASP A 21 1.37 -2.67 20.33
CA ASP A 21 0.68 -3.05 19.13
C ASP A 21 1.28 -4.35 18.67
N ALA A 22 0.49 -5.13 18.00
CA ALA A 22 0.90 -6.41 17.45
C ALA A 22 2.06 -6.28 16.51
N PHE A 23 1.88 -5.51 15.46
CA PHE A 23 2.90 -5.38 14.44
C PHE A 23 4.10 -4.63 14.97
N ALA A 24 3.83 -3.65 15.82
CA ALA A 24 4.88 -2.84 16.42
C ALA A 24 5.88 -3.70 17.17
N ARG A 25 5.40 -4.71 17.90
CA ARG A 25 6.28 -5.56 18.67
C ARG A 25 6.92 -6.63 17.79
N ILE A 26 6.22 -7.03 16.72
CA ILE A 26 6.75 -8.02 15.78
C ILE A 26 8.01 -7.50 15.11
N PHE A 27 7.94 -6.30 14.60
CA PHE A 27 9.09 -5.71 13.95
C PHE A 27 10.03 -5.10 14.97
N GLY A 28 9.47 -4.69 16.09
CA GLY A 28 10.26 -4.10 17.14
C GLY A 28 10.35 -2.60 16.96
N GLY A 29 10.69 -2.19 15.75
CA GLY A 29 10.88 -0.80 15.43
C GLY A 29 9.61 -0.02 15.16
N SER A 30 8.47 -0.49 15.72
CA SER A 30 7.21 0.25 15.70
C SER A 30 6.65 0.36 14.26
N ILE A 31 6.99 -0.61 13.44
CA ILE A 31 6.49 -0.63 12.09
C ILE A 31 5.08 -1.22 12.11
N VAL A 32 4.16 -0.45 11.64
CA VAL A 32 2.77 -0.85 11.60
C VAL A 32 2.26 -0.70 10.17
N PRO A 33 1.11 -1.34 9.82
CA PRO A 33 0.51 -1.24 8.47
C PRO A 33 0.17 0.23 8.10
N GLN A 34 0.04 1.07 9.13
CA GLN A 34 -0.21 2.48 8.97
C GLN A 34 0.93 3.17 8.24
N GLU A 35 2.16 2.69 8.49
CA GLU A 35 3.36 3.20 7.81
C GLU A 35 3.21 2.99 6.33
N VAL A 36 2.75 1.81 5.99
CA VAL A 36 2.59 1.37 4.65
C VAL A 36 1.58 2.24 3.92
N GLU A 37 0.36 2.35 4.45
CA GLU A 37 -0.68 3.14 3.78
C GLU A 37 -0.31 4.62 3.72
N ALA A 38 0.39 5.11 4.75
CA ALA A 38 0.83 6.49 4.80
C ALA A 38 1.76 6.77 3.64
N LEU A 39 2.70 5.88 3.42
CA LEU A 39 3.64 6.03 2.33
C LEU A 39 2.93 5.81 0.99
N LEU A 40 2.01 4.84 0.95
CA LEU A 40 1.25 4.54 -0.27
C LEU A 40 0.43 5.74 -0.74
N ARG A 41 -0.29 6.36 0.17
CA ARG A 41 -1.11 7.51 -0.20
C ARG A 41 -0.24 8.73 -0.51
N ARG A 42 0.91 8.82 0.14
CA ARG A 42 1.86 9.92 -0.09
C ARG A 42 2.45 9.76 -1.49
N GLU A 43 2.77 8.52 -1.84
CA GLU A 43 3.27 8.17 -3.15
C GLU A 43 2.21 8.46 -4.20
N ALA A 44 0.98 8.09 -3.90
CA ALA A 44 -0.15 8.32 -4.77
C ALA A 44 -0.35 9.82 -5.01
N ALA A 45 -0.38 10.56 -3.91
CA ALA A 45 -0.60 12.00 -3.94
C ALA A 45 0.49 12.76 -4.69
N ASP A 46 1.72 12.25 -4.66
CA ASP A 46 2.77 12.94 -5.38
C ASP A 46 2.96 12.35 -6.78
N GLY A 47 2.38 11.19 -6.99
CA GLY A 47 2.48 10.50 -8.27
C GLY A 47 1.34 10.86 -9.20
N ILE A 48 0.52 11.77 -8.72
CA ILE A 48 -0.60 12.32 -9.44
C ILE A 48 -0.15 12.90 -10.77
N GLN A 49 -0.80 12.48 -11.82
CA GLN A 49 -0.51 12.94 -13.14
C GLN A 49 -1.62 13.88 -13.54
N SER A 50 -1.25 15.00 -14.13
CA SER A 50 -2.21 15.94 -14.58
C SER A 50 -2.91 15.33 -15.79
N LEU A 51 -4.20 15.23 -15.67
CA LEU A 51 -5.03 14.62 -16.67
C LEU A 51 -6.12 15.65 -17.00
N GLN A 52 -7.18 15.23 -17.67
CA GLN A 52 -8.31 16.10 -18.01
C GLN A 52 -8.88 16.79 -16.74
N GLY A 53 -9.61 17.87 -16.95
CA GLY A 53 -10.15 18.66 -15.87
C GLY A 53 -11.18 17.91 -15.05
N ASN A 54 -11.59 16.76 -15.53
CA ASN A 54 -12.54 15.93 -14.83
C ASN A 54 -11.89 15.34 -13.56
N ARG A 55 -10.64 14.85 -13.68
CA ARG A 55 -9.95 14.23 -12.56
C ARG A 55 -8.51 13.92 -12.85
N LEU A 56 -7.79 13.63 -11.80
CA LEU A 56 -6.38 13.35 -11.79
C LEU A 56 -6.11 11.85 -11.89
N LEU A 57 -4.98 11.50 -12.46
CA LEU A 57 -4.62 10.12 -12.61
C LEU A 57 -3.65 9.75 -11.49
N ALA A 58 -3.93 8.66 -10.82
CA ALA A 58 -3.13 8.20 -9.72
C ALA A 58 -2.44 6.87 -10.06
N PRO A 59 -1.31 6.54 -9.39
CA PRO A 59 -0.61 5.26 -9.57
C PRO A 59 -1.47 4.06 -9.18
N ASN A 60 -1.18 2.92 -9.75
CA ASN A 60 -1.95 1.72 -9.49
C ASN A 60 -1.07 0.55 -9.09
N GLU A 61 0.17 0.52 -9.56
CA GLU A 61 1.07 -0.53 -9.14
C GLU A 61 1.95 -0.05 -8.03
N TYR A 62 1.85 -0.71 -6.90
CA TYR A 62 2.64 -0.38 -5.75
C TYR A 62 3.49 -1.55 -5.36
N ILE A 63 4.75 -1.37 -5.49
CA ILE A 63 5.70 -2.39 -5.18
C ILE A 63 6.31 -2.07 -3.85
N ILE A 64 5.95 -2.81 -2.87
CA ILE A 64 6.44 -2.61 -1.54
C ILE A 64 7.51 -3.64 -1.28
N THR A 65 8.67 -3.18 -1.10
CA THR A 65 9.78 -4.03 -0.89
C THR A 65 10.25 -3.94 0.56
N LEU A 66 10.24 -5.07 1.22
CA LEU A 66 10.70 -5.24 2.59
C LEU A 66 11.98 -6.04 2.62
N GLY A 67 12.56 -6.17 3.79
CA GLY A 67 13.69 -7.05 3.96
C GLY A 67 13.19 -8.47 4.05
N VAL A 68 14.06 -9.45 3.91
CA VAL A 68 13.61 -10.84 3.92
C VAL A 68 13.07 -11.24 5.29
N HIS A 69 13.64 -10.68 6.33
CA HIS A 69 13.20 -10.99 7.67
C HIS A 69 11.88 -10.28 7.95
N ASP A 70 11.65 -9.16 7.31
CA ASP A 70 10.39 -8.45 7.48
C ASP A 70 9.31 -9.17 6.73
N PHE A 71 9.71 -9.77 5.61
CA PHE A 71 8.81 -10.49 4.74
C PHE A 71 8.18 -11.68 5.46
N GLU A 72 8.98 -12.42 6.21
CA GLU A 72 8.47 -13.56 6.94
C GLU A 72 7.56 -13.10 8.08
N LYS A 73 7.85 -11.93 8.60
CA LYS A 73 7.05 -11.32 9.65
C LYS A 73 5.73 -10.82 9.08
N LEU A 74 5.71 -10.53 7.78
CA LEU A 74 4.47 -10.17 7.09
C LEU A 74 3.59 -11.38 7.05
N GLY A 75 4.22 -12.53 6.98
CA GLY A 75 3.51 -13.77 7.07
C GLY A 75 4.09 -14.80 6.16
N ALA A 76 3.52 -15.97 6.16
CA ALA A 76 3.93 -17.02 5.27
C ALA A 76 3.26 -16.79 3.93
N ASP A 77 2.22 -15.98 3.96
CA ASP A 77 1.52 -15.54 2.78
C ASP A 77 1.40 -14.01 2.82
N PRO A 78 2.50 -13.28 2.54
CA PRO A 78 2.49 -11.82 2.58
C PRO A 78 1.67 -11.23 1.44
N GLU A 79 1.71 -11.89 0.29
CA GLU A 79 1.06 -11.42 -0.93
C GLU A 79 -0.48 -11.51 -0.80
N LEU A 80 -0.91 -12.22 0.23
CA LEU A 80 -2.33 -12.36 0.52
C LEU A 80 -2.90 -11.02 1.02
N LYS A 81 -2.10 -10.30 1.79
CA LYS A 81 -2.53 -9.00 2.29
C LYS A 81 -2.26 -7.89 1.29
N SER A 82 -1.47 -8.19 0.28
CA SER A 82 -1.17 -7.25 -0.78
C SER A 82 -2.46 -6.84 -1.51
N THR A 83 -3.31 -7.82 -1.75
CA THR A 83 -4.58 -7.59 -2.40
C THR A 83 -5.50 -6.75 -1.47
N GLY A 84 -5.30 -6.90 -0.16
CA GLY A 84 -6.04 -6.12 0.80
C GLY A 84 -5.69 -4.66 0.68
N PHE A 85 -4.40 -4.37 0.57
CA PHE A 85 -3.94 -3.01 0.36
C PHE A 85 -4.31 -2.50 -1.01
N ALA A 86 -4.36 -3.38 -2.00
CA ALA A 86 -4.75 -3.01 -3.35
C ALA A 86 -6.16 -2.46 -3.36
N ARG A 87 -7.05 -3.14 -2.65
CA ARG A 87 -8.42 -2.73 -2.55
C ARG A 87 -8.54 -1.43 -1.75
N ASP A 88 -7.81 -1.34 -0.65
CA ASP A 88 -7.84 -0.17 0.23
C ASP A 88 -7.28 1.07 -0.49
N LEU A 89 -6.25 0.88 -1.30
CA LEU A 89 -5.64 1.95 -2.06
C LEU A 89 -6.60 2.39 -3.17
N ALA A 90 -7.24 1.42 -3.83
CA ALA A 90 -8.21 1.71 -4.88
C ALA A 90 -9.36 2.52 -4.30
N ASP A 91 -9.74 2.14 -3.10
CA ASP A 91 -10.78 2.82 -2.34
C ASP A 91 -10.33 4.26 -2.09
N TYR A 92 -9.12 4.41 -1.51
CA TYR A 92 -8.53 5.74 -1.24
C TYR A 92 -8.53 6.64 -2.45
N ILE A 93 -7.96 6.20 -3.56
CA ILE A 93 -7.82 7.04 -4.74
C ILE A 93 -9.18 7.47 -5.31
N GLN A 94 -10.16 6.59 -5.27
CA GLN A 94 -11.48 6.91 -5.75
C GLN A 94 -12.17 7.87 -4.83
N GLU A 95 -11.93 7.72 -3.55
CA GLU A 95 -12.47 8.59 -2.54
C GLU A 95 -11.93 10.02 -2.69
N GLN A 96 -10.70 10.11 -3.16
CA GLN A 96 -10.06 11.40 -3.37
C GLN A 96 -10.54 12.03 -4.68
N GLY A 97 -11.19 11.23 -5.50
CA GLY A 97 -11.71 11.71 -6.76
C GLY A 97 -10.73 11.52 -7.89
N TRP A 98 -9.80 10.61 -7.71
CA TRP A 98 -8.82 10.32 -8.72
C TRP A 98 -9.20 9.02 -9.44
N GLN A 99 -8.49 8.69 -10.49
CA GLN A 99 -8.72 7.45 -11.20
C GLN A 99 -7.39 6.86 -11.63
N THR A 100 -7.43 5.68 -12.17
CA THR A 100 -6.25 5.07 -12.68
C THR A 100 -6.64 4.16 -13.87
N TYR A 101 -5.67 3.65 -14.59
CA TYR A 101 -5.93 2.79 -15.71
C TYR A 101 -5.41 1.42 -15.41
N GLY A 102 -6.29 0.48 -15.45
CA GLY A 102 -5.93 -0.87 -15.13
C GLY A 102 -6.51 -1.25 -13.82
N ASP A 103 -5.85 -2.12 -13.12
CA ASP A 103 -6.29 -2.54 -11.82
C ASP A 103 -5.22 -2.18 -10.83
N VAL A 104 -5.62 -1.77 -9.65
CA VAL A 104 -4.69 -1.41 -8.62
C VAL A 104 -4.07 -2.66 -8.05
N VAL A 105 -2.79 -2.77 -8.17
CA VAL A 105 -2.08 -3.92 -7.73
C VAL A 105 -0.97 -3.51 -6.77
N VAL A 106 -1.06 -4.01 -5.59
CA VAL A 106 -0.09 -3.76 -4.58
C VAL A 106 0.55 -5.10 -4.27
N ARG A 107 1.84 -5.11 -4.12
CA ARG A 107 2.56 -6.33 -3.84
C ARG A 107 3.67 -6.11 -2.85
N PHE A 108 3.82 -7.05 -1.94
CA PHE A 108 4.84 -7.02 -0.90
C PHE A 108 5.88 -8.06 -1.21
N GLU A 109 7.06 -7.63 -1.50
CA GLU A 109 8.13 -8.52 -1.83
C GLU A 109 9.40 -8.14 -1.12
N GLN A 110 10.36 -9.03 -1.11
CA GLN A 110 11.58 -8.79 -0.39
C GLN A 110 12.76 -8.39 -1.25
N SER A 111 13.75 -7.90 -0.59
CA SER A 111 15.01 -7.56 -1.16
C SER A 111 16.07 -8.13 -0.24
N SER A 112 17.12 -8.63 -0.80
CA SER A 112 18.21 -9.15 -0.05
C SER A 112 19.12 -8.02 0.46
N ASN A 113 18.96 -6.86 -0.16
CA ASN A 113 19.73 -5.70 0.17
C ASN A 113 19.12 -4.98 1.36
N LEU A 114 17.81 -5.08 1.47
CA LEU A 114 17.11 -4.43 2.56
C LEU A 114 17.26 -5.20 3.82
N HIS A 115 17.56 -4.50 4.87
CA HIS A 115 17.73 -5.11 6.14
C HIS A 115 16.46 -4.96 6.93
N THR A 116 16.30 -5.80 7.92
CA THR A 116 15.10 -5.86 8.75
C THR A 116 14.73 -4.49 9.31
N GLY A 117 13.58 -4.00 8.95
CA GLY A 117 13.12 -2.73 9.44
C GLY A 117 13.09 -1.67 8.37
N GLN A 118 13.50 -2.02 7.19
CA GLN A 118 13.53 -1.09 6.09
C GLN A 118 12.56 -1.50 5.02
N PHE A 119 11.67 -0.60 4.68
CA PHE A 119 10.68 -0.86 3.68
C PHE A 119 10.66 0.30 2.71
N ARG A 120 10.30 0.02 1.50
CA ARG A 120 10.18 1.02 0.48
C ARG A 120 8.99 0.67 -0.40
N ALA A 121 8.16 1.63 -0.67
CA ALA A 121 7.00 1.41 -1.50
C ALA A 121 7.10 2.32 -2.69
N ARG A 122 7.06 1.75 -3.85
CA ARG A 122 7.15 2.45 -5.07
C ARG A 122 5.82 2.35 -5.78
N GLY A 123 5.22 3.47 -6.05
CA GLY A 123 3.99 3.48 -6.77
C GLY A 123 4.17 4.07 -8.14
N THR A 124 3.69 3.38 -9.13
CA THR A 124 3.81 3.82 -10.49
C THR A 124 2.46 3.63 -11.22
N VAL A 125 2.30 4.28 -12.35
CA VAL A 125 1.08 4.17 -13.13
C VAL A 125 1.31 3.18 -14.26
N ASN A 126 0.72 2.02 -14.14
CA ASN A 126 0.82 1.00 -15.15
C ASN A 126 -0.55 0.73 -15.74
N PRO A 127 -0.85 1.30 -16.92
CA PRO A 127 -2.15 1.15 -17.57
C PRO A 127 -2.33 -0.24 -18.19
N ASP A 128 -1.21 -0.90 -18.49
CA ASP A 128 -1.25 -2.18 -19.14
C ASP A 128 -1.39 -3.30 -18.18
N VAL A 129 -2.52 -3.32 -17.56
CA VAL A 129 -2.91 -4.40 -16.72
C VAL A 129 -3.99 -5.12 -17.48
N GLU A 130 -3.60 -6.17 -18.13
CA GLU A 130 -4.48 -6.93 -18.99
C GLU A 130 -5.44 -7.74 -18.17
N THR A 131 -6.60 -7.20 -18.00
CA THR A 131 -7.65 -7.79 -17.23
C THR A 131 -8.54 -8.65 -18.15
N HIS A 132 -9.32 -9.51 -17.55
CA HIS A 132 -10.25 -10.32 -18.26
C HIS A 132 -11.58 -9.59 -18.23
N MET A 1 36.78 10.37 17.99
CA MET A 1 35.58 11.17 18.13
C MET A 1 34.38 10.26 18.26
N GLY A 2 33.36 10.73 18.94
CA GLY A 2 32.17 9.99 19.12
C GLY A 2 31.09 10.84 19.74
N SER A 3 30.82 11.95 19.12
CA SER A 3 29.81 12.85 19.62
C SER A 3 28.56 12.80 18.72
N GLN A 4 27.73 11.83 18.97
CA GLN A 4 26.50 11.62 18.23
C GLN A 4 25.33 11.95 19.13
N LYS A 5 24.74 13.11 18.92
CA LYS A 5 23.63 13.51 19.76
C LYS A 5 22.52 14.08 18.94
N ARG A 6 21.32 13.86 19.38
CA ARG A 6 20.14 14.42 18.78
C ARG A 6 19.43 15.13 19.88
N LEU A 7 19.64 16.42 19.97
CA LEU A 7 19.08 17.19 21.05
C LEU A 7 17.59 17.41 20.87
N VAL A 8 16.83 16.58 21.53
CA VAL A 8 15.41 16.69 21.55
C VAL A 8 15.03 17.34 22.88
N GLN A 9 14.26 18.40 22.83
CA GLN A 9 13.93 19.13 24.04
C GLN A 9 12.64 18.65 24.65
N ARG A 10 12.01 17.72 23.97
CA ARG A 10 10.81 17.11 24.48
C ARG A 10 11.22 15.83 25.16
N VAL A 11 10.65 15.54 26.28
CA VAL A 11 10.88 14.27 26.89
C VAL A 11 9.95 13.27 26.22
N GLU A 12 10.47 12.67 25.15
CA GLU A 12 9.75 11.74 24.32
C GLU A 12 9.10 10.64 25.13
N ARG A 13 7.78 10.70 25.17
CA ARG A 13 6.95 9.74 25.86
C ARG A 13 7.24 8.33 25.37
N LYS A 14 7.68 7.50 26.26
CA LYS A 14 7.98 6.16 25.90
C LYS A 14 6.74 5.33 26.05
N LEU A 15 6.22 4.93 24.93
CA LEU A 15 5.05 4.10 24.91
C LEU A 15 5.42 2.72 25.35
N GLU A 16 4.77 2.27 26.41
CA GLU A 16 4.96 0.94 26.89
C GLU A 16 4.33 0.01 25.86
N GLN A 17 5.18 -0.58 25.06
CA GLN A 17 4.76 -1.45 24.00
C GLN A 17 4.14 -2.71 24.54
N THR A 18 3.47 -3.45 23.69
CA THR A 18 2.80 -4.67 24.04
C THR A 18 3.80 -5.65 24.67
N VAL A 19 3.67 -5.82 25.96
CA VAL A 19 4.51 -6.72 26.71
C VAL A 19 4.12 -8.15 26.39
N GLY A 20 4.96 -8.80 25.62
CA GLY A 20 4.69 -10.15 25.20
C GLY A 20 4.19 -10.15 23.77
N ASP A 21 4.87 -9.41 22.93
CA ASP A 21 4.54 -9.29 21.54
C ASP A 21 5.80 -9.40 20.76
N ALA A 22 5.84 -10.37 19.89
CA ALA A 22 7.02 -10.68 19.10
C ALA A 22 7.45 -9.54 18.20
N PHE A 23 6.49 -8.88 17.63
CA PHE A 23 6.76 -7.81 16.70
C PHE A 23 7.42 -6.64 17.42
N ALA A 24 6.91 -6.34 18.60
CA ALA A 24 7.44 -5.29 19.45
C ALA A 24 8.88 -5.59 19.87
N ARG A 25 9.19 -6.87 20.00
CA ARG A 25 10.55 -7.29 20.35
C ARG A 25 11.47 -7.08 19.15
N ILE A 26 11.01 -7.52 18.00
CA ILE A 26 11.77 -7.48 16.76
C ILE A 26 12.05 -6.04 16.30
N PHE A 27 11.00 -5.24 16.19
CA PHE A 27 11.18 -3.89 15.68
C PHE A 27 11.76 -2.97 16.73
N GLY A 28 11.48 -3.25 18.00
CA GLY A 28 11.94 -2.37 19.09
C GLY A 28 11.02 -1.16 19.25
N GLY A 29 10.21 -0.96 18.25
CA GLY A 29 9.26 0.11 18.21
C GLY A 29 8.15 -0.30 17.28
N SER A 30 7.08 -0.75 17.88
CA SER A 30 5.88 -1.24 17.20
C SER A 30 5.43 -0.38 16.02
N ILE A 31 5.29 -1.04 14.89
CA ILE A 31 4.86 -0.43 13.67
C ILE A 31 3.70 -1.25 13.12
N VAL A 32 2.63 -0.60 12.78
CA VAL A 32 1.44 -1.26 12.30
C VAL A 32 1.22 -0.95 10.83
N PRO A 33 0.50 -1.84 10.09
CA PRO A 33 0.18 -1.68 8.66
C PRO A 33 -0.49 -0.33 8.33
N GLN A 34 -1.04 0.33 9.34
CA GLN A 34 -1.66 1.63 9.19
C GLN A 34 -0.63 2.69 8.79
N GLU A 35 0.62 2.54 9.23
CA GLU A 35 1.68 3.49 8.85
C GLU A 35 1.97 3.30 7.36
N VAL A 36 1.87 2.06 6.92
CA VAL A 36 2.10 1.70 5.56
C VAL A 36 1.01 2.28 4.67
N GLU A 37 -0.26 2.12 5.07
CA GLU A 37 -1.36 2.65 4.27
C GLU A 37 -1.34 4.17 4.25
N ALA A 38 -0.91 4.77 5.37
CA ALA A 38 -0.74 6.21 5.46
C ALA A 38 0.23 6.68 4.39
N LEU A 39 1.36 5.98 4.30
CA LEU A 39 2.37 6.28 3.31
C LEU A 39 1.88 6.02 1.90
N LEU A 40 1.02 5.02 1.74
CA LEU A 40 0.46 4.71 0.44
C LEU A 40 -0.51 5.78 -0.02
N ARG A 41 -1.29 6.32 0.91
CA ARG A 41 -2.22 7.42 0.60
C ARG A 41 -1.40 8.62 0.14
N ARG A 42 -0.32 8.87 0.86
CA ARG A 42 0.62 9.93 0.55
C ARG A 42 1.35 9.67 -0.79
N GLU A 43 1.74 8.42 -1.02
CA GLU A 43 2.41 8.00 -2.27
C GLU A 43 1.50 8.26 -3.47
N ALA A 44 0.25 7.87 -3.33
CA ALA A 44 -0.76 8.08 -4.34
C ALA A 44 -0.92 9.57 -4.65
N ALA A 45 -1.01 10.36 -3.59
CA ALA A 45 -1.21 11.80 -3.70
C ALA A 45 0.02 12.51 -4.26
N ASP A 46 1.17 11.98 -3.96
CA ASP A 46 2.41 12.60 -4.41
C ASP A 46 2.71 12.23 -5.85
N GLY A 47 2.38 11.01 -6.22
CA GLY A 47 2.65 10.52 -7.54
C GLY A 47 1.57 10.87 -8.56
N ILE A 48 0.69 11.80 -8.19
CA ILE A 48 -0.37 12.28 -9.04
C ILE A 48 0.15 12.81 -10.38
N GLN A 49 -0.53 12.45 -11.43
CA GLN A 49 -0.15 12.80 -12.74
C GLN A 49 -1.28 13.62 -13.32
N SER A 50 -0.93 14.72 -13.92
CA SER A 50 -1.87 15.61 -14.50
C SER A 50 -2.55 14.94 -15.68
N LEU A 51 -3.82 15.11 -15.71
CA LEU A 51 -4.71 14.56 -16.69
C LEU A 51 -5.83 15.59 -16.74
N GLN A 52 -6.98 15.27 -17.34
CA GLN A 52 -8.14 16.16 -17.27
C GLN A 52 -8.46 16.49 -15.81
N GLY A 53 -8.94 17.69 -15.55
CA GLY A 53 -9.23 18.13 -14.20
C GLY A 53 -10.35 17.36 -13.54
N ASN A 54 -11.08 16.60 -14.36
CA ASN A 54 -12.18 15.78 -13.90
C ASN A 54 -11.66 14.74 -12.92
N ARG A 55 -10.48 14.20 -13.24
CA ARG A 55 -9.83 13.22 -12.42
C ARG A 55 -8.40 13.01 -12.87
N LEU A 56 -7.52 13.01 -11.91
CA LEU A 56 -6.07 12.95 -12.12
C LEU A 56 -5.64 11.52 -12.11
N LEU A 57 -4.57 11.25 -12.80
CA LEU A 57 -4.11 9.92 -12.95
C LEU A 57 -3.17 9.61 -11.79
N ALA A 58 -3.50 8.60 -11.05
CA ALA A 58 -2.73 8.20 -9.90
C ALA A 58 -1.95 6.93 -10.24
N PRO A 59 -0.87 6.61 -9.48
CA PRO A 59 -0.13 5.37 -9.68
C PRO A 59 -1.03 4.14 -9.50
N ASN A 60 -0.71 3.07 -10.17
CA ASN A 60 -1.54 1.87 -10.08
C ASN A 60 -0.76 0.67 -9.63
N GLU A 61 0.53 0.66 -9.91
CA GLU A 61 1.36 -0.43 -9.51
C GLU A 61 2.21 0.02 -8.34
N TYR A 62 1.94 -0.53 -7.20
CA TYR A 62 2.64 -0.16 -5.98
C TYR A 62 3.50 -1.30 -5.54
N ILE A 63 4.73 -1.02 -5.24
CA ILE A 63 5.65 -2.03 -4.81
C ILE A 63 6.20 -1.68 -3.43
N ILE A 64 5.81 -2.46 -2.46
CA ILE A 64 6.27 -2.32 -1.11
C ILE A 64 7.16 -3.50 -0.82
N THR A 65 8.43 -3.23 -0.71
CA THR A 65 9.38 -4.27 -0.48
C THR A 65 9.97 -4.10 0.90
N LEU A 66 9.91 -5.15 1.67
CA LEU A 66 10.51 -5.19 2.98
C LEU A 66 11.76 -6.02 2.91
N GLY A 67 12.66 -5.79 3.83
CA GLY A 67 13.84 -6.62 3.92
C GLY A 67 13.43 -8.02 4.26
N VAL A 68 14.15 -9.00 3.75
CA VAL A 68 13.83 -10.41 3.98
C VAL A 68 13.69 -10.75 5.48
N HIS A 69 14.57 -10.18 6.28
CA HIS A 69 14.59 -10.38 7.72
C HIS A 69 13.30 -9.85 8.36
N ASP A 70 12.74 -8.79 7.80
CA ASP A 70 11.52 -8.19 8.32
C ASP A 70 10.29 -8.88 7.77
N PHE A 71 10.28 -9.16 6.48
CA PHE A 71 9.10 -9.68 5.83
C PHE A 71 8.76 -11.09 6.32
N GLU A 72 9.77 -11.88 6.63
CA GLU A 72 9.55 -13.22 7.17
C GLU A 72 8.86 -13.15 8.52
N LYS A 73 9.15 -12.10 9.25
CA LYS A 73 8.56 -11.89 10.56
C LYS A 73 7.11 -11.48 10.41
N LEU A 74 6.81 -10.86 9.31
CA LEU A 74 5.45 -10.46 9.02
C LEU A 74 4.62 -11.70 8.70
N GLY A 75 5.24 -12.62 7.98
CA GLY A 75 4.57 -13.84 7.61
C GLY A 75 4.96 -14.27 6.23
N ALA A 76 4.49 -15.42 5.83
CA ALA A 76 4.80 -15.96 4.51
C ALA A 76 3.70 -15.60 3.51
N ASP A 77 2.71 -14.87 3.97
CA ASP A 77 1.55 -14.52 3.14
C ASP A 77 1.56 -13.08 2.65
N PRO A 78 2.06 -12.84 1.42
CA PRO A 78 2.03 -11.53 0.80
C PRO A 78 0.64 -11.17 0.25
N GLU A 79 0.01 -12.15 -0.41
CA GLU A 79 -1.26 -11.95 -1.13
C GLU A 79 -2.42 -11.55 -0.21
N LEU A 80 -2.36 -12.02 1.02
CA LEU A 80 -3.37 -11.72 2.03
C LEU A 80 -3.40 -10.20 2.33
N LYS A 81 -2.28 -9.54 2.06
CA LYS A 81 -2.16 -8.10 2.25
C LYS A 81 -2.32 -7.34 0.95
N SER A 82 -1.81 -7.91 -0.14
CA SER A 82 -1.78 -7.24 -1.40
C SER A 82 -3.18 -7.01 -1.97
N THR A 83 -4.02 -8.02 -1.92
CA THR A 83 -5.35 -7.88 -2.45
C THR A 83 -6.18 -6.89 -1.61
N GLY A 84 -6.02 -6.97 -0.29
CA GLY A 84 -6.76 -6.12 0.61
C GLY A 84 -6.41 -4.67 0.43
N PHE A 85 -5.12 -4.37 0.46
CA PHE A 85 -4.63 -3.02 0.29
C PHE A 85 -4.88 -2.48 -1.12
N ALA A 86 -4.89 -3.36 -2.13
CA ALA A 86 -5.11 -2.93 -3.51
C ALA A 86 -6.50 -2.38 -3.67
N ARG A 87 -7.46 -3.12 -3.17
CA ARG A 87 -8.85 -2.71 -3.22
C ARG A 87 -9.06 -1.49 -2.32
N ASP A 88 -8.39 -1.49 -1.20
CA ASP A 88 -8.49 -0.41 -0.20
C ASP A 88 -7.95 0.91 -0.78
N LEU A 89 -6.79 0.82 -1.41
CA LEU A 89 -6.15 1.98 -2.00
C LEU A 89 -6.89 2.44 -3.26
N ALA A 90 -7.47 1.48 -3.97
CA ALA A 90 -8.28 1.79 -5.14
C ALA A 90 -9.50 2.58 -4.71
N ASP A 91 -10.04 2.21 -3.58
CA ASP A 91 -11.19 2.88 -3.00
C ASP A 91 -10.82 4.32 -2.65
N TYR A 92 -9.63 4.47 -2.06
CA TYR A 92 -9.08 5.80 -1.74
C TYR A 92 -8.99 6.69 -2.97
N ILE A 93 -8.34 6.22 -4.03
CA ILE A 93 -8.15 7.05 -5.23
C ILE A 93 -9.50 7.42 -5.87
N GLN A 94 -10.45 6.52 -5.76
CA GLN A 94 -11.80 6.77 -6.22
C GLN A 94 -12.46 7.88 -5.39
N GLU A 95 -12.23 7.86 -4.08
CA GLU A 95 -12.77 8.87 -3.18
C GLU A 95 -12.20 10.23 -3.49
N GLN A 96 -10.92 10.25 -3.83
CA GLN A 96 -10.20 11.48 -4.12
C GLN A 96 -10.59 12.07 -5.47
N GLY A 97 -11.25 11.29 -6.27
CA GLY A 97 -11.63 11.76 -7.57
C GLY A 97 -10.50 11.61 -8.54
N TRP A 98 -9.76 10.53 -8.42
CA TRP A 98 -8.67 10.22 -9.32
C TRP A 98 -9.01 8.94 -10.09
N GLN A 99 -8.10 8.52 -10.94
CA GLN A 99 -8.25 7.27 -11.68
C GLN A 99 -6.89 6.80 -12.11
N THR A 100 -6.83 5.68 -12.76
CA THR A 100 -5.61 5.17 -13.28
C THR A 100 -5.93 4.22 -14.43
N TYR A 101 -4.91 3.76 -15.12
CA TYR A 101 -5.10 2.87 -16.24
C TYR A 101 -4.46 1.55 -15.93
N GLY A 102 -5.23 0.51 -16.01
CA GLY A 102 -4.74 -0.77 -15.68
C GLY A 102 -5.40 -1.27 -14.44
N ASP A 103 -4.70 -2.06 -13.69
CA ASP A 103 -5.21 -2.59 -12.46
C ASP A 103 -4.44 -2.01 -11.32
N VAL A 104 -5.12 -1.74 -10.25
CA VAL A 104 -4.51 -1.24 -9.05
C VAL A 104 -3.95 -2.42 -8.30
N VAL A 105 -2.67 -2.59 -8.37
CA VAL A 105 -2.03 -3.72 -7.78
C VAL A 105 -0.92 -3.26 -6.85
N VAL A 106 -1.04 -3.62 -5.63
CA VAL A 106 -0.05 -3.30 -4.65
C VAL A 106 0.65 -4.59 -4.25
N ARG A 107 1.94 -4.58 -4.32
CA ARG A 107 2.71 -5.73 -3.99
C ARG A 107 3.39 -5.54 -2.68
N PHE A 108 3.29 -6.54 -1.87
CA PHE A 108 4.01 -6.60 -0.64
C PHE A 108 4.94 -7.75 -0.78
N GLU A 109 6.19 -7.48 -0.81
CA GLU A 109 7.15 -8.49 -1.07
C GLU A 109 8.43 -8.26 -0.32
N GLN A 110 9.29 -9.22 -0.42
CA GLN A 110 10.57 -9.16 0.19
C GLN A 110 11.65 -9.27 -0.86
N SER A 111 12.82 -8.94 -0.48
CA SER A 111 13.96 -9.05 -1.32
C SER A 111 15.11 -9.45 -0.44
N SER A 112 15.97 -10.31 -0.93
CA SER A 112 17.11 -10.75 -0.18
C SER A 112 18.20 -9.68 -0.31
N ASN A 113 18.02 -8.80 -1.31
CA ASN A 113 18.92 -7.71 -1.60
C ASN A 113 18.62 -6.52 -0.70
N LEU A 114 17.59 -6.64 0.07
CA LEU A 114 17.19 -5.61 0.95
C LEU A 114 17.39 -6.11 2.39
N HIS A 115 18.02 -5.31 3.20
CA HIS A 115 18.35 -5.71 4.55
C HIS A 115 17.39 -5.11 5.56
N THR A 116 17.48 -5.52 6.79
CA THR A 116 16.57 -5.03 7.81
C THR A 116 16.83 -3.54 8.09
N GLY A 117 15.76 -2.82 8.38
CA GLY A 117 15.83 -1.38 8.58
C GLY A 117 15.55 -0.66 7.28
N GLN A 118 15.42 -1.45 6.24
CA GLN A 118 15.20 -0.97 4.90
C GLN A 118 13.88 -1.50 4.39
N PHE A 119 13.11 -0.63 3.81
CA PHE A 119 11.85 -0.98 3.23
C PHE A 119 11.50 0.11 2.27
N ARG A 120 10.67 -0.18 1.31
CA ARG A 120 10.28 0.82 0.36
C ARG A 120 8.79 0.74 0.14
N ALA A 121 8.22 1.83 -0.24
CA ALA A 121 6.88 1.90 -0.69
C ALA A 121 6.89 2.88 -1.83
N ARG A 122 6.53 2.43 -3.00
CA ARG A 122 6.62 3.28 -4.17
C ARG A 122 5.52 2.87 -5.13
N GLY A 123 4.88 3.83 -5.72
CA GLY A 123 3.87 3.56 -6.68
C GLY A 123 4.26 4.15 -8.01
N THR A 124 3.95 3.46 -9.05
CA THR A 124 4.27 3.92 -10.36
C THR A 124 3.06 3.69 -11.29
N VAL A 125 3.00 4.45 -12.34
CA VAL A 125 1.94 4.30 -13.32
C VAL A 125 2.40 3.30 -14.36
N ASN A 126 1.78 2.16 -14.36
CA ASN A 126 2.08 1.13 -15.32
C ASN A 126 0.76 0.64 -15.89
N PRO A 127 0.32 1.24 -17.00
CA PRO A 127 -0.93 0.85 -17.63
C PRO A 127 -0.82 -0.50 -18.30
N ASP A 128 0.41 -0.96 -18.50
CA ASP A 128 0.64 -2.25 -19.11
C ASP A 128 0.59 -3.35 -18.11
N VAL A 129 -0.57 -3.51 -17.58
CA VAL A 129 -0.91 -4.54 -16.68
C VAL A 129 -2.26 -5.05 -17.12
N GLU A 130 -2.37 -6.32 -17.32
CA GLU A 130 -3.59 -6.93 -17.78
C GLU A 130 -4.66 -6.85 -16.69
N THR A 131 -5.73 -6.16 -17.00
CA THR A 131 -6.74 -5.88 -16.03
C THR A 131 -8.11 -6.40 -16.47
N HIS A 132 -8.35 -7.61 -16.11
CA HIS A 132 -9.60 -8.28 -16.37
C HIS A 132 -9.57 -9.57 -15.58
N MET A 1 13.37 20.02 -16.13
CA MET A 1 12.83 18.97 -15.25
C MET A 1 13.93 18.36 -14.43
N GLY A 2 13.55 17.55 -13.47
CA GLY A 2 14.47 16.91 -12.61
C GLY A 2 13.75 16.44 -11.38
N SER A 3 14.18 15.38 -10.81
CA SER A 3 13.54 14.88 -9.63
C SER A 3 14.10 15.57 -8.39
N GLN A 4 13.47 16.67 -8.04
CA GLN A 4 13.88 17.48 -6.91
C GLN A 4 12.95 17.23 -5.75
N LYS A 5 13.52 16.84 -4.64
CA LYS A 5 12.79 16.64 -3.40
C LYS A 5 13.81 16.40 -2.35
N ARG A 6 13.45 16.61 -1.12
CA ARG A 6 14.35 16.33 -0.06
C ARG A 6 13.95 15.02 0.54
N LEU A 7 14.76 14.02 0.34
CA LEU A 7 14.49 12.76 0.96
C LEU A 7 15.04 12.89 2.37
N VAL A 8 14.20 13.38 3.23
CA VAL A 8 14.59 13.68 4.56
C VAL A 8 14.32 12.48 5.46
N GLN A 9 15.31 12.10 6.21
CA GLN A 9 15.23 10.92 7.04
C GLN A 9 15.19 11.26 8.53
N ARG A 10 14.73 12.45 8.87
CA ARG A 10 14.55 12.75 10.27
C ARG A 10 13.21 12.23 10.77
N VAL A 11 13.27 11.15 11.50
CA VAL A 11 12.07 10.53 12.00
C VAL A 11 11.61 11.25 13.27
N GLU A 12 10.35 11.64 13.28
CA GLU A 12 9.79 12.33 14.41
C GLU A 12 9.40 11.30 15.46
N ARG A 13 9.45 11.71 16.69
CA ARG A 13 9.13 10.84 17.78
C ARG A 13 8.10 11.47 18.67
N LYS A 14 7.31 10.65 19.30
CA LYS A 14 6.27 11.09 20.15
C LYS A 14 5.83 9.89 20.94
N LEU A 15 5.30 10.08 22.12
CA LEU A 15 4.70 8.97 22.84
C LEU A 15 3.30 8.80 22.30
N GLU A 16 3.23 8.25 21.11
CA GLU A 16 2.03 8.10 20.37
C GLU A 16 1.59 6.65 20.42
N GLN A 17 0.35 6.41 20.09
CA GLN A 17 -0.22 5.09 20.09
C GLN A 17 0.18 4.31 18.85
N THR A 18 0.33 3.04 18.98
CA THR A 18 0.68 2.18 17.90
C THR A 18 -0.52 1.90 17.01
N VAL A 19 -0.54 2.52 15.85
CA VAL A 19 -1.60 2.33 14.91
C VAL A 19 -1.26 1.10 14.09
N GLY A 20 -2.14 0.14 14.08
CA GLY A 20 -1.85 -1.12 13.47
C GLY A 20 -1.10 -1.97 14.47
N ASP A 21 -1.49 -1.81 15.74
CA ASP A 21 -0.85 -2.48 16.89
C ASP A 21 -0.79 -3.97 16.71
N ALA A 22 -1.83 -4.52 16.13
CA ALA A 22 -1.93 -5.94 15.86
C ALA A 22 -0.81 -6.39 14.94
N PHE A 23 -0.59 -5.62 13.91
CA PHE A 23 0.46 -5.89 12.97
C PHE A 23 1.81 -5.76 13.63
N ALA A 24 1.97 -4.74 14.46
CA ALA A 24 3.23 -4.49 15.18
C ALA A 24 3.66 -5.70 16.00
N ARG A 25 2.72 -6.26 16.75
CA ARG A 25 2.98 -7.42 17.57
C ARG A 25 3.10 -8.71 16.76
N ILE A 26 2.46 -8.76 15.61
CA ILE A 26 2.61 -9.88 14.69
C ILE A 26 4.02 -9.83 14.06
N PHE A 27 4.48 -8.62 13.76
CA PHE A 27 5.81 -8.43 13.19
C PHE A 27 6.87 -8.61 14.26
N GLY A 28 6.50 -8.33 15.49
CA GLY A 28 7.38 -8.55 16.59
C GLY A 28 8.11 -7.30 17.02
N GLY A 29 9.22 -7.03 16.38
CA GLY A 29 10.04 -5.89 16.74
C GLY A 29 9.66 -4.62 16.01
N SER A 30 9.01 -4.76 14.89
CA SER A 30 8.61 -3.63 14.09
C SER A 30 7.41 -2.91 14.73
N ILE A 31 7.69 -1.74 15.27
CA ILE A 31 6.71 -0.99 16.06
C ILE A 31 5.75 -0.11 15.23
N VAL A 32 6.16 0.30 14.04
CA VAL A 32 5.30 1.17 13.24
C VAL A 32 4.92 0.52 11.90
N PRO A 33 3.74 -0.12 11.84
CA PRO A 33 3.21 -0.69 10.60
C PRO A 33 2.42 0.35 9.79
N GLN A 34 1.93 1.37 10.46
CA GLN A 34 1.09 2.42 9.86
C GLN A 34 1.85 3.27 8.86
N GLU A 35 3.17 3.23 8.93
CA GLU A 35 4.01 4.03 8.06
C GLU A 35 3.80 3.60 6.58
N VAL A 36 3.37 2.36 6.38
CA VAL A 36 3.10 1.85 5.04
C VAL A 36 1.95 2.64 4.41
N GLU A 37 0.86 2.82 5.14
CA GLU A 37 -0.29 3.57 4.61
C GLU A 37 0.10 5.01 4.34
N ALA A 38 0.75 5.61 5.30
CA ALA A 38 1.16 7.01 5.22
C ALA A 38 2.09 7.26 4.04
N LEU A 39 3.07 6.41 3.88
CA LEU A 39 4.04 6.57 2.81
C LEU A 39 3.42 6.17 1.46
N LEU A 40 2.53 5.19 1.46
CA LEU A 40 1.95 4.74 0.22
C LEU A 40 0.94 5.75 -0.32
N ARG A 41 0.18 6.41 0.57
CA ARG A 41 -0.73 7.45 0.11
C ARG A 41 0.06 8.69 -0.33
N ARG A 42 1.25 8.83 0.23
CA ARG A 42 2.16 9.89 -0.16
C ARG A 42 2.64 9.60 -1.58
N GLU A 43 2.85 8.32 -1.85
CA GLU A 43 3.30 7.85 -3.15
C GLU A 43 2.21 8.05 -4.18
N ALA A 44 0.97 7.80 -3.78
CA ALA A 44 -0.19 7.98 -4.63
C ALA A 44 -0.34 9.46 -5.00
N ALA A 45 -0.09 10.33 -4.04
CA ALA A 45 -0.20 11.77 -4.25
C ALA A 45 0.98 12.31 -5.04
N ASP A 46 2.13 11.71 -4.84
CA ASP A 46 3.35 12.12 -5.53
C ASP A 46 3.33 11.60 -6.97
N GLY A 47 2.73 10.44 -7.13
CA GLY A 47 2.65 9.77 -8.41
C GLY A 47 1.53 10.29 -9.28
N ILE A 48 0.91 11.37 -8.85
CA ILE A 48 -0.14 12.02 -9.59
C ILE A 48 0.33 12.43 -10.98
N GLN A 49 -0.50 12.17 -11.95
CA GLN A 49 -0.20 12.44 -13.29
C GLN A 49 -1.30 13.31 -13.84
N SER A 50 -0.93 14.22 -14.68
CA SER A 50 -1.83 15.15 -15.26
C SER A 50 -2.64 14.51 -16.36
N LEU A 51 -3.91 14.72 -16.30
CA LEU A 51 -4.86 14.23 -17.24
C LEU A 51 -5.97 15.28 -17.30
N GLN A 52 -7.09 14.96 -17.93
CA GLN A 52 -8.26 15.81 -18.02
C GLN A 52 -8.64 16.35 -16.64
N GLY A 53 -9.04 17.60 -16.59
CA GLY A 53 -9.30 18.32 -15.35
C GLY A 53 -10.56 17.90 -14.64
N ASN A 54 -10.99 16.70 -14.88
CA ASN A 54 -12.10 16.12 -14.17
C ASN A 54 -11.54 15.54 -12.92
N ARG A 55 -10.36 14.94 -13.07
CA ARG A 55 -9.62 14.30 -11.99
C ARG A 55 -8.26 13.85 -12.47
N LEU A 56 -7.37 13.65 -11.56
CA LEU A 56 -5.97 13.34 -11.83
C LEU A 56 -5.75 11.85 -11.94
N LEU A 57 -4.76 11.46 -12.69
CA LEU A 57 -4.50 10.10 -12.95
C LEU A 57 -3.48 9.64 -11.90
N ALA A 58 -3.85 8.66 -11.13
CA ALA A 58 -3.03 8.16 -10.07
C ALA A 58 -2.42 6.82 -10.47
N PRO A 59 -1.32 6.41 -9.84
CA PRO A 59 -0.69 5.12 -10.12
C PRO A 59 -1.59 3.94 -9.74
N ASN A 60 -1.35 2.81 -10.36
CA ASN A 60 -2.10 1.59 -10.08
C ASN A 60 -1.16 0.45 -9.70
N GLU A 61 0.08 0.58 -10.13
CA GLU A 61 1.12 -0.39 -9.90
C GLU A 61 1.87 0.03 -8.64
N TYR A 62 1.66 -0.67 -7.56
CA TYR A 62 2.31 -0.36 -6.31
C TYR A 62 3.09 -1.54 -5.80
N ILE A 63 4.38 -1.38 -5.77
CA ILE A 63 5.26 -2.40 -5.30
C ILE A 63 5.94 -1.92 -4.05
N ILE A 64 5.78 -2.66 -2.99
CA ILE A 64 6.38 -2.30 -1.73
C ILE A 64 7.39 -3.39 -1.35
N THR A 65 8.60 -3.00 -1.26
CA THR A 65 9.66 -3.90 -0.95
C THR A 65 10.08 -3.69 0.52
N LEU A 66 9.91 -4.73 1.31
CA LEU A 66 10.28 -4.71 2.71
C LEU A 66 11.42 -5.66 2.96
N GLY A 67 11.91 -5.66 4.17
CA GLY A 67 13.00 -6.52 4.52
C GLY A 67 12.54 -7.93 4.67
N VAL A 68 13.39 -8.86 4.29
CA VAL A 68 13.09 -10.27 4.36
C VAL A 68 12.92 -10.71 5.82
N HIS A 69 13.55 -9.93 6.72
CA HIS A 69 13.44 -10.12 8.16
C HIS A 69 11.98 -10.10 8.59
N ASP A 70 11.26 -9.08 8.20
CA ASP A 70 9.87 -8.98 8.55
C ASP A 70 8.94 -9.67 7.60
N PHE A 71 9.42 -9.92 6.40
CA PHE A 71 8.64 -10.61 5.40
C PHE A 71 8.29 -12.03 5.89
N GLU A 72 9.17 -12.65 6.64
CA GLU A 72 8.89 -13.98 7.17
C GLU A 72 7.75 -13.96 8.17
N LYS A 73 7.57 -12.81 8.79
CA LYS A 73 6.45 -12.56 9.71
C LYS A 73 5.17 -12.47 8.89
N LEU A 74 5.28 -11.95 7.68
CA LEU A 74 4.13 -11.86 6.77
C LEU A 74 3.78 -13.28 6.31
N GLY A 75 4.80 -14.07 6.11
CA GLY A 75 4.63 -15.42 5.70
C GLY A 75 5.32 -15.68 4.39
N ALA A 76 4.88 -16.69 3.71
CA ALA A 76 5.43 -17.03 2.42
C ALA A 76 4.64 -16.36 1.31
N ASP A 77 3.38 -16.07 1.59
CA ASP A 77 2.50 -15.42 0.64
C ASP A 77 2.22 -13.99 1.04
N PRO A 78 2.76 -13.03 0.30
CA PRO A 78 2.38 -11.64 0.48
C PRO A 78 1.00 -11.30 -0.17
N GLU A 79 0.79 -11.89 -1.36
CA GLU A 79 -0.24 -11.49 -2.31
C GLU A 79 -1.70 -11.52 -1.79
N LEU A 80 -2.07 -12.52 -1.00
CA LEU A 80 -3.43 -12.60 -0.47
C LEU A 80 -3.74 -11.38 0.39
N LYS A 81 -2.74 -10.94 1.14
CA LYS A 81 -2.92 -9.80 2.03
C LYS A 81 -2.67 -8.51 1.27
N SER A 82 -1.89 -8.61 0.22
CA SER A 82 -1.64 -7.48 -0.66
C SER A 82 -2.95 -7.08 -1.35
N THR A 83 -3.79 -8.07 -1.63
CA THR A 83 -5.09 -7.84 -2.25
C THR A 83 -5.96 -6.98 -1.31
N GLY A 84 -5.96 -7.33 -0.03
CA GLY A 84 -6.74 -6.59 0.95
C GLY A 84 -6.26 -5.16 1.09
N PHE A 85 -4.95 -4.98 1.05
CA PHE A 85 -4.36 -3.68 1.17
C PHE A 85 -4.64 -2.87 -0.11
N ALA A 86 -4.68 -3.56 -1.24
CA ALA A 86 -4.98 -2.94 -2.54
C ALA A 86 -6.40 -2.41 -2.56
N ARG A 87 -7.33 -3.19 -2.02
CA ARG A 87 -8.74 -2.79 -1.92
C ARG A 87 -8.87 -1.52 -1.08
N ASP A 88 -8.13 -1.46 0.00
CA ASP A 88 -8.17 -0.29 0.87
C ASP A 88 -7.50 0.91 0.19
N LEU A 89 -6.44 0.66 -0.56
CA LEU A 89 -5.78 1.73 -1.32
C LEU A 89 -6.70 2.21 -2.44
N ALA A 90 -7.48 1.30 -3.01
CA ALA A 90 -8.47 1.63 -4.02
C ALA A 90 -9.52 2.54 -3.40
N ASP A 91 -9.82 2.30 -2.13
CA ASP A 91 -10.74 3.15 -1.38
C ASP A 91 -10.15 4.52 -1.22
N TYR A 92 -8.88 4.58 -0.84
CA TYR A 92 -8.15 5.83 -0.73
C TYR A 92 -8.21 6.65 -1.99
N ILE A 93 -7.89 6.04 -3.12
CA ILE A 93 -7.88 6.79 -4.36
C ILE A 93 -9.29 7.25 -4.76
N GLN A 94 -10.31 6.45 -4.43
CA GLN A 94 -11.72 6.84 -4.65
C GLN A 94 -12.05 8.05 -3.80
N GLU A 95 -11.59 8.02 -2.56
CA GLU A 95 -11.78 9.10 -1.62
C GLU A 95 -11.04 10.37 -2.03
N GLN A 96 -9.92 10.21 -2.68
CA GLN A 96 -9.17 11.34 -3.19
C GLN A 96 -9.71 11.78 -4.56
N GLY A 97 -10.52 10.91 -5.15
CA GLY A 97 -11.18 11.19 -6.39
C GLY A 97 -10.25 11.10 -7.58
N TRP A 98 -9.31 10.20 -7.54
CA TRP A 98 -8.39 10.03 -8.65
C TRP A 98 -8.85 8.87 -9.55
N GLN A 99 -8.25 8.75 -10.71
CA GLN A 99 -8.59 7.69 -11.64
C GLN A 99 -7.31 7.02 -12.11
N THR A 100 -7.43 5.88 -12.77
CA THR A 100 -6.27 5.16 -13.25
C THR A 100 -6.71 4.16 -14.34
N TYR A 101 -5.78 3.45 -14.92
CA TYR A 101 -6.09 2.48 -15.96
C TYR A 101 -5.66 1.11 -15.53
N GLY A 102 -6.60 0.22 -15.48
CA GLY A 102 -6.34 -1.10 -15.00
C GLY A 102 -6.98 -1.27 -13.66
N ASP A 103 -6.51 -2.20 -12.90
CA ASP A 103 -6.99 -2.40 -11.56
C ASP A 103 -5.85 -2.16 -10.60
N VAL A 104 -6.15 -1.72 -9.40
CA VAL A 104 -5.12 -1.40 -8.43
C VAL A 104 -4.41 -2.68 -7.96
N VAL A 105 -3.12 -2.71 -8.15
CA VAL A 105 -2.34 -3.84 -7.75
C VAL A 105 -1.28 -3.40 -6.77
N VAL A 106 -1.34 -3.97 -5.61
CA VAL A 106 -0.38 -3.72 -4.58
C VAL A 106 0.27 -5.04 -4.27
N ARG A 107 1.56 -5.08 -4.36
CA ARG A 107 2.32 -6.28 -4.08
C ARG A 107 3.49 -5.97 -3.19
N PHE A 108 3.68 -6.80 -2.21
CA PHE A 108 4.79 -6.69 -1.32
C PHE A 108 5.82 -7.74 -1.68
N GLU A 109 7.06 -7.38 -1.60
CA GLU A 109 8.13 -8.31 -1.85
C GLU A 109 9.24 -8.11 -0.86
N GLN A 110 10.09 -9.11 -0.76
CA GLN A 110 11.15 -9.11 0.20
C GLN A 110 12.46 -8.73 -0.44
N SER A 111 13.27 -8.14 0.35
CA SER A 111 14.60 -7.79 -0.02
C SER A 111 15.52 -8.30 1.07
N SER A 112 16.53 -9.02 0.68
CA SER A 112 17.51 -9.48 1.62
C SER A 112 18.50 -8.36 1.92
N ASN A 113 18.66 -7.47 0.94
CA ASN A 113 19.56 -6.33 1.01
C ASN A 113 19.04 -5.31 2.00
N LEU A 114 17.77 -5.04 1.90
CA LEU A 114 17.11 -4.05 2.70
C LEU A 114 16.69 -4.64 4.04
N HIS A 115 16.83 -3.86 5.10
CA HIS A 115 16.46 -4.32 6.43
C HIS A 115 15.39 -3.40 6.98
N THR A 116 14.64 -3.91 7.92
CA THR A 116 13.57 -3.23 8.58
C THR A 116 14.07 -1.93 9.20
N GLY A 117 13.50 -0.85 8.75
CA GLY A 117 13.92 0.46 9.13
C GLY A 117 14.06 1.24 7.87
N GLN A 118 14.33 0.50 6.84
CA GLN A 118 14.35 0.97 5.51
C GLN A 118 13.23 0.22 4.81
N PHE A 119 12.58 0.82 3.87
CA PHE A 119 11.56 0.16 3.09
C PHE A 119 11.42 0.92 1.81
N ARG A 120 10.91 0.29 0.80
CA ARG A 120 10.75 0.93 -0.48
C ARG A 120 9.36 0.74 -0.99
N ALA A 121 8.83 1.76 -1.56
CA ALA A 121 7.53 1.72 -2.16
C ALA A 121 7.59 2.50 -3.43
N ARG A 122 7.08 1.95 -4.47
CA ARG A 122 7.09 2.60 -5.74
C ARG A 122 5.72 2.47 -6.36
N GLY A 123 5.23 3.56 -6.89
CA GLY A 123 3.94 3.58 -7.50
C GLY A 123 4.01 4.22 -8.84
N THR A 124 3.55 3.52 -9.84
CA THR A 124 3.61 4.02 -11.18
C THR A 124 2.34 3.62 -11.94
N VAL A 125 2.18 4.12 -13.14
CA VAL A 125 1.02 3.82 -13.96
C VAL A 125 1.39 2.73 -14.94
N ASN A 126 0.81 1.58 -14.73
CA ASN A 126 1.04 0.44 -15.58
C ASN A 126 -0.29 -0.11 -16.07
N PRO A 127 -0.74 0.30 -17.25
CA PRO A 127 -2.01 -0.17 -17.81
C PRO A 127 -1.87 -1.60 -18.35
N ASP A 128 -0.63 -2.00 -18.59
CA ASP A 128 -0.29 -3.30 -19.18
C ASP A 128 -0.18 -4.35 -18.11
N VAL A 129 -0.79 -4.08 -17.00
CA VAL A 129 -0.79 -4.94 -15.87
C VAL A 129 -1.61 -6.20 -16.15
N GLU A 130 -0.92 -7.27 -16.30
CA GLU A 130 -1.53 -8.54 -16.52
C GLU A 130 -2.06 -9.08 -15.20
N THR A 131 -3.17 -9.74 -15.24
CA THR A 131 -3.81 -10.17 -14.04
C THR A 131 -4.09 -11.65 -14.07
N HIS A 132 -4.08 -12.27 -12.93
CA HIS A 132 -4.47 -13.64 -12.81
C HIS A 132 -5.78 -13.64 -12.04
N MET A 1 -50.94 5.73 30.62
CA MET A 1 -50.08 5.61 29.45
C MET A 1 -48.73 6.16 29.79
N GLY A 2 -47.76 5.82 28.97
CA GLY A 2 -46.42 6.30 29.15
C GLY A 2 -45.80 6.50 27.82
N SER A 3 -46.48 7.29 27.01
CA SER A 3 -46.11 7.55 25.64
C SER A 3 -44.72 8.19 25.52
N GLN A 4 -44.43 9.16 26.36
CA GLN A 4 -43.14 9.81 26.33
C GLN A 4 -42.17 9.06 27.22
N LYS A 5 -41.22 8.41 26.62
CA LYS A 5 -40.24 7.69 27.39
C LYS A 5 -38.93 8.46 27.35
N ARG A 6 -38.40 8.73 28.51
CA ARG A 6 -37.21 9.55 28.63
C ARG A 6 -35.98 8.68 28.71
N LEU A 7 -34.83 9.24 28.35
CA LEU A 7 -33.54 8.51 28.34
C LEU A 7 -33.57 7.36 27.38
N VAL A 8 -33.55 7.68 26.10
CA VAL A 8 -33.64 6.68 25.07
C VAL A 8 -32.44 6.77 24.15
N GLN A 9 -31.37 6.15 24.56
CA GLN A 9 -30.17 6.05 23.77
C GLN A 9 -29.44 4.77 24.16
N ARG A 10 -29.13 3.95 23.20
CA ARG A 10 -28.41 2.73 23.50
C ARG A 10 -26.94 2.99 23.34
N VAL A 11 -26.33 3.44 24.41
CA VAL A 11 -24.94 3.79 24.39
C VAL A 11 -24.06 2.58 24.62
N GLU A 12 -23.60 2.01 23.55
CA GLU A 12 -22.68 0.92 23.61
C GLU A 12 -21.36 1.46 23.12
N ARG A 13 -20.60 1.95 24.05
CA ARG A 13 -19.39 2.71 23.76
C ARG A 13 -18.17 1.81 23.63
N LYS A 14 -17.23 2.23 22.83
CA LYS A 14 -15.98 1.53 22.66
C LYS A 14 -14.84 2.30 23.26
N LEU A 15 -14.24 1.73 24.26
CA LEU A 15 -13.05 2.25 24.87
C LEU A 15 -12.01 1.17 24.75
N GLU A 16 -11.66 0.88 23.53
CA GLU A 16 -10.78 -0.20 23.23
C GLU A 16 -9.39 0.33 22.98
N GLN A 17 -8.42 -0.45 23.37
CA GLN A 17 -7.04 -0.11 23.18
C GLN A 17 -6.36 -1.18 22.37
N THR A 18 -5.92 -0.82 21.22
CA THR A 18 -5.21 -1.69 20.37
C THR A 18 -3.77 -1.21 20.27
N VAL A 19 -2.85 -2.09 20.50
CA VAL A 19 -1.45 -1.74 20.49
C VAL A 19 -0.75 -2.36 19.29
N GLY A 20 0.40 -1.84 18.99
CA GLY A 20 1.21 -2.33 17.92
C GLY A 20 2.65 -2.30 18.34
N ASP A 21 2.86 -2.45 19.64
CA ASP A 21 4.19 -2.38 20.25
C ASP A 21 5.09 -3.47 19.72
N ALA A 22 4.50 -4.59 19.35
CA ALA A 22 5.25 -5.71 18.81
C ALA A 22 5.89 -5.33 17.50
N PHE A 23 5.13 -4.67 16.68
CA PHE A 23 5.60 -4.21 15.40
C PHE A 23 6.68 -3.17 15.60
N ALA A 24 6.44 -2.28 16.54
CA ALA A 24 7.39 -1.23 16.89
C ALA A 24 8.73 -1.82 17.36
N ARG A 25 8.68 -2.80 18.24
CA ARG A 25 9.89 -3.42 18.77
C ARG A 25 10.65 -4.19 17.68
N ILE A 26 9.92 -4.85 16.80
CA ILE A 26 10.53 -5.64 15.75
C ILE A 26 11.09 -4.77 14.61
N PHE A 27 10.28 -3.86 14.12
CA PHE A 27 10.64 -3.08 12.95
C PHE A 27 11.35 -1.78 13.29
N GLY A 28 11.06 -1.21 14.43
CA GLY A 28 11.68 0.03 14.81
C GLY A 28 11.04 1.23 14.14
N GLY A 29 11.23 1.32 12.83
CA GLY A 29 10.68 2.42 12.08
C GLY A 29 9.20 2.26 11.86
N SER A 30 8.79 1.09 11.43
CA SER A 30 7.41 0.80 11.20
C SER A 30 6.74 0.47 12.54
N ILE A 31 6.23 1.50 13.19
CA ILE A 31 5.56 1.35 14.47
C ILE A 31 4.08 1.00 14.28
N VAL A 32 3.52 1.42 13.17
CA VAL A 32 2.14 1.17 12.87
C VAL A 32 1.99 0.71 11.42
N PRO A 33 1.16 -0.32 11.17
CA PRO A 33 0.84 -0.81 9.81
C PRO A 33 0.39 0.34 8.87
N GLN A 34 -0.35 1.30 9.44
CA GLN A 34 -0.83 2.48 8.70
C GLN A 34 0.28 3.37 8.16
N GLU A 35 1.53 3.14 8.57
CA GLU A 35 2.65 3.92 8.07
C GLU A 35 2.84 3.60 6.57
N VAL A 36 2.52 2.36 6.20
CA VAL A 36 2.62 1.94 4.82
C VAL A 36 1.52 2.60 3.99
N GLU A 37 0.31 2.65 4.57
CA GLU A 37 -0.82 3.30 3.90
C GLU A 37 -0.52 4.78 3.69
N ALA A 38 0.06 5.39 4.73
CA ALA A 38 0.46 6.79 4.69
C ALA A 38 1.48 7.03 3.59
N LEU A 39 2.42 6.12 3.44
CA LEU A 39 3.41 6.25 2.40
C LEU A 39 2.76 6.10 1.03
N LEU A 40 1.90 5.12 0.89
CA LEU A 40 1.25 4.86 -0.40
C LEU A 40 0.34 6.00 -0.84
N ARG A 41 -0.37 6.62 0.09
CA ARG A 41 -1.21 7.77 -0.27
C ARG A 41 -0.32 8.94 -0.74
N ARG A 42 0.86 9.08 -0.11
CA ARG A 42 1.83 10.10 -0.51
C ARG A 42 2.40 9.76 -1.87
N GLU A 43 2.69 8.50 -2.05
CA GLU A 43 3.26 7.94 -3.27
C GLU A 43 2.33 8.18 -4.44
N ALA A 44 1.05 7.92 -4.20
CA ALA A 44 0.02 8.13 -5.18
C ALA A 44 -0.06 9.62 -5.55
N ALA A 45 -0.01 10.47 -4.53
CA ALA A 45 -0.07 11.92 -4.71
C ALA A 45 1.18 12.44 -5.42
N ASP A 46 2.30 11.78 -5.18
CA ASP A 46 3.58 12.17 -5.74
C ASP A 46 3.71 11.69 -7.19
N GLY A 47 2.92 10.70 -7.54
CA GLY A 47 2.94 10.16 -8.88
C GLY A 47 1.71 10.53 -9.67
N ILE A 48 1.09 11.64 -9.30
CA ILE A 48 -0.11 12.13 -9.95
C ILE A 48 0.18 12.61 -11.37
N GLN A 49 -0.67 12.23 -12.28
CA GLN A 49 -0.58 12.58 -13.66
C GLN A 49 -1.73 13.52 -13.96
N SER A 50 -1.45 14.62 -14.62
CA SER A 50 -2.48 15.57 -14.95
C SER A 50 -3.28 15.06 -16.15
N LEU A 51 -4.36 14.41 -15.84
CA LEU A 51 -5.28 13.86 -16.81
C LEU A 51 -6.48 14.81 -16.85
N GLN A 52 -7.59 14.37 -17.44
CA GLN A 52 -8.86 15.12 -17.47
C GLN A 52 -9.16 15.79 -16.13
N GLY A 53 -9.64 17.02 -16.19
CA GLY A 53 -9.82 17.88 -15.02
C GLY A 53 -10.84 17.37 -14.03
N ASN A 54 -11.52 16.30 -14.36
CA ASN A 54 -12.46 15.70 -13.45
C ASN A 54 -11.73 15.02 -12.33
N ARG A 55 -10.69 14.29 -12.65
CA ARG A 55 -9.92 13.56 -11.67
C ARG A 55 -8.58 13.13 -12.23
N LEU A 56 -7.61 13.08 -11.37
CA LEU A 56 -6.22 12.88 -11.72
C LEU A 56 -5.87 11.42 -11.72
N LEU A 57 -4.92 11.06 -12.54
CA LEU A 57 -4.47 9.71 -12.68
C LEU A 57 -3.42 9.41 -11.63
N ALA A 58 -3.65 8.37 -10.89
CA ALA A 58 -2.75 7.93 -9.85
C ALA A 58 -2.16 6.57 -10.26
N PRO A 59 -1.02 6.17 -9.65
CA PRO A 59 -0.40 4.85 -9.91
C PRO A 59 -1.35 3.68 -9.68
N ASN A 60 -1.08 2.59 -10.37
CA ASN A 60 -1.91 1.40 -10.27
C ASN A 60 -1.11 0.21 -9.77
N GLU A 61 0.14 0.15 -10.15
CA GLU A 61 0.99 -0.92 -9.74
C GLU A 61 1.99 -0.41 -8.72
N TYR A 62 1.85 -0.89 -7.51
CA TYR A 62 2.69 -0.47 -6.40
C TYR A 62 3.62 -1.59 -6.01
N ILE A 63 4.87 -1.25 -5.86
CA ILE A 63 5.88 -2.21 -5.53
C ILE A 63 6.40 -1.91 -4.14
N ILE A 64 6.22 -2.85 -3.25
CA ILE A 64 6.63 -2.71 -1.89
C ILE A 64 7.68 -3.77 -1.57
N THR A 65 8.80 -3.36 -1.09
CA THR A 65 9.88 -4.25 -0.79
C THR A 65 10.35 -4.04 0.65
N LEU A 66 10.44 -5.13 1.39
CA LEU A 66 11.02 -5.13 2.72
C LEU A 66 12.06 -6.21 2.82
N GLY A 67 12.71 -6.31 3.95
CA GLY A 67 13.69 -7.34 4.17
C GLY A 67 13.03 -8.69 4.36
N VAL A 68 13.80 -9.76 4.33
CA VAL A 68 13.24 -11.11 4.42
C VAL A 68 12.62 -11.38 5.82
N HIS A 69 13.31 -10.92 6.86
CA HIS A 69 12.86 -11.08 8.25
C HIS A 69 11.58 -10.26 8.46
N ASP A 70 11.55 -9.14 7.82
CA ASP A 70 10.43 -8.24 7.84
C ASP A 70 9.25 -8.89 7.19
N PHE A 71 9.50 -9.38 5.99
CA PHE A 71 8.51 -9.93 5.12
C PHE A 71 7.81 -11.13 5.75
N GLU A 72 8.57 -12.00 6.39
CA GLU A 72 8.01 -13.16 7.02
C GLU A 72 7.17 -12.78 8.22
N LYS A 73 7.59 -11.76 8.93
CA LYS A 73 6.85 -11.26 10.09
C LYS A 73 5.61 -10.49 9.68
N LEU A 74 5.63 -9.94 8.49
CA LEU A 74 4.48 -9.20 8.00
C LEU A 74 3.33 -10.11 7.65
N GLY A 75 3.65 -11.20 6.96
CA GLY A 75 2.60 -12.01 6.36
C GLY A 75 2.03 -11.23 5.19
N ALA A 76 2.95 -10.61 4.48
CA ALA A 76 2.71 -9.68 3.38
C ALA A 76 2.73 -10.36 2.05
N ASP A 77 2.84 -11.69 2.07
CA ASP A 77 3.06 -12.52 0.87
C ASP A 77 2.18 -12.05 -0.28
N PRO A 78 2.83 -11.73 -1.45
CA PRO A 78 2.24 -11.04 -2.59
C PRO A 78 0.81 -11.42 -2.93
N GLU A 79 0.52 -12.68 -2.99
CA GLU A 79 -0.79 -13.09 -3.47
C GLU A 79 -1.87 -12.97 -2.37
N LEU A 80 -1.45 -12.87 -1.14
CA LEU A 80 -2.37 -12.75 -0.03
C LEU A 80 -2.74 -11.28 0.17
N LYS A 81 -1.74 -10.44 0.35
CA LYS A 81 -1.98 -9.04 0.67
C LYS A 81 -2.17 -8.13 -0.55
N SER A 82 -2.00 -8.63 -1.75
CA SER A 82 -2.17 -7.76 -2.92
C SER A 82 -3.61 -7.31 -3.04
N THR A 83 -4.51 -8.25 -3.23
CA THR A 83 -5.92 -7.97 -3.38
C THR A 83 -6.47 -7.25 -2.14
N GLY A 84 -6.02 -7.68 -0.96
CA GLY A 84 -6.50 -7.12 0.28
C GLY A 84 -6.03 -5.70 0.53
N PHE A 85 -4.72 -5.49 0.50
CA PHE A 85 -4.16 -4.19 0.85
C PHE A 85 -4.36 -3.19 -0.30
N ALA A 86 -4.48 -3.69 -1.52
CA ALA A 86 -4.78 -2.82 -2.65
C ALA A 86 -6.20 -2.36 -2.56
N ARG A 87 -7.06 -3.18 -1.98
CA ARG A 87 -8.45 -2.80 -1.77
C ARG A 87 -8.48 -1.62 -0.78
N ASP A 88 -7.63 -1.71 0.25
CA ASP A 88 -7.50 -0.62 1.24
C ASP A 88 -7.06 0.66 0.54
N LEU A 89 -6.06 0.54 -0.30
CA LEU A 89 -5.51 1.66 -1.04
C LEU A 89 -6.49 2.19 -2.11
N ALA A 90 -7.20 1.30 -2.75
CA ALA A 90 -8.19 1.67 -3.77
C ALA A 90 -9.25 2.54 -3.14
N ASP A 91 -9.67 2.14 -1.97
CA ASP A 91 -10.64 2.86 -1.18
C ASP A 91 -10.11 4.26 -0.85
N TYR A 92 -8.82 4.32 -0.50
CA TYR A 92 -8.13 5.59 -0.26
C TYR A 92 -8.10 6.49 -1.48
N ILE A 93 -7.64 5.96 -2.61
CA ILE A 93 -7.51 6.77 -3.82
C ILE A 93 -8.85 7.26 -4.32
N GLN A 94 -9.91 6.46 -4.09
CA GLN A 94 -11.26 6.89 -4.43
C GLN A 94 -11.65 8.06 -3.56
N GLU A 95 -11.32 7.97 -2.27
CA GLU A 95 -11.56 9.05 -1.34
C GLU A 95 -10.83 10.31 -1.73
N GLN A 96 -9.62 10.12 -2.24
CA GLN A 96 -8.77 11.23 -2.64
C GLN A 96 -9.23 11.82 -3.98
N GLY A 97 -10.09 11.09 -4.67
CA GLY A 97 -10.64 11.54 -5.92
C GLY A 97 -9.69 11.31 -7.08
N TRP A 98 -8.94 10.24 -7.03
CA TRP A 98 -8.04 9.91 -8.10
C TRP A 98 -8.54 8.66 -8.83
N GLN A 99 -8.06 8.46 -10.03
CA GLN A 99 -8.46 7.32 -10.84
C GLN A 99 -7.23 6.63 -11.39
N THR A 100 -7.39 5.46 -11.96
CA THR A 100 -6.28 4.77 -12.55
C THR A 100 -6.79 3.77 -13.58
N TYR A 101 -5.89 3.18 -14.34
CA TYR A 101 -6.26 2.26 -15.40
C TYR A 101 -5.82 0.86 -15.09
N GLY A 102 -6.74 -0.04 -15.06
CA GLY A 102 -6.43 -1.41 -14.78
C GLY A 102 -6.93 -1.80 -13.43
N ASP A 103 -6.25 -2.71 -12.80
CA ASP A 103 -6.59 -3.12 -11.45
C ASP A 103 -5.52 -2.60 -10.52
N VAL A 104 -5.94 -2.11 -9.40
CA VAL A 104 -5.02 -1.57 -8.42
C VAL A 104 -4.33 -2.74 -7.73
N VAL A 105 -3.04 -2.83 -7.86
CA VAL A 105 -2.32 -3.93 -7.31
C VAL A 105 -1.07 -3.47 -6.55
N VAL A 106 -0.98 -3.89 -5.32
CA VAL A 106 0.17 -3.67 -4.53
C VAL A 106 0.91 -4.99 -4.44
N ARG A 107 2.14 -5.00 -4.82
CA ARG A 107 2.89 -6.21 -4.83
C ARG A 107 3.99 -6.10 -3.84
N PHE A 108 4.10 -7.09 -3.03
CA PHE A 108 5.09 -7.13 -2.00
C PHE A 108 6.18 -8.07 -2.42
N GLU A 109 7.38 -7.74 -2.07
CA GLU A 109 8.52 -8.57 -2.33
C GLU A 109 9.55 -8.39 -1.23
N GLN A 110 10.53 -9.25 -1.21
CA GLN A 110 11.55 -9.24 -0.20
C GLN A 110 12.90 -8.90 -0.79
N SER A 111 13.79 -8.54 0.07
CA SER A 111 15.14 -8.25 -0.27
C SER A 111 16.00 -8.71 0.89
N SER A 112 17.06 -9.41 0.58
CA SER A 112 18.00 -9.86 1.60
C SER A 112 18.96 -8.72 1.95
N ASN A 113 19.04 -7.75 1.05
CA ASN A 113 19.92 -6.61 1.24
C ASN A 113 19.29 -5.57 2.15
N LEU A 114 17.99 -5.48 2.07
CA LEU A 114 17.25 -4.50 2.81
C LEU A 114 17.18 -4.93 4.30
N HIS A 115 17.14 -3.94 5.19
CA HIS A 115 17.25 -4.18 6.63
C HIS A 115 15.86 -4.14 7.28
N THR A 116 15.74 -4.75 8.45
CA THR A 116 14.48 -4.79 9.16
C THR A 116 14.06 -3.41 9.66
N GLY A 117 12.90 -3.01 9.20
CA GLY A 117 12.35 -1.73 9.55
C GLY A 117 12.61 -0.72 8.48
N GLN A 118 13.37 -1.12 7.51
CA GLN A 118 13.71 -0.29 6.41
C GLN A 118 12.93 -0.80 5.21
N PHE A 119 11.91 -0.10 4.86
CA PHE A 119 11.04 -0.54 3.81
C PHE A 119 11.01 0.44 2.67
N ARG A 120 10.65 -0.04 1.50
CA ARG A 120 10.58 0.78 0.32
C ARG A 120 9.28 0.49 -0.39
N ALA A 121 8.62 1.51 -0.86
CA ALA A 121 7.38 1.33 -1.58
C ALA A 121 7.23 2.43 -2.59
N ARG A 122 7.04 2.06 -3.83
CA ARG A 122 6.83 3.03 -4.89
C ARG A 122 5.63 2.63 -5.70
N GLY A 123 5.10 3.57 -6.39
CA GLY A 123 3.96 3.37 -7.20
C GLY A 123 4.23 3.77 -8.60
N THR A 124 3.82 2.97 -9.52
CA THR A 124 4.05 3.22 -10.91
C THR A 124 2.74 3.19 -11.66
N VAL A 125 2.68 3.89 -12.76
CA VAL A 125 1.50 3.89 -13.59
C VAL A 125 1.78 3.04 -14.79
N ASN A 126 1.19 1.88 -14.84
CA ASN A 126 1.29 1.06 -16.01
C ASN A 126 0.03 1.28 -16.83
N PRO A 127 0.09 2.17 -17.83
CA PRO A 127 -1.08 2.52 -18.60
C PRO A 127 -1.39 1.52 -19.69
N ASP A 128 -0.39 0.77 -20.07
CA ASP A 128 -0.53 -0.17 -21.14
C ASP A 128 -0.72 -1.52 -20.52
N VAL A 129 -1.86 -1.67 -19.96
CA VAL A 129 -2.26 -2.85 -19.32
C VAL A 129 -3.49 -3.34 -20.04
N GLU A 130 -3.46 -4.57 -20.41
CA GLU A 130 -4.55 -5.18 -21.13
C GLU A 130 -5.79 -5.24 -20.28
N THR A 131 -6.90 -5.05 -20.90
CA THR A 131 -8.13 -5.06 -20.20
C THR A 131 -9.03 -6.13 -20.77
N HIS A 132 -10.04 -6.46 -20.07
CA HIS A 132 -10.96 -7.44 -20.50
C HIS A 132 -12.34 -6.93 -20.20
N MET A 1 -38.96 18.42 -21.33
CA MET A 1 -37.77 18.81 -20.58
C MET A 1 -38.19 19.41 -19.24
N GLY A 2 -37.29 20.09 -18.57
CA GLY A 2 -37.61 20.66 -17.28
C GLY A 2 -36.87 19.93 -16.22
N SER A 3 -35.56 20.03 -16.27
CA SER A 3 -34.72 19.31 -15.38
C SER A 3 -34.64 19.97 -14.00
N GLN A 4 -35.63 19.69 -13.17
CA GLN A 4 -35.60 20.09 -11.79
C GLN A 4 -35.25 18.83 -11.02
N LYS A 5 -33.98 18.63 -10.79
CA LYS A 5 -33.51 17.38 -10.26
C LYS A 5 -32.30 17.53 -9.36
N ARG A 6 -31.99 16.44 -8.70
CA ARG A 6 -30.84 16.22 -7.86
C ARG A 6 -31.00 14.84 -7.31
N LEU A 7 -30.00 14.31 -6.65
CA LEU A 7 -30.16 13.07 -5.97
C LEU A 7 -30.93 13.34 -4.70
N VAL A 8 -32.01 12.62 -4.51
CA VAL A 8 -32.86 12.84 -3.35
C VAL A 8 -32.27 12.18 -2.12
N GLN A 9 -31.45 11.17 -2.35
CA GLN A 9 -30.80 10.50 -1.28
C GLN A 9 -29.65 11.34 -0.77
N ARG A 10 -29.58 11.48 0.50
CA ARG A 10 -28.50 12.16 1.13
C ARG A 10 -27.47 11.09 1.40
N VAL A 11 -26.24 11.33 1.02
CA VAL A 11 -25.21 10.31 1.14
C VAL A 11 -25.00 9.89 2.59
N GLU A 12 -25.40 8.68 2.88
CA GLU A 12 -25.28 8.14 4.18
C GLU A 12 -24.42 6.91 4.14
N ARG A 13 -23.15 7.11 4.32
CA ARG A 13 -22.26 6.02 4.54
C ARG A 13 -22.09 5.93 6.03
N LYS A 14 -22.73 4.96 6.60
CA LYS A 14 -22.92 4.92 8.02
C LYS A 14 -22.11 3.86 8.69
N LEU A 15 -21.19 4.32 9.54
CA LEU A 15 -20.26 3.48 10.32
C LEU A 15 -19.31 2.74 9.41
N GLU A 16 -19.17 3.25 8.21
CA GLU A 16 -18.38 2.64 7.19
C GLU A 16 -16.99 3.23 7.17
N GLN A 17 -16.03 2.37 7.23
CA GLN A 17 -14.65 2.73 7.10
C GLN A 17 -13.91 1.52 6.62
N THR A 18 -13.45 1.59 5.43
CA THR A 18 -12.69 0.54 4.91
C THR A 18 -11.24 0.98 4.98
N VAL A 19 -10.38 0.05 5.30
CA VAL A 19 -8.95 0.25 5.48
C VAL A 19 -8.43 -1.06 6.06
N GLY A 20 -7.12 -1.24 6.13
CA GLY A 20 -6.55 -2.44 6.72
C GLY A 20 -6.63 -2.46 8.24
N ASP A 21 -7.83 -2.23 8.75
CA ASP A 21 -8.10 -2.17 10.19
C ASP A 21 -7.91 -3.54 10.78
N ALA A 22 -8.27 -4.54 10.00
CA ALA A 22 -8.10 -5.93 10.38
C ALA A 22 -6.65 -6.22 10.69
N PHE A 23 -5.79 -5.76 9.82
CA PHE A 23 -4.37 -5.95 9.96
C PHE A 23 -3.86 -5.19 11.16
N ALA A 24 -4.43 -4.02 11.41
CA ALA A 24 -4.05 -3.21 12.56
C ALA A 24 -4.41 -3.92 13.87
N ARG A 25 -5.51 -4.67 13.84
CA ARG A 25 -5.94 -5.43 15.00
C ARG A 25 -5.05 -6.66 15.19
N ILE A 26 -4.56 -7.21 14.09
CA ILE A 26 -3.67 -8.37 14.11
C ILE A 26 -2.27 -7.96 14.59
N PHE A 27 -1.68 -6.97 13.92
CA PHE A 27 -0.32 -6.54 14.21
C PHE A 27 -0.20 -5.78 15.52
N GLY A 28 -1.28 -5.11 15.91
CA GLY A 28 -1.34 -4.39 17.15
C GLY A 28 -0.37 -3.25 17.20
N GLY A 29 0.76 -3.49 17.79
CA GLY A 29 1.76 -2.48 17.94
C GLY A 29 3.13 -2.96 17.54
N SER A 30 3.21 -4.14 16.94
CA SER A 30 4.50 -4.65 16.50
C SER A 30 4.89 -3.98 15.16
N ILE A 31 4.43 -4.55 14.06
CA ILE A 31 4.68 -3.96 12.76
C ILE A 31 3.39 -3.27 12.37
N VAL A 32 3.30 -2.00 12.68
CA VAL A 32 2.07 -1.27 12.49
C VAL A 32 1.84 -0.92 11.01
N PRO A 33 0.71 -1.39 10.43
CA PRO A 33 0.40 -1.19 9.01
C PRO A 33 0.14 0.26 8.62
N GLN A 34 0.16 1.18 9.60
CA GLN A 34 -0.07 2.60 9.30
C GLN A 34 1.09 3.14 8.48
N GLU A 35 2.23 2.47 8.59
CA GLU A 35 3.41 2.87 7.87
C GLU A 35 3.19 2.60 6.39
N VAL A 36 2.60 1.43 6.11
CA VAL A 36 2.27 1.04 4.75
C VAL A 36 1.22 2.01 4.21
N GLU A 37 0.21 2.28 5.01
CA GLU A 37 -0.82 3.27 4.71
C GLU A 37 -0.22 4.61 4.34
N ALA A 38 0.66 5.11 5.20
CA ALA A 38 1.30 6.40 5.01
C ALA A 38 2.01 6.47 3.67
N LEU A 39 2.88 5.50 3.40
CA LEU A 39 3.62 5.48 2.15
C LEU A 39 2.71 5.31 0.95
N LEU A 40 1.72 4.43 1.05
CA LEU A 40 0.80 4.20 -0.06
C LEU A 40 -0.06 5.41 -0.38
N ARG A 41 -0.64 6.03 0.63
CA ARG A 41 -1.48 7.21 0.39
C ARG A 41 -0.62 8.42 -0.03
N ARG A 42 0.60 8.49 0.50
CA ARG A 42 1.56 9.53 0.14
C ARG A 42 1.99 9.37 -1.31
N GLU A 43 2.32 8.14 -1.66
CA GLU A 43 2.76 7.81 -3.01
C GLU A 43 1.64 8.09 -4.00
N ALA A 44 0.41 7.81 -3.59
CA ALA A 44 -0.75 8.06 -4.41
C ALA A 44 -0.89 9.55 -4.73
N ALA A 45 -0.64 10.38 -3.73
CA ALA A 45 -0.75 11.82 -3.88
C ALA A 45 0.47 12.41 -4.58
N ASP A 46 1.62 11.83 -4.34
CA ASP A 46 2.88 12.30 -4.93
C ASP A 46 2.98 11.86 -6.39
N GLY A 47 2.38 10.73 -6.69
CA GLY A 47 2.41 10.19 -8.03
C GLY A 47 1.27 10.72 -8.88
N ILE A 48 0.63 11.77 -8.41
CA ILE A 48 -0.43 12.42 -9.13
C ILE A 48 0.07 13.02 -10.42
N GLN A 49 -0.64 12.75 -11.47
CA GLN A 49 -0.31 13.27 -12.74
C GLN A 49 -1.43 14.09 -13.25
N SER A 50 -1.07 15.16 -13.85
CA SER A 50 -2.00 16.06 -14.41
C SER A 50 -2.55 15.47 -15.68
N LEU A 51 -3.84 15.41 -15.75
CA LEU A 51 -4.56 14.83 -16.84
C LEU A 51 -5.75 15.75 -17.06
N GLN A 52 -6.74 15.30 -17.80
CA GLN A 52 -7.97 16.07 -18.02
C GLN A 52 -8.57 16.50 -16.67
N GLY A 53 -9.16 17.67 -16.64
CA GLY A 53 -9.66 18.29 -15.41
C GLY A 53 -10.81 17.57 -14.76
N ASN A 54 -11.24 16.48 -15.37
CA ASN A 54 -12.30 15.63 -14.85
C ASN A 54 -11.83 15.02 -13.56
N ARG A 55 -10.57 14.57 -13.56
CA ARG A 55 -9.94 13.93 -12.42
C ARG A 55 -8.47 13.65 -12.69
N LEU A 56 -7.70 13.53 -11.65
CA LEU A 56 -6.25 13.38 -11.71
C LEU A 56 -5.84 11.93 -11.78
N LEU A 57 -4.72 11.68 -12.40
CA LEU A 57 -4.25 10.35 -12.61
C LEU A 57 -3.33 9.98 -11.43
N ALA A 58 -3.59 8.84 -10.82
CA ALA A 58 -2.83 8.39 -9.68
C ALA A 58 -2.18 7.02 -9.99
N PRO A 59 -1.15 6.60 -9.22
CA PRO A 59 -0.51 5.28 -9.38
C PRO A 59 -1.48 4.10 -9.11
N ASN A 60 -1.11 2.94 -9.60
CA ASN A 60 -1.95 1.74 -9.45
C ASN A 60 -1.14 0.54 -9.00
N GLU A 61 0.09 0.46 -9.42
CA GLU A 61 0.92 -0.66 -9.06
C GLU A 61 1.84 -0.23 -7.94
N TYR A 62 1.69 -0.86 -6.80
CA TYR A 62 2.49 -0.53 -5.64
C TYR A 62 3.29 -1.72 -5.22
N ILE A 63 4.57 -1.62 -5.33
CA ILE A 63 5.43 -2.70 -4.95
C ILE A 63 6.06 -2.37 -3.61
N ILE A 64 5.66 -3.09 -2.60
CA ILE A 64 6.16 -2.91 -1.28
C ILE A 64 7.19 -3.98 -0.99
N THR A 65 8.40 -3.57 -0.88
CA THR A 65 9.49 -4.45 -0.65
C THR A 65 10.03 -4.26 0.76
N LEU A 66 10.03 -5.32 1.51
CA LEU A 66 10.56 -5.33 2.87
C LEU A 66 11.86 -6.09 2.91
N GLY A 67 12.47 -6.11 4.07
CA GLY A 67 13.67 -6.86 4.25
C GLY A 67 13.31 -8.31 4.41
N VAL A 68 14.27 -9.19 4.30
CA VAL A 68 14.01 -10.62 4.41
C VAL A 68 13.40 -11.01 5.75
N HIS A 69 13.99 -10.53 6.84
CA HIS A 69 13.53 -10.86 8.18
C HIS A 69 12.11 -10.31 8.40
N ASP A 70 11.86 -9.13 7.83
CA ASP A 70 10.55 -8.49 7.97
C ASP A 70 9.52 -9.29 7.21
N PHE A 71 9.88 -9.72 6.02
CA PHE A 71 8.96 -10.42 5.19
C PHE A 71 8.71 -11.82 5.70
N GLU A 72 9.62 -12.38 6.47
CA GLU A 72 9.37 -13.65 7.10
C GLU A 72 8.18 -13.53 8.06
N LYS A 73 7.97 -12.34 8.58
CA LYS A 73 6.89 -12.06 9.48
C LYS A 73 5.62 -11.73 8.70
N LEU A 74 5.77 -11.18 7.50
CA LEU A 74 4.61 -10.76 6.69
C LEU A 74 4.19 -11.80 5.66
N GLY A 75 5.04 -12.76 5.41
CA GLY A 75 4.86 -13.65 4.29
C GLY A 75 4.12 -14.93 4.58
N ALA A 76 3.32 -14.96 5.63
CA ALA A 76 2.53 -16.14 5.90
C ALA A 76 1.36 -16.18 4.93
N ASP A 77 0.84 -15.00 4.61
CA ASP A 77 -0.23 -14.84 3.61
C ASP A 77 0.02 -13.57 2.81
N PRO A 78 0.95 -13.61 1.84
CA PRO A 78 1.28 -12.43 1.04
C PRO A 78 0.13 -11.96 0.16
N GLU A 79 -0.47 -12.89 -0.60
CA GLU A 79 -1.55 -12.55 -1.53
C GLU A 79 -2.76 -11.96 -0.79
N LEU A 80 -3.04 -12.49 0.39
CA LEU A 80 -4.13 -11.99 1.23
C LEU A 80 -3.96 -10.49 1.51
N LYS A 81 -2.81 -10.13 2.05
CA LYS A 81 -2.55 -8.74 2.39
C LYS A 81 -2.31 -7.86 1.17
N SER A 82 -1.91 -8.47 0.07
CA SER A 82 -1.75 -7.74 -1.17
C SER A 82 -3.13 -7.36 -1.71
N THR A 83 -4.08 -8.24 -1.54
CA THR A 83 -5.43 -8.00 -1.97
C THR A 83 -6.07 -6.93 -1.05
N GLY A 84 -5.80 -7.03 0.24
CA GLY A 84 -6.31 -6.08 1.23
C GLY A 84 -5.91 -4.65 0.93
N PHE A 85 -4.62 -4.41 0.80
CA PHE A 85 -4.17 -3.06 0.51
C PHE A 85 -4.53 -2.60 -0.90
N ALA A 86 -4.73 -3.54 -1.81
CA ALA A 86 -5.11 -3.18 -3.18
C ALA A 86 -6.55 -2.68 -3.23
N ARG A 87 -7.46 -3.43 -2.58
CA ARG A 87 -8.88 -3.09 -2.56
C ARG A 87 -9.09 -1.70 -1.93
N ASP A 88 -8.37 -1.47 -0.86
CA ASP A 88 -8.51 -0.25 -0.11
C ASP A 88 -7.84 0.92 -0.74
N LEU A 89 -6.71 0.68 -1.41
CA LEU A 89 -6.04 1.76 -2.14
C LEU A 89 -6.97 2.22 -3.28
N ALA A 90 -7.65 1.25 -3.90
CA ALA A 90 -8.61 1.54 -4.95
C ALA A 90 -9.77 2.39 -4.41
N ASP A 91 -10.15 2.13 -3.17
CA ASP A 91 -11.22 2.90 -2.55
C ASP A 91 -10.73 4.31 -2.22
N TYR A 92 -9.51 4.40 -1.70
CA TYR A 92 -8.86 5.69 -1.43
C TYR A 92 -8.84 6.58 -2.64
N ILE A 93 -8.42 6.05 -3.79
CA ILE A 93 -8.37 6.87 -4.99
C ILE A 93 -9.78 7.29 -5.43
N GLN A 94 -10.76 6.45 -5.17
CA GLN A 94 -12.15 6.79 -5.45
C GLN A 94 -12.61 7.92 -4.54
N GLU A 95 -12.16 7.89 -3.28
CA GLU A 95 -12.48 8.90 -2.29
C GLU A 95 -11.97 10.26 -2.73
N GLN A 96 -10.77 10.26 -3.27
CA GLN A 96 -10.12 11.49 -3.71
C GLN A 96 -10.65 11.93 -5.06
N GLY A 97 -11.34 11.04 -5.73
CA GLY A 97 -11.87 11.32 -7.04
C GLY A 97 -10.79 11.24 -8.11
N TRP A 98 -9.90 10.29 -7.98
CA TRP A 98 -8.83 10.11 -8.96
C TRP A 98 -9.11 8.94 -9.91
N GLN A 99 -8.24 8.80 -10.89
CA GLN A 99 -8.33 7.73 -11.89
C GLN A 99 -6.94 7.15 -12.12
N THR A 100 -6.86 6.08 -12.87
CA THR A 100 -5.59 5.48 -13.16
C THR A 100 -5.71 4.56 -14.38
N TYR A 101 -4.61 4.36 -15.10
CA TYR A 101 -4.58 3.43 -16.21
C TYR A 101 -3.75 2.25 -15.80
N GLY A 102 -4.35 1.09 -15.81
CA GLY A 102 -3.73 -0.10 -15.30
C GLY A 102 -4.67 -0.73 -14.31
N ASP A 103 -4.16 -1.42 -13.33
CA ASP A 103 -5.02 -2.01 -12.31
C ASP A 103 -4.38 -1.86 -10.97
N VAL A 104 -5.16 -1.51 -9.98
CA VAL A 104 -4.63 -1.24 -8.66
C VAL A 104 -4.31 -2.54 -7.96
N VAL A 105 -3.05 -2.83 -7.91
CA VAL A 105 -2.55 -4.01 -7.29
C VAL A 105 -1.28 -3.69 -6.51
N VAL A 106 -1.27 -4.06 -5.27
CA VAL A 106 -0.12 -3.86 -4.48
C VAL A 106 0.55 -5.22 -4.31
N ARG A 107 1.83 -5.22 -4.19
CA ARG A 107 2.57 -6.44 -4.09
C ARG A 107 3.46 -6.35 -2.89
N PHE A 108 3.54 -7.39 -2.15
CA PHE A 108 4.40 -7.47 -1.00
C PHE A 108 5.47 -8.50 -1.26
N GLU A 109 6.70 -8.07 -1.23
CA GLU A 109 7.82 -8.94 -1.50
C GLU A 109 9.04 -8.53 -0.68
N GLN A 110 10.10 -9.29 -0.76
CA GLN A 110 11.29 -9.03 0.03
C GLN A 110 12.50 -8.86 -0.85
N SER A 111 13.53 -8.31 -0.27
CA SER A 111 14.81 -8.22 -0.87
C SER A 111 15.86 -8.14 0.22
N SER A 112 16.74 -9.13 0.27
CA SER A 112 17.82 -9.16 1.25
C SER A 112 18.84 -8.05 1.00
N ASN A 113 18.79 -7.51 -0.22
CA ASN A 113 19.64 -6.43 -0.67
C ASN A 113 19.30 -5.16 0.10
N LEU A 114 18.05 -5.09 0.53
CA LEU A 114 17.53 -3.95 1.24
C LEU A 114 18.13 -3.90 2.66
N HIS A 115 18.42 -2.70 3.11
CA HIS A 115 19.14 -2.46 4.37
C HIS A 115 18.21 -2.69 5.56
N THR A 116 18.76 -3.19 6.62
CA THR A 116 18.00 -3.50 7.80
C THR A 116 17.50 -2.22 8.45
N GLY A 117 16.21 -2.13 8.59
CA GLY A 117 15.62 -0.95 9.14
C GLY A 117 14.92 -0.17 8.07
N GLN A 118 15.16 -0.55 6.83
CA GLN A 118 14.52 0.08 5.71
C GLN A 118 13.34 -0.74 5.24
N PHE A 119 12.58 -0.15 4.37
CA PHE A 119 11.48 -0.76 3.68
C PHE A 119 11.20 0.18 2.55
N ARG A 120 10.60 -0.27 1.50
CA ARG A 120 10.30 0.61 0.42
C ARG A 120 9.02 0.26 -0.26
N ALA A 121 8.19 1.23 -0.45
CA ALA A 121 6.95 1.06 -1.13
C ALA A 121 6.93 2.02 -2.27
N ARG A 122 6.85 1.52 -3.46
CA ARG A 122 6.88 2.35 -4.63
C ARG A 122 5.63 2.13 -5.42
N GLY A 123 4.95 3.20 -5.70
CA GLY A 123 3.75 3.13 -6.46
C GLY A 123 3.92 3.83 -7.77
N THR A 124 3.55 3.19 -8.82
CA THR A 124 3.72 3.74 -10.11
C THR A 124 2.47 3.46 -10.95
N VAL A 125 2.35 4.10 -12.06
CA VAL A 125 1.29 3.86 -12.98
C VAL A 125 1.79 2.84 -13.98
N ASN A 126 1.30 1.64 -13.86
CA ASN A 126 1.67 0.60 -14.78
C ASN A 126 0.44 0.13 -15.53
N PRO A 127 0.27 0.55 -16.78
CA PRO A 127 -0.88 0.14 -17.57
C PRO A 127 -0.74 -1.31 -18.03
N ASP A 128 0.50 -1.75 -18.11
CA ASP A 128 0.85 -3.07 -18.62
C ASP A 128 0.88 -4.12 -17.53
N VAL A 129 0.04 -3.94 -16.51
CA VAL A 129 -0.08 -4.88 -15.43
C VAL A 129 -0.66 -6.15 -15.99
N GLU A 130 0.12 -7.17 -15.90
CA GLU A 130 -0.28 -8.48 -16.32
C GLU A 130 -1.43 -8.96 -15.48
N THR A 131 -2.36 -9.57 -16.11
CA THR A 131 -3.54 -9.97 -15.45
C THR A 131 -3.84 -11.42 -15.84
N HIS A 132 -4.66 -12.06 -15.07
CA HIS A 132 -5.01 -13.44 -15.31
C HIS A 132 -6.16 -13.48 -16.28
N MET A 1 -14.50 20.11 -2.58
CA MET A 1 -15.31 21.29 -2.33
C MET A 1 -14.59 22.22 -1.36
N GLY A 2 -14.47 21.80 -0.11
CA GLY A 2 -13.79 22.57 0.87
C GLY A 2 -13.62 21.78 2.14
N SER A 3 -12.40 21.52 2.50
CA SER A 3 -12.09 20.77 3.70
C SER A 3 -12.33 21.67 4.92
N GLN A 4 -12.98 21.12 5.92
CA GLN A 4 -13.24 21.86 7.14
C GLN A 4 -11.97 21.96 7.94
N LYS A 5 -11.79 23.05 8.65
CA LYS A 5 -10.57 23.28 9.42
C LYS A 5 -10.51 22.39 10.66
N ARG A 6 -10.08 21.17 10.44
CA ARG A 6 -9.94 20.14 11.45
C ARG A 6 -8.84 19.20 11.00
N LEU A 7 -8.48 18.30 11.84
CA LEU A 7 -7.51 17.29 11.50
C LEU A 7 -7.90 16.00 12.14
N VAL A 8 -7.75 14.92 11.42
CA VAL A 8 -8.04 13.64 11.98
C VAL A 8 -6.82 13.10 12.70
N GLN A 9 -6.67 13.53 13.93
CA GLN A 9 -5.57 13.12 14.76
C GLN A 9 -5.84 11.75 15.36
N ARG A 10 -5.65 10.74 14.49
CA ARG A 10 -5.86 9.34 14.78
C ARG A 10 -7.28 9.05 15.18
N VAL A 11 -8.19 9.33 14.28
CA VAL A 11 -9.60 9.11 14.48
C VAL A 11 -10.13 8.38 13.27
N GLU A 12 -10.10 7.08 13.31
CA GLU A 12 -10.59 6.30 12.22
C GLU A 12 -12.09 6.24 12.30
N ARG A 13 -12.72 7.09 11.53
CA ARG A 13 -14.16 7.20 11.47
C ARG A 13 -14.83 5.90 11.08
N LYS A 14 -14.29 5.19 10.12
CA LYS A 14 -14.87 3.93 9.75
C LYS A 14 -14.17 2.81 10.49
N LEU A 15 -14.47 2.72 11.75
CA LEU A 15 -13.90 1.72 12.59
C LEU A 15 -15.02 0.82 13.03
N GLU A 16 -15.06 -0.33 12.45
CA GLU A 16 -16.07 -1.30 12.74
C GLU A 16 -15.46 -2.70 12.70
N GLN A 17 -16.28 -3.72 12.58
CA GLN A 17 -15.87 -5.12 12.61
C GLN A 17 -14.70 -5.43 11.65
N THR A 18 -13.60 -5.85 12.23
CA THR A 18 -12.43 -6.26 11.54
C THR A 18 -11.44 -6.71 12.61
N VAL A 19 -10.65 -7.70 12.32
CA VAL A 19 -9.73 -8.19 13.31
C VAL A 19 -8.30 -8.03 12.84
N GLY A 20 -7.61 -7.10 13.45
CA GLY A 20 -6.21 -6.89 13.17
C GLY A 20 -5.41 -7.20 14.40
N ASP A 21 -6.02 -8.01 15.26
CA ASP A 21 -5.47 -8.35 16.56
C ASP A 21 -4.19 -9.13 16.44
N ALA A 22 -4.16 -10.04 15.51
CA ALA A 22 -3.00 -10.90 15.30
C ALA A 22 -1.82 -10.08 14.82
N PHE A 23 -2.10 -9.12 13.98
CA PHE A 23 -1.08 -8.21 13.47
C PHE A 23 -0.51 -7.38 14.61
N ALA A 24 -1.39 -6.96 15.51
CA ALA A 24 -0.98 -6.20 16.68
C ALA A 24 -0.15 -7.06 17.62
N ARG A 25 -0.45 -8.34 17.68
CA ARG A 25 0.30 -9.27 18.49
C ARG A 25 1.68 -9.55 17.89
N ILE A 26 1.77 -9.43 16.57
CA ILE A 26 3.02 -9.70 15.88
C ILE A 26 3.94 -8.47 15.83
N PHE A 27 3.40 -7.34 15.39
CA PHE A 27 4.23 -6.16 15.21
C PHE A 27 4.06 -5.15 16.33
N GLY A 28 2.89 -5.14 16.93
CA GLY A 28 2.58 -4.21 17.99
C GLY A 28 2.66 -2.79 17.54
N GLY A 29 3.70 -2.16 17.93
CA GLY A 29 3.92 -0.78 17.61
C GLY A 29 5.24 -0.59 16.90
N SER A 30 5.83 -1.68 16.46
CA SER A 30 7.09 -1.63 15.73
C SER A 30 6.81 -1.07 14.34
N ILE A 31 5.65 -1.40 13.84
CA ILE A 31 5.14 -0.94 12.58
C ILE A 31 3.64 -1.23 12.59
N VAL A 32 2.85 -0.28 12.21
CA VAL A 32 1.41 -0.44 12.20
C VAL A 32 0.86 -0.27 10.79
N PRO A 33 -0.29 -0.92 10.48
CA PRO A 33 -0.95 -0.82 9.16
C PRO A 33 -1.26 0.63 8.79
N GLN A 34 -1.43 1.46 9.81
CA GLN A 34 -1.72 2.87 9.65
C GLN A 34 -0.57 3.58 8.92
N GLU A 35 0.65 3.12 9.17
CA GLU A 35 1.81 3.69 8.51
C GLU A 35 1.91 3.14 7.12
N VAL A 36 1.49 1.91 6.94
CA VAL A 36 1.52 1.26 5.65
C VAL A 36 0.59 2.00 4.68
N GLU A 37 -0.66 2.24 5.12
CA GLU A 37 -1.59 2.97 4.28
C GLU A 37 -1.13 4.40 4.09
N ALA A 38 -0.46 4.96 5.11
CA ALA A 38 0.03 6.32 5.06
C ALA A 38 0.99 6.49 3.91
N LEU A 39 1.99 5.63 3.85
CA LEU A 39 2.95 5.65 2.76
C LEU A 39 2.27 5.43 1.42
N LEU A 40 1.31 4.51 1.38
CA LEU A 40 0.60 4.21 0.15
C LEU A 40 -0.26 5.38 -0.35
N ARG A 41 -1.02 5.99 0.55
CA ARG A 41 -1.89 7.13 0.18
C ARG A 41 -1.04 8.36 -0.10
N ARG A 42 0.13 8.42 0.54
CA ARG A 42 1.11 9.45 0.24
C ARG A 42 1.67 9.24 -1.15
N GLU A 43 2.01 8.00 -1.49
CA GLU A 43 2.51 7.65 -2.82
C GLU A 43 1.46 7.91 -3.87
N ALA A 44 0.20 7.71 -3.51
CA ALA A 44 -0.90 7.98 -4.39
C ALA A 44 -0.95 9.45 -4.78
N ALA A 45 -0.80 10.32 -3.78
CA ALA A 45 -0.83 11.76 -4.01
C ALA A 45 0.48 12.26 -4.61
N ASP A 46 1.54 11.56 -4.31
CA ASP A 46 2.88 11.90 -4.77
C ASP A 46 3.05 11.55 -6.24
N GLY A 47 2.47 10.42 -6.63
CA GLY A 47 2.62 9.94 -7.99
C GLY A 47 1.57 10.46 -8.93
N ILE A 48 0.83 11.46 -8.48
CA ILE A 48 -0.21 12.10 -9.25
C ILE A 48 0.33 12.72 -10.55
N GLN A 49 -0.28 12.36 -11.65
CA GLN A 49 0.08 12.89 -12.94
C GLN A 49 -0.99 13.82 -13.42
N SER A 50 -0.57 14.82 -14.13
CA SER A 50 -1.48 15.77 -14.69
C SER A 50 -2.07 15.21 -15.98
N LEU A 51 -3.28 14.77 -15.87
CA LEU A 51 -3.98 14.16 -16.98
C LEU A 51 -5.12 15.10 -17.36
N GLN A 52 -6.08 14.61 -18.12
CA GLN A 52 -7.25 15.36 -18.54
C GLN A 52 -7.94 16.06 -17.38
N GLY A 53 -8.67 17.09 -17.72
CA GLY A 53 -9.29 17.99 -16.74
C GLY A 53 -10.49 17.38 -16.02
N ASN A 54 -10.73 16.14 -16.28
CA ASN A 54 -11.77 15.41 -15.62
C ASN A 54 -11.29 15.00 -14.23
N ARG A 55 -10.03 14.51 -14.15
CA ARG A 55 -9.39 14.08 -12.90
C ARG A 55 -7.96 13.63 -13.12
N LEU A 56 -7.24 13.52 -12.03
CA LEU A 56 -5.82 13.23 -12.01
C LEU A 56 -5.54 11.75 -11.96
N LEU A 57 -4.41 11.37 -12.50
CA LEU A 57 -4.03 9.99 -12.62
C LEU A 57 -3.15 9.64 -11.42
N ALA A 58 -3.54 8.63 -10.71
CA ALA A 58 -2.84 8.15 -9.53
C ALA A 58 -2.22 6.77 -9.81
N PRO A 59 -1.16 6.39 -9.05
CA PRO A 59 -0.50 5.08 -9.17
C PRO A 59 -1.45 3.88 -9.12
N ASN A 60 -1.04 2.81 -9.76
CA ASN A 60 -1.81 1.58 -9.79
C ASN A 60 -1.01 0.42 -9.25
N GLU A 61 0.29 0.45 -9.49
CA GLU A 61 1.17 -0.59 -9.04
C GLU A 61 1.88 -0.16 -7.76
N TYR A 62 1.40 -0.64 -6.65
CA TYR A 62 2.00 -0.31 -5.38
C TYR A 62 2.94 -1.41 -4.98
N ILE A 63 4.18 -1.06 -4.94
CA ILE A 63 5.25 -1.99 -4.68
C ILE A 63 5.80 -1.75 -3.29
N ILE A 64 5.69 -2.72 -2.44
CA ILE A 64 6.22 -2.61 -1.11
C ILE A 64 7.28 -3.69 -0.93
N THR A 65 8.48 -3.29 -1.04
CA THR A 65 9.57 -4.18 -0.97
C THR A 65 10.11 -4.21 0.46
N LEU A 66 10.15 -5.38 1.04
CA LEU A 66 10.69 -5.61 2.38
C LEU A 66 11.98 -6.40 2.32
N GLY A 67 12.73 -6.34 3.39
CA GLY A 67 13.90 -7.15 3.50
C GLY A 67 13.48 -8.55 3.85
N VAL A 68 14.37 -9.50 3.69
CA VAL A 68 14.04 -10.90 3.95
C VAL A 68 13.69 -11.12 5.43
N HIS A 69 14.42 -10.44 6.29
CA HIS A 69 14.23 -10.55 7.73
C HIS A 69 12.83 -10.05 8.13
N ASP A 70 12.38 -9.02 7.49
CA ASP A 70 11.09 -8.41 7.79
C ASP A 70 9.96 -9.15 7.13
N PHE A 71 10.18 -9.65 5.91
CA PHE A 71 9.13 -10.32 5.18
C PHE A 71 8.70 -11.60 5.88
N GLU A 72 9.64 -12.27 6.55
CA GLU A 72 9.34 -13.47 7.31
C GLU A 72 8.30 -13.20 8.39
N LYS A 73 8.28 -11.98 8.90
CA LYS A 73 7.32 -11.59 9.90
C LYS A 73 6.00 -11.22 9.26
N LEU A 74 6.05 -10.80 8.01
CA LEU A 74 4.82 -10.55 7.25
C LEU A 74 4.16 -11.87 6.92
N GLY A 75 4.97 -12.87 6.69
CA GLY A 75 4.47 -14.20 6.42
C GLY A 75 5.09 -14.76 5.19
N ALA A 76 4.52 -15.81 4.68
CA ALA A 76 5.02 -16.45 3.47
C ALA A 76 4.25 -15.94 2.26
N ASP A 77 3.33 -15.03 2.49
CA ASP A 77 2.49 -14.52 1.43
C ASP A 77 2.53 -13.00 1.41
N PRO A 78 2.65 -12.41 0.25
CA PRO A 78 2.35 -11.00 0.05
C PRO A 78 0.82 -10.81 -0.02
N GLU A 79 0.21 -11.83 -0.61
CA GLU A 79 -1.16 -11.87 -1.12
C GLU A 79 -2.27 -11.36 -0.20
N LEU A 80 -2.36 -11.86 1.04
CA LEU A 80 -3.48 -11.51 1.94
C LEU A 80 -3.58 -9.99 2.12
N LYS A 81 -2.44 -9.38 2.29
CA LYS A 81 -2.38 -7.97 2.52
C LYS A 81 -2.29 -7.18 1.22
N SER A 82 -1.92 -7.85 0.15
CA SER A 82 -1.89 -7.22 -1.15
C SER A 82 -3.31 -6.97 -1.62
N THR A 83 -4.18 -7.97 -1.46
CA THR A 83 -5.57 -7.88 -1.83
C THR A 83 -6.28 -6.82 -0.96
N GLY A 84 -5.98 -6.87 0.34
CA GLY A 84 -6.59 -5.95 1.29
C GLY A 84 -6.29 -4.51 0.98
N PHE A 85 -5.01 -4.21 0.87
CA PHE A 85 -4.60 -2.85 0.57
C PHE A 85 -5.01 -2.41 -0.82
N ALA A 86 -5.07 -3.32 -1.79
CA ALA A 86 -5.49 -2.97 -3.15
C ALA A 86 -6.90 -2.40 -3.14
N ARG A 87 -7.79 -3.11 -2.46
CA ARG A 87 -9.18 -2.68 -2.37
C ARG A 87 -9.31 -1.40 -1.55
N ASP A 88 -8.67 -1.37 -0.41
CA ASP A 88 -8.81 -0.25 0.53
C ASP A 88 -8.20 1.03 -0.02
N LEU A 89 -7.09 0.89 -0.75
CA LEU A 89 -6.40 2.04 -1.34
C LEU A 89 -7.21 2.54 -2.56
N ALA A 90 -7.82 1.61 -3.29
CA ALA A 90 -8.67 1.98 -4.43
C ALA A 90 -9.85 2.82 -3.94
N ASP A 91 -10.33 2.45 -2.77
CA ASP A 91 -11.43 3.13 -2.10
C ASP A 91 -11.01 4.55 -1.76
N TYR A 92 -9.76 4.71 -1.30
CA TYR A 92 -9.18 6.01 -1.02
C TYR A 92 -9.14 6.87 -2.26
N ILE A 93 -8.59 6.35 -3.35
CA ILE A 93 -8.42 7.17 -4.55
C ILE A 93 -9.77 7.58 -5.16
N GLN A 94 -10.79 6.73 -4.99
CA GLN A 94 -12.15 7.04 -5.45
C GLN A 94 -12.67 8.25 -4.68
N GLU A 95 -12.46 8.24 -3.37
CA GLU A 95 -12.85 9.32 -2.51
C GLU A 95 -12.07 10.61 -2.78
N GLN A 96 -10.84 10.46 -3.24
CA GLN A 96 -10.04 11.62 -3.57
C GLN A 96 -10.35 12.14 -4.96
N GLY A 97 -11.06 11.33 -5.74
CA GLY A 97 -11.49 11.74 -7.06
C GLY A 97 -10.44 11.54 -8.10
N TRP A 98 -9.56 10.60 -7.89
CA TRP A 98 -8.52 10.33 -8.86
C TRP A 98 -8.90 9.13 -9.73
N GLN A 99 -8.05 8.79 -10.68
CA GLN A 99 -8.27 7.67 -11.58
C GLN A 99 -6.95 6.98 -11.86
N THR A 100 -6.95 5.87 -12.56
CA THR A 100 -5.72 5.19 -12.87
C THR A 100 -5.90 4.31 -14.11
N TYR A 101 -4.82 3.76 -14.63
CA TYR A 101 -4.90 2.85 -15.75
C TYR A 101 -4.72 1.45 -15.23
N GLY A 102 -5.70 0.63 -15.41
CA GLY A 102 -5.55 -0.72 -15.01
C GLY A 102 -6.33 -1.00 -13.77
N ASP A 103 -5.84 -1.91 -13.02
CA ASP A 103 -6.40 -2.27 -11.75
C ASP A 103 -5.39 -1.94 -10.69
N VAL A 104 -5.87 -1.46 -9.57
CA VAL A 104 -5.01 -1.14 -8.45
C VAL A 104 -4.49 -2.43 -7.85
N VAL A 105 -3.19 -2.60 -7.88
CA VAL A 105 -2.56 -3.79 -7.39
C VAL A 105 -1.48 -3.44 -6.39
N VAL A 106 -1.43 -4.17 -5.33
CA VAL A 106 -0.44 -4.00 -4.31
C VAL A 106 0.36 -5.28 -4.25
N ARG A 107 1.64 -5.17 -4.02
CA ARG A 107 2.48 -6.33 -3.87
C ARG A 107 3.58 -6.06 -2.88
N PHE A 108 3.95 -7.09 -2.18
CA PHE A 108 5.02 -7.05 -1.22
C PHE A 108 6.05 -8.07 -1.64
N GLU A 109 7.26 -7.66 -1.81
CA GLU A 109 8.29 -8.63 -2.19
C GLU A 109 9.51 -8.49 -1.32
N GLN A 110 10.45 -9.38 -1.53
CA GLN A 110 11.68 -9.39 -0.78
C GLN A 110 12.84 -8.87 -1.59
N SER A 111 13.75 -8.28 -0.89
CA SER A 111 14.99 -7.85 -1.42
C SER A 111 16.07 -8.06 -0.37
N SER A 112 17.02 -8.89 -0.69
CA SER A 112 18.08 -9.27 0.24
C SER A 112 19.08 -8.13 0.48
N ASN A 113 19.18 -7.21 -0.47
CA ASN A 113 20.13 -6.10 -0.33
C ASN A 113 19.45 -4.94 0.39
N LEU A 114 18.21 -5.17 0.73
CA LEU A 114 17.46 -4.22 1.48
C LEU A 114 17.78 -4.39 2.95
N HIS A 115 17.80 -3.30 3.66
CA HIS A 115 18.27 -3.27 5.02
C HIS A 115 17.22 -3.82 5.97
N THR A 116 17.67 -4.39 7.05
CA THR A 116 16.80 -4.95 8.04
C THR A 116 16.02 -3.83 8.72
N GLY A 117 14.70 -3.93 8.71
CA GLY A 117 13.89 -2.91 9.32
C GLY A 117 13.68 -1.72 8.41
N GLN A 118 13.95 -1.91 7.13
CA GLN A 118 13.78 -0.87 6.18
C GLN A 118 12.87 -1.38 5.09
N PHE A 119 11.79 -0.70 4.85
CA PHE A 119 10.87 -1.10 3.82
C PHE A 119 10.83 -0.03 2.78
N ARG A 120 10.45 -0.38 1.59
CA ARG A 120 10.32 0.58 0.54
C ARG A 120 8.95 0.48 -0.04
N ALA A 121 8.34 1.59 -0.16
CA ALA A 121 7.00 1.68 -0.67
C ALA A 121 6.99 2.65 -1.83
N ARG A 122 6.62 2.18 -2.97
CA ARG A 122 6.61 3.00 -4.14
C ARG A 122 5.32 2.80 -4.91
N GLY A 123 4.66 3.86 -5.19
CA GLY A 123 3.47 3.84 -5.96
C GLY A 123 3.83 4.10 -7.38
N THR A 124 3.95 3.07 -8.13
CA THR A 124 4.36 3.16 -9.48
C THR A 124 3.15 3.26 -10.41
N VAL A 125 3.25 4.09 -11.38
CA VAL A 125 2.22 4.21 -12.38
C VAL A 125 2.63 3.41 -13.59
N ASN A 126 1.86 2.42 -13.90
CA ASN A 126 2.00 1.70 -15.14
C ASN A 126 0.89 2.19 -16.05
N PRO A 127 1.18 3.18 -16.91
CA PRO A 127 0.17 3.77 -17.76
C PRO A 127 0.04 3.04 -19.09
N ASP A 128 0.88 2.06 -19.27
CA ASP A 128 0.97 1.32 -20.52
C ASP A 128 0.05 0.12 -20.48
N VAL A 129 -1.05 0.26 -19.80
CA VAL A 129 -2.04 -0.78 -19.72
C VAL A 129 -2.79 -0.80 -21.04
N GLU A 130 -2.39 -1.69 -21.90
CA GLU A 130 -2.94 -1.78 -23.20
C GLU A 130 -4.16 -2.66 -23.20
N THR A 131 -5.27 -2.04 -23.01
CA THR A 131 -6.50 -2.72 -22.94
C THR A 131 -7.03 -3.01 -24.36
N HIS A 132 -6.65 -4.14 -24.82
CA HIS A 132 -6.99 -4.68 -26.11
C HIS A 132 -7.79 -5.93 -25.90
N MET A 1 -29.55 6.27 -21.16
CA MET A 1 -28.77 6.24 -19.94
C MET A 1 -29.73 6.42 -18.80
N GLY A 2 -29.65 5.58 -17.79
CA GLY A 2 -30.56 5.71 -16.69
C GLY A 2 -30.04 5.05 -15.46
N SER A 3 -29.20 5.73 -14.72
CA SER A 3 -28.71 5.23 -13.47
C SER A 3 -29.86 5.11 -12.48
N GLN A 4 -30.54 6.25 -12.23
CA GLN A 4 -31.81 6.34 -11.46
C GLN A 4 -31.66 6.03 -9.96
N LYS A 5 -30.93 5.01 -9.64
CA LYS A 5 -30.70 4.58 -8.29
C LYS A 5 -29.89 5.62 -7.54
N ARG A 6 -30.45 6.10 -6.46
CA ARG A 6 -29.79 7.07 -5.63
C ARG A 6 -29.35 6.39 -4.36
N LEU A 7 -28.08 6.33 -4.14
CA LEU A 7 -27.57 5.69 -2.97
C LEU A 7 -27.38 6.72 -1.88
N VAL A 8 -28.27 6.72 -0.93
CA VAL A 8 -28.17 7.61 0.19
C VAL A 8 -27.25 6.96 1.22
N GLN A 9 -26.02 7.38 1.22
CA GLN A 9 -25.02 6.79 2.09
C GLN A 9 -25.01 7.53 3.40
N ARG A 10 -25.39 6.85 4.44
CA ARG A 10 -25.37 7.44 5.74
C ARG A 10 -24.45 6.67 6.64
N VAL A 11 -23.49 7.36 7.17
CA VAL A 11 -22.54 6.76 8.04
C VAL A 11 -23.11 6.63 9.45
N GLU A 12 -23.91 5.61 9.61
CA GLU A 12 -24.52 5.29 10.88
C GLU A 12 -23.45 4.88 11.89
N ARG A 13 -22.39 4.27 11.38
CA ARG A 13 -21.23 3.92 12.17
C ARG A 13 -20.46 5.20 12.51
N LYS A 14 -20.71 5.70 13.70
CA LYS A 14 -20.12 6.94 14.13
C LYS A 14 -18.80 6.68 14.88
N LEU A 15 -18.87 6.10 16.06
CA LEU A 15 -17.64 5.80 16.80
C LEU A 15 -17.32 4.33 16.75
N GLU A 16 -16.66 3.94 15.71
CA GLU A 16 -16.26 2.57 15.54
C GLU A 16 -14.76 2.53 15.36
N GLN A 17 -14.12 1.70 16.11
CA GLN A 17 -12.68 1.61 16.07
C GLN A 17 -12.26 0.58 15.04
N THR A 18 -11.31 0.95 14.23
CA THR A 18 -10.67 0.04 13.34
C THR A 18 -9.47 -0.50 14.08
N VAL A 19 -9.65 -1.66 14.66
CA VAL A 19 -8.66 -2.21 15.54
C VAL A 19 -7.51 -2.80 14.75
N GLY A 20 -6.34 -2.24 14.96
CA GLY A 20 -5.16 -2.72 14.29
C GLY A 20 -4.33 -3.58 15.19
N ASP A 21 -5.00 -4.25 16.11
CA ASP A 21 -4.36 -5.11 17.11
C ASP A 21 -3.75 -6.33 16.45
N ALA A 22 -4.42 -6.80 15.43
CA ALA A 22 -3.94 -7.92 14.65
C ALA A 22 -2.59 -7.58 14.05
N PHE A 23 -2.51 -6.39 13.50
CA PHE A 23 -1.29 -5.89 12.89
C PHE A 23 -0.21 -5.66 13.93
N ALA A 24 -0.61 -5.38 15.15
CA ALA A 24 0.34 -5.20 16.24
C ALA A 24 1.05 -6.51 16.53
N ARG A 25 0.31 -7.60 16.44
CA ARG A 25 0.87 -8.92 16.69
C ARG A 25 1.63 -9.40 15.45
N ILE A 26 1.32 -8.81 14.30
CA ILE A 26 2.02 -9.11 13.05
C ILE A 26 3.46 -8.61 13.14
N PHE A 27 3.61 -7.31 13.41
CA PHE A 27 4.94 -6.69 13.44
C PHE A 27 5.70 -7.01 14.72
N GLY A 28 4.98 -7.21 15.81
CA GLY A 28 5.60 -7.57 17.08
C GLY A 28 6.33 -6.42 17.77
N GLY A 29 7.41 -5.96 17.18
CA GLY A 29 8.23 -4.94 17.78
C GLY A 29 7.92 -3.56 17.25
N SER A 30 8.11 -3.37 15.97
CA SER A 30 7.86 -2.09 15.36
C SER A 30 6.46 -2.09 14.74
N ILE A 31 5.47 -1.71 15.50
CA ILE A 31 4.11 -1.75 15.00
C ILE A 31 3.84 -0.53 14.15
N VAL A 32 4.13 -0.62 12.88
CA VAL A 32 3.81 0.45 11.98
C VAL A 32 3.03 -0.05 10.74
N PRO A 33 1.68 -0.13 10.87
CA PRO A 33 0.80 -0.47 9.75
C PRO A 33 0.37 0.78 8.98
N GLN A 34 -0.03 1.81 9.72
CA GLN A 34 -0.50 3.07 9.15
C GLN A 34 0.65 3.84 8.53
N GLU A 35 1.86 3.48 8.91
CA GLU A 35 3.06 4.06 8.34
C GLU A 35 3.10 3.71 6.85
N VAL A 36 2.88 2.42 6.54
CA VAL A 36 2.85 1.95 5.17
C VAL A 36 1.67 2.58 4.43
N GLU A 37 0.50 2.58 5.09
CA GLU A 37 -0.70 3.19 4.51
C GLU A 37 -0.45 4.63 4.09
N ALA A 38 0.02 5.44 5.02
CA ALA A 38 0.29 6.85 4.76
C ALA A 38 1.39 7.04 3.73
N LEU A 39 2.29 6.08 3.64
CA LEU A 39 3.39 6.14 2.68
C LEU A 39 2.81 5.98 1.27
N LEU A 40 1.94 5.00 1.10
CA LEU A 40 1.34 4.76 -0.20
C LEU A 40 0.32 5.82 -0.58
N ARG A 41 -0.36 6.41 0.42
CA ARG A 41 -1.29 7.52 0.12
C ARG A 41 -0.48 8.68 -0.44
N ARG A 42 0.69 8.90 0.17
CA ARG A 42 1.60 9.93 -0.29
C ARG A 42 2.08 9.60 -1.69
N GLU A 43 2.46 8.35 -1.92
CA GLU A 43 2.96 7.91 -3.23
C GLU A 43 1.89 8.14 -4.30
N ALA A 44 0.65 7.85 -3.94
CA ALA A 44 -0.47 8.05 -4.82
C ALA A 44 -0.63 9.54 -5.14
N ALA A 45 -0.57 10.36 -4.11
CA ALA A 45 -0.74 11.81 -4.25
C ALA A 45 0.46 12.47 -4.93
N ASP A 46 1.60 11.89 -4.74
CA ASP A 46 2.85 12.39 -5.31
C ASP A 46 2.97 11.97 -6.76
N GLY A 47 2.53 10.76 -7.05
CA GLY A 47 2.59 10.22 -8.39
C GLY A 47 1.39 10.58 -9.23
N ILE A 48 0.70 11.62 -8.83
CA ILE A 48 -0.44 12.13 -9.55
C ILE A 48 -0.01 12.72 -10.89
N GLN A 49 -0.80 12.46 -11.90
CA GLN A 49 -0.56 13.00 -13.19
C GLN A 49 -1.68 13.89 -13.57
N SER A 50 -1.35 14.93 -14.24
CA SER A 50 -2.30 15.89 -14.67
C SER A 50 -3.07 15.32 -15.86
N LEU A 51 -4.35 15.30 -15.72
CA LEU A 51 -5.25 14.77 -16.70
C LEU A 51 -6.45 15.74 -16.71
N GLN A 52 -7.57 15.35 -17.31
CA GLN A 52 -8.78 16.20 -17.31
C GLN A 52 -9.13 16.61 -15.88
N GLY A 53 -9.62 17.84 -15.73
CA GLY A 53 -9.85 18.44 -14.43
C GLY A 53 -10.85 17.69 -13.57
N ASN A 54 -11.63 16.84 -14.20
CA ASN A 54 -12.63 16.03 -13.51
C ASN A 54 -11.98 15.08 -12.52
N ARG A 55 -10.84 14.51 -12.91
CA ARG A 55 -10.14 13.55 -12.08
C ARG A 55 -8.72 13.33 -12.58
N LEU A 56 -7.80 13.29 -11.66
CA LEU A 56 -6.37 13.15 -11.90
C LEU A 56 -5.98 11.70 -11.90
N LEU A 57 -4.93 11.40 -12.65
CA LEU A 57 -4.45 10.05 -12.80
C LEU A 57 -3.50 9.69 -11.66
N ALA A 58 -3.75 8.60 -11.01
CA ALA A 58 -2.96 8.12 -9.90
C ALA A 58 -2.27 6.80 -10.27
N PRO A 59 -1.17 6.43 -9.56
CA PRO A 59 -0.48 5.16 -9.79
C PRO A 59 -1.36 3.95 -9.52
N ASN A 60 -1.05 2.87 -10.18
CA ASN A 60 -1.81 1.63 -10.03
C ASN A 60 -0.90 0.44 -9.79
N GLU A 61 0.37 0.60 -10.08
CA GLU A 61 1.30 -0.45 -9.85
C GLU A 61 2.23 -0.02 -8.74
N TYR A 62 2.18 -0.71 -7.63
CA TYR A 62 2.99 -0.37 -6.48
C TYR A 62 3.87 -1.53 -6.10
N ILE A 63 5.14 -1.29 -6.08
CA ILE A 63 6.11 -2.31 -5.72
C ILE A 63 6.64 -1.99 -4.33
N ILE A 64 6.24 -2.77 -3.35
CA ILE A 64 6.65 -2.55 -1.98
C ILE A 64 7.55 -3.68 -1.52
N THR A 65 8.81 -3.42 -1.46
CA THR A 65 9.77 -4.40 -1.09
C THR A 65 10.22 -4.17 0.35
N LEU A 66 10.00 -5.16 1.18
CA LEU A 66 10.35 -5.13 2.58
C LEU A 66 11.65 -5.85 2.84
N GLY A 67 12.20 -5.58 4.01
CA GLY A 67 13.37 -6.27 4.45
C GLY A 67 13.03 -7.72 4.77
N VAL A 68 14.04 -8.52 4.90
CA VAL A 68 13.87 -9.94 5.11
C VAL A 68 13.14 -10.28 6.43
N HIS A 69 13.57 -9.68 7.52
CA HIS A 69 12.96 -9.96 8.80
C HIS A 69 11.62 -9.25 8.92
N ASP A 70 11.48 -8.20 8.17
CA ASP A 70 10.26 -7.42 8.14
C ASP A 70 9.18 -8.23 7.46
N PHE A 71 9.55 -8.84 6.34
CA PHE A 71 8.58 -9.55 5.57
C PHE A 71 8.16 -10.84 6.25
N GLU A 72 9.06 -11.49 6.97
CA GLU A 72 8.71 -12.74 7.64
C GLU A 72 7.68 -12.49 8.73
N LYS A 73 7.73 -11.31 9.29
CA LYS A 73 6.75 -10.87 10.26
C LYS A 73 5.42 -10.67 9.59
N LEU A 74 5.46 -10.20 8.35
CA LEU A 74 4.24 -9.99 7.56
C LEU A 74 3.59 -11.32 7.21
N GLY A 75 4.42 -12.30 6.91
CA GLY A 75 3.92 -13.60 6.52
C GLY A 75 4.87 -14.29 5.58
N ALA A 76 4.43 -15.37 4.96
CA ALA A 76 5.24 -16.08 3.99
C ALA A 76 4.92 -15.62 2.58
N ASP A 77 3.65 -15.49 2.28
CA ASP A 77 3.21 -15.05 0.96
C ASP A 77 2.47 -13.72 1.06
N PRO A 78 2.85 -12.76 0.23
CA PRO A 78 2.26 -11.42 0.24
C PRO A 78 0.88 -11.34 -0.39
N GLU A 79 0.55 -12.32 -1.21
CA GLU A 79 -0.65 -12.33 -2.05
C GLU A 79 -1.98 -12.22 -1.30
N LEU A 80 -1.99 -12.61 -0.04
CA LEU A 80 -3.20 -12.47 0.78
C LEU A 80 -3.34 -11.01 1.28
N LYS A 81 -2.23 -10.34 1.44
CA LYS A 81 -2.23 -8.99 1.99
C LYS A 81 -2.28 -7.95 0.91
N SER A 82 -1.63 -8.22 -0.20
CA SER A 82 -1.59 -7.31 -1.33
C SER A 82 -2.99 -7.04 -1.86
N THR A 83 -3.78 -8.09 -1.93
CA THR A 83 -5.16 -8.01 -2.37
C THR A 83 -5.96 -7.03 -1.50
N GLY A 84 -5.82 -7.15 -0.19
CA GLY A 84 -6.54 -6.28 0.72
C GLY A 84 -6.04 -4.86 0.66
N PHE A 85 -4.71 -4.71 0.67
CA PHE A 85 -4.08 -3.40 0.67
C PHE A 85 -4.40 -2.65 -0.62
N ALA A 86 -4.41 -3.37 -1.75
CA ALA A 86 -4.76 -2.76 -3.04
C ALA A 86 -6.21 -2.32 -3.04
N ARG A 87 -7.06 -3.11 -2.43
CA ARG A 87 -8.47 -2.79 -2.35
C ARG A 87 -8.72 -1.54 -1.50
N ASP A 88 -7.96 -1.40 -0.44
CA ASP A 88 -8.04 -0.20 0.40
C ASP A 88 -7.46 1.00 -0.29
N LEU A 89 -6.39 0.78 -1.05
CA LEU A 89 -5.74 1.85 -1.81
C LEU A 89 -6.71 2.36 -2.89
N ALA A 90 -7.38 1.44 -3.58
CA ALA A 90 -8.38 1.78 -4.60
C ALA A 90 -9.53 2.55 -3.98
N ASP A 91 -9.87 2.18 -2.76
CA ASP A 91 -10.97 2.79 -2.02
C ASP A 91 -10.60 4.22 -1.68
N TYR A 92 -9.35 4.38 -1.27
CA TYR A 92 -8.76 5.66 -0.97
C TYR A 92 -8.75 6.59 -2.16
N ILE A 93 -8.14 6.15 -3.26
CA ILE A 93 -7.99 7.01 -4.45
C ILE A 93 -9.33 7.47 -4.99
N GLN A 94 -10.34 6.60 -4.96
CA GLN A 94 -11.67 6.97 -5.39
C GLN A 94 -12.25 8.04 -4.48
N GLU A 95 -11.98 7.92 -3.20
CA GLU A 95 -12.41 8.92 -2.25
C GLU A 95 -11.72 10.27 -2.43
N GLN A 96 -10.57 10.25 -3.07
CA GLN A 96 -9.84 11.50 -3.30
C GLN A 96 -10.22 12.08 -4.64
N GLY A 97 -10.94 11.30 -5.42
CA GLY A 97 -11.35 11.73 -6.73
C GLY A 97 -10.28 11.48 -7.76
N TRP A 98 -9.45 10.49 -7.53
CA TRP A 98 -8.41 10.14 -8.47
C TRP A 98 -8.76 8.84 -9.15
N GLN A 99 -8.24 8.63 -10.34
CA GLN A 99 -8.52 7.41 -11.08
C GLN A 99 -7.24 6.81 -11.57
N THR A 100 -7.34 5.67 -12.17
CA THR A 100 -6.21 5.04 -12.77
C THR A 100 -6.71 4.13 -13.88
N TYR A 101 -5.85 3.80 -14.81
CA TYR A 101 -6.25 2.97 -15.92
C TYR A 101 -5.77 1.56 -15.69
N GLY A 102 -6.69 0.65 -15.65
CA GLY A 102 -6.36 -0.70 -15.34
C GLY A 102 -6.85 -1.02 -13.96
N ASP A 103 -6.19 -1.90 -13.28
CA ASP A 103 -6.56 -2.22 -11.92
C ASP A 103 -5.36 -1.97 -11.04
N VAL A 104 -5.58 -1.67 -9.78
CA VAL A 104 -4.51 -1.40 -8.88
C VAL A 104 -3.91 -2.71 -8.34
N VAL A 105 -2.65 -2.88 -8.58
CA VAL A 105 -1.94 -4.03 -8.15
C VAL A 105 -0.74 -3.59 -7.32
N VAL A 106 -0.72 -4.03 -6.12
CA VAL A 106 0.35 -3.74 -5.25
C VAL A 106 1.09 -5.02 -4.98
N ARG A 107 2.37 -4.97 -4.96
CA ARG A 107 3.15 -6.11 -4.64
C ARG A 107 3.90 -5.86 -3.40
N PHE A 108 4.14 -6.90 -2.71
CA PHE A 108 4.98 -6.89 -1.56
C PHE A 108 5.94 -8.00 -1.77
N GLU A 109 7.19 -7.74 -1.69
CA GLU A 109 8.16 -8.78 -1.76
C GLU A 109 9.22 -8.52 -0.75
N GLN A 110 10.14 -9.45 -0.59
CA GLN A 110 11.20 -9.26 0.33
C GLN A 110 12.51 -9.35 -0.38
N SER A 111 13.45 -8.67 0.11
CA SER A 111 14.78 -8.78 -0.37
C SER A 111 15.64 -9.25 0.77
N SER A 112 16.26 -10.39 0.58
CA SER A 112 17.07 -11.06 1.60
C SER A 112 18.26 -10.19 2.04
N ASN A 113 18.71 -9.36 1.12
CA ASN A 113 19.82 -8.46 1.34
C ASN A 113 19.38 -7.18 2.04
N LEU A 114 18.11 -6.91 1.98
CA LEU A 114 17.55 -5.68 2.50
C LEU A 114 17.41 -5.78 4.02
N HIS A 115 17.81 -4.72 4.69
CA HIS A 115 17.90 -4.69 6.15
C HIS A 115 16.53 -4.49 6.79
N THR A 116 16.43 -4.89 8.04
CA THR A 116 15.23 -4.76 8.81
C THR A 116 14.97 -3.29 9.13
N GLY A 117 13.76 -2.85 8.88
CA GLY A 117 13.40 -1.47 9.10
C GLY A 117 13.65 -0.64 7.87
N GLN A 118 13.90 -1.31 6.77
CA GLN A 118 14.14 -0.66 5.52
C GLN A 118 13.19 -1.25 4.50
N PHE A 119 12.38 -0.41 3.90
CA PHE A 119 11.45 -0.87 2.90
C PHE A 119 11.37 0.15 1.81
N ARG A 120 11.01 -0.30 0.65
CA ARG A 120 10.87 0.56 -0.50
C ARG A 120 9.48 0.42 -1.05
N ALA A 121 8.90 1.50 -1.44
CA ALA A 121 7.62 1.47 -2.06
C ALA A 121 7.63 2.39 -3.24
N ARG A 122 7.41 1.86 -4.40
CA ARG A 122 7.38 2.66 -5.59
C ARG A 122 6.08 2.47 -6.32
N GLY A 123 5.37 3.55 -6.46
CA GLY A 123 4.15 3.55 -7.19
C GLY A 123 4.33 4.18 -8.53
N THR A 124 3.99 3.47 -9.54
CA THR A 124 4.11 3.96 -10.86
C THR A 124 2.77 3.79 -11.58
N VAL A 125 2.48 4.65 -12.50
CA VAL A 125 1.29 4.52 -13.28
C VAL A 125 1.61 3.65 -14.46
N ASN A 126 0.95 2.56 -14.57
CA ASN A 126 1.03 1.75 -15.74
C ASN A 126 -0.30 1.85 -16.42
N PRO A 127 -0.43 2.74 -17.42
CA PRO A 127 -1.69 2.95 -18.10
C PRO A 127 -2.01 1.78 -19.01
N ASP A 128 -0.99 1.09 -19.45
CA ASP A 128 -1.16 0.01 -20.36
C ASP A 128 -1.24 -1.30 -19.62
N VAL A 129 -2.32 -1.45 -18.95
CA VAL A 129 -2.69 -2.65 -18.33
C VAL A 129 -3.67 -3.24 -19.28
N GLU A 130 -3.44 -4.44 -19.65
CA GLU A 130 -4.30 -5.10 -20.59
C GLU A 130 -5.65 -5.37 -19.95
N THR A 131 -6.55 -4.47 -20.18
CA THR A 131 -7.85 -4.52 -19.65
C THR A 131 -8.66 -5.54 -20.44
N HIS A 132 -9.12 -6.52 -19.75
CA HIS A 132 -9.75 -7.66 -20.34
C HIS A 132 -11.00 -8.00 -19.55
N MET A 1 -7.51 -36.18 -10.69
CA MET A 1 -7.71 -36.32 -12.17
C MET A 1 -7.14 -35.12 -12.92
N GLY A 2 -6.15 -34.48 -12.34
CA GLY A 2 -5.66 -33.24 -12.89
C GLY A 2 -6.52 -32.13 -12.40
N SER A 3 -6.99 -32.31 -11.19
CA SER A 3 -7.89 -31.42 -10.54
C SER A 3 -7.18 -30.67 -9.41
N GLN A 4 -7.42 -29.38 -9.32
CA GLN A 4 -6.80 -28.54 -8.31
C GLN A 4 -7.70 -28.39 -7.10
N LYS A 5 -7.27 -27.62 -6.13
CA LYS A 5 -8.04 -27.34 -4.96
C LYS A 5 -8.91 -26.13 -5.23
N ARG A 6 -10.19 -26.33 -5.29
CA ARG A 6 -11.06 -25.21 -5.54
C ARG A 6 -11.45 -24.54 -4.27
N LEU A 7 -10.72 -23.53 -3.91
CA LEU A 7 -11.03 -22.76 -2.76
C LEU A 7 -11.97 -21.66 -3.19
N VAL A 8 -13.25 -21.89 -3.03
CA VAL A 8 -14.22 -20.95 -3.46
C VAL A 8 -15.55 -21.11 -2.71
N GLN A 9 -15.82 -20.14 -1.89
CA GLN A 9 -17.10 -20.05 -1.25
C GLN A 9 -17.73 -18.78 -1.74
N ARG A 10 -18.87 -18.88 -2.37
CA ARG A 10 -19.53 -17.71 -2.86
C ARG A 10 -20.22 -17.04 -1.72
N VAL A 11 -19.63 -16.00 -1.21
CA VAL A 11 -20.19 -15.25 -0.12
C VAL A 11 -21.34 -14.42 -0.66
N GLU A 12 -22.53 -14.95 -0.52
CA GLU A 12 -23.72 -14.35 -1.05
C GLU A 12 -24.13 -13.18 -0.17
N ARG A 13 -23.82 -13.28 1.11
CA ARG A 13 -24.02 -12.19 2.02
C ARG A 13 -22.75 -11.35 1.93
N LYS A 14 -22.65 -10.58 0.86
CA LYS A 14 -21.45 -9.86 0.52
C LYS A 14 -21.19 -8.69 1.47
N LEU A 15 -20.42 -8.97 2.47
CA LEU A 15 -20.00 -8.02 3.45
C LEU A 15 -18.49 -8.12 3.54
N GLU A 16 -17.82 -7.06 3.89
CA GLU A 16 -16.38 -7.08 3.98
C GLU A 16 -16.03 -7.53 5.39
N GLN A 17 -15.74 -8.79 5.54
CA GLN A 17 -15.48 -9.31 6.84
C GLN A 17 -14.03 -9.68 7.03
N THR A 18 -13.34 -8.84 7.72
CA THR A 18 -12.02 -9.10 8.13
C THR A 18 -11.96 -8.74 9.60
N VAL A 19 -12.21 -9.71 10.39
CA VAL A 19 -12.27 -9.55 11.81
C VAL A 19 -10.92 -9.92 12.44
N GLY A 20 -10.28 -8.94 12.98
CA GLY A 20 -9.01 -9.15 13.59
C GLY A 20 -7.93 -8.46 12.81
N ASP A 21 -7.08 -7.77 13.51
CA ASP A 21 -6.00 -7.07 12.91
C ASP A 21 -4.84 -8.00 12.86
N ALA A 22 -4.58 -8.48 11.68
CA ALA A 22 -3.51 -9.45 11.39
C ALA A 22 -2.21 -9.11 12.09
N PHE A 23 -1.70 -7.93 11.84
CA PHE A 23 -0.44 -7.50 12.40
C PHE A 23 -0.48 -7.35 13.91
N ALA A 24 -1.65 -7.03 14.45
CA ALA A 24 -1.80 -6.92 15.88
C ALA A 24 -1.67 -8.29 16.49
N ARG A 25 -2.29 -9.27 15.85
CA ARG A 25 -2.25 -10.65 16.30
C ARG A 25 -0.83 -11.24 16.17
N ILE A 26 -0.02 -10.67 15.32
CA ILE A 26 1.34 -11.12 15.15
C ILE A 26 2.23 -10.60 16.29
N PHE A 27 2.29 -9.29 16.42
CA PHE A 27 3.20 -8.66 17.36
C PHE A 27 2.66 -8.57 18.79
N GLY A 28 1.37 -8.72 18.95
CA GLY A 28 0.80 -8.67 20.29
C GLY A 28 0.17 -7.33 20.57
N GLY A 29 -0.48 -6.78 19.56
CA GLY A 29 -1.14 -5.49 19.68
C GLY A 29 -0.19 -4.37 20.03
N SER A 30 0.93 -4.35 19.36
CA SER A 30 1.94 -3.34 19.56
C SER A 30 2.90 -3.43 18.38
N ILE A 31 3.73 -2.40 18.20
CA ILE A 31 4.80 -2.30 17.15
C ILE A 31 4.38 -2.78 15.76
N VAL A 32 3.14 -2.52 15.40
CA VAL A 32 2.61 -2.92 14.12
C VAL A 32 3.20 -2.05 12.98
N PRO A 33 3.75 -2.67 11.92
CA PRO A 33 4.27 -1.95 10.78
C PRO A 33 3.15 -1.42 9.88
N GLN A 34 2.46 -0.41 10.37
CA GLN A 34 1.33 0.21 9.68
C GLN A 34 1.83 1.33 8.79
N GLU A 35 3.11 1.58 8.83
CA GLU A 35 3.70 2.60 8.03
C GLU A 35 3.81 2.18 6.56
N VAL A 36 3.48 0.94 6.26
CA VAL A 36 3.44 0.51 4.88
C VAL A 36 2.26 1.17 4.22
N GLU A 37 1.07 0.98 4.78
CA GLU A 37 -0.13 1.62 4.29
C GLU A 37 -0.04 3.13 4.40
N ALA A 38 0.60 3.60 5.45
CA ALA A 38 0.82 5.02 5.64
C ALA A 38 1.67 5.62 4.51
N LEU A 39 2.80 5.01 4.23
CA LEU A 39 3.68 5.49 3.16
C LEU A 39 3.03 5.25 1.80
N LEU A 40 2.24 4.21 1.72
CA LEU A 40 1.57 3.83 0.50
C LEU A 40 0.54 4.89 0.12
N ARG A 41 -0.20 5.39 1.11
CA ARG A 41 -1.19 6.44 0.85
C ARG A 41 -0.48 7.76 0.49
N ARG A 42 0.74 7.93 1.02
CA ARG A 42 1.61 9.04 0.65
C ARG A 42 1.99 8.92 -0.82
N GLU A 43 2.50 7.76 -1.17
CA GLU A 43 2.99 7.48 -2.52
C GLU A 43 1.86 7.64 -3.55
N ALA A 44 0.66 7.23 -3.18
CA ALA A 44 -0.52 7.37 -4.02
C ALA A 44 -0.79 8.83 -4.34
N ALA A 45 -0.74 9.67 -3.32
CA ALA A 45 -0.98 11.09 -3.47
C ALA A 45 0.23 11.80 -4.06
N ASP A 46 1.37 11.20 -3.90
CA ASP A 46 2.63 11.77 -4.38
C ASP A 46 2.81 11.50 -5.85
N GLY A 47 2.40 10.34 -6.30
CA GLY A 47 2.56 9.94 -7.68
C GLY A 47 1.42 10.39 -8.57
N ILE A 48 0.68 11.38 -8.13
CA ILE A 48 -0.43 11.94 -8.89
C ILE A 48 0.08 12.64 -10.14
N GLN A 49 -0.62 12.46 -11.23
CA GLN A 49 -0.27 13.08 -12.46
C GLN A 49 -1.36 14.01 -12.89
N SER A 50 -0.95 15.08 -13.47
CA SER A 50 -1.83 16.08 -13.96
C SER A 50 -2.47 15.60 -15.25
N LEU A 51 -3.74 15.35 -15.17
CA LEU A 51 -4.49 14.88 -16.29
C LEU A 51 -5.56 15.93 -16.54
N GLN A 52 -6.45 15.67 -17.50
CA GLN A 52 -7.60 16.52 -17.80
C GLN A 52 -8.32 16.90 -16.49
N GLY A 53 -8.77 18.15 -16.44
CA GLY A 53 -9.25 18.79 -15.22
C GLY A 53 -10.39 18.11 -14.53
N ASN A 54 -10.99 17.15 -15.17
CA ASN A 54 -12.08 16.43 -14.55
C ASN A 54 -11.60 15.51 -13.43
N ARG A 55 -10.42 14.92 -13.60
CA ARG A 55 -9.86 14.03 -12.58
C ARG A 55 -8.39 13.71 -12.84
N LEU A 56 -7.66 13.52 -11.77
CA LEU A 56 -6.22 13.33 -11.80
C LEU A 56 -5.88 11.85 -11.91
N LEU A 57 -4.75 11.57 -12.50
CA LEU A 57 -4.32 10.22 -12.73
C LEU A 57 -3.46 9.79 -11.54
N ALA A 58 -3.80 8.68 -10.97
CA ALA A 58 -3.09 8.14 -9.84
C ALA A 58 -2.43 6.83 -10.24
N PRO A 59 -1.35 6.42 -9.56
CA PRO A 59 -0.69 5.15 -9.84
C PRO A 59 -1.59 3.96 -9.49
N ASN A 60 -1.46 2.88 -10.20
CA ASN A 60 -2.27 1.70 -9.93
C ASN A 60 -1.41 0.56 -9.43
N GLU A 61 -0.16 0.57 -9.79
CA GLU A 61 0.71 -0.49 -9.39
C GLU A 61 1.75 0.03 -8.43
N TYR A 62 1.82 -0.60 -7.29
CA TYR A 62 2.73 -0.19 -6.26
C TYR A 62 3.66 -1.31 -5.91
N ILE A 63 4.91 -1.05 -5.99
CA ILE A 63 5.91 -2.04 -5.70
C ILE A 63 6.38 -1.81 -4.28
N ILE A 64 6.12 -2.77 -3.44
CA ILE A 64 6.49 -2.69 -2.06
C ILE A 64 7.56 -3.72 -1.79
N THR A 65 8.71 -3.28 -1.41
CA THR A 65 9.81 -4.14 -1.15
C THR A 65 10.22 -4.03 0.31
N LEU A 66 10.18 -5.16 0.97
CA LEU A 66 10.59 -5.27 2.36
C LEU A 66 11.92 -5.98 2.43
N GLY A 67 12.57 -5.86 3.57
CA GLY A 67 13.74 -6.65 3.82
C GLY A 67 13.30 -8.08 4.04
N VAL A 68 14.21 -9.02 3.98
CA VAL A 68 13.84 -10.42 4.09
C VAL A 68 13.24 -10.78 5.47
N HIS A 69 13.80 -10.21 6.52
CA HIS A 69 13.33 -10.46 7.88
C HIS A 69 11.96 -9.82 8.02
N ASP A 70 11.87 -8.62 7.51
CA ASP A 70 10.68 -7.81 7.58
C ASP A 70 9.55 -8.45 6.80
N PHE A 71 9.88 -9.08 5.69
CA PHE A 71 8.90 -9.77 4.85
C PHE A 71 8.32 -10.96 5.62
N GLU A 72 9.17 -11.67 6.34
CA GLU A 72 8.73 -12.79 7.14
C GLU A 72 7.96 -12.33 8.36
N LYS A 73 8.24 -11.11 8.81
CA LYS A 73 7.52 -10.54 9.90
C LYS A 73 6.15 -10.03 9.48
N LEU A 74 5.96 -9.86 8.17
CA LEU A 74 4.64 -9.58 7.64
C LEU A 74 3.85 -10.88 7.78
N GLY A 75 4.55 -11.95 7.48
CA GLY A 75 4.01 -13.24 7.63
C GLY A 75 4.22 -14.03 6.39
N ALA A 76 3.70 -15.22 6.37
CA ALA A 76 3.79 -16.09 5.22
C ALA A 76 2.63 -15.81 4.28
N ASP A 77 1.84 -14.84 4.67
CA ASP A 77 0.63 -14.44 3.95
C ASP A 77 0.66 -12.92 3.57
N PRO A 78 1.76 -12.37 2.95
CA PRO A 78 1.82 -10.95 2.58
C PRO A 78 0.97 -10.67 1.35
N GLU A 79 0.64 -11.73 0.64
CA GLU A 79 -0.18 -11.66 -0.55
C GLU A 79 -1.65 -11.41 -0.23
N LEU A 80 -2.05 -11.82 0.95
CA LEU A 80 -3.39 -11.58 1.44
C LEU A 80 -3.50 -10.09 1.79
N LYS A 81 -2.47 -9.59 2.47
CA LYS A 81 -2.35 -8.19 2.83
C LYS A 81 -2.30 -7.34 1.55
N SER A 82 -1.70 -7.90 0.53
CA SER A 82 -1.57 -7.30 -0.77
C SER A 82 -2.95 -7.07 -1.40
N THR A 83 -3.78 -8.09 -1.40
CA THR A 83 -5.13 -8.01 -1.94
C THR A 83 -5.98 -6.97 -1.17
N GLY A 84 -5.72 -6.87 0.13
CA GLY A 84 -6.37 -5.87 0.95
C GLY A 84 -5.97 -4.48 0.50
N PHE A 85 -4.66 -4.24 0.41
CA PHE A 85 -4.12 -2.95 -0.04
C PHE A 85 -4.58 -2.57 -1.42
N ALA A 86 -4.56 -3.54 -2.32
CA ALA A 86 -4.96 -3.31 -3.69
C ALA A 86 -6.37 -2.73 -3.76
N ARG A 87 -7.28 -3.31 -3.00
CA ARG A 87 -8.65 -2.87 -3.05
C ARG A 87 -8.86 -1.60 -2.22
N ASP A 88 -8.21 -1.54 -1.07
CA ASP A 88 -8.31 -0.39 -0.16
C ASP A 88 -7.74 0.88 -0.79
N LEU A 89 -6.67 0.73 -1.53
CA LEU A 89 -6.06 1.87 -2.16
C LEU A 89 -6.85 2.29 -3.39
N ALA A 90 -7.51 1.30 -4.04
CA ALA A 90 -8.41 1.57 -5.16
C ALA A 90 -9.58 2.38 -4.63
N ASP A 91 -9.99 2.05 -3.44
CA ASP A 91 -11.04 2.76 -2.72
C ASP A 91 -10.64 4.21 -2.53
N TYR A 92 -9.46 4.41 -1.93
CA TYR A 92 -8.89 5.76 -1.70
C TYR A 92 -8.84 6.62 -2.94
N ILE A 93 -8.31 6.08 -4.04
CA ILE A 93 -8.18 6.88 -5.23
C ILE A 93 -9.54 7.30 -5.77
N GLN A 94 -10.54 6.44 -5.62
CA GLN A 94 -11.88 6.76 -6.06
C GLN A 94 -12.51 7.79 -5.16
N GLU A 95 -12.24 7.67 -3.87
CA GLU A 95 -12.73 8.58 -2.87
C GLU A 95 -12.25 10.01 -3.14
N GLN A 96 -11.00 10.11 -3.57
CA GLN A 96 -10.40 11.41 -3.89
C GLN A 96 -10.82 11.90 -5.27
N GLY A 97 -11.40 11.02 -6.06
CA GLY A 97 -11.83 11.39 -7.39
C GLY A 97 -10.71 11.27 -8.41
N TRP A 98 -9.79 10.37 -8.16
CA TRP A 98 -8.69 10.14 -9.08
C TRP A 98 -8.98 8.87 -9.89
N GLN A 99 -8.30 8.69 -10.99
CA GLN A 99 -8.48 7.50 -11.79
C GLN A 99 -7.14 6.93 -12.18
N THR A 100 -7.15 5.83 -12.85
CA THR A 100 -5.96 5.21 -13.31
C THR A 100 -6.37 4.26 -14.43
N TYR A 101 -5.42 3.60 -15.04
CA TYR A 101 -5.74 2.69 -16.10
C TYR A 101 -5.41 1.28 -15.65
N GLY A 102 -6.41 0.46 -15.62
CA GLY A 102 -6.26 -0.88 -15.15
C GLY A 102 -6.92 -1.01 -13.81
N ASP A 103 -6.42 -1.90 -13.00
CA ASP A 103 -6.94 -2.11 -11.67
C ASP A 103 -5.77 -1.95 -10.72
N VAL A 104 -6.01 -1.46 -9.53
CA VAL A 104 -4.96 -1.21 -8.56
C VAL A 104 -4.42 -2.52 -8.01
N VAL A 105 -3.15 -2.72 -8.18
CA VAL A 105 -2.50 -3.92 -7.73
C VAL A 105 -1.15 -3.57 -7.12
N VAL A 106 -0.92 -4.05 -5.93
CA VAL A 106 0.31 -3.81 -5.27
C VAL A 106 1.14 -5.10 -5.31
N ARG A 107 2.43 -4.98 -5.35
CA ARG A 107 3.29 -6.13 -5.38
C ARG A 107 4.12 -6.16 -4.12
N PHE A 108 4.07 -7.23 -3.41
CA PHE A 108 4.91 -7.41 -2.25
C PHE A 108 6.06 -8.30 -2.62
N GLU A 109 7.23 -7.78 -2.48
CA GLU A 109 8.42 -8.51 -2.76
C GLU A 109 9.46 -8.20 -1.71
N GLN A 110 10.48 -9.01 -1.64
CA GLN A 110 11.49 -8.83 -0.63
C GLN A 110 12.84 -8.69 -1.25
N SER A 111 13.72 -8.14 -0.51
CA SER A 111 15.08 -8.05 -0.86
C SER A 111 15.92 -8.30 0.37
N SER A 112 16.58 -9.42 0.38
CA SER A 112 17.49 -9.82 1.45
C SER A 112 18.69 -8.87 1.50
N ASN A 113 18.98 -8.27 0.35
CA ASN A 113 20.09 -7.34 0.19
C ASN A 113 19.73 -5.98 0.81
N LEU A 114 18.47 -5.80 1.08
CA LEU A 114 17.96 -4.57 1.67
C LEU A 114 18.18 -4.63 3.18
N HIS A 115 18.14 -3.51 3.84
CA HIS A 115 18.41 -3.47 5.27
C HIS A 115 17.14 -3.82 6.06
N THR A 116 17.33 -4.38 7.20
CA THR A 116 16.26 -4.80 8.05
C THR A 116 15.62 -3.60 8.74
N GLY A 117 14.34 -3.46 8.56
CA GLY A 117 13.63 -2.32 9.08
C GLY A 117 13.57 -1.21 8.06
N GLN A 118 14.00 -1.52 6.86
CA GLN A 118 13.98 -0.61 5.77
C GLN A 118 13.01 -1.17 4.75
N PHE A 119 12.01 -0.42 4.42
CA PHE A 119 11.02 -0.84 3.49
C PHE A 119 10.82 0.26 2.48
N ARG A 120 10.38 -0.10 1.30
CA ARG A 120 10.17 0.87 0.26
C ARG A 120 8.94 0.54 -0.52
N ALA A 121 8.28 1.55 -1.02
CA ALA A 121 7.07 1.39 -1.79
C ALA A 121 7.01 2.48 -2.83
N ARG A 122 6.95 2.11 -4.07
CA ARG A 122 6.87 3.08 -5.15
C ARG A 122 5.62 2.82 -5.99
N GLY A 123 4.97 3.88 -6.41
CA GLY A 123 3.81 3.76 -7.22
C GLY A 123 4.07 4.15 -8.64
N THR A 124 3.57 3.38 -9.55
CA THR A 124 3.75 3.63 -10.94
C THR A 124 2.42 3.33 -11.66
N VAL A 125 2.27 3.90 -12.81
CA VAL A 125 1.11 3.69 -13.61
C VAL A 125 1.42 2.61 -14.61
N ASN A 126 0.89 1.46 -14.40
CA ASN A 126 1.12 0.36 -15.27
C ASN A 126 -0.19 -0.17 -15.79
N PRO A 127 -0.60 0.24 -16.98
CA PRO A 127 -1.82 -0.24 -17.59
C PRO A 127 -1.60 -1.60 -18.26
N ASP A 128 -0.34 -2.02 -18.31
CA ASP A 128 0.00 -3.26 -18.95
C ASP A 128 0.05 -4.34 -17.92
N VAL A 129 -1.11 -4.71 -17.51
CA VAL A 129 -1.33 -5.78 -16.59
C VAL A 129 -2.35 -6.72 -17.18
N GLU A 130 -1.94 -7.91 -17.47
CA GLU A 130 -2.82 -8.87 -18.05
C GLU A 130 -2.84 -10.14 -17.25
N THR A 131 -4.01 -10.52 -16.87
CA THR A 131 -4.24 -11.74 -16.18
C THR A 131 -4.28 -12.84 -17.24
N HIS A 132 -3.60 -13.92 -17.00
CA HIS A 132 -3.57 -14.99 -17.96
C HIS A 132 -4.73 -15.92 -17.69
N MET A 1 18.37 -22.39 9.00
CA MET A 1 18.64 -23.82 9.07
C MET A 1 17.49 -24.57 8.44
N GLY A 2 17.56 -24.76 7.15
CA GLY A 2 16.52 -25.44 6.43
C GLY A 2 15.26 -24.61 6.42
N SER A 3 14.22 -25.15 6.99
CA SER A 3 12.96 -24.45 7.12
C SER A 3 12.17 -24.98 8.30
N GLN A 4 11.48 -24.11 8.96
CA GLN A 4 10.54 -24.48 9.98
C GLN A 4 9.23 -24.71 9.27
N LYS A 5 8.98 -25.94 8.91
CA LYS A 5 7.85 -26.31 8.09
C LYS A 5 6.50 -25.86 8.63
N ARG A 6 5.82 -25.08 7.83
CA ARG A 6 4.49 -24.64 8.16
C ARG A 6 3.53 -25.57 7.48
N LEU A 7 2.69 -26.20 8.25
CA LEU A 7 1.78 -27.17 7.72
C LEU A 7 0.62 -26.49 7.03
N VAL A 8 0.48 -26.79 5.76
CA VAL A 8 -0.58 -26.26 4.94
C VAL A 8 -1.53 -27.42 4.61
N GLN A 9 -1.51 -28.42 5.46
CA GLN A 9 -2.29 -29.61 5.25
C GLN A 9 -3.73 -29.39 5.61
N ARG A 10 -3.99 -28.77 6.73
CA ARG A 10 -5.35 -28.54 7.11
C ARG A 10 -5.88 -27.24 6.51
N VAL A 11 -6.08 -27.28 5.22
CA VAL A 11 -6.74 -26.24 4.52
C VAL A 11 -8.04 -26.84 4.06
N GLU A 12 -8.89 -27.01 5.03
CA GLU A 12 -10.18 -27.66 4.88
C GLU A 12 -11.23 -26.67 4.42
N ARG A 13 -10.78 -25.66 3.66
CA ARG A 13 -11.62 -24.54 3.20
C ARG A 13 -11.99 -23.62 4.36
N LYS A 14 -11.30 -23.83 5.46
CA LYS A 14 -11.39 -23.01 6.63
C LYS A 14 -10.02 -22.43 6.90
N LEU A 15 -9.80 -21.26 6.37
CA LEU A 15 -8.56 -20.55 6.54
C LEU A 15 -8.86 -19.07 6.42
N GLU A 16 -9.26 -18.67 5.24
CA GLU A 16 -9.63 -17.31 5.00
C GLU A 16 -11.11 -17.22 5.33
N GLN A 17 -11.38 -16.82 6.55
CA GLN A 17 -12.75 -16.68 7.01
C GLN A 17 -13.16 -15.23 7.00
N THR A 18 -12.17 -14.38 7.00
CA THR A 18 -12.33 -12.94 6.99
C THR A 18 -11.20 -12.36 6.18
N VAL A 19 -11.53 -11.69 5.11
CA VAL A 19 -10.52 -11.14 4.26
C VAL A 19 -10.14 -9.72 4.69
N GLY A 20 -9.22 -9.64 5.60
CA GLY A 20 -8.75 -8.43 6.05
C GLY A 20 -8.46 -8.48 7.50
N ASP A 21 -7.92 -7.40 7.97
CA ASP A 21 -7.59 -7.15 9.37
C ASP A 21 -6.66 -8.21 9.95
N ALA A 22 -5.82 -8.76 9.11
CA ALA A 22 -4.91 -9.84 9.49
C ALA A 22 -3.96 -9.44 10.59
N PHE A 23 -3.19 -8.45 10.34
CA PHE A 23 -2.20 -7.97 11.26
C PHE A 23 -2.88 -7.32 12.45
N ALA A 24 -4.05 -6.76 12.18
CA ALA A 24 -4.84 -6.10 13.18
C ALA A 24 -5.33 -7.09 14.24
N ARG A 25 -5.92 -8.19 13.82
CA ARG A 25 -6.42 -9.17 14.75
C ARG A 25 -5.31 -10.00 15.41
N ILE A 26 -4.23 -10.24 14.66
CA ILE A 26 -3.13 -11.06 15.17
C ILE A 26 -2.22 -10.26 16.12
N PHE A 27 -1.71 -9.14 15.65
CA PHE A 27 -0.74 -8.38 16.41
C PHE A 27 -1.37 -7.31 17.26
N GLY A 28 -2.63 -7.03 17.04
CA GLY A 28 -3.32 -6.06 17.88
C GLY A 28 -3.05 -4.62 17.49
N GLY A 29 -2.22 -4.42 16.50
CA GLY A 29 -1.92 -3.08 16.08
C GLY A 29 -0.46 -2.73 16.24
N SER A 30 0.29 -3.58 16.90
CA SER A 30 1.69 -3.32 17.12
C SER A 30 2.50 -3.58 15.85
N ILE A 31 2.51 -4.82 15.39
CA ILE A 31 3.18 -5.14 14.17
C ILE A 31 2.17 -5.04 13.02
N VAL A 32 1.95 -3.81 12.62
CA VAL A 32 1.08 -3.50 11.52
C VAL A 32 1.80 -2.50 10.65
N PRO A 33 2.02 -2.82 9.37
CA PRO A 33 2.70 -1.93 8.42
C PRO A 33 1.82 -0.76 7.97
N GLN A 34 1.37 0.04 8.92
CA GLN A 34 0.54 1.19 8.62
C GLN A 34 1.37 2.27 7.97
N GLU A 35 2.63 2.38 8.36
CA GLU A 35 3.52 3.38 7.77
C GLU A 35 3.77 3.07 6.28
N VAL A 36 3.53 1.83 5.90
CA VAL A 36 3.67 1.42 4.52
C VAL A 36 2.52 1.99 3.71
N GLU A 37 1.31 1.85 4.21
CA GLU A 37 0.14 2.38 3.51
C GLU A 37 0.09 3.90 3.59
N ALA A 38 0.70 4.43 4.63
CA ALA A 38 0.87 5.85 4.79
C ALA A 38 1.84 6.37 3.72
N LEU A 39 2.82 5.57 3.38
CA LEU A 39 3.76 5.93 2.33
C LEU A 39 3.07 5.71 0.97
N LEU A 40 2.23 4.70 0.89
CA LEU A 40 1.46 4.43 -0.31
C LEU A 40 0.53 5.59 -0.64
N ARG A 41 -0.20 6.08 0.36
CA ARG A 41 -1.13 7.22 0.15
C ARG A 41 -0.31 8.48 -0.19
N ARG A 42 0.90 8.55 0.37
CA ARG A 42 1.85 9.63 0.15
C ARG A 42 2.26 9.65 -1.33
N GLU A 43 2.75 8.53 -1.82
CA GLU A 43 3.24 8.46 -3.18
C GLU A 43 2.11 8.46 -4.19
N ALA A 44 0.94 8.03 -3.75
CA ALA A 44 -0.26 8.13 -4.58
C ALA A 44 -0.55 9.59 -4.87
N ALA A 45 -0.42 10.43 -3.84
CA ALA A 45 -0.65 11.84 -3.95
C ALA A 45 0.50 12.53 -4.68
N ASP A 46 1.71 12.04 -4.46
CA ASP A 46 2.90 12.61 -5.12
C ASP A 46 2.88 12.29 -6.60
N GLY A 47 2.52 11.06 -6.94
CA GLY A 47 2.53 10.60 -8.31
C GLY A 47 1.35 11.06 -9.14
N ILE A 48 0.57 11.97 -8.59
CA ILE A 48 -0.57 12.53 -9.28
C ILE A 48 -0.16 13.24 -10.57
N GLN A 49 -0.91 12.99 -11.60
CA GLN A 49 -0.68 13.58 -12.87
C GLN A 49 -1.87 14.37 -13.29
N SER A 50 -1.60 15.38 -14.05
CA SER A 50 -2.61 16.21 -14.59
C SER A 50 -3.23 15.55 -15.81
N LEU A 51 -4.51 15.46 -15.77
CA LEU A 51 -5.31 14.83 -16.78
C LEU A 51 -6.61 15.63 -16.79
N GLN A 52 -7.68 15.11 -17.39
CA GLN A 52 -9.00 15.74 -17.40
C GLN A 52 -9.33 16.32 -16.02
N GLY A 53 -9.81 17.54 -16.00
CA GLY A 53 -9.97 18.31 -14.78
C GLY A 53 -10.95 17.74 -13.79
N ASN A 54 -11.72 16.77 -14.21
CA ASN A 54 -12.65 16.11 -13.32
C ASN A 54 -11.95 15.15 -12.39
N ARG A 55 -10.89 14.50 -12.86
CA ARG A 55 -10.19 13.53 -12.04
C ARG A 55 -8.75 13.34 -12.51
N LEU A 56 -7.85 13.31 -11.56
CA LEU A 56 -6.42 13.26 -11.79
C LEU A 56 -5.94 11.82 -11.86
N LEU A 57 -4.87 11.61 -12.60
CA LEU A 57 -4.35 10.28 -12.80
C LEU A 57 -3.43 9.93 -11.65
N ALA A 58 -3.71 8.84 -11.00
CA ALA A 58 -2.96 8.38 -9.86
C ALA A 58 -2.25 7.08 -10.19
N PRO A 59 -1.18 6.73 -9.46
CA PRO A 59 -0.45 5.48 -9.64
C PRO A 59 -1.31 4.23 -9.44
N ASN A 60 -0.98 3.20 -10.15
CA ASN A 60 -1.67 1.91 -10.08
C ASN A 60 -0.69 0.78 -9.80
N GLU A 61 0.56 1.03 -10.10
CA GLU A 61 1.62 0.09 -9.89
C GLU A 61 2.26 0.35 -8.55
N TYR A 62 2.02 -0.50 -7.59
CA TYR A 62 2.63 -0.35 -6.30
C TYR A 62 3.44 -1.56 -5.98
N ILE A 63 4.72 -1.38 -5.89
CA ILE A 63 5.62 -2.45 -5.59
C ILE A 63 6.23 -2.19 -4.23
N ILE A 64 6.05 -3.12 -3.35
CA ILE A 64 6.54 -2.99 -2.01
C ILE A 64 7.60 -4.04 -1.75
N THR A 65 8.77 -3.61 -1.46
CA THR A 65 9.89 -4.46 -1.23
C THR A 65 10.37 -4.28 0.21
N LEU A 66 10.43 -5.36 0.96
CA LEU A 66 10.97 -5.32 2.32
C LEU A 66 12.11 -6.26 2.44
N GLY A 67 12.79 -6.21 3.55
CA GLY A 67 13.86 -7.14 3.80
C GLY A 67 13.30 -8.52 4.06
N VAL A 68 14.04 -9.54 3.67
CA VAL A 68 13.62 -10.94 3.82
C VAL A 68 13.25 -11.23 5.28
N HIS A 69 14.12 -10.82 6.17
CA HIS A 69 13.94 -11.06 7.59
C HIS A 69 12.69 -10.32 8.09
N ASP A 70 12.49 -9.09 7.61
CA ASP A 70 11.35 -8.23 8.03
C ASP A 70 10.06 -8.87 7.57
N PHE A 71 10.11 -9.34 6.35
CA PHE A 71 9.02 -9.97 5.63
C PHE A 71 8.54 -11.21 6.40
N GLU A 72 9.49 -12.01 6.87
CA GLU A 72 9.19 -13.18 7.66
C GLU A 72 8.59 -12.78 9.01
N LYS A 73 9.10 -11.69 9.58
CA LYS A 73 8.60 -11.21 10.86
C LYS A 73 7.17 -10.67 10.71
N LEU A 74 6.82 -10.22 9.51
CA LEU A 74 5.46 -9.77 9.21
C LEU A 74 4.52 -10.96 9.21
N GLY A 75 4.95 -12.01 8.55
CA GLY A 75 4.05 -13.07 8.21
C GLY A 75 3.36 -12.61 6.95
N ALA A 76 4.21 -12.10 6.09
CA ALA A 76 3.94 -11.40 4.84
C ALA A 76 3.19 -12.17 3.77
N ASP A 77 2.72 -13.39 4.09
CA ASP A 77 2.09 -14.33 3.13
C ASP A 77 1.12 -13.54 2.22
N PRO A 78 1.54 -13.34 0.96
CA PRO A 78 0.99 -12.31 0.06
C PRO A 78 -0.51 -12.24 -0.16
N GLU A 79 -1.13 -13.34 -0.51
CA GLU A 79 -2.52 -13.35 -1.05
C GLU A 79 -3.53 -12.45 -0.29
N LEU A 80 -3.58 -12.59 1.00
CA LEU A 80 -4.52 -11.87 1.83
C LEU A 80 -4.33 -10.34 1.78
N LYS A 81 -3.14 -9.86 2.10
CA LYS A 81 -2.94 -8.43 2.12
C LYS A 81 -2.35 -7.83 0.85
N SER A 82 -1.92 -8.64 -0.09
CA SER A 82 -1.49 -8.10 -1.37
C SER A 82 -2.74 -7.59 -2.07
N THR A 83 -3.78 -8.40 -2.04
CA THR A 83 -5.07 -8.03 -2.56
C THR A 83 -5.68 -6.95 -1.64
N GLY A 84 -5.44 -7.11 -0.33
CA GLY A 84 -5.91 -6.15 0.65
C GLY A 84 -5.40 -4.74 0.40
N PHE A 85 -4.08 -4.56 0.32
CA PHE A 85 -3.49 -3.23 0.08
C PHE A 85 -3.95 -2.66 -1.25
N ALA A 86 -4.14 -3.53 -2.24
CA ALA A 86 -4.64 -3.10 -3.53
C ALA A 86 -6.06 -2.58 -3.39
N ARG A 87 -6.85 -3.26 -2.57
CA ARG A 87 -8.22 -2.88 -2.30
C ARG A 87 -8.25 -1.57 -1.49
N ASP A 88 -7.35 -1.45 -0.51
CA ASP A 88 -7.23 -0.22 0.28
C ASP A 88 -6.96 0.96 -0.64
N LEU A 89 -5.97 0.82 -1.50
CA LEU A 89 -5.61 1.88 -2.43
C LEU A 89 -6.66 2.12 -3.49
N ALA A 90 -7.37 1.07 -3.89
CA ALA A 90 -8.45 1.21 -4.86
C ALA A 90 -9.55 2.08 -4.27
N ASP A 91 -9.79 1.91 -2.99
CA ASP A 91 -10.79 2.71 -2.29
C ASP A 91 -10.28 4.13 -2.17
N TYR A 92 -9.00 4.28 -1.84
CA TYR A 92 -8.35 5.60 -1.76
C TYR A 92 -8.47 6.38 -3.04
N ILE A 93 -8.06 5.77 -4.16
CA ILE A 93 -8.14 6.48 -5.43
C ILE A 93 -9.56 6.94 -5.75
N GLN A 94 -10.54 6.12 -5.40
CA GLN A 94 -11.92 6.49 -5.55
C GLN A 94 -12.30 7.64 -4.62
N GLU A 95 -11.97 7.48 -3.35
CA GLU A 95 -12.26 8.43 -2.30
C GLU A 95 -11.74 9.83 -2.66
N GLN A 96 -10.49 9.92 -3.06
CA GLN A 96 -9.88 11.18 -3.45
C GLN A 96 -10.33 11.69 -4.82
N GLY A 97 -10.96 10.86 -5.60
CA GLY A 97 -11.43 11.29 -6.91
C GLY A 97 -10.33 11.22 -7.94
N TRP A 98 -9.54 10.19 -7.85
CA TRP A 98 -8.45 9.96 -8.77
C TRP A 98 -8.80 8.76 -9.62
N GLN A 99 -8.18 8.66 -10.75
CA GLN A 99 -8.39 7.54 -11.64
C GLN A 99 -7.06 6.97 -12.04
N THR A 100 -7.07 5.89 -12.74
CA THR A 100 -5.87 5.28 -13.19
C THR A 100 -6.22 4.34 -14.32
N TYR A 101 -5.27 3.99 -15.15
CA TYR A 101 -5.56 3.07 -16.23
C TYR A 101 -5.19 1.69 -15.79
N GLY A 102 -6.17 0.83 -15.74
CA GLY A 102 -5.95 -0.49 -15.26
C GLY A 102 -6.59 -0.61 -13.92
N ASP A 103 -6.04 -1.45 -13.09
CA ASP A 103 -6.49 -1.56 -11.73
C ASP A 103 -5.28 -1.36 -10.84
N VAL A 104 -5.50 -1.11 -9.59
CA VAL A 104 -4.45 -0.87 -8.65
C VAL A 104 -3.90 -2.21 -8.17
N VAL A 105 -2.65 -2.44 -8.45
CA VAL A 105 -2.01 -3.68 -8.10
C VAL A 105 -0.86 -3.42 -7.14
N VAL A 106 -0.94 -4.03 -5.99
CA VAL A 106 0.07 -3.91 -4.99
C VAL A 106 0.77 -5.25 -4.85
N ARG A 107 2.02 -5.28 -5.22
CA ARG A 107 2.80 -6.49 -5.19
C ARG A 107 3.86 -6.39 -4.13
N PHE A 108 3.99 -7.42 -3.35
CA PHE A 108 5.00 -7.47 -2.32
C PHE A 108 6.13 -8.37 -2.73
N GLU A 109 7.31 -8.04 -2.34
CA GLU A 109 8.47 -8.86 -2.57
C GLU A 109 9.46 -8.62 -1.46
N GLN A 110 10.46 -9.46 -1.39
CA GLN A 110 11.48 -9.32 -0.41
C GLN A 110 12.83 -9.11 -1.04
N SER A 111 13.69 -8.56 -0.28
CA SER A 111 14.99 -8.19 -0.71
C SER A 111 15.99 -8.61 0.35
N SER A 112 17.08 -9.15 -0.08
CA SER A 112 18.14 -9.52 0.80
C SER A 112 18.97 -8.27 1.13
N ASN A 113 18.83 -7.25 0.28
CA ASN A 113 19.54 -5.98 0.45
C ASN A 113 18.95 -5.20 1.61
N LEU A 114 17.66 -5.28 1.75
CA LEU A 114 16.98 -4.58 2.81
C LEU A 114 16.95 -5.44 4.08
N HIS A 115 16.84 -4.78 5.21
CA HIS A 115 16.81 -5.43 6.49
C HIS A 115 15.57 -5.01 7.27
N THR A 116 15.35 -5.63 8.41
CA THR A 116 14.19 -5.35 9.24
C THR A 116 14.15 -3.86 9.63
N GLY A 117 13.03 -3.23 9.35
CA GLY A 117 12.86 -1.82 9.57
C GLY A 117 13.03 -1.05 8.29
N GLN A 118 13.35 -1.75 7.23
CA GLN A 118 13.57 -1.15 5.94
C GLN A 118 12.57 -1.69 4.95
N PHE A 119 11.77 -0.82 4.42
CA PHE A 119 10.80 -1.18 3.42
C PHE A 119 10.78 -0.11 2.38
N ARG A 120 10.51 -0.46 1.18
CA ARG A 120 10.38 0.52 0.13
C ARG A 120 9.13 0.21 -0.63
N ALA A 121 8.34 1.21 -0.83
CA ALA A 121 7.12 1.05 -1.54
C ALA A 121 7.04 2.11 -2.57
N ARG A 122 6.78 1.74 -3.79
CA ARG A 122 6.69 2.69 -4.86
C ARG A 122 5.34 2.69 -5.49
N GLY A 123 5.02 3.78 -6.13
CA GLY A 123 3.80 3.93 -6.84
C GLY A 123 4.03 4.61 -8.17
N THR A 124 3.88 3.85 -9.23
CA THR A 124 4.08 4.36 -10.55
C THR A 124 2.74 4.33 -11.31
N VAL A 125 2.56 5.24 -12.24
CA VAL A 125 1.43 5.19 -13.13
C VAL A 125 1.87 4.33 -14.30
N ASN A 126 1.38 3.14 -14.36
CA ASN A 126 1.73 2.23 -15.41
C ASN A 126 0.53 2.01 -16.32
N PRO A 127 0.52 2.65 -17.50
CA PRO A 127 -0.56 2.48 -18.46
C PRO A 127 -0.39 1.19 -19.26
N ASP A 128 0.78 0.60 -19.18
CA ASP A 128 1.07 -0.64 -19.87
C ASP A 128 0.85 -1.78 -18.94
N VAL A 129 -0.37 -1.96 -18.67
CA VAL A 129 -0.85 -2.97 -17.81
C VAL A 129 -1.97 -3.70 -18.53
N GLU A 130 -1.91 -4.98 -18.54
CA GLU A 130 -2.93 -5.76 -19.17
C GLU A 130 -4.12 -5.78 -18.27
N THR A 131 -5.22 -5.39 -18.79
CA THR A 131 -6.42 -5.30 -18.04
C THR A 131 -7.54 -5.98 -18.81
N HIS A 132 -8.54 -6.37 -18.10
CA HIS A 132 -9.67 -7.05 -18.63
C HIS A 132 -10.92 -6.53 -17.99
N MET A 1 -20.07 -44.83 -9.42
CA MET A 1 -20.05 -43.45 -9.90
C MET A 1 -21.46 -42.91 -9.82
N GLY A 2 -21.59 -41.67 -9.38
CA GLY A 2 -22.89 -41.04 -9.33
C GLY A 2 -23.60 -41.28 -8.00
N SER A 3 -22.90 -41.85 -7.06
CA SER A 3 -23.46 -42.14 -5.75
C SER A 3 -22.97 -41.10 -4.74
N GLN A 4 -22.59 -39.94 -5.23
CA GLN A 4 -22.06 -38.90 -4.40
C GLN A 4 -23.11 -37.84 -4.14
N LYS A 5 -22.85 -37.04 -3.16
CA LYS A 5 -23.63 -35.85 -2.87
C LYS A 5 -22.67 -34.68 -2.81
N ARG A 6 -22.65 -33.88 -3.85
CA ARG A 6 -21.79 -32.74 -3.88
C ARG A 6 -22.42 -31.58 -3.16
N LEU A 7 -21.92 -31.33 -1.98
CA LEU A 7 -22.37 -30.25 -1.17
C LEU A 7 -21.17 -29.50 -0.64
N VAL A 8 -21.32 -28.24 -0.42
CA VAL A 8 -20.24 -27.44 0.11
C VAL A 8 -20.80 -26.51 1.17
N GLN A 9 -20.23 -26.56 2.33
CA GLN A 9 -20.67 -25.76 3.43
C GLN A 9 -19.58 -24.83 3.85
N ARG A 10 -19.90 -23.59 3.99
CA ARG A 10 -18.92 -22.64 4.39
C ARG A 10 -18.97 -22.46 5.88
N VAL A 11 -18.02 -23.07 6.57
CA VAL A 11 -17.92 -22.93 8.02
C VAL A 11 -17.04 -21.70 8.31
N GLU A 12 -16.50 -21.16 7.24
CA GLU A 12 -15.72 -19.96 7.28
C GLU A 12 -16.59 -18.78 7.63
N ARG A 13 -16.04 -17.89 8.43
CA ARG A 13 -16.65 -16.62 8.80
C ARG A 13 -17.88 -16.79 9.68
N LYS A 14 -17.99 -17.93 10.34
CA LYS A 14 -18.99 -18.05 11.39
C LYS A 14 -18.45 -17.31 12.58
N LEU A 15 -17.15 -17.41 12.72
CA LEU A 15 -16.42 -16.66 13.68
C LEU A 15 -15.79 -15.52 12.88
N GLU A 16 -16.40 -14.37 12.91
CA GLU A 16 -15.88 -13.25 12.18
C GLU A 16 -14.98 -12.43 13.03
N GLN A 17 -13.73 -12.81 13.05
CA GLN A 17 -12.75 -12.00 13.69
C GLN A 17 -12.55 -10.79 12.80
N THR A 18 -12.61 -9.63 13.38
CA THR A 18 -12.50 -8.42 12.64
C THR A 18 -11.06 -8.10 12.32
N VAL A 19 -10.86 -7.27 11.33
CA VAL A 19 -9.56 -6.85 10.97
C VAL A 19 -9.50 -5.33 11.11
N GLY A 20 -9.09 -4.90 12.27
CA GLY A 20 -8.93 -3.50 12.53
C GLY A 20 -7.57 -3.22 13.08
N ASP A 21 -7.33 -3.68 14.29
CA ASP A 21 -6.03 -3.50 14.93
C ASP A 21 -5.25 -4.81 14.88
N ALA A 22 -5.73 -5.70 14.03
CA ALA A 22 -5.17 -7.02 13.87
C ALA A 22 -3.72 -6.97 13.45
N PHE A 23 -3.42 -6.12 12.49
CA PHE A 23 -2.09 -6.01 11.95
C PHE A 23 -1.08 -5.53 12.99
N ALA A 24 -1.52 -4.67 13.88
CA ALA A 24 -0.68 -4.20 14.95
C ALA A 24 -0.35 -5.36 15.89
N ARG A 25 -1.36 -6.12 16.23
CA ARG A 25 -1.22 -7.23 17.16
C ARG A 25 -0.44 -8.40 16.55
N ILE A 26 -0.55 -8.59 15.25
CA ILE A 26 0.17 -9.69 14.61
C ILE A 26 1.61 -9.32 14.24
N PHE A 27 1.93 -8.05 14.23
CA PHE A 27 3.31 -7.64 13.99
C PHE A 27 4.06 -7.47 15.30
N GLY A 28 3.33 -7.11 16.35
CA GLY A 28 3.86 -7.01 17.70
C GLY A 28 5.05 -6.09 17.84
N GLY A 29 6.22 -6.67 17.77
CA GLY A 29 7.45 -5.93 17.95
C GLY A 29 8.02 -5.46 16.64
N SER A 30 7.35 -5.73 15.57
CA SER A 30 7.72 -5.24 14.28
C SER A 30 7.02 -3.91 14.01
N ILE A 31 7.38 -3.28 12.92
CA ILE A 31 6.75 -2.06 12.53
C ILE A 31 5.35 -2.42 12.03
N VAL A 32 4.34 -1.87 12.64
CA VAL A 32 2.98 -2.24 12.34
C VAL A 32 2.43 -1.47 11.14
N PRO A 33 1.63 -2.15 10.29
CA PRO A 33 0.96 -1.51 9.16
C PRO A 33 0.14 -0.30 9.58
N GLN A 34 0.58 0.83 9.08
CA GLN A 34 0.06 2.16 9.31
C GLN A 34 0.99 3.11 8.57
N GLU A 35 2.27 2.83 8.69
CA GLU A 35 3.30 3.63 8.08
C GLU A 35 3.47 3.22 6.62
N VAL A 36 3.13 1.98 6.31
CA VAL A 36 3.16 1.49 4.94
C VAL A 36 2.14 2.29 4.16
N GLU A 37 0.93 2.28 4.66
CA GLU A 37 -0.19 3.01 4.10
C GLU A 37 0.14 4.47 3.96
N ALA A 38 0.71 5.05 5.00
CA ALA A 38 1.11 6.46 5.02
C ALA A 38 2.08 6.78 3.87
N LEU A 39 3.13 6.00 3.74
CA LEU A 39 4.10 6.22 2.69
C LEU A 39 3.51 5.87 1.33
N LEU A 40 2.69 4.85 1.31
CA LEU A 40 2.07 4.36 0.10
C LEU A 40 1.08 5.40 -0.46
N ARG A 41 0.34 6.07 0.43
CA ARG A 41 -0.57 7.11 -0.01
C ARG A 41 0.17 8.34 -0.50
N ARG A 42 1.36 8.59 0.06
CA ARG A 42 2.17 9.67 -0.47
C ARG A 42 2.73 9.26 -1.81
N GLU A 43 3.10 7.99 -1.95
CA GLU A 43 3.68 7.48 -3.19
C GLU A 43 2.64 7.57 -4.31
N ALA A 44 1.39 7.39 -3.92
CA ALA A 44 0.26 7.55 -4.82
C ALA A 44 0.18 9.00 -5.29
N ALA A 45 0.24 9.93 -4.33
CA ALA A 45 0.20 11.36 -4.61
C ALA A 45 1.45 11.83 -5.37
N ASP A 46 2.55 11.19 -5.10
CA ASP A 46 3.83 11.52 -5.70
C ASP A 46 3.88 10.98 -7.13
N GLY A 47 3.18 9.89 -7.35
CA GLY A 47 3.13 9.29 -8.67
C GLY A 47 1.93 9.74 -9.47
N ILE A 48 1.30 10.81 -9.00
CA ILE A 48 0.16 11.44 -9.66
C ILE A 48 0.55 12.00 -11.02
N GLN A 49 -0.31 11.82 -12.00
CA GLN A 49 -0.11 12.37 -13.30
C GLN A 49 -1.22 13.31 -13.65
N SER A 50 -0.88 14.30 -14.41
CA SER A 50 -1.80 15.28 -14.85
C SER A 50 -2.53 14.75 -16.07
N LEU A 51 -3.81 14.92 -16.07
CA LEU A 51 -4.68 14.48 -17.12
C LEU A 51 -5.85 15.46 -17.11
N GLN A 52 -6.94 15.13 -17.79
CA GLN A 52 -8.17 15.94 -17.80
C GLN A 52 -8.50 16.48 -16.41
N GLY A 53 -8.93 17.73 -16.39
CA GLY A 53 -9.12 18.47 -15.15
C GLY A 53 -10.29 18.05 -14.31
N ASN A 54 -10.76 16.86 -14.53
CA ASN A 54 -11.81 16.31 -13.74
C ASN A 54 -11.18 15.67 -12.54
N ARG A 55 -10.02 15.04 -12.78
CA ARG A 55 -9.26 14.36 -11.73
C ARG A 55 -7.91 13.86 -12.24
N LEU A 56 -7.02 13.65 -11.32
CA LEU A 56 -5.65 13.29 -11.59
C LEU A 56 -5.46 11.78 -11.63
N LEU A 57 -4.48 11.34 -12.39
CA LEU A 57 -4.16 9.94 -12.51
C LEU A 57 -3.32 9.48 -11.36
N ALA A 58 -3.80 8.53 -10.66
CA ALA A 58 -3.09 7.92 -9.59
C ALA A 58 -2.53 6.61 -10.10
N PRO A 59 -1.40 6.16 -9.55
CA PRO A 59 -0.79 4.90 -9.96
C PRO A 59 -1.71 3.69 -9.75
N ASN A 60 -1.46 2.67 -10.49
CA ASN A 60 -2.20 1.43 -10.35
C ASN A 60 -1.26 0.31 -9.96
N GLU A 61 -0.02 0.43 -10.40
CA GLU A 61 1.00 -0.54 -10.10
C GLU A 61 1.82 -0.07 -8.91
N TYR A 62 1.61 -0.68 -7.78
CA TYR A 62 2.35 -0.36 -6.58
C TYR A 62 3.16 -1.53 -6.14
N ILE A 63 4.43 -1.40 -6.19
CA ILE A 63 5.28 -2.46 -5.75
C ILE A 63 5.98 -2.00 -4.50
N ILE A 64 5.77 -2.70 -3.44
CA ILE A 64 6.34 -2.38 -2.17
C ILE A 64 7.47 -3.36 -1.92
N THR A 65 8.56 -2.86 -1.45
CA THR A 65 9.72 -3.66 -1.21
C THR A 65 10.16 -3.49 0.25
N LEU A 66 10.05 -4.56 1.00
CA LEU A 66 10.44 -4.59 2.41
C LEU A 66 11.69 -5.42 2.61
N GLY A 67 12.11 -5.57 3.84
CA GLY A 67 13.24 -6.40 4.13
C GLY A 67 12.82 -7.83 4.32
N VAL A 68 13.77 -8.72 4.46
CA VAL A 68 13.45 -10.13 4.63
C VAL A 68 12.71 -10.39 5.96
N HIS A 69 13.20 -9.76 7.04
CA HIS A 69 12.59 -9.85 8.37
C HIS A 69 11.14 -9.39 8.31
N ASP A 70 10.94 -8.34 7.58
CA ASP A 70 9.66 -7.70 7.46
C ASP A 70 8.73 -8.55 6.63
N PHE A 71 9.28 -9.18 5.59
CA PHE A 71 8.51 -10.03 4.70
C PHE A 71 7.98 -11.25 5.47
N GLU A 72 8.81 -11.76 6.38
CA GLU A 72 8.45 -12.87 7.24
C GLU A 72 7.25 -12.50 8.11
N LYS A 73 7.21 -11.25 8.55
CA LYS A 73 6.11 -10.76 9.36
C LYS A 73 4.89 -10.40 8.53
N LEU A 74 5.11 -10.10 7.23
CA LEU A 74 4.01 -9.79 6.30
C LEU A 74 3.09 -10.99 6.19
N GLY A 75 3.67 -12.15 6.12
CA GLY A 75 2.88 -13.34 6.11
C GLY A 75 3.37 -14.38 5.15
N ALA A 76 2.84 -15.58 5.30
CA ALA A 76 3.21 -16.71 4.45
C ALA A 76 2.51 -16.65 3.11
N ASP A 77 1.44 -15.87 3.03
CA ASP A 77 0.71 -15.70 1.77
C ASP A 77 0.82 -14.26 1.34
N PRO A 78 1.89 -13.89 0.63
CA PRO A 78 2.09 -12.51 0.20
C PRO A 78 1.02 -12.05 -0.78
N GLU A 79 0.77 -12.85 -1.81
CA GLU A 79 -0.13 -12.47 -2.89
C GLU A 79 -1.57 -12.27 -2.42
N LEU A 80 -2.10 -13.23 -1.67
CA LEU A 80 -3.48 -13.14 -1.19
C LEU A 80 -3.69 -11.93 -0.28
N LYS A 81 -2.70 -11.61 0.54
CA LYS A 81 -2.80 -10.47 1.43
C LYS A 81 -2.59 -9.17 0.67
N SER A 82 -1.83 -9.24 -0.43
CA SER A 82 -1.62 -8.09 -1.28
C SER A 82 -2.93 -7.68 -1.93
N THR A 83 -3.74 -8.66 -2.36
CA THR A 83 -5.03 -8.40 -2.96
C THR A 83 -5.93 -7.63 -1.96
N GLY A 84 -5.85 -8.02 -0.69
CA GLY A 84 -6.63 -7.38 0.33
C GLY A 84 -6.16 -5.96 0.60
N PHE A 85 -4.84 -5.79 0.72
CA PHE A 85 -4.25 -4.49 1.02
C PHE A 85 -4.42 -3.54 -0.18
N ALA A 86 -4.49 -4.11 -1.37
CA ALA A 86 -4.73 -3.34 -2.60
C ALA A 86 -6.14 -2.77 -2.57
N ARG A 87 -7.07 -3.55 -2.06
CA ARG A 87 -8.46 -3.13 -1.94
C ARG A 87 -8.55 -1.93 -1.00
N ASP A 88 -7.75 -1.95 0.06
CA ASP A 88 -7.70 -0.83 1.00
C ASP A 88 -7.16 0.41 0.32
N LEU A 89 -6.11 0.23 -0.48
CA LEU A 89 -5.52 1.35 -1.20
C LEU A 89 -6.48 1.88 -2.26
N ALA A 90 -7.28 1.00 -2.84
CA ALA A 90 -8.30 1.38 -3.80
C ALA A 90 -9.31 2.28 -3.13
N ASP A 91 -9.66 1.93 -1.91
CA ASP A 91 -10.58 2.72 -1.10
C ASP A 91 -9.99 4.10 -0.85
N TYR A 92 -8.69 4.12 -0.51
CA TYR A 92 -7.95 5.37 -0.32
C TYR A 92 -7.98 6.26 -1.55
N ILE A 93 -7.61 5.72 -2.70
CA ILE A 93 -7.54 6.54 -3.92
C ILE A 93 -8.92 7.06 -4.33
N GLN A 94 -9.96 6.29 -4.01
CA GLN A 94 -11.33 6.70 -4.23
C GLN A 94 -11.68 7.86 -3.33
N GLU A 95 -11.18 7.82 -2.10
CA GLU A 95 -11.37 8.88 -1.13
C GLU A 95 -10.68 10.16 -1.58
N GLN A 96 -9.59 10.01 -2.30
CA GLN A 96 -8.82 11.15 -2.77
C GLN A 96 -9.38 11.71 -4.07
N GLY A 97 -10.29 10.96 -4.67
CA GLY A 97 -10.92 11.38 -5.89
C GLY A 97 -10.01 11.31 -7.10
N TRP A 98 -9.12 10.35 -7.11
CA TRP A 98 -8.22 10.20 -8.22
C TRP A 98 -8.74 9.13 -9.16
N GLN A 99 -8.26 9.14 -10.37
CA GLN A 99 -8.64 8.16 -11.36
C GLN A 99 -7.43 7.35 -11.73
N THR A 100 -7.66 6.23 -12.29
CA THR A 100 -6.61 5.38 -12.75
C THR A 100 -7.23 4.42 -13.75
N TYR A 101 -6.44 3.65 -14.42
CA TYR A 101 -6.96 2.72 -15.38
C TYR A 101 -6.53 1.33 -15.05
N GLY A 102 -7.49 0.50 -14.83
CA GLY A 102 -7.23 -0.87 -14.49
C GLY A 102 -7.56 -1.11 -13.06
N ASP A 103 -7.12 -2.21 -12.54
CA ASP A 103 -7.27 -2.50 -11.13
C ASP A 103 -6.00 -2.14 -10.43
N VAL A 104 -6.12 -1.60 -9.25
CA VAL A 104 -4.96 -1.24 -8.48
C VAL A 104 -4.33 -2.52 -7.94
N VAL A 105 -3.05 -2.60 -7.97
CA VAL A 105 -2.36 -3.75 -7.52
C VAL A 105 -1.17 -3.37 -6.68
N VAL A 106 -1.13 -3.90 -5.49
CA VAL A 106 0.00 -3.75 -4.66
C VAL A 106 0.67 -5.11 -4.60
N ARG A 107 1.95 -5.13 -4.63
CA ARG A 107 2.69 -6.36 -4.51
C ARG A 107 3.81 -6.15 -3.55
N PHE A 108 4.12 -7.15 -2.79
CA PHE A 108 5.20 -7.06 -1.85
C PHE A 108 6.34 -7.95 -2.29
N GLU A 109 7.50 -7.39 -2.37
CA GLU A 109 8.71 -8.13 -2.64
C GLU A 109 9.71 -7.73 -1.56
N GLN A 110 10.79 -8.44 -1.45
CA GLN A 110 11.74 -8.14 -0.42
C GLN A 110 13.11 -7.86 -0.98
N SER A 111 13.87 -7.14 -0.21
CA SER A 111 15.24 -6.94 -0.41
C SER A 111 15.93 -7.22 0.88
N SER A 112 16.52 -8.39 0.96
CA SER A 112 17.15 -8.90 2.16
C SER A 112 18.42 -8.12 2.55
N ASN A 113 18.86 -7.24 1.67
CA ASN A 113 19.97 -6.35 1.97
C ASN A 113 19.47 -5.23 2.85
N LEU A 114 18.18 -4.95 2.73
CA LEU A 114 17.58 -3.86 3.45
C LEU A 114 16.77 -4.46 4.60
N HIS A 115 16.61 -3.73 5.68
CA HIS A 115 15.89 -4.22 6.81
C HIS A 115 15.02 -3.14 7.42
N THR A 116 14.19 -3.57 8.37
CA THR A 116 13.23 -2.77 9.12
C THR A 116 13.72 -1.36 9.43
N GLY A 117 13.07 -0.39 8.83
CA GLY A 117 13.45 0.99 8.93
C GLY A 117 13.64 1.52 7.54
N GLN A 118 14.08 0.64 6.70
CA GLN A 118 14.21 0.89 5.31
C GLN A 118 13.11 0.14 4.63
N PHE A 119 12.50 0.76 3.65
CA PHE A 119 11.51 0.11 2.83
C PHE A 119 11.19 0.99 1.66
N ARG A 120 10.74 0.40 0.62
CA ARG A 120 10.47 1.13 -0.58
C ARG A 120 9.09 0.81 -1.06
N ALA A 121 8.56 1.68 -1.84
CA ALA A 121 7.31 1.52 -2.49
C ALA A 121 7.37 2.37 -3.72
N ARG A 122 6.79 1.91 -4.77
CA ARG A 122 6.76 2.66 -5.99
C ARG A 122 5.42 2.53 -6.63
N GLY A 123 5.01 3.57 -7.26
CA GLY A 123 3.72 3.62 -7.85
C GLY A 123 3.77 4.11 -9.27
N THR A 124 3.52 3.24 -10.18
CA THR A 124 3.54 3.56 -11.57
C THR A 124 2.11 3.55 -12.12
N VAL A 125 1.79 4.52 -12.95
CA VAL A 125 0.54 4.50 -13.68
C VAL A 125 0.83 3.77 -14.97
N ASN A 126 0.30 2.58 -15.10
CA ASN A 126 0.50 1.79 -16.28
C ASN A 126 -0.72 1.93 -17.19
N PRO A 127 -0.59 2.69 -18.30
CA PRO A 127 -1.69 2.87 -19.24
C PRO A 127 -1.80 1.69 -20.21
N ASP A 128 -0.79 0.82 -20.21
CA ASP A 128 -0.81 -0.35 -21.07
C ASP A 128 -1.36 -1.49 -20.30
N VAL A 129 -2.61 -1.39 -20.11
CA VAL A 129 -3.41 -2.35 -19.49
C VAL A 129 -4.70 -2.33 -20.25
N GLU A 130 -5.30 -3.45 -20.41
CA GLU A 130 -6.53 -3.54 -21.14
C GLU A 130 -7.68 -2.97 -20.35
N THR A 131 -8.46 -2.19 -21.01
CA THR A 131 -9.58 -1.56 -20.44
C THR A 131 -10.64 -1.44 -21.52
N HIS A 132 -11.86 -1.73 -21.17
CA HIS A 132 -12.93 -1.69 -22.10
C HIS A 132 -14.03 -0.81 -21.51
N MET A 1 8.49 29.45 48.95
CA MET A 1 8.90 28.09 48.63
C MET A 1 8.04 27.57 47.49
N GLY A 2 8.37 26.41 46.98
CA GLY A 2 7.61 25.84 45.88
C GLY A 2 8.47 25.68 44.65
N SER A 3 9.77 25.86 44.82
CA SER A 3 10.71 25.70 43.75
C SER A 3 11.00 24.23 43.52
N GLN A 4 10.14 23.61 42.75
CA GLN A 4 10.25 22.21 42.46
C GLN A 4 10.56 21.99 41.01
N LYS A 5 10.99 20.79 40.72
CA LYS A 5 11.36 20.43 39.38
C LYS A 5 10.13 19.99 38.63
N ARG A 6 10.14 20.19 37.36
CA ARG A 6 9.11 19.64 36.54
C ARG A 6 9.66 18.31 36.06
N LEU A 7 9.32 17.26 36.78
CA LEU A 7 9.87 15.92 36.54
C LEU A 7 9.52 15.40 35.17
N VAL A 8 8.29 15.65 34.75
CA VAL A 8 7.76 15.15 33.50
C VAL A 8 7.67 13.63 33.52
N GLN A 9 6.54 13.16 33.94
CA GLN A 9 6.26 11.77 34.01
C GLN A 9 4.77 11.61 33.98
N ARG A 10 4.29 10.86 33.04
CA ARG A 10 2.90 10.62 32.94
C ARG A 10 2.55 9.47 33.86
N VAL A 11 1.49 9.63 34.62
CA VAL A 11 1.06 8.59 35.51
C VAL A 11 0.41 7.48 34.69
N GLU A 12 1.20 6.48 34.44
CA GLU A 12 0.81 5.35 33.62
C GLU A 12 -0.21 4.45 34.31
N ARG A 13 -0.99 3.79 33.52
CA ARG A 13 -1.91 2.80 34.01
C ARG A 13 -1.57 1.48 33.39
N LYS A 14 -0.57 0.86 33.92
CA LYS A 14 -0.11 -0.41 33.44
C LYS A 14 -0.47 -1.44 34.48
N LEU A 15 -1.68 -1.92 34.42
CA LEU A 15 -2.15 -2.93 35.33
C LEU A 15 -1.57 -4.25 34.87
N GLU A 16 -1.57 -4.43 33.58
CA GLU A 16 -1.00 -5.57 32.95
C GLU A 16 -0.28 -5.09 31.72
N GLN A 17 0.70 -5.81 31.28
CA GLN A 17 1.46 -5.42 30.12
C GLN A 17 0.75 -5.86 28.85
N THR A 18 0.97 -5.14 27.79
CA THR A 18 0.42 -5.47 26.51
C THR A 18 1.09 -6.74 26.01
N VAL A 19 0.36 -7.79 25.99
CA VAL A 19 0.88 -9.07 25.63
C VAL A 19 -0.17 -9.84 24.85
N GLY A 20 0.27 -10.63 23.90
CA GLY A 20 -0.65 -11.33 23.05
C GLY A 20 -0.96 -10.48 21.85
N ASP A 21 -0.03 -9.64 21.51
CA ASP A 21 -0.17 -8.72 20.40
C ASP A 21 1.12 -8.75 19.63
N ALA A 22 1.04 -9.27 18.43
CA ALA A 22 2.21 -9.50 17.57
C ALA A 22 3.10 -8.27 17.41
N PHE A 23 2.52 -7.20 16.95
CA PHE A 23 3.27 -5.99 16.68
C PHE A 23 3.89 -5.39 17.93
N ALA A 24 3.13 -5.35 19.02
CA ALA A 24 3.63 -4.79 20.27
C ALA A 24 4.80 -5.59 20.81
N ARG A 25 4.71 -6.89 20.69
CA ARG A 25 5.67 -7.79 21.14
C ARG A 25 6.95 -7.72 20.30
N ILE A 26 6.79 -7.60 18.99
CA ILE A 26 7.93 -7.58 18.09
C ILE A 26 8.59 -6.21 18.04
N PHE A 27 7.83 -5.18 17.73
CA PHE A 27 8.40 -3.88 17.46
C PHE A 27 8.53 -3.00 18.68
N GLY A 28 7.64 -3.16 19.65
CA GLY A 28 7.68 -2.33 20.85
C GLY A 28 7.21 -0.89 20.60
N GLY A 29 7.98 -0.14 19.84
CA GLY A 29 7.66 1.25 19.57
C GLY A 29 6.73 1.43 18.39
N SER A 30 7.27 1.35 17.18
CA SER A 30 6.46 1.53 15.99
C SER A 30 5.75 0.22 15.68
N ILE A 31 4.54 0.09 16.21
CA ILE A 31 3.76 -1.13 16.11
C ILE A 31 2.57 -0.92 15.16
N VAL A 32 2.67 0.08 14.34
CA VAL A 32 1.56 0.45 13.49
C VAL A 32 1.68 -0.09 12.05
N PRO A 33 0.67 -0.85 11.59
CA PRO A 33 0.63 -1.32 10.19
C PRO A 33 0.24 -0.15 9.28
N GLN A 34 -0.22 0.92 9.93
CA GLN A 34 -0.64 2.17 9.32
C GLN A 34 0.51 2.82 8.59
N GLU A 35 1.75 2.43 8.96
CA GLU A 35 2.97 2.92 8.33
C GLU A 35 2.88 2.71 6.82
N VAL A 36 2.48 1.50 6.46
CA VAL A 36 2.38 1.11 5.06
C VAL A 36 1.17 1.78 4.43
N GLU A 37 0.05 1.75 5.14
CA GLU A 37 -1.22 2.33 4.66
C GLU A 37 -1.06 3.80 4.29
N ALA A 38 -0.54 4.58 5.23
CA ALA A 38 -0.34 6.00 5.04
C ALA A 38 0.70 6.27 3.96
N LEU A 39 1.73 5.45 3.92
CA LEU A 39 2.82 5.63 2.97
C LEU A 39 2.30 5.37 1.54
N LEU A 40 1.49 4.34 1.38
CA LEU A 40 0.94 3.99 0.07
C LEU A 40 -0.02 5.03 -0.46
N ARG A 41 -0.91 5.54 0.38
CA ARG A 41 -1.84 6.56 -0.06
C ARG A 41 -1.10 7.88 -0.34
N ARG A 42 0.00 8.09 0.38
CA ARG A 42 0.86 9.25 0.16
C ARG A 42 1.59 9.09 -1.17
N GLU A 43 1.99 7.86 -1.47
CA GLU A 43 2.68 7.52 -2.70
C GLU A 43 1.72 7.74 -3.88
N ALA A 44 0.46 7.41 -3.66
CA ALA A 44 -0.59 7.63 -4.65
C ALA A 44 -0.77 9.12 -4.90
N ALA A 45 -0.79 9.90 -3.82
CA ALA A 45 -0.98 11.34 -3.89
C ALA A 45 0.22 12.04 -4.52
N ASP A 46 1.38 11.48 -4.32
CA ASP A 46 2.60 12.05 -4.86
C ASP A 46 2.72 11.78 -6.36
N GLY A 47 2.21 10.64 -6.77
CA GLY A 47 2.27 10.24 -8.17
C GLY A 47 1.14 10.80 -9.00
N ILE A 48 0.47 11.80 -8.46
CA ILE A 48 -0.62 12.47 -9.11
C ILE A 48 -0.15 13.26 -10.33
N GLN A 49 -0.84 13.06 -11.42
CA GLN A 49 -0.58 13.76 -12.64
C GLN A 49 -1.77 14.59 -12.99
N SER A 50 -1.51 15.69 -13.60
CA SER A 50 -2.53 16.62 -13.99
C SER A 50 -3.26 16.15 -15.24
N LEU A 51 -4.43 15.63 -15.01
CA LEU A 51 -5.32 15.15 -16.03
C LEU A 51 -6.42 16.22 -16.15
N GLN A 52 -7.54 15.91 -16.81
CA GLN A 52 -8.70 16.82 -16.80
C GLN A 52 -9.02 17.17 -15.36
N GLY A 53 -9.34 18.44 -15.09
CA GLY A 53 -9.50 18.94 -13.72
C GLY A 53 -10.73 18.44 -12.99
N ASN A 54 -11.25 17.34 -13.43
CA ASN A 54 -12.36 16.73 -12.80
C ASN A 54 -11.88 15.54 -12.01
N ARG A 55 -10.73 15.00 -12.43
CA ARG A 55 -10.13 13.82 -11.83
C ARG A 55 -8.67 13.72 -12.22
N LEU A 56 -7.85 13.44 -11.25
CA LEU A 56 -6.41 13.39 -11.42
C LEU A 56 -5.95 11.97 -11.64
N LEU A 57 -4.86 11.82 -12.34
CA LEU A 57 -4.35 10.52 -12.67
C LEU A 57 -3.37 10.10 -11.57
N ALA A 58 -3.60 8.93 -11.02
CA ALA A 58 -2.79 8.39 -9.94
C ALA A 58 -2.11 7.10 -10.40
N PRO A 59 -1.01 6.65 -9.73
CA PRO A 59 -0.34 5.39 -10.05
C PRO A 59 -1.22 4.17 -9.74
N ASN A 60 -0.93 3.07 -10.38
CA ASN A 60 -1.72 1.86 -10.22
C ASN A 60 -0.87 0.67 -9.83
N GLU A 61 0.39 0.70 -10.19
CA GLU A 61 1.26 -0.42 -9.92
C GLU A 61 2.24 -0.05 -8.82
N TYR A 62 2.05 -0.66 -7.69
CA TYR A 62 2.85 -0.39 -6.52
C TYR A 62 3.63 -1.63 -6.11
N ILE A 63 4.92 -1.52 -6.12
CA ILE A 63 5.77 -2.60 -5.71
C ILE A 63 6.39 -2.26 -4.37
N ILE A 64 6.11 -3.07 -3.39
CA ILE A 64 6.64 -2.89 -2.08
C ILE A 64 7.60 -4.03 -1.78
N THR A 65 8.79 -3.68 -1.43
CA THR A 65 9.79 -4.66 -1.16
C THR A 65 10.25 -4.49 0.29
N LEU A 66 10.33 -5.59 1.00
CA LEU A 66 10.86 -5.61 2.36
C LEU A 66 12.07 -6.52 2.45
N GLY A 67 12.71 -6.53 3.60
CA GLY A 67 13.76 -7.46 3.86
C GLY A 67 13.17 -8.78 4.29
N VAL A 68 13.95 -9.83 4.31
CA VAL A 68 13.45 -11.16 4.68
C VAL A 68 12.88 -11.15 6.09
N HIS A 69 13.73 -10.80 7.04
CA HIS A 69 13.39 -10.73 8.45
C HIS A 69 12.16 -9.85 8.67
N ASP A 70 12.21 -8.69 8.08
CA ASP A 70 11.17 -7.68 8.16
C ASP A 70 9.85 -8.21 7.67
N PHE A 71 9.86 -8.81 6.48
CA PHE A 71 8.66 -9.30 5.87
C PHE A 71 8.06 -10.44 6.67
N GLU A 72 8.90 -11.32 7.20
CA GLU A 72 8.41 -12.44 7.99
C GLU A 72 7.77 -11.96 9.29
N LYS A 73 8.27 -10.84 9.81
CA LYS A 73 7.71 -10.25 11.02
C LYS A 73 6.44 -9.46 10.72
N LEU A 74 6.33 -8.96 9.50
CA LEU A 74 5.11 -8.28 9.08
C LEU A 74 4.04 -9.32 8.82
N GLY A 75 4.48 -10.44 8.35
CA GLY A 75 3.62 -11.54 8.03
C GLY A 75 4.01 -12.09 6.69
N ALA A 76 4.46 -13.31 6.66
CA ALA A 76 4.96 -13.94 5.43
C ALA A 76 3.81 -14.39 4.53
N ASP A 77 2.59 -14.13 4.97
CA ASP A 77 1.36 -14.42 4.22
C ASP A 77 1.12 -13.31 3.18
N PRO A 78 1.44 -13.58 1.91
CA PRO A 78 1.42 -12.55 0.87
C PRO A 78 0.03 -12.13 0.36
N GLU A 79 -0.93 -13.07 0.33
CA GLU A 79 -2.20 -12.80 -0.33
C GLU A 79 -3.00 -11.72 0.38
N LEU A 80 -3.14 -11.84 1.69
CA LEU A 80 -3.93 -10.89 2.46
C LEU A 80 -3.24 -9.53 2.55
N LYS A 81 -1.96 -9.50 2.24
CA LYS A 81 -1.23 -8.24 2.20
C LYS A 81 -1.50 -7.57 0.88
N SER A 82 -1.18 -8.28 -0.19
CA SER A 82 -1.23 -7.74 -1.53
C SER A 82 -2.65 -7.35 -1.92
N THR A 83 -3.58 -8.27 -1.78
CA THR A 83 -4.94 -8.03 -2.17
C THR A 83 -5.61 -7.02 -1.23
N GLY A 84 -5.25 -7.08 0.06
CA GLY A 84 -5.83 -6.18 1.04
C GLY A 84 -5.51 -4.75 0.74
N PHE A 85 -4.24 -4.47 0.54
CA PHE A 85 -3.80 -3.13 0.24
C PHE A 85 -4.19 -2.68 -1.15
N ALA A 86 -4.17 -3.59 -2.14
CA ALA A 86 -4.55 -3.22 -3.50
C ALA A 86 -6.00 -2.77 -3.55
N ARG A 87 -6.86 -3.52 -2.88
CA ARG A 87 -8.28 -3.21 -2.81
C ARG A 87 -8.50 -1.87 -2.10
N ASP A 88 -7.87 -1.73 -0.94
CA ASP A 88 -8.05 -0.54 -0.10
C ASP A 88 -7.47 0.71 -0.76
N LEU A 89 -6.35 0.57 -1.45
CA LEU A 89 -5.72 1.68 -2.13
C LEU A 89 -6.51 2.06 -3.40
N ALA A 90 -7.08 1.06 -4.08
CA ALA A 90 -7.92 1.32 -5.24
C ALA A 90 -9.16 2.08 -4.79
N ASP A 91 -9.64 1.71 -3.63
CA ASP A 91 -10.76 2.37 -3.00
C ASP A 91 -10.39 3.80 -2.66
N TYR A 92 -9.23 3.98 -2.01
CA TYR A 92 -8.71 5.31 -1.69
C TYR A 92 -8.66 6.24 -2.87
N ILE A 93 -8.02 5.80 -3.96
CA ILE A 93 -7.86 6.66 -5.12
C ILE A 93 -9.22 7.04 -5.72
N GLN A 94 -10.17 6.10 -5.70
CA GLN A 94 -11.50 6.38 -6.20
C GLN A 94 -12.22 7.36 -5.30
N GLU A 95 -12.07 7.19 -3.99
CA GLU A 95 -12.65 8.09 -3.02
C GLU A 95 -12.13 9.52 -3.20
N GLN A 96 -10.85 9.64 -3.49
CA GLN A 96 -10.20 10.94 -3.67
C GLN A 96 -10.58 11.60 -4.99
N GLY A 97 -11.18 10.85 -5.86
CA GLY A 97 -11.58 11.38 -7.14
C GLY A 97 -10.44 11.34 -8.10
N TRP A 98 -9.65 10.30 -8.01
CA TRP A 98 -8.57 10.07 -8.92
C TRP A 98 -8.89 8.83 -9.73
N GLN A 99 -8.10 8.57 -10.74
CA GLN A 99 -8.24 7.38 -11.55
C GLN A 99 -6.89 7.01 -12.12
N THR A 100 -6.82 5.94 -12.85
CA THR A 100 -5.57 5.51 -13.41
C THR A 100 -5.83 4.76 -14.73
N TYR A 101 -4.78 4.33 -15.39
CA TYR A 101 -4.89 3.58 -16.62
C TYR A 101 -4.43 2.18 -16.35
N GLY A 102 -5.28 1.23 -16.57
CA GLY A 102 -4.92 -0.13 -16.31
C GLY A 102 -5.65 -0.64 -15.11
N ASP A 103 -5.04 -1.56 -14.42
CA ASP A 103 -5.62 -2.14 -13.22
C ASP A 103 -4.69 -1.90 -12.05
N VAL A 104 -5.26 -1.74 -10.87
CA VAL A 104 -4.48 -1.45 -9.68
C VAL A 104 -3.92 -2.73 -9.06
N VAL A 105 -2.63 -2.76 -8.88
CA VAL A 105 -1.96 -3.89 -8.32
C VAL A 105 -0.88 -3.43 -7.34
N VAL A 106 -1.02 -3.86 -6.12
CA VAL A 106 -0.09 -3.54 -5.07
C VAL A 106 0.52 -4.84 -4.59
N ARG A 107 1.78 -5.01 -4.84
CA ARG A 107 2.46 -6.26 -4.53
C ARG A 107 3.54 -6.08 -3.48
N PHE A 108 3.61 -7.02 -2.57
CA PHE A 108 4.58 -7.00 -1.47
C PHE A 108 5.45 -8.22 -1.61
N GLU A 109 6.73 -8.06 -1.45
CA GLU A 109 7.65 -9.18 -1.49
C GLU A 109 8.94 -8.86 -0.75
N GLN A 110 9.69 -9.88 -0.45
CA GLN A 110 10.96 -9.74 0.26
C GLN A 110 12.12 -9.68 -0.70
N SER A 111 13.25 -9.25 -0.20
CA SER A 111 14.47 -9.18 -0.94
C SER A 111 15.64 -9.36 0.01
N SER A 112 16.71 -9.91 -0.50
CA SER A 112 17.92 -10.08 0.25
C SER A 112 18.71 -8.75 0.29
N ASN A 113 18.45 -7.88 -0.71
CA ASN A 113 19.11 -6.58 -0.85
C ASN A 113 18.73 -5.66 0.29
N LEU A 114 17.56 -5.87 0.83
CA LEU A 114 17.07 -5.07 1.90
C LEU A 114 17.33 -5.72 3.22
N HIS A 115 17.78 -4.93 4.15
CA HIS A 115 18.09 -5.38 5.47
C HIS A 115 17.04 -4.77 6.41
N THR A 116 17.02 -5.17 7.64
CA THR A 116 16.00 -4.76 8.57
C THR A 116 15.91 -3.24 8.79
N GLY A 117 14.70 -2.75 8.61
CA GLY A 117 14.41 -1.35 8.74
C GLY A 117 14.24 -0.71 7.39
N GLN A 118 14.55 -1.43 6.35
CA GLN A 118 14.46 -0.90 5.01
C GLN A 118 13.25 -1.45 4.31
N PHE A 119 12.54 -0.59 3.64
CA PHE A 119 11.43 -1.00 2.83
C PHE A 119 11.37 -0.12 1.62
N ARG A 120 10.88 -0.64 0.56
CA ARG A 120 10.72 0.14 -0.63
C ARG A 120 9.30 0.05 -1.04
N ALA A 121 8.78 1.11 -1.55
CA ALA A 121 7.47 1.14 -2.09
C ALA A 121 7.52 2.04 -3.28
N ARG A 122 7.26 1.52 -4.43
CA ARG A 122 7.34 2.31 -5.61
C ARG A 122 6.01 2.35 -6.29
N GLY A 123 5.50 3.54 -6.47
CA GLY A 123 4.29 3.71 -7.18
C GLY A 123 4.57 4.12 -8.59
N THR A 124 4.15 3.31 -9.51
CA THR A 124 4.37 3.57 -10.90
C THR A 124 3.06 3.54 -11.66
N VAL A 125 3.03 4.19 -12.78
CA VAL A 125 1.88 4.16 -13.63
C VAL A 125 2.15 3.14 -14.71
N ASN A 126 1.45 2.05 -14.68
CA ASN A 126 1.58 1.05 -15.70
C ASN A 126 0.25 0.92 -16.38
N PRO A 127 0.10 1.61 -17.53
CA PRO A 127 -1.16 1.61 -18.28
C PRO A 127 -1.44 0.26 -18.90
N ASP A 128 -0.39 -0.51 -19.13
CA ASP A 128 -0.53 -1.78 -19.78
C ASP A 128 -0.69 -2.89 -18.78
N VAL A 129 -1.82 -2.88 -18.16
CA VAL A 129 -2.23 -3.95 -17.30
C VAL A 129 -3.56 -4.40 -17.84
N GLU A 130 -3.54 -5.43 -18.61
CA GLU A 130 -4.70 -5.89 -19.29
C GLU A 130 -5.53 -6.77 -18.40
N THR A 131 -6.54 -6.19 -17.83
CA THR A 131 -7.45 -6.91 -17.02
C THR A 131 -8.73 -7.13 -17.83
N HIS A 132 -9.13 -8.38 -17.97
CA HIS A 132 -10.27 -8.75 -18.77
C HIS A 132 -10.63 -10.18 -18.45
N MET A 1 0.27 39.76 16.88
CA MET A 1 0.37 39.55 18.32
C MET A 1 1.65 38.78 18.61
N GLY A 2 2.28 39.10 19.70
CA GLY A 2 3.50 38.46 20.06
C GLY A 2 3.30 37.63 21.29
N SER A 3 2.93 36.41 21.08
CA SER A 3 2.64 35.53 22.17
C SER A 3 2.93 34.10 21.76
N GLN A 4 3.85 33.47 22.46
CA GLN A 4 4.19 32.09 22.21
C GLN A 4 5.08 31.59 23.33
N LYS A 5 4.72 30.46 23.85
CA LYS A 5 5.48 29.83 24.90
C LYS A 5 5.48 28.34 24.66
N ARG A 6 6.38 27.65 25.28
CA ARG A 6 6.44 26.24 25.13
C ARG A 6 6.94 25.59 26.40
N LEU A 7 6.05 25.48 27.34
CA LEU A 7 6.32 24.81 28.57
C LEU A 7 5.41 23.60 28.55
N VAL A 8 5.96 22.50 28.14
CA VAL A 8 5.20 21.30 27.99
C VAL A 8 5.62 20.29 29.01
N GLN A 9 4.75 20.01 29.95
CA GLN A 9 5.02 18.96 30.88
C GLN A 9 4.70 17.67 30.19
N ARG A 10 5.71 16.97 29.80
CA ARG A 10 5.56 15.72 29.12
C ARG A 10 5.14 14.61 30.06
N VAL A 11 3.87 14.59 30.33
CA VAL A 11 3.26 13.60 31.15
C VAL A 11 3.34 12.29 30.41
N GLU A 12 3.88 11.31 31.06
CA GLU A 12 4.05 10.01 30.49
C GLU A 12 2.73 9.37 30.22
N ARG A 13 2.62 8.77 29.07
CA ARG A 13 1.42 8.08 28.70
C ARG A 13 1.39 6.79 29.43
N LYS A 14 0.23 6.39 29.82
CA LYS A 14 0.04 5.12 30.42
C LYS A 14 0.00 4.09 29.32
N LEU A 15 1.17 3.61 28.97
CA LEU A 15 1.36 2.67 27.90
C LEU A 15 0.72 1.36 28.27
N GLU A 16 0.12 0.74 27.32
CA GLU A 16 -0.51 -0.49 27.60
C GLU A 16 0.38 -1.64 27.19
N GLN A 17 0.45 -2.62 28.05
CA GLN A 17 1.22 -3.78 27.84
C GLN A 17 0.37 -4.70 26.99
N THR A 18 0.46 -4.52 25.71
CA THR A 18 -0.37 -5.21 24.77
C THR A 18 0.02 -6.67 24.64
N VAL A 19 -0.64 -7.48 25.42
CA VAL A 19 -0.44 -8.89 25.41
C VAL A 19 -1.07 -9.47 24.15
N GLY A 20 -0.31 -10.22 23.42
CA GLY A 20 -0.82 -10.84 22.23
C GLY A 20 -0.45 -10.06 21.00
N ASP A 21 0.19 -8.91 21.21
CA ASP A 21 0.64 -8.09 20.09
C ASP A 21 1.94 -8.61 19.57
N ALA A 22 1.82 -9.56 18.67
CA ALA A 22 2.92 -10.24 18.08
C ALA A 22 3.76 -9.30 17.28
N PHE A 23 3.15 -8.69 16.28
CA PHE A 23 3.83 -7.79 15.36
C PHE A 23 4.64 -6.72 16.08
N ALA A 24 4.00 -6.05 17.02
CA ALA A 24 4.64 -5.02 17.81
C ALA A 24 5.86 -5.58 18.55
N ARG A 25 5.72 -6.76 19.12
CA ARG A 25 6.77 -7.40 19.87
C ARG A 25 7.81 -8.13 19.02
N ILE A 26 7.48 -8.46 17.79
CA ILE A 26 8.44 -9.01 16.84
C ILE A 26 9.50 -7.95 16.55
N PHE A 27 9.05 -6.72 16.39
CA PHE A 27 9.95 -5.62 16.13
C PHE A 27 10.51 -5.08 17.43
N GLY A 28 9.85 -5.40 18.52
CA GLY A 28 10.29 -4.99 19.83
C GLY A 28 9.79 -3.61 20.17
N GLY A 29 10.26 -2.62 19.41
CA GLY A 29 9.91 -1.23 19.64
C GLY A 29 8.56 -0.83 19.09
N SER A 30 7.66 -1.81 18.99
CA SER A 30 6.29 -1.66 18.52
C SER A 30 6.17 -0.93 17.19
N ILE A 31 6.49 -1.61 16.13
CA ILE A 31 6.32 -1.04 14.81
C ILE A 31 4.99 -1.50 14.30
N VAL A 32 4.03 -0.63 14.39
CA VAL A 32 2.68 -0.93 13.99
C VAL A 32 2.59 -0.77 12.46
N PRO A 33 1.99 -1.76 11.75
CA PRO A 33 1.86 -1.74 10.25
C PRO A 33 0.94 -0.62 9.70
N GLN A 34 0.86 0.50 10.39
CA GLN A 34 0.00 1.59 9.97
C GLN A 34 0.76 2.63 9.16
N GLU A 35 2.07 2.66 9.32
CA GLU A 35 2.91 3.62 8.60
C GLU A 35 2.93 3.28 7.12
N VAL A 36 2.89 1.99 6.82
CA VAL A 36 2.84 1.51 5.43
C VAL A 36 1.63 2.13 4.71
N GLU A 37 0.45 2.03 5.33
CA GLU A 37 -0.80 2.55 4.76
C GLU A 37 -0.69 4.06 4.55
N ALA A 38 -0.14 4.75 5.54
CA ALA A 38 0.04 6.18 5.49
C ALA A 38 0.91 6.59 4.31
N LEU A 39 2.01 5.89 4.14
CA LEU A 39 2.92 6.18 3.06
C LEU A 39 2.41 5.73 1.71
N LEU A 40 1.52 4.76 1.69
CA LEU A 40 0.90 4.32 0.43
C LEU A 40 0.01 5.43 -0.12
N ARG A 41 -0.67 6.11 0.79
CA ARG A 41 -1.51 7.25 0.40
C ARG A 41 -0.62 8.36 -0.16
N ARG A 42 0.50 8.58 0.50
CA ARG A 42 1.45 9.60 0.09
C ARG A 42 2.17 9.20 -1.19
N GLU A 43 2.32 7.91 -1.39
CA GLU A 43 2.91 7.36 -2.60
C GLU A 43 1.96 7.60 -3.77
N ALA A 44 0.68 7.34 -3.54
CA ALA A 44 -0.36 7.59 -4.54
C ALA A 44 -0.37 9.06 -4.91
N ALA A 45 -0.24 9.91 -3.90
CA ALA A 45 -0.18 11.35 -4.09
C ALA A 45 1.09 11.76 -4.82
N ASP A 46 2.18 11.09 -4.53
CA ASP A 46 3.48 11.38 -5.14
C ASP A 46 3.49 11.06 -6.62
N GLY A 47 2.86 9.95 -6.96
CA GLY A 47 2.82 9.50 -8.34
C GLY A 47 1.71 10.13 -9.15
N ILE A 48 1.01 11.10 -8.57
CA ILE A 48 -0.07 11.82 -9.23
C ILE A 48 0.41 12.52 -10.49
N GLN A 49 -0.31 12.32 -11.56
CA GLN A 49 -0.04 12.95 -12.80
C GLN A 49 -1.17 13.84 -13.19
N SER A 50 -0.82 15.02 -13.62
CA SER A 50 -1.78 16.01 -14.03
C SER A 50 -2.39 15.61 -15.37
N LEU A 51 -3.61 15.19 -15.30
CA LEU A 51 -4.36 14.72 -16.44
C LEU A 51 -5.42 15.78 -16.75
N GLN A 52 -6.41 15.44 -17.55
CA GLN A 52 -7.54 16.31 -17.87
C GLN A 52 -8.19 16.89 -16.62
N GLY A 53 -8.95 17.94 -16.83
CA GLY A 53 -9.59 18.69 -15.75
C GLY A 53 -10.65 17.90 -15.01
N ASN A 54 -10.96 16.73 -15.52
CA ASN A 54 -11.91 15.87 -14.86
C ASN A 54 -11.31 15.37 -13.58
N ARG A 55 -10.06 14.87 -13.65
CA ARG A 55 -9.37 14.31 -12.50
C ARG A 55 -7.94 13.89 -12.80
N LEU A 56 -7.23 13.62 -11.73
CA LEU A 56 -5.82 13.29 -11.77
C LEU A 56 -5.62 11.79 -11.89
N LEU A 57 -4.51 11.43 -12.49
CA LEU A 57 -4.20 10.06 -12.72
C LEU A 57 -3.24 9.60 -11.62
N ALA A 58 -3.60 8.54 -10.96
CA ALA A 58 -2.83 7.98 -9.86
C ALA A 58 -2.18 6.67 -10.30
N PRO A 59 -1.09 6.23 -9.62
CA PRO A 59 -0.43 4.96 -9.93
C PRO A 59 -1.33 3.73 -9.75
N ASN A 60 -0.96 2.66 -10.41
CA ASN A 60 -1.70 1.40 -10.33
C ASN A 60 -0.79 0.26 -9.90
N GLU A 61 0.47 0.38 -10.27
CA GLU A 61 1.51 -0.59 -9.93
C GLU A 61 2.18 -0.15 -8.64
N TYR A 62 1.92 -0.85 -7.57
CA TYR A 62 2.53 -0.53 -6.29
C TYR A 62 3.41 -1.66 -5.84
N ILE A 63 4.68 -1.38 -5.70
CA ILE A 63 5.63 -2.36 -5.31
C ILE A 63 6.19 -2.00 -3.95
N ILE A 64 5.91 -2.83 -2.98
CA ILE A 64 6.39 -2.67 -1.65
C ILE A 64 7.41 -3.75 -1.39
N THR A 65 8.52 -3.38 -0.86
CA THR A 65 9.58 -4.30 -0.62
C THR A 65 10.19 -4.04 0.74
N LEU A 66 10.44 -5.10 1.48
CA LEU A 66 11.12 -5.04 2.77
C LEU A 66 12.25 -6.05 2.79
N GLY A 67 12.95 -6.11 3.91
CA GLY A 67 13.99 -7.11 4.08
C GLY A 67 13.37 -8.48 4.20
N VAL A 68 14.12 -9.52 3.88
CA VAL A 68 13.60 -10.90 3.86
C VAL A 68 12.99 -11.29 5.21
N HIS A 69 13.78 -11.19 6.26
CA HIS A 69 13.34 -11.55 7.60
C HIS A 69 12.15 -10.71 8.00
N ASP A 70 12.24 -9.43 7.74
CA ASP A 70 11.25 -8.44 8.15
C ASP A 70 9.91 -8.75 7.48
N PHE A 71 9.97 -9.08 6.20
CA PHE A 71 8.80 -9.41 5.44
C PHE A 71 8.19 -10.73 5.91
N GLU A 72 9.03 -11.70 6.23
CA GLU A 72 8.55 -12.98 6.70
C GLU A 72 7.84 -12.85 8.04
N LYS A 73 8.24 -11.86 8.84
CA LYS A 73 7.59 -11.67 10.11
C LYS A 73 6.25 -10.97 9.90
N LEU A 74 6.12 -10.25 8.79
CA LEU A 74 4.85 -9.65 8.44
C LEU A 74 3.86 -10.73 8.04
N GLY A 75 4.34 -11.74 7.37
CA GLY A 75 3.51 -12.84 6.98
C GLY A 75 4.06 -13.52 5.78
N ALA A 76 3.69 -14.75 5.57
CA ALA A 76 4.20 -15.54 4.47
C ALA A 76 3.36 -15.36 3.20
N ASP A 77 2.24 -14.67 3.33
CA ASP A 77 1.34 -14.46 2.21
C ASP A 77 1.42 -13.04 1.70
N PRO A 78 2.10 -12.81 0.58
CA PRO A 78 2.13 -11.50 -0.03
C PRO A 78 0.77 -11.16 -0.63
N GLU A 79 0.12 -12.18 -1.18
CA GLU A 79 -1.17 -12.03 -1.86
C GLU A 79 -2.31 -11.69 -0.90
N LEU A 80 -2.23 -12.14 0.35
CA LEU A 80 -3.24 -11.82 1.36
C LEU A 80 -3.17 -10.31 1.58
N LYS A 81 -1.95 -9.82 1.66
CA LYS A 81 -1.68 -8.43 1.86
C LYS A 81 -2.08 -7.65 0.61
N SER A 82 -1.81 -8.23 -0.56
CA SER A 82 -2.16 -7.63 -1.82
C SER A 82 -3.67 -7.40 -1.91
N THR A 83 -4.44 -8.41 -1.56
CA THR A 83 -5.88 -8.34 -1.59
C THR A 83 -6.39 -7.19 -0.69
N GLY A 84 -5.88 -7.16 0.54
CA GLY A 84 -6.28 -6.15 1.49
C GLY A 84 -5.89 -4.75 1.08
N PHE A 85 -4.61 -4.56 0.83
CA PHE A 85 -4.05 -3.25 0.52
C PHE A 85 -4.51 -2.70 -0.83
N ALA A 86 -4.66 -3.57 -1.83
CA ALA A 86 -5.08 -3.09 -3.15
C ALA A 86 -6.49 -2.57 -3.11
N ARG A 87 -7.36 -3.33 -2.45
CA ARG A 87 -8.76 -2.94 -2.35
C ARG A 87 -8.90 -1.66 -1.52
N ASP A 88 -8.12 -1.59 -0.47
CA ASP A 88 -8.10 -0.44 0.43
C ASP A 88 -7.62 0.81 -0.30
N LEU A 89 -6.47 0.71 -0.93
CA LEU A 89 -5.86 1.83 -1.63
C LEU A 89 -6.70 2.24 -2.87
N ALA A 90 -7.38 1.26 -3.47
CA ALA A 90 -8.27 1.54 -4.60
C ALA A 90 -9.46 2.37 -4.13
N ASP A 91 -9.89 2.11 -2.92
CA ASP A 91 -11.01 2.83 -2.35
C ASP A 91 -10.57 4.25 -2.06
N TYR A 92 -9.32 4.38 -1.56
CA TYR A 92 -8.69 5.69 -1.30
C TYR A 92 -8.63 6.55 -2.52
N ILE A 93 -8.10 6.02 -3.64
CA ILE A 93 -7.97 6.82 -4.85
C ILE A 93 -9.33 7.29 -5.36
N GLN A 94 -10.33 6.42 -5.22
CA GLN A 94 -11.69 6.76 -5.60
C GLN A 94 -12.25 7.82 -4.68
N GLU A 95 -11.91 7.71 -3.41
CA GLU A 95 -12.31 8.69 -2.40
C GLU A 95 -11.78 10.06 -2.74
N GLN A 96 -10.52 10.10 -3.14
CA GLN A 96 -9.86 11.34 -3.48
C GLN A 96 -10.32 11.85 -4.84
N GLY A 97 -10.98 11.00 -5.58
CA GLY A 97 -11.50 11.35 -6.85
C GLY A 97 -10.49 11.21 -7.96
N TRP A 98 -9.54 10.32 -7.76
CA TRP A 98 -8.53 10.08 -8.76
C TRP A 98 -8.89 8.83 -9.53
N GLN A 99 -8.15 8.56 -10.58
CA GLN A 99 -8.38 7.38 -11.38
C GLN A 99 -7.06 6.85 -11.89
N THR A 100 -7.10 5.72 -12.51
CA THR A 100 -5.94 5.12 -13.09
C THR A 100 -6.44 4.17 -14.17
N TYR A 101 -5.55 3.52 -14.89
CA TYR A 101 -5.99 2.57 -15.88
C TYR A 101 -5.83 1.20 -15.30
N GLY A 102 -6.91 0.50 -15.16
CA GLY A 102 -6.86 -0.80 -14.57
C GLY A 102 -7.40 -0.72 -13.18
N ASP A 103 -6.92 -1.55 -12.31
CA ASP A 103 -7.22 -1.45 -10.92
C ASP A 103 -5.91 -1.54 -10.16
N VAL A 104 -5.94 -1.27 -8.89
CA VAL A 104 -4.72 -1.19 -8.10
C VAL A 104 -4.15 -2.58 -7.86
N VAL A 105 -2.94 -2.78 -8.29
CA VAL A 105 -2.25 -4.01 -8.08
C VAL A 105 -1.04 -3.74 -7.21
N VAL A 106 -1.00 -4.38 -6.07
CA VAL A 106 0.05 -4.14 -5.15
C VAL A 106 0.83 -5.42 -4.88
N ARG A 107 2.11 -5.32 -5.00
CA ARG A 107 2.98 -6.43 -4.82
C ARG A 107 3.89 -6.18 -3.64
N PHE A 108 4.08 -7.19 -2.87
CA PHE A 108 4.92 -7.15 -1.70
C PHE A 108 5.98 -8.18 -1.88
N GLU A 109 7.22 -7.84 -1.64
CA GLU A 109 8.29 -8.79 -1.77
C GLU A 109 9.41 -8.47 -0.81
N GLN A 110 10.37 -9.32 -0.79
CA GLN A 110 11.51 -9.20 0.04
C GLN A 110 12.74 -8.90 -0.79
N SER A 111 13.67 -8.22 -0.18
CA SER A 111 14.92 -7.93 -0.77
C SER A 111 15.97 -8.04 0.31
N SER A 112 17.04 -8.74 0.02
CA SER A 112 18.13 -8.86 0.95
C SER A 112 19.01 -7.60 0.86
N ASN A 113 18.93 -6.92 -0.28
CA ASN A 113 19.70 -5.71 -0.51
C ASN A 113 19.11 -4.57 0.32
N LEU A 114 17.82 -4.65 0.54
CA LEU A 114 17.12 -3.69 1.34
C LEU A 114 17.33 -4.05 2.82
N HIS A 115 17.49 -3.04 3.64
CA HIS A 115 17.87 -3.23 5.02
C HIS A 115 16.67 -3.51 5.91
N THR A 116 16.87 -4.36 6.88
CA THR A 116 15.84 -4.74 7.81
C THR A 116 15.41 -3.51 8.64
N GLY A 117 14.13 -3.20 8.62
CA GLY A 117 13.63 -2.02 9.30
C GLY A 117 13.21 -0.98 8.30
N GLN A 118 13.77 -1.08 7.11
CA GLN A 118 13.42 -0.21 6.04
C GLN A 118 12.38 -0.88 5.20
N PHE A 119 11.57 -0.11 4.55
CA PHE A 119 10.60 -0.62 3.65
C PHE A 119 10.43 0.39 2.58
N ARG A 120 10.16 -0.06 1.40
CA ARG A 120 9.97 0.84 0.32
C ARG A 120 8.67 0.55 -0.35
N ALA A 121 8.04 1.59 -0.80
CA ALA A 121 6.80 1.49 -1.50
C ALA A 121 6.88 2.45 -2.66
N ARG A 122 6.68 1.96 -3.85
CA ARG A 122 6.73 2.82 -5.00
C ARG A 122 5.53 2.59 -5.90
N GLY A 123 4.88 3.68 -6.25
CA GLY A 123 3.77 3.62 -7.14
C GLY A 123 4.16 4.07 -8.52
N THR A 124 3.87 3.26 -9.48
CA THR A 124 4.17 3.50 -10.84
C THR A 124 2.86 3.43 -11.64
N VAL A 125 2.75 4.22 -12.67
CA VAL A 125 1.60 4.16 -13.56
C VAL A 125 2.00 3.28 -14.72
N ASN A 126 1.50 2.08 -14.74
CA ASN A 126 1.83 1.17 -15.81
C ASN A 126 0.60 0.87 -16.63
N PRO A 127 0.46 1.53 -17.79
CA PRO A 127 -0.63 1.25 -18.70
C PRO A 127 -0.23 0.17 -19.72
N ASP A 128 1.01 -0.25 -19.64
CA ASP A 128 1.58 -1.21 -20.59
C ASP A 128 1.41 -2.60 -20.06
N VAL A 129 0.40 -2.80 -19.29
CA VAL A 129 0.16 -4.08 -18.70
C VAL A 129 -0.99 -4.77 -19.39
N GLU A 130 -0.70 -5.92 -19.87
CA GLU A 130 -1.68 -6.82 -20.33
C GLU A 130 -1.95 -7.77 -19.18
N THR A 131 -3.18 -8.22 -19.07
CA THR A 131 -3.69 -9.05 -17.99
C THR A 131 -2.64 -9.98 -17.33
N HIS A 132 -2.38 -9.72 -16.08
CA HIS A 132 -1.48 -10.51 -15.30
C HIS A 132 -2.28 -11.58 -14.62
#